data_6PXK
#
_entry.id   6PXK
#
_cell.length_a   200.030
_cell.length_b   91.200
_cell.length_c   201.800
_cell.angle_alpha   90.000
_cell.angle_beta   99.430
_cell.angle_gamma   90.000
#
_symmetry.space_group_name_H-M   'P 1 2 1'
#
loop_
_entity.id
_entity.type
_entity.pdbx_description
1 polymer 'ATP-dependent protease ATPase subunit HslU'
2 polymer 'unidentified alpha helical sequence'
3 non-polymer "ADENOSINE-5'-DIPHOSPHATE"
4 non-polymer 'SULFATE ION'
#
loop_
_entity_poly.entity_id
_entity_poly.type
_entity_poly.pdbx_seq_one_letter_code
_entity_poly.pdbx_strand_id
1 'polypeptide(L)'
;HHHHHHSE(MSE)TPREIVSELDKHIIGQDNAKRSVAIALRNRWRR(MSE)QLNEELRHEVTPKNIL(MSE)IGPTGVGK
TEIARRLAKLANAPFIKVEATKFTEVGYVGKEVDSIIRDLTDAAVK(MSE)VRVQAIEKNRYRAEELAEERILDVLIPPA
KNNWGQTEQQQEPSAARQAFRKKLREGQLDDKEIEIDLAAAP(MSE)GVEI(MSE)APPG(MSE)EE(MSE)TSQLQS
(MSE)FQNLGGQKQKARKLKIKDA(MSE)KLLIEEEAAKLVNPEELKQDAIDAVEQHGIVFIDEIDKICKRGESSGPDVS
REGVQRDLLPLVEGCTVSTKHG(MSE)VKTDHILFIASGAFQIAKPSDLIPELQGRLPIRVELQALTTSDFERILTEPNA
SITVQYKAL(MSE)ATEGVNIEFTDSGIKRIAEAAWQVNESTENIGARRLHTVLERL(MSE)EEISYDASDLSGQNITID
ADYVSKHLDALVADEDLSRFIL
;
G,H,I,J,K,L,A,B,C,D,E,F
2 'polypeptide(L)' (UNK)(UNK)(UNK)(UNK)(UNK)(UNK)(UNK)(UNK)(UNK)(UNK)(UNK)(UNK)(UNK)(UNK)(UNK)(UNK) X
#
loop_
_chem_comp.id
_chem_comp.type
_chem_comp.name
_chem_comp.formula
ADP non-polymer ADENOSINE-5'-DIPHOSPHATE 'C10 H15 N5 O10 P2'
SO4 non-polymer 'SULFATE ION' 'O4 S -2'
#
# COMPACT_ATOMS: atom_id res chain seq x y z
N HIS A 5 -30.17 -18.92 41.48
CA HIS A 5 -28.99 -19.73 41.23
C HIS A 5 -27.90 -18.93 40.53
N HIS A 6 -28.19 -17.66 40.26
CA HIS A 6 -27.24 -16.79 39.56
C HIS A 6 -26.18 -16.32 40.54
N SER A 7 -24.92 -16.60 40.23
CA SER A 7 -23.82 -16.26 41.13
C SER A 7 -23.66 -14.75 41.23
N GLU A 8 -23.39 -14.27 42.44
CA GLU A 8 -23.33 -12.85 42.74
C GLU A 8 -21.93 -12.25 42.64
N MSE A 9 -20.95 -13.03 42.19
CA MSE A 9 -19.57 -12.55 42.09
C MSE A 9 -19.41 -11.34 41.18
O MSE A 9 -19.96 -11.29 40.08
CB MSE A 9 -18.66 -13.68 41.59
CG MSE A 9 -18.36 -14.76 42.62
SE MSE A 9 -17.46 -16.31 41.84
CE MSE A 9 -18.88 -16.89 40.64
N THR A 10 -18.65 -10.35 41.66
CA THR A 10 -18.41 -9.14 40.89
C THR A 10 -17.44 -9.44 39.73
N PRO A 11 -17.34 -8.54 38.75
CA PRO A 11 -16.40 -8.79 37.65
C PRO A 11 -14.95 -8.99 38.10
N ARG A 12 -14.50 -8.26 39.13
CA ARG A 12 -13.14 -8.46 39.60
C ARG A 12 -12.98 -9.79 40.33
N GLU A 13 -14.00 -10.23 41.06
CA GLU A 13 -13.93 -11.51 41.75
C GLU A 13 -13.93 -12.68 40.76
N ILE A 14 -14.56 -12.49 39.59
CA ILE A 14 -14.56 -13.54 38.58
C ILE A 14 -13.17 -13.64 37.94
N VAL A 15 -12.59 -12.52 37.55
CA VAL A 15 -11.27 -12.52 36.94
C VAL A 15 -10.23 -13.05 37.92
N SER A 16 -10.36 -12.68 39.21
CA SER A 16 -9.42 -13.18 40.21
C SER A 16 -9.53 -14.69 40.38
N GLU A 17 -10.73 -15.25 40.20
CA GLU A 17 -10.88 -16.70 40.26
C GLU A 17 -10.35 -17.38 39.01
N LEU A 18 -10.48 -16.73 37.85
CA LEU A 18 -9.97 -17.32 36.62
C LEU A 18 -8.43 -17.34 36.62
N ASP A 19 -7.81 -16.42 37.33
CA ASP A 19 -6.35 -16.42 37.42
C ASP A 19 -5.82 -17.67 38.12
N LYS A 20 -6.67 -18.36 38.88
CA LYS A 20 -6.26 -19.60 39.53
C LYS A 20 -6.05 -20.73 38.52
N HIS A 21 -6.59 -20.60 37.32
CA HIS A 21 -6.44 -21.61 36.27
C HIS A 21 -5.76 -21.08 35.03
N ILE A 22 -6.26 -19.99 34.45
CA ILE A 22 -5.70 -19.43 33.22
C ILE A 22 -4.66 -18.39 33.59
N ILE A 23 -3.56 -18.37 32.84
CA ILE A 23 -2.47 -17.43 33.04
C ILE A 23 -2.56 -16.35 31.97
N GLY A 24 -2.49 -15.09 32.38
CA GLY A 24 -2.53 -14.00 31.44
C GLY A 24 -3.88 -13.87 30.75
N GLN A 25 -3.84 -13.27 29.56
CA GLN A 25 -5.04 -13.02 28.76
C GLN A 25 -6.09 -12.26 29.57
N ASP A 26 -5.68 -11.13 30.14
CA ASP A 26 -6.55 -10.36 31.02
C ASP A 26 -7.73 -9.77 30.25
N ASN A 27 -7.53 -9.40 28.98
CA ASN A 27 -8.63 -8.85 28.19
C ASN A 27 -9.74 -9.86 28.01
N ALA A 28 -9.39 -11.13 27.82
CA ALA A 28 -10.41 -12.17 27.67
C ALA A 28 -11.13 -12.43 28.99
N LYS A 29 -10.41 -12.32 30.10
CA LYS A 29 -11.04 -12.54 31.40
C LYS A 29 -12.04 -11.43 31.74
N ARG A 30 -11.73 -10.19 31.33
CA ARG A 30 -12.69 -9.10 31.52
C ARG A 30 -13.89 -9.25 30.60
N SER A 31 -13.72 -9.90 29.45
CA SER A 31 -14.85 -10.11 28.55
C SER A 31 -15.84 -11.09 29.14
N VAL A 32 -15.36 -12.25 29.62
CA VAL A 32 -16.26 -13.25 30.18
C VAL A 32 -16.82 -12.81 31.52
N ALA A 33 -16.10 -11.95 32.25
CA ALA A 33 -16.62 -11.45 33.51
C ALA A 33 -17.83 -10.55 33.28
N ILE A 34 -17.79 -9.73 32.23
CA ILE A 34 -18.93 -8.87 31.90
C ILE A 34 -20.14 -9.71 31.51
N ALA A 35 -19.92 -10.77 30.72
CA ALA A 35 -21.03 -11.62 30.30
C ALA A 35 -21.68 -12.31 31.49
N LEU A 36 -20.87 -12.84 32.41
CA LEU A 36 -21.45 -13.51 33.57
C LEU A 36 -22.06 -12.53 34.56
N ARG A 37 -21.51 -11.32 34.65
CA ARG A 37 -22.07 -10.32 35.56
C ARG A 37 -23.43 -9.82 35.07
N ASN A 38 -23.63 -9.75 33.75
CA ASN A 38 -24.91 -9.31 33.22
C ASN A 38 -26.04 -10.30 33.51
N ARG A 39 -25.72 -11.57 33.76
CA ARG A 39 -26.73 -12.53 34.20
C ARG A 39 -27.37 -12.10 35.51
N TRP A 40 -26.55 -11.66 36.47
CA TRP A 40 -27.06 -11.17 37.74
C TRP A 40 -27.70 -9.80 37.58
N ARG A 41 -27.20 -8.98 36.67
CA ARG A 41 -27.78 -7.65 36.47
C ARG A 41 -29.18 -7.74 35.86
N ARG A 42 -29.41 -8.71 34.98
CA ARG A 42 -30.72 -8.85 34.34
C ARG A 42 -31.78 -9.29 35.33
N MSE A 43 -31.41 -10.09 36.32
CA MSE A 43 -32.36 -10.60 37.31
C MSE A 43 -32.99 -9.49 38.14
O MSE A 43 -34.11 -9.61 38.62
CB MSE A 43 -31.67 -11.60 38.24
CG MSE A 43 -31.32 -12.91 37.58
SE MSE A 43 -32.91 -13.80 36.87
CE MSE A 43 -33.91 -13.94 38.54
N GLN A 44 -32.24 -8.39 38.29
CA GLN A 44 -32.67 -7.29 39.13
C GLN A 44 -33.56 -6.28 38.40
N LEU A 45 -33.83 -6.49 37.12
CA LEU A 45 -34.63 -5.55 36.33
C LEU A 45 -36.11 -5.90 36.45
N ASN A 46 -36.94 -5.14 35.72
CA ASN A 46 -38.37 -5.38 35.70
C ASN A 46 -38.72 -6.45 34.66
N GLU A 47 -40.01 -6.76 34.56
CA GLU A 47 -40.45 -7.86 33.71
C GLU A 47 -40.24 -7.54 32.22
N GLU A 48 -40.48 -6.29 31.82
CA GLU A 48 -40.33 -5.93 30.41
C GLU A 48 -38.88 -6.00 29.97
N LEU A 49 -37.95 -5.54 30.82
CA LEU A 49 -36.54 -5.54 30.47
C LEU A 49 -35.92 -6.92 30.48
N ARG A 50 -36.53 -7.88 31.19
CA ARG A 50 -35.94 -9.23 31.26
C ARG A 50 -35.98 -9.93 29.92
N HIS A 51 -37.07 -9.77 29.17
CA HIS A 51 -37.15 -10.40 27.85
C HIS A 51 -36.35 -9.63 26.81
N GLU A 52 -36.29 -8.30 26.94
CA GLU A 52 -35.62 -7.48 25.93
C GLU A 52 -34.10 -7.57 26.03
N VAL A 53 -33.57 -7.68 27.25
CA VAL A 53 -32.12 -7.76 27.44
C VAL A 53 -31.66 -9.18 27.12
N THR A 54 -30.75 -9.30 26.16
CA THR A 54 -30.21 -10.57 25.73
C THR A 54 -28.74 -10.67 26.12
N PRO A 55 -28.21 -11.88 26.33
CA PRO A 55 -26.80 -12.00 26.68
C PRO A 55 -25.91 -11.44 25.58
N LYS A 56 -24.78 -10.89 25.99
CA LYS A 56 -23.79 -10.35 25.07
C LYS A 56 -22.81 -11.47 24.73
N ASN A 57 -22.87 -11.96 23.50
CA ASN A 57 -22.00 -13.04 23.09
C ASN A 57 -20.61 -12.50 22.78
N ILE A 58 -19.60 -13.37 22.93
CA ILE A 58 -18.20 -12.98 22.83
C ILE A 58 -17.58 -13.70 21.65
N LEU A 59 -16.86 -12.96 20.82
CA LEU A 59 -16.06 -13.51 19.74
C LEU A 59 -14.59 -13.34 20.13
N MSE A 60 -13.92 -14.45 20.41
CA MSE A 60 -12.52 -14.43 20.80
C MSE A 60 -11.61 -14.59 19.58
O MSE A 60 -11.89 -15.38 18.67
CB MSE A 60 -12.24 -15.53 21.82
CG MSE A 60 -12.96 -15.34 23.15
SE MSE A 60 -12.74 -16.84 24.37
CE MSE A 60 -13.58 -16.07 25.93
N ILE A 61 -10.52 -13.82 19.56
CA ILE A 61 -9.59 -13.82 18.44
C ILE A 61 -8.18 -14.07 18.98
N GLY A 62 -7.50 -15.06 18.42
CA GLY A 62 -6.13 -15.34 18.80
C GLY A 62 -5.62 -16.67 18.27
N PRO A 63 -4.30 -16.86 18.32
CA PRO A 63 -3.71 -18.10 17.81
C PRO A 63 -4.06 -19.28 18.71
N THR A 64 -3.85 -20.48 18.15
CA THR A 64 -4.24 -21.70 18.84
C THR A 64 -3.42 -21.92 20.09
N GLY A 65 -4.04 -22.60 21.06
CA GLY A 65 -3.34 -22.99 22.28
C GLY A 65 -3.08 -21.90 23.28
N VAL A 66 -3.79 -20.77 23.20
CA VAL A 66 -3.60 -19.67 24.14
C VAL A 66 -4.55 -19.73 25.32
N GLY A 67 -5.39 -20.75 25.40
CA GLY A 67 -6.33 -20.89 26.50
C GLY A 67 -7.72 -20.36 26.27
N LYS A 68 -8.13 -20.18 25.01
CA LYS A 68 -9.47 -19.65 24.73
C LYS A 68 -10.55 -20.56 25.30
N THR A 69 -10.44 -21.87 25.06
CA THR A 69 -11.46 -22.79 25.54
C THR A 69 -11.43 -22.92 27.05
N GLU A 70 -10.24 -22.99 27.64
CA GLU A 70 -10.14 -23.14 29.09
C GLU A 70 -10.76 -21.96 29.83
N ILE A 71 -10.72 -20.77 29.24
CA ILE A 71 -11.42 -19.63 29.85
C ILE A 71 -12.91 -19.90 29.88
N ALA A 72 -13.45 -20.52 28.83
CA ALA A 72 -14.88 -20.84 28.81
C ALA A 72 -15.20 -22.00 29.75
N ARG A 73 -14.34 -23.02 29.79
CA ARG A 73 -14.59 -24.16 30.66
C ARG A 73 -14.59 -23.75 32.13
N ARG A 74 -13.60 -22.94 32.53
CA ARG A 74 -13.53 -22.50 33.91
C ARG A 74 -14.61 -21.49 34.25
N LEU A 75 -15.09 -20.73 33.27
CA LEU A 75 -16.18 -19.79 33.51
C LEU A 75 -17.46 -20.52 33.86
N ALA A 76 -17.81 -21.55 33.08
CA ALA A 76 -19.01 -22.33 33.37
C ALA A 76 -18.87 -23.10 34.67
N LYS A 77 -17.71 -23.72 34.89
CA LYS A 77 -17.47 -24.43 36.16
C LYS A 77 -17.54 -23.47 37.33
N LEU A 78 -17.16 -22.21 37.13
CA LEU A 78 -17.23 -21.22 38.20
C LEU A 78 -18.67 -20.84 38.49
N ALA A 79 -19.49 -20.71 37.45
CA ALA A 79 -20.88 -20.29 37.59
C ALA A 79 -21.84 -21.45 37.78
N ASN A 80 -21.34 -22.68 37.85
CA ASN A 80 -22.18 -23.88 37.96
C ASN A 80 -23.22 -23.92 36.85
N ALA A 81 -22.74 -23.75 35.62
CA ALA A 81 -23.61 -23.62 34.48
C ALA A 81 -23.37 -24.76 33.50
N PRO A 82 -24.40 -25.18 32.76
CA PRO A 82 -24.19 -26.16 31.70
C PRO A 82 -23.31 -25.59 30.60
N PHE A 83 -22.39 -26.40 30.13
CA PHE A 83 -21.41 -25.98 29.14
C PHE A 83 -21.21 -27.09 28.12
N ILE A 84 -20.98 -26.69 26.88
CA ILE A 84 -20.68 -27.64 25.81
C ILE A 84 -19.76 -26.96 24.81
N LYS A 85 -18.83 -27.73 24.25
CA LYS A 85 -17.91 -27.26 23.22
C LYS A 85 -18.16 -28.04 21.95
N VAL A 86 -18.34 -27.34 20.84
CA VAL A 86 -18.57 -27.98 19.55
C VAL A 86 -17.72 -27.29 18.49
N GLU A 87 -17.29 -28.07 17.50
CA GLU A 87 -16.51 -27.55 16.39
C GLU A 87 -17.46 -27.10 15.28
N ALA A 88 -17.29 -25.86 14.81
CA ALA A 88 -18.19 -25.32 13.81
C ALA A 88 -18.14 -26.12 12.51
N THR A 89 -16.99 -26.70 12.17
CA THR A 89 -16.87 -27.46 10.93
C THR A 89 -17.63 -28.78 10.98
N LYS A 90 -18.15 -29.18 12.15
CA LYS A 90 -18.93 -30.41 12.23
C LYS A 90 -20.18 -30.34 11.35
N PHE A 91 -20.71 -29.14 11.13
CA PHE A 91 -21.97 -28.94 10.43
C PHE A 91 -21.78 -28.62 8.96
N THR A 92 -20.54 -28.58 8.47
CA THR A 92 -20.29 -28.27 7.06
C THR A 92 -20.76 -29.41 6.16
N GLU A 93 -20.51 -30.66 6.57
CA GLU A 93 -20.89 -31.81 5.75
C GLU A 93 -22.40 -31.95 5.63
N VAL A 94 -23.14 -31.58 6.67
CA VAL A 94 -24.58 -31.69 6.65
C VAL A 94 -25.06 -33.12 6.85
N GLY A 95 -26.34 -33.31 6.55
CA GLY A 95 -26.97 -34.63 6.69
C GLY A 95 -26.36 -35.64 5.72
N GLY A 98 -27.20 -35.64 10.01
CA GLY A 98 -28.01 -36.44 10.93
C GLY A 98 -28.22 -35.67 12.24
N LYS A 99 -27.13 -35.13 12.78
CA LYS A 99 -27.21 -34.30 13.99
C LYS A 99 -27.65 -32.86 13.71
N GLU A 100 -27.46 -32.39 12.49
CA GLU A 100 -27.77 -31.01 12.06
C GLU A 100 -27.12 -30.01 13.03
N VAL A 101 -27.76 -28.86 13.24
CA VAL A 101 -27.30 -27.87 14.21
C VAL A 101 -28.10 -27.88 15.50
N ASP A 102 -29.20 -28.63 15.57
CA ASP A 102 -30.01 -28.60 16.78
C ASP A 102 -29.46 -29.48 17.88
N SER A 103 -28.48 -30.32 17.58
CA SER A 103 -27.94 -31.22 18.59
C SER A 103 -27.09 -30.50 19.62
N ILE A 104 -26.69 -29.25 19.35
CA ILE A 104 -25.93 -28.49 20.35
C ILE A 104 -26.76 -28.32 21.62
N ILE A 105 -28.00 -27.85 21.47
CA ILE A 105 -28.86 -27.67 22.64
C ILE A 105 -29.31 -29.03 23.19
N ARG A 106 -29.41 -30.04 22.32
CA ARG A 106 -29.76 -31.38 22.79
C ARG A 106 -28.68 -31.92 23.72
N ASP A 107 -27.42 -31.87 23.28
CA ASP A 107 -26.34 -32.31 24.16
C ASP A 107 -26.14 -31.39 25.34
N LEU A 108 -26.52 -30.11 25.20
CA LEU A 108 -26.47 -29.20 26.34
C LEU A 108 -27.53 -29.55 27.37
N THR A 109 -28.71 -29.99 26.92
CA THR A 109 -29.72 -30.47 27.86
C THR A 109 -29.30 -31.79 28.50
N ASP A 110 -28.76 -32.72 27.69
CA ASP A 110 -28.25 -33.97 28.24
C ASP A 110 -27.18 -33.72 29.29
N ALA A 111 -26.31 -32.73 29.06
CA ALA A 111 -25.30 -32.39 30.05
C ALA A 111 -25.92 -31.75 31.28
N ALA A 112 -27.02 -31.02 31.11
CA ALA A 112 -27.68 -30.39 32.25
C ALA A 112 -28.55 -31.38 33.02
N VAL A 113 -29.20 -32.31 32.32
CA VAL A 113 -29.96 -33.35 33.00
C VAL A 113 -29.04 -34.23 33.83
N LYS A 114 -27.92 -34.67 33.23
CA LYS A 114 -26.92 -35.43 33.99
C LYS A 114 -26.37 -34.62 35.14
N MSE A 115 -26.28 -33.30 35.00
CA MSE A 115 -25.76 -32.43 36.04
C MSE A 115 -26.69 -32.38 37.25
O MSE A 115 -26.27 -32.61 38.38
CB MSE A 115 -25.49 -31.04 35.50
CG MSE A 115 -24.89 -30.09 36.53
SE MSE A 115 -24.57 -28.29 35.83
CE MSE A 115 -26.40 -27.83 35.38
N VAL A 116 -27.96 -32.06 37.01
CA VAL A 116 -28.93 -32.01 38.10
C VAL A 116 -29.26 -33.39 38.64
N ARG A 117 -29.02 -34.44 37.84
CA ARG A 117 -29.23 -35.80 38.33
C ARG A 117 -28.20 -36.17 39.39
N VAL A 118 -26.91 -35.95 39.08
CA VAL A 118 -25.86 -36.23 40.05
C VAL A 118 -25.97 -35.32 41.26
N GLN A 119 -26.43 -34.08 41.06
CA GLN A 119 -26.68 -33.19 42.20
C GLN A 119 -27.83 -33.70 43.05
N ALA A 120 -28.78 -34.42 42.44
CA ALA A 120 -29.86 -35.05 43.20
C ALA A 120 -29.45 -36.38 43.81
N ILE A 121 -28.38 -37.01 43.30
CA ILE A 121 -27.95 -38.30 43.84
C ILE A 121 -27.39 -38.13 45.24
N GLU A 122 -26.64 -37.05 45.49
CA GLU A 122 -26.08 -36.81 46.81
C GLU A 122 -27.17 -36.60 47.86
N LYS A 123 -28.28 -35.97 47.47
CA LYS A 123 -29.39 -35.78 48.39
C LYS A 123 -30.19 -37.06 48.57
N ASN A 124 -30.27 -37.90 47.54
CA ASN A 124 -31.07 -39.09 47.59
C ASN A 124 -30.32 -40.32 48.10
N ARG A 125 -28.99 -40.24 48.27
CA ARG A 125 -28.20 -41.43 48.56
C ARG A 125 -28.49 -41.98 49.96
N TYR A 126 -28.34 -41.17 51.00
CA TYR A 126 -28.57 -41.66 52.35
C TYR A 126 -30.05 -41.97 52.59
N ARG A 127 -30.97 -41.26 51.92
CA ARG A 127 -32.38 -41.64 51.95
C ARG A 127 -32.61 -42.98 51.26
N ALA A 128 -31.90 -43.23 50.15
CA ALA A 128 -31.96 -44.54 49.49
C ALA A 128 -31.15 -45.59 50.26
N GLU A 129 -29.99 -45.21 50.80
CA GLU A 129 -29.18 -46.16 51.55
C GLU A 129 -29.93 -46.69 52.78
N GLU A 130 -30.69 -45.82 53.45
CA GLU A 130 -31.52 -46.26 54.57
C GLU A 130 -32.63 -47.19 54.09
N LEU A 131 -33.26 -46.84 52.97
CA LEU A 131 -34.35 -47.65 52.42
C LEU A 131 -33.86 -48.88 51.66
N ALA A 132 -32.62 -48.85 51.14
CA ALA A 132 -32.07 -50.03 50.48
C ALA A 132 -31.72 -51.12 51.50
N GLU A 133 -31.02 -50.74 52.57
CA GLU A 133 -30.74 -51.69 53.64
C GLU A 133 -31.99 -52.07 54.42
N GLU A 134 -33.05 -51.25 54.32
CA GLU A 134 -34.31 -51.60 54.99
C GLU A 134 -34.96 -52.81 54.33
N ARG A 135 -34.92 -52.88 53.00
CA ARG A 135 -35.46 -54.03 52.28
C ARG A 135 -34.59 -55.27 52.42
N ILE A 136 -33.28 -55.09 52.65
CA ILE A 136 -32.42 -56.23 52.97
C ILE A 136 -32.84 -56.88 54.28
N LEU A 137 -33.20 -56.06 55.27
CA LEU A 137 -33.62 -56.56 56.57
C LEU A 137 -34.93 -57.33 56.50
N ASP A 138 -35.78 -57.06 55.50
CA ASP A 138 -37.02 -57.81 55.35
C ASP A 138 -36.75 -59.25 54.92
N VAL A 139 -35.68 -59.48 54.16
CA VAL A 139 -35.32 -60.84 53.76
C VAL A 139 -34.64 -61.58 54.91
N LEU A 140 -33.75 -60.90 55.65
CA LEU A 140 -33.07 -61.53 56.76
C LEU A 140 -34.04 -61.87 57.88
N ILE A 141 -34.77 -60.88 58.38
CA ILE A 141 -35.78 -61.10 59.41
C ILE A 141 -37.16 -60.78 58.82
N PRO A 142 -38.01 -61.78 58.58
CA PRO A 142 -39.35 -61.58 58.03
C PRO A 142 -40.25 -60.77 58.97
N VAL A 189 -35.53 -57.92 25.02
CA VAL A 189 -35.50 -57.91 23.57
C VAL A 189 -34.63 -56.76 23.02
N GLU A 190 -33.76 -57.08 22.07
CA GLU A 190 -32.89 -56.12 21.43
C GLU A 190 -33.44 -55.78 20.05
N ILE A 191 -33.48 -54.49 19.74
CA ILE A 191 -34.08 -53.99 18.49
C ILE A 191 -32.94 -53.55 17.57
N MSE A 192 -32.86 -54.18 16.40
CA MSE A 192 -31.88 -53.77 15.40
C MSE A 192 -32.31 -52.49 14.71
O MSE A 192 -33.42 -52.38 14.21
CB MSE A 192 -31.66 -54.87 14.37
CG MSE A 192 -30.80 -56.03 14.84
SE MSE A 192 -29.23 -55.50 15.90
CE MSE A 192 -28.45 -54.15 14.72
N ALA A 193 -31.40 -51.51 14.68
CA ALA A 193 -31.69 -50.20 14.12
C ALA A 193 -30.45 -49.66 13.45
N PRO A 194 -30.61 -48.85 12.40
CA PRO A 194 -29.46 -48.14 11.81
C PRO A 194 -28.90 -47.14 12.80
N PRO A 195 -27.68 -46.63 12.57
CA PRO A 195 -27.06 -45.73 13.56
C PRO A 195 -27.88 -44.49 13.91
N GLY A 196 -28.76 -44.04 13.01
CA GLY A 196 -29.58 -42.88 13.32
C GLY A 196 -30.65 -43.16 14.36
N MSE A 197 -31.09 -44.41 14.48
CA MSE A 197 -32.17 -44.78 15.38
C MSE A 197 -31.66 -45.29 16.73
O MSE A 197 -32.44 -45.73 17.56
CB MSE A 197 -33.04 -45.86 14.72
CG MSE A 197 -33.35 -45.58 13.25
SE MSE A 197 -34.19 -43.84 12.95
CE MSE A 197 -33.04 -43.21 11.49
N GLU A 198 -30.33 -45.23 16.92
CA GLU A 198 -29.74 -45.73 18.16
C GLU A 198 -30.34 -45.02 19.37
N GLU A 199 -30.59 -43.72 19.26
CA GLU A 199 -31.16 -42.96 20.37
C GLU A 199 -32.64 -43.24 20.56
N MSE A 200 -33.38 -43.51 19.49
CA MSE A 200 -34.81 -43.73 19.55
C MSE A 200 -35.17 -45.11 20.10
O MSE A 200 -36.08 -45.24 20.91
CB MSE A 200 -35.43 -43.53 18.17
CG MSE A 200 -36.94 -43.68 18.12
SE MSE A 200 -37.63 -43.58 16.30
CE MSE A 200 -36.80 -45.20 15.59
N THR A 201 -34.46 -46.13 19.63
CA THR A 201 -34.70 -47.49 20.11
C THR A 201 -34.42 -47.61 21.59
N SER A 202 -33.51 -46.80 22.12
CA SER A 202 -33.29 -46.75 23.56
C SER A 202 -34.50 -46.17 24.28
N GLN A 203 -35.22 -45.25 23.63
CA GLN A 203 -36.44 -44.71 24.23
C GLN A 203 -37.59 -45.71 24.18
N LEU A 204 -37.62 -46.58 23.18
CA LEU A 204 -38.71 -47.55 23.09
C LEU A 204 -38.55 -48.67 24.11
N GLN A 205 -37.32 -49.13 24.35
CA GLN A 205 -37.09 -50.20 25.31
C GLN A 205 -37.53 -49.79 26.72
N SER A 206 -37.27 -48.53 27.09
CA SER A 206 -37.63 -48.07 28.43
C SER A 206 -39.15 -47.98 28.62
N MSE A 207 -39.92 -47.98 27.55
CA MSE A 207 -41.37 -47.93 27.64
C MSE A 207 -41.95 -49.30 27.97
O MSE A 207 -42.87 -49.43 28.79
CB MSE A 207 -41.99 -47.41 26.33
CG MSE A 207 -41.57 -45.99 25.97
SE MSE A 207 -42.54 -45.27 24.44
CE MSE A 207 -41.59 -43.57 24.27
N PHE A 208 -41.41 -50.35 27.34
CA PHE A 208 -41.86 -51.71 27.65
C PHE A 208 -41.47 -52.12 29.06
N GLN A 209 -40.40 -51.53 29.61
CA GLN A 209 -40.06 -51.76 31.01
C GLN A 209 -41.00 -51.00 31.93
N ASN A 210 -41.44 -49.81 31.51
CA ASN A 210 -42.33 -49.00 32.33
C ASN A 210 -43.79 -49.37 32.15
N LEU A 211 -44.13 -50.11 31.10
CA LEU A 211 -45.52 -50.45 30.81
C LEU A 211 -46.09 -51.49 31.79
N LEU A 230 -29.78 -51.97 44.80
CA LEU A 230 -30.89 -51.44 45.59
C LEU A 230 -30.82 -49.92 45.70
N ILE A 231 -29.60 -49.38 45.72
CA ILE A 231 -29.44 -47.93 45.76
C ILE A 231 -29.96 -47.29 44.47
N GLU A 232 -29.75 -47.96 43.34
CA GLU A 232 -30.21 -47.42 42.06
C GLU A 232 -31.73 -47.43 41.97
N GLU A 233 -32.38 -48.45 42.56
CA GLU A 233 -33.83 -48.55 42.47
C GLU A 233 -34.53 -47.61 43.45
N GLU A 234 -33.95 -47.40 44.63
CA GLU A 234 -34.58 -46.54 45.62
C GLU A 234 -34.47 -45.07 45.25
N ALA A 235 -33.33 -44.68 44.64
CA ALA A 235 -33.15 -43.29 44.26
C ALA A 235 -34.09 -42.88 43.14
N ALA A 236 -34.51 -43.83 42.30
CA ALA A 236 -35.41 -43.50 41.20
C ALA A 236 -36.81 -43.19 41.71
N LYS A 237 -37.24 -43.88 42.78
CA LYS A 237 -38.58 -43.65 43.31
C LYS A 237 -38.68 -42.35 44.08
N LEU A 238 -37.56 -41.86 44.64
CA LEU A 238 -37.61 -40.66 45.46
C LEU A 238 -37.82 -39.41 44.60
N VAL A 239 -37.15 -39.32 43.46
CA VAL A 239 -37.24 -38.16 42.58
C VAL A 239 -38.25 -38.45 41.48
N ASN A 240 -39.10 -37.47 41.18
CA ASN A 240 -40.09 -37.64 40.13
C ASN A 240 -39.44 -37.34 38.77
N PRO A 241 -39.65 -38.19 37.76
CA PRO A 241 -39.03 -37.94 36.46
C PRO A 241 -39.53 -36.67 35.78
N GLU A 242 -40.78 -36.28 36.01
CA GLU A 242 -41.30 -35.07 35.41
C GLU A 242 -40.76 -33.82 36.09
N GLU A 243 -40.48 -33.89 37.40
CA GLU A 243 -39.97 -32.72 38.11
C GLU A 243 -38.48 -32.51 37.81
N LEU A 244 -37.71 -33.58 37.67
CA LEU A 244 -36.29 -33.44 37.39
C LEU A 244 -36.05 -32.93 35.98
N LYS A 245 -36.77 -33.47 34.99
CA LYS A 245 -36.54 -33.06 33.61
C LYS A 245 -37.00 -31.64 33.34
N GLN A 246 -38.07 -31.19 34.00
CA GLN A 246 -38.53 -29.82 33.80
C GLN A 246 -37.64 -28.82 34.52
N ASP A 247 -37.05 -29.20 35.66
CA ASP A 247 -36.16 -28.30 36.37
C ASP A 247 -34.87 -28.05 35.61
N ALA A 248 -34.41 -29.03 34.84
CA ALA A 248 -33.20 -28.85 34.04
C ALA A 248 -33.43 -27.86 32.91
N ILE A 249 -34.64 -27.83 32.35
CA ILE A 249 -34.95 -26.88 31.29
C ILE A 249 -34.80 -25.45 31.80
N ASP A 250 -35.22 -25.19 33.04
CA ASP A 250 -35.03 -23.87 33.63
C ASP A 250 -33.55 -23.55 33.78
N ALA A 251 -32.71 -24.57 33.92
CA ALA A 251 -31.27 -24.33 34.03
C ALA A 251 -30.63 -24.08 32.68
N VAL A 252 -31.14 -24.71 31.61
CA VAL A 252 -30.55 -24.52 30.29
C VAL A 252 -30.90 -23.15 29.73
N GLU A 253 -32.16 -22.73 29.88
CA GLU A 253 -32.61 -21.47 29.29
C GLU A 253 -31.88 -20.29 29.90
N GLN A 254 -31.75 -20.26 31.23
CA GLN A 254 -31.17 -19.12 31.91
C GLN A 254 -29.64 -19.17 31.89
N HIS A 255 -29.06 -20.19 32.51
CA HIS A 255 -27.63 -20.24 32.78
C HIS A 255 -26.83 -20.97 31.70
N GLY A 256 -27.46 -21.39 30.60
CA GLY A 256 -26.76 -22.17 29.61
C GLY A 256 -25.63 -21.39 28.96
N ILE A 257 -24.52 -22.10 28.70
CA ILE A 257 -23.34 -21.52 28.05
C ILE A 257 -22.89 -22.48 26.96
N VAL A 258 -22.61 -21.95 25.78
CA VAL A 258 -22.16 -22.73 24.63
C VAL A 258 -20.92 -22.07 24.03
N PHE A 259 -19.95 -22.88 23.66
CA PHE A 259 -18.69 -22.42 23.08
C PHE A 259 -18.53 -23.03 21.71
N ILE A 260 -18.45 -22.18 20.68
CA ILE A 260 -18.30 -22.62 19.29
C ILE A 260 -16.85 -22.37 18.90
N ASP A 261 -16.09 -23.45 18.75
CA ASP A 261 -14.68 -23.34 18.37
C ASP A 261 -14.52 -23.16 16.86
N GLU A 262 -13.42 -22.50 16.48
CA GLU A 262 -13.01 -22.31 15.08
C GLU A 262 -14.13 -21.81 14.18
N ILE A 263 -14.85 -20.79 14.67
CA ILE A 263 -15.92 -20.18 13.88
C ILE A 263 -15.36 -19.38 12.70
N ASP A 264 -14.08 -19.02 12.74
CA ASP A 264 -13.48 -18.29 11.64
C ASP A 264 -13.32 -19.16 10.39
N LYS A 265 -13.36 -20.48 10.54
CA LYS A 265 -13.16 -21.36 9.39
C LYS A 265 -14.42 -21.52 8.53
N ILE A 266 -15.58 -21.05 9.00
CA ILE A 266 -16.80 -21.10 8.20
C ILE A 266 -17.05 -19.80 7.44
N CYS A 267 -16.13 -18.83 7.51
CA CYS A 267 -16.29 -17.60 6.76
C CYS A 267 -15.95 -17.82 5.30
N LYS A 268 -16.49 -16.94 4.45
CA LYS A 268 -16.28 -17.01 3.02
C LYS A 268 -14.82 -16.73 2.65
N SER A 273 -16.44 -20.31 -4.36
CA SER A 273 -17.90 -20.15 -4.47
C SER A 273 -18.61 -21.41 -4.01
N GLY A 274 -18.07 -22.57 -4.37
CA GLY A 274 -18.64 -23.84 -4.01
C GLY A 274 -18.68 -24.10 -2.52
N PRO A 275 -17.51 -24.07 -1.87
CA PRO A 275 -17.50 -24.26 -0.41
C PRO A 275 -18.10 -23.08 0.36
N ASP A 276 -18.07 -21.88 -0.22
CA ASP A 276 -18.57 -20.70 0.50
C ASP A 276 -20.07 -20.78 0.76
N VAL A 277 -20.83 -21.42 -0.14
CA VAL A 277 -22.26 -21.61 0.09
C VAL A 277 -22.48 -22.58 1.24
N SER A 278 -21.69 -23.65 1.32
CA SER A 278 -21.80 -24.60 2.42
C SER A 278 -21.17 -24.07 3.70
N ARG A 279 -20.17 -23.21 3.59
CA ARG A 279 -19.58 -22.60 4.79
C ARG A 279 -20.55 -21.63 5.44
N GLU A 280 -21.07 -20.67 4.66
CA GLU A 280 -22.05 -19.74 5.19
C GLU A 280 -23.33 -20.44 5.62
N GLY A 281 -23.67 -21.57 4.99
CA GLY A 281 -24.81 -22.34 5.44
C GLY A 281 -24.73 -22.72 6.90
N VAL A 282 -23.51 -22.91 7.42
CA VAL A 282 -23.36 -23.16 8.85
C VAL A 282 -23.77 -21.93 9.65
N GLN A 283 -23.37 -20.74 9.20
CA GLN A 283 -23.76 -19.53 9.89
C GLN A 283 -25.27 -19.31 9.83
N ARG A 284 -25.87 -19.60 8.67
CA ARG A 284 -27.32 -19.48 8.56
C ARG A 284 -28.02 -20.45 9.49
N ASP A 285 -27.46 -21.66 9.66
CA ASP A 285 -28.06 -22.65 10.54
C ASP A 285 -27.77 -22.36 12.01
N LEU A 286 -26.62 -21.76 12.32
CA LEU A 286 -26.34 -21.37 13.69
C LEU A 286 -27.12 -20.13 14.09
N LEU A 287 -27.63 -19.38 13.12
CA LEU A 287 -28.29 -18.11 13.40
C LEU A 287 -29.50 -18.25 14.32
N PRO A 288 -30.45 -19.16 14.10
CA PRO A 288 -31.60 -19.25 15.03
C PRO A 288 -31.23 -19.59 16.45
N LEU A 289 -30.03 -20.13 16.70
CA LEU A 289 -29.63 -20.41 18.07
C LEU A 289 -29.27 -19.14 18.81
N VAL A 290 -28.45 -18.29 18.20
CA VAL A 290 -28.04 -17.05 18.86
C VAL A 290 -29.18 -16.03 18.90
N GLU A 291 -29.94 -15.90 17.80
CA GLU A 291 -31.09 -15.01 17.82
C GLU A 291 -32.22 -15.55 18.70
N GLY A 292 -32.14 -16.82 19.09
CA GLY A 292 -33.13 -17.45 19.94
C GLY A 292 -34.18 -18.19 19.15
N CYS A 293 -34.61 -19.33 19.67
CA CYS A 293 -35.62 -20.16 19.02
C CYS A 293 -35.98 -21.28 19.99
N THR A 294 -36.84 -22.18 19.54
CA THR A 294 -37.28 -23.32 20.33
C THR A 294 -36.74 -24.58 19.69
N VAL A 295 -36.01 -25.38 20.45
CA VAL A 295 -35.44 -26.63 20.00
C VAL A 295 -36.06 -27.77 20.81
N SER A 296 -36.43 -28.85 20.13
CA SER A 296 -37.06 -29.99 20.78
C SER A 296 -35.98 -30.94 21.30
N THR A 297 -36.11 -31.33 22.57
CA THR A 297 -35.26 -32.34 23.17
C THR A 297 -36.13 -33.41 23.80
N LYS A 298 -35.53 -34.56 24.08
CA LYS A 298 -36.27 -35.63 24.73
C LYS A 298 -36.67 -35.28 26.16
N HIS A 299 -36.02 -34.29 26.76
CA HIS A 299 -36.35 -33.86 28.11
C HIS A 299 -37.41 -32.78 28.15
N GLY A 300 -37.73 -32.16 27.02
CA GLY A 300 -38.77 -31.16 26.96
C GLY A 300 -38.47 -30.16 25.86
N MSE A 301 -39.16 -29.02 25.94
CA MSE A 301 -39.01 -27.96 24.95
C MSE A 301 -38.18 -26.82 25.53
O MSE A 301 -38.56 -26.20 26.51
CB MSE A 301 -40.40 -27.45 24.54
CG MSE A 301 -41.25 -28.46 23.79
SE MSE A 301 -40.47 -29.10 22.13
CE MSE A 301 -40.54 -27.44 21.10
N VAL A 302 -37.03 -26.56 24.91
CA VAL A 302 -36.04 -25.62 25.43
C VAL A 302 -35.99 -24.38 24.54
N LYS A 303 -35.86 -23.22 25.18
CA LYS A 303 -35.74 -21.94 24.49
C LYS A 303 -34.32 -21.42 24.67
N THR A 304 -33.67 -21.07 23.56
CA THR A 304 -32.28 -20.68 23.54
C THR A 304 -32.06 -19.18 23.65
N ASP A 305 -33.12 -18.41 23.91
CA ASP A 305 -33.02 -16.95 23.89
C ASP A 305 -31.93 -16.44 24.82
N HIS A 306 -31.88 -16.95 26.05
CA HIS A 306 -31.00 -16.43 27.08
C HIS A 306 -29.68 -17.20 27.22
N ILE A 307 -29.43 -18.20 26.36
CA ILE A 307 -28.19 -18.95 26.44
C ILE A 307 -27.03 -18.07 25.98
N LEU A 308 -25.90 -18.17 26.68
CA LEU A 308 -24.72 -17.39 26.34
C LEU A 308 -23.84 -18.18 25.36
N PHE A 309 -23.41 -17.51 24.29
CA PHE A 309 -22.57 -18.12 23.28
C PHE A 309 -21.20 -17.44 23.26
N ILE A 310 -20.15 -18.23 23.13
CA ILE A 310 -18.79 -17.74 23.03
C ILE A 310 -18.15 -18.40 21.82
N ALA A 311 -17.69 -17.59 20.87
CA ALA A 311 -17.04 -18.07 19.66
C ALA A 311 -15.58 -17.65 19.67
N SER A 312 -14.75 -18.46 19.01
CA SER A 312 -13.31 -18.21 18.96
C SER A 312 -12.77 -18.63 17.60
N GLY A 313 -11.68 -17.98 17.21
CA GLY A 313 -11.02 -18.32 15.95
C GLY A 313 -9.72 -17.57 15.84
N ALA A 314 -8.85 -18.08 14.98
CA ALA A 314 -7.58 -17.41 14.75
C ALA A 314 -7.75 -16.17 13.89
N PHE A 315 -8.64 -16.24 12.89
CA PHE A 315 -8.90 -15.13 11.96
C PHE A 315 -7.65 -14.66 11.23
N GLN A 316 -6.74 -15.59 10.91
CA GLN A 316 -5.60 -15.23 10.08
C GLN A 316 -5.97 -15.19 8.61
N ILE A 317 -6.76 -16.16 8.15
CA ILE A 317 -7.18 -16.18 6.74
C ILE A 317 -8.31 -15.19 6.50
N ALA A 318 -9.32 -15.19 7.36
CA ALA A 318 -10.48 -14.31 7.23
C ALA A 318 -10.50 -13.34 8.40
N LYS A 319 -11.52 -12.48 8.40
CA LYS A 319 -11.70 -11.46 9.43
C LYS A 319 -13.13 -11.54 9.94
N PRO A 320 -13.40 -11.03 11.14
CA PRO A 320 -14.78 -11.04 11.65
C PRO A 320 -15.77 -10.33 10.75
N SER A 321 -15.32 -9.36 9.94
CA SER A 321 -16.21 -8.67 9.01
C SER A 321 -16.74 -9.60 7.92
N ASP A 322 -16.07 -10.73 7.68
CA ASP A 322 -16.51 -11.67 6.65
C ASP A 322 -17.67 -12.53 7.10
N LEU A 323 -17.97 -12.57 8.40
CA LEU A 323 -19.18 -13.23 8.88
C LEU A 323 -20.41 -12.52 8.35
N ILE A 324 -21.52 -13.25 8.29
CA ILE A 324 -22.77 -12.67 7.83
C ILE A 324 -23.16 -11.53 8.77
N PRO A 325 -23.78 -10.47 8.27
CA PRO A 325 -24.12 -9.34 9.16
C PRO A 325 -25.07 -9.73 10.27
N GLU A 326 -25.95 -10.71 10.05
CA GLU A 326 -26.84 -11.14 11.12
C GLU A 326 -26.07 -11.71 12.30
N LEU A 327 -24.96 -12.39 12.04
CA LEU A 327 -24.18 -12.99 13.12
C LEU A 327 -23.27 -11.98 13.81
N GLN A 328 -22.76 -10.99 13.08
CA GLN A 328 -21.91 -9.98 13.70
C GLN A 328 -22.68 -9.21 14.77
N GLY A 329 -23.95 -8.91 14.52
CA GLY A 329 -24.76 -8.19 15.48
C GLY A 329 -25.10 -9.01 16.71
N ARG A 330 -25.02 -10.33 16.61
CA ARG A 330 -25.27 -11.21 17.75
C ARG A 330 -24.00 -11.57 18.51
N LEU A 331 -22.85 -11.03 18.12
CA LEU A 331 -21.58 -11.23 18.80
C LEU A 331 -21.04 -9.85 19.19
N PRO A 332 -21.66 -9.18 20.15
CA PRO A 332 -21.26 -7.80 20.45
C PRO A 332 -19.88 -7.67 21.09
N ILE A 333 -19.50 -8.59 21.95
CA ILE A 333 -18.24 -8.51 22.67
C ILE A 333 -17.14 -9.12 21.82
N ARG A 334 -16.09 -8.34 21.56
CA ARG A 334 -14.94 -8.78 20.78
C ARG A 334 -13.69 -8.59 21.63
N VAL A 335 -12.85 -9.62 21.67
CA VAL A 335 -11.61 -9.57 22.44
C VAL A 335 -10.52 -10.30 21.68
N GLU A 336 -9.33 -9.69 21.63
CA GLU A 336 -8.15 -10.31 21.04
C GLU A 336 -7.30 -10.90 22.14
N LEU A 337 -6.92 -12.16 21.99
CA LEU A 337 -6.07 -12.85 22.96
C LEU A 337 -4.64 -12.89 22.43
N GLN A 338 -3.70 -12.47 23.26
CA GLN A 338 -2.30 -12.40 22.86
C GLN A 338 -1.67 -13.79 22.87
N ALA A 339 -0.64 -13.96 22.06
CA ALA A 339 0.08 -15.22 22.02
C ALA A 339 0.93 -15.39 23.27
N LEU A 340 1.01 -16.61 23.76
CA LEU A 340 1.79 -16.90 24.95
C LEU A 340 3.28 -16.77 24.64
N THR A 341 4.05 -16.39 25.65
CA THR A 341 5.49 -16.24 25.54
C THR A 341 6.18 -17.28 26.41
N THR A 342 7.52 -17.24 26.39
CA THR A 342 8.30 -18.15 27.21
C THR A 342 8.04 -17.92 28.70
N SER A 343 7.82 -16.65 29.09
CA SER A 343 7.51 -16.36 30.48
C SER A 343 6.15 -16.92 30.88
N ASP A 344 5.22 -17.01 29.92
CA ASP A 344 3.92 -17.60 30.23
C ASP A 344 4.02 -19.11 30.38
N PHE A 345 4.86 -19.75 29.57
CA PHE A 345 5.01 -21.21 29.66
C PHE A 345 5.57 -21.63 31.01
N GLU A 346 6.49 -20.84 31.56
CA GLU A 346 7.01 -21.14 32.90
C GLU A 346 5.91 -21.09 33.94
N ARG A 347 4.98 -20.14 33.80
CA ARG A 347 3.94 -19.94 34.79
C ARG A 347 2.88 -21.05 34.71
N ILE A 348 2.56 -21.49 33.50
CA ILE A 348 1.54 -22.52 33.32
C ILE A 348 1.98 -23.84 33.94
N LEU A 349 3.29 -24.11 33.95
CA LEU A 349 3.77 -25.38 34.48
C LEU A 349 3.64 -25.48 35.99
N THR A 350 3.49 -24.35 36.69
CA THR A 350 3.48 -24.35 38.15
C THR A 350 2.22 -23.70 38.72
N GLU A 351 1.99 -22.42 38.45
CA GLU A 351 0.95 -21.63 39.11
C GLU A 351 -0.46 -22.24 39.05
N PRO A 352 -0.99 -22.66 37.91
CA PRO A 352 -2.40 -23.09 37.88
C PRO A 352 -2.66 -24.29 38.78
N ASN A 353 -3.85 -24.30 39.38
CA ASN A 353 -4.27 -25.43 40.20
C ASN A 353 -4.35 -26.68 39.35
N ALA A 354 -3.81 -27.78 39.86
CA ALA A 354 -3.75 -29.06 39.13
C ALA A 354 -3.02 -28.92 37.81
N SER A 355 -1.87 -28.25 37.84
CA SER A 355 -1.03 -28.11 36.67
C SER A 355 -0.36 -29.44 36.33
N ILE A 356 0.12 -29.55 35.09
CA ILE A 356 0.67 -30.81 34.60
C ILE A 356 1.87 -31.27 35.43
N THR A 357 2.65 -30.33 35.96
CA THR A 357 3.76 -30.72 36.81
C THR A 357 3.26 -31.15 38.20
N VAL A 358 2.18 -30.55 38.68
CA VAL A 358 1.60 -30.97 39.95
C VAL A 358 0.91 -32.33 39.80
N GLN A 359 0.25 -32.56 38.66
CA GLN A 359 -0.36 -33.86 38.42
C GLN A 359 0.69 -34.96 38.35
N TYR A 360 1.76 -34.73 37.59
CA TYR A 360 2.83 -35.72 37.51
C TYR A 360 3.51 -35.90 38.85
N LYS A 361 3.66 -34.84 39.63
CA LYS A 361 4.19 -34.98 40.98
C LYS A 361 3.31 -35.87 41.83
N ALA A 362 2.00 -35.78 41.65
CA ALA A 362 1.07 -36.65 42.36
C ALA A 362 0.98 -38.04 41.74
N LEU A 363 1.14 -38.14 40.42
CA LEU A 363 1.08 -39.44 39.77
C LEU A 363 2.27 -40.31 40.16
N MSE A 364 3.47 -39.75 40.13
CA MSE A 364 4.66 -40.49 40.51
C MSE A 364 4.67 -40.76 42.02
O MSE A 364 5.29 -41.71 42.48
CB MSE A 364 5.92 -39.73 40.08
CG MSE A 364 6.00 -39.44 38.59
SE MSE A 364 5.78 -41.02 37.45
CE MSE A 364 3.91 -40.80 36.96
N ALA A 365 3.97 -39.91 42.77
CA ALA A 365 3.82 -40.13 44.20
C ALA A 365 3.02 -41.39 44.50
N THR A 366 2.23 -41.89 43.54
CA THR A 366 1.52 -43.14 43.74
C THR A 366 2.49 -44.30 43.92
N GLU A 367 3.58 -44.30 43.17
CA GLU A 367 4.61 -45.32 43.27
C GLU A 367 5.55 -45.10 44.43
N GLY A 368 5.46 -43.96 45.11
CA GLY A 368 6.38 -43.62 46.17
C GLY A 368 7.58 -42.82 45.74
N VAL A 369 7.51 -42.14 44.61
CA VAL A 369 8.62 -41.34 44.07
C VAL A 369 8.29 -39.87 44.28
N ASN A 370 9.26 -39.12 44.76
CA ASN A 370 9.12 -37.68 44.97
C ASN A 370 9.79 -36.94 43.82
N ILE A 371 9.00 -36.23 43.03
CA ILE A 371 9.50 -35.45 41.91
C ILE A 371 9.62 -34.00 42.34
N GLU A 372 10.76 -33.38 42.02
CA GLU A 372 11.02 -31.98 42.34
C GLU A 372 11.51 -31.28 41.08
N PHE A 373 10.91 -30.14 40.77
CA PHE A 373 11.23 -29.36 39.59
C PHE A 373 11.99 -28.10 40.03
N THR A 374 13.24 -27.98 39.58
CA THR A 374 14.01 -26.78 39.88
C THR A 374 13.52 -25.62 39.00
N ASP A 375 13.80 -24.41 39.47
CA ASP A 375 13.40 -23.21 38.72
C ASP A 375 14.06 -23.18 37.35
N SER A 376 15.36 -23.50 37.30
CA SER A 376 16.04 -23.55 36.00
C SER A 376 15.54 -24.70 35.14
N GLY A 377 15.19 -25.82 35.76
CA GLY A 377 14.62 -26.93 35.00
C GLY A 377 13.28 -26.58 34.37
N ILE A 378 12.42 -25.89 35.12
CA ILE A 378 11.14 -25.46 34.57
C ILE A 378 11.34 -24.50 33.41
N LYS A 379 12.31 -23.59 33.53
CA LYS A 379 12.57 -22.64 32.45
C LYS A 379 13.05 -23.33 31.18
N ARG A 380 13.91 -24.35 31.32
CA ARG A 380 14.37 -25.06 30.14
C ARG A 380 13.28 -25.94 29.54
N ILE A 381 12.32 -26.38 30.35
CA ILE A 381 11.15 -27.04 29.79
C ILE A 381 10.35 -26.06 28.92
N ALA A 382 10.21 -24.82 29.38
CA ALA A 382 9.49 -23.81 28.62
C ALA A 382 10.23 -23.47 27.33
N GLU A 383 11.56 -23.31 27.42
CA GLU A 383 12.33 -23.01 26.22
C GLU A 383 12.31 -24.15 25.22
N ALA A 384 12.23 -25.39 25.69
CA ALA A 384 12.14 -26.54 24.79
C ALA A 384 10.85 -26.50 24.01
N ALA A 385 9.72 -26.22 24.68
CA ALA A 385 8.44 -26.13 23.99
C ALA A 385 8.40 -24.92 23.06
N TRP A 386 9.05 -23.82 23.44
CA TRP A 386 9.06 -22.64 22.58
C TRP A 386 9.82 -22.90 21.29
N GLN A 387 10.96 -23.57 21.38
CA GLN A 387 11.78 -23.80 20.20
C GLN A 387 11.07 -24.69 19.18
N VAL A 388 10.31 -25.68 19.66
CA VAL A 388 9.58 -26.55 18.73
C VAL A 388 8.46 -25.77 18.05
N ASN A 389 7.76 -24.91 18.79
CA ASN A 389 6.70 -24.10 18.19
C ASN A 389 7.25 -23.15 17.14
N GLU A 390 8.49 -22.68 17.32
CA GLU A 390 9.11 -21.78 16.37
C GLU A 390 9.76 -22.50 15.19
N SER A 391 10.38 -23.65 15.44
CA SER A 391 11.11 -24.35 14.39
C SER A 391 10.16 -25.01 13.39
N THR A 392 8.99 -25.46 13.83
CA THR A 392 8.06 -26.16 12.94
C THR A 392 6.68 -25.50 12.95
N GLU A 393 5.78 -25.99 13.80
CA GLU A 393 4.43 -25.47 13.90
C GLU A 393 4.16 -25.04 15.34
N ASN A 394 3.50 -23.89 15.49
CA ASN A 394 3.15 -23.35 16.80
C ASN A 394 1.80 -23.91 17.20
N ILE A 395 1.79 -24.80 18.20
CA ILE A 395 0.55 -25.36 18.74
C ILE A 395 0.16 -24.73 20.08
N GLY A 396 0.86 -23.67 20.49
CA GLY A 396 0.53 -23.02 21.75
C GLY A 396 1.04 -23.80 22.95
N ALA A 397 0.33 -23.65 24.07
CA ALA A 397 0.72 -24.30 25.31
C ALA A 397 0.52 -25.81 25.29
N ARG A 398 -0.11 -26.35 24.24
CA ARG A 398 -0.26 -27.80 24.13
C ARG A 398 1.07 -28.51 24.01
N ARG A 399 2.12 -27.81 23.56
CA ARG A 399 3.44 -28.43 23.46
C ARG A 399 3.97 -28.82 24.84
N LEU A 400 3.62 -28.07 25.87
CA LEU A 400 4.06 -28.40 27.23
C LEU A 400 3.55 -29.75 27.69
N HIS A 401 2.46 -30.25 27.11
CA HIS A 401 1.96 -31.57 27.47
C HIS A 401 2.77 -32.69 26.83
N THR A 402 3.14 -32.52 25.55
CA THR A 402 3.91 -33.55 24.86
C THR A 402 5.36 -33.55 25.31
N VAL A 403 5.93 -32.38 25.57
CA VAL A 403 7.32 -32.29 25.99
C VAL A 403 7.51 -32.94 27.35
N LEU A 404 6.61 -32.65 28.30
CA LEU A 404 6.74 -33.24 29.63
C LEU A 404 6.60 -34.75 29.59
N GLU A 405 5.70 -35.29 28.77
CA GLU A 405 5.55 -36.73 28.72
C GLU A 405 6.75 -37.41 28.08
N ARG A 406 7.41 -36.75 27.14
CA ARG A 406 8.63 -37.28 26.56
C ARG A 406 9.79 -37.17 27.55
N LEU A 407 9.81 -36.10 28.33
CA LEU A 407 10.88 -35.89 29.30
C LEU A 407 10.77 -36.90 30.45
N MSE A 408 9.56 -37.18 30.90
CA MSE A 408 9.34 -38.02 32.07
C MSE A 408 9.10 -39.49 31.76
O MSE A 408 8.80 -40.27 32.65
CB MSE A 408 8.17 -37.48 32.90
CG MSE A 408 8.26 -36.01 33.24
SE MSE A 408 9.36 -35.61 34.79
CE MSE A 408 11.12 -35.61 33.96
N GLU A 409 9.23 -39.86 30.48
CA GLU A 409 8.91 -41.24 30.09
C GLU A 409 9.83 -42.25 30.76
N GLU A 410 11.10 -41.89 30.96
CA GLU A 410 12.01 -42.83 31.63
C GLU A 410 11.69 -42.93 33.11
N ILE A 411 11.32 -41.83 33.74
CA ILE A 411 10.96 -41.86 35.16
C ILE A 411 9.65 -42.61 35.36
N SER A 412 8.68 -42.41 34.46
CA SER A 412 7.40 -43.09 34.61
C SER A 412 7.53 -44.59 34.43
N TYR A 413 8.44 -45.04 33.57
CA TYR A 413 8.64 -46.46 33.39
C TYR A 413 9.26 -47.10 34.63
N ASP A 414 10.29 -46.46 35.19
CA ASP A 414 11.01 -46.98 36.34
C ASP A 414 10.41 -46.54 37.67
N ALA A 415 9.26 -45.85 37.66
CA ALA A 415 8.69 -45.33 38.90
C ALA A 415 8.39 -46.44 39.89
N SER A 416 8.07 -47.65 39.41
CA SER A 416 7.78 -48.76 40.32
C SER A 416 9.02 -49.13 41.14
N ASP A 417 10.19 -49.16 40.50
CA ASP A 417 11.41 -49.54 41.20
C ASP A 417 12.06 -48.38 41.96
N LEU A 418 11.65 -47.15 41.69
CA LEU A 418 12.23 -45.97 42.32
C LEU A 418 11.56 -45.60 43.64
N SER A 419 10.64 -46.45 44.13
CA SER A 419 9.91 -46.16 45.35
C SER A 419 10.86 -45.85 46.51
N GLY A 420 10.56 -44.78 47.23
CA GLY A 420 11.38 -44.34 48.34
C GLY A 420 12.51 -43.42 47.96
N GLN A 421 12.61 -43.00 46.71
CA GLN A 421 13.68 -42.14 46.23
C GLN A 421 13.13 -40.78 45.84
N ASN A 422 13.98 -39.77 45.91
CA ASN A 422 13.64 -38.39 45.55
C ASN A 422 14.35 -38.07 44.24
N ILE A 423 13.58 -37.91 43.17
CA ILE A 423 14.09 -37.57 41.85
C ILE A 423 14.00 -36.06 41.68
N THR A 424 15.13 -35.43 41.37
CA THR A 424 15.21 -33.99 41.17
C THR A 424 15.42 -33.69 39.70
N ILE A 425 14.52 -32.92 39.10
CA ILE A 425 14.62 -32.52 37.70
C ILE A 425 15.31 -31.17 37.67
N ASP A 426 16.54 -31.14 37.19
CA ASP A 426 17.34 -29.92 37.11
C ASP A 426 17.41 -29.42 35.67
N ALA A 427 18.13 -28.31 35.48
CA ALA A 427 18.33 -27.79 34.15
C ALA A 427 19.16 -28.73 33.27
N ASP A 428 20.00 -29.56 33.89
CA ASP A 428 20.81 -30.50 33.12
C ASP A 428 20.01 -31.73 32.69
N TYR A 429 19.15 -32.25 33.58
CA TYR A 429 18.32 -33.40 33.22
C TYR A 429 17.41 -33.07 32.05
N VAL A 430 16.97 -31.82 31.94
CA VAL A 430 16.16 -31.40 30.81
C VAL A 430 16.98 -31.44 29.52
N SER A 431 18.18 -30.88 29.56
CA SER A 431 19.02 -30.84 28.37
C SER A 431 19.50 -32.23 27.96
N LYS A 432 19.50 -33.20 28.87
CA LYS A 432 20.01 -34.53 28.54
C LYS A 432 19.01 -35.34 27.73
N HIS A 433 17.73 -35.26 28.07
CA HIS A 433 16.69 -36.05 27.41
C HIS A 433 15.99 -35.30 26.28
N LEU A 434 16.32 -34.03 26.06
CA LEU A 434 15.59 -33.19 25.12
C LEU A 434 16.48 -32.64 24.01
N ASP A 435 17.53 -31.87 24.34
CA ASP A 435 18.28 -31.13 23.33
C ASP A 435 18.71 -31.98 22.16
N ALA A 436 18.92 -33.29 22.38
CA ALA A 436 19.23 -34.18 21.26
C ALA A 436 18.05 -34.30 20.31
N LEU A 437 16.83 -34.36 20.84
CA LEU A 437 15.64 -34.45 20.01
C LEU A 437 15.26 -33.11 19.41
N VAL A 438 15.36 -32.04 20.21
CA VAL A 438 14.94 -30.72 19.74
C VAL A 438 15.83 -30.22 18.61
N ALA A 439 17.11 -30.64 18.59
CA ALA A 439 18.02 -30.17 17.56
C ALA A 439 17.62 -30.68 16.18
N ASP A 440 17.05 -31.88 16.10
CA ASP A 440 16.65 -32.48 14.83
C ASP A 440 15.18 -32.14 14.58
N GLU A 441 14.93 -31.29 13.58
CA GLU A 441 13.56 -30.88 13.29
C GLU A 441 12.74 -32.01 12.69
N ASP A 442 13.37 -32.87 11.88
CA ASP A 442 12.65 -34.00 11.32
C ASP A 442 12.16 -34.94 12.42
N LEU A 443 12.97 -35.13 13.46
CA LEU A 443 12.54 -35.96 14.58
C LEU A 443 11.57 -35.22 15.50
N SER A 444 11.69 -33.88 15.58
CA SER A 444 10.80 -33.12 16.45
C SER A 444 9.35 -33.24 16.01
N ARG A 445 9.11 -33.40 14.71
CA ARG A 445 7.74 -33.50 14.22
C ARG A 445 7.13 -34.84 14.58
N PHE A 446 7.90 -35.91 14.52
CA PHE A 446 7.37 -37.23 14.86
C PHE A 446 7.30 -37.45 16.37
N ILE A 447 8.38 -37.13 17.08
CA ILE A 447 8.46 -37.45 18.49
C ILE A 447 7.74 -36.41 19.36
N LEU A 448 7.83 -35.14 18.99
CA LEU A 448 7.22 -34.08 19.79
C LEU A 448 5.92 -33.56 19.17
N HIS B 5 -10.91 -54.99 38.93
CA HIS B 5 -10.69 -53.65 38.41
C HIS B 5 -9.46 -53.58 37.53
N HIS B 6 -8.77 -52.45 37.54
CA HIS B 6 -7.56 -52.28 36.75
C HIS B 6 -6.43 -53.12 37.32
N SER B 7 -5.64 -53.72 36.43
CA SER B 7 -4.55 -54.59 36.86
C SER B 7 -3.45 -53.79 37.54
N GLU B 8 -2.82 -54.41 38.53
CA GLU B 8 -1.80 -53.76 39.35
C GLU B 8 -0.38 -54.00 38.83
N MSE B 9 -0.24 -54.64 37.67
CA MSE B 9 1.07 -54.94 37.09
C MSE B 9 1.93 -53.70 36.87
O MSE B 9 1.42 -52.64 36.51
CB MSE B 9 0.91 -55.69 35.77
CG MSE B 9 0.24 -57.05 35.89
SE MSE B 9 0.05 -57.95 34.17
CE MSE B 9 -0.67 -59.65 34.79
N THR B 10 3.23 -53.85 37.09
CA THR B 10 4.18 -52.76 36.89
C THR B 10 4.56 -52.64 35.42
N PRO B 11 5.14 -51.50 35.02
CA PRO B 11 5.55 -51.38 33.60
C PRO B 11 6.49 -52.47 33.13
N ARG B 12 7.46 -52.86 33.97
CA ARG B 12 8.38 -53.93 33.58
C ARG B 12 7.66 -55.26 33.43
N GLU B 13 6.67 -55.53 34.29
CA GLU B 13 5.91 -56.77 34.19
C GLU B 13 5.00 -56.77 32.96
N ILE B 14 4.53 -55.60 32.55
CA ILE B 14 3.71 -55.52 31.34
C ILE B 14 4.56 -55.79 30.11
N VAL B 15 5.71 -55.11 30.00
CA VAL B 15 6.58 -55.29 28.83
C VAL B 15 7.06 -56.74 28.74
N SER B 16 7.40 -57.34 29.88
CA SER B 16 7.83 -58.72 29.89
C SER B 16 6.71 -59.66 29.44
N GLU B 17 5.46 -59.31 29.71
CA GLU B 17 4.34 -60.11 29.25
C GLU B 17 4.10 -59.92 27.76
N LEU B 18 4.31 -58.70 27.25
CA LEU B 18 4.18 -58.46 25.82
C LEU B 18 5.25 -59.18 25.02
N ASP B 19 6.43 -59.38 25.62
CA ASP B 19 7.51 -60.10 24.93
C ASP B 19 7.12 -61.53 24.61
N LYS B 20 6.17 -62.11 25.34
CA LYS B 20 5.74 -63.47 25.06
C LYS B 20 5.00 -63.60 23.74
N HIS B 21 4.52 -62.48 23.17
CA HIS B 21 3.81 -62.50 21.91
C HIS B 21 4.46 -61.63 20.84
N ILE B 22 4.75 -60.37 21.15
CA ILE B 22 5.38 -59.46 20.20
C ILE B 22 6.89 -59.59 20.33
N ILE B 23 7.57 -59.54 19.18
CA ILE B 23 9.03 -59.63 19.13
C ILE B 23 9.59 -58.23 18.93
N GLY B 24 10.53 -57.84 19.79
CA GLY B 24 11.16 -56.55 19.65
C GLY B 24 10.20 -55.40 19.95
N GLN B 25 10.49 -54.24 19.35
CA GLN B 25 9.69 -53.03 19.53
C GLN B 25 9.53 -52.68 21.01
N ASP B 26 10.65 -52.70 21.72
CA ASP B 26 10.62 -52.46 23.16
C ASP B 26 10.11 -51.07 23.48
N ASN B 27 10.49 -50.07 22.67
CA ASN B 27 10.04 -48.70 22.91
C ASN B 27 8.52 -48.61 22.84
N ALA B 28 7.90 -49.35 21.90
CA ALA B 28 6.44 -49.33 21.80
C ALA B 28 5.80 -50.03 22.99
N LYS B 29 6.43 -51.11 23.49
CA LYS B 29 5.90 -51.78 24.67
C LYS B 29 6.04 -50.89 25.90
N ARG B 30 7.09 -50.08 25.97
CA ARG B 30 7.24 -49.17 27.11
C ARG B 30 6.20 -48.06 27.07
N SER B 31 5.77 -47.66 25.88
CA SER B 31 4.71 -46.65 25.77
C SER B 31 3.39 -47.20 26.29
N VAL B 32 2.97 -48.37 25.78
CA VAL B 32 1.69 -48.94 26.20
C VAL B 32 1.71 -49.41 27.63
N ALA B 33 2.88 -49.72 28.18
CA ALA B 33 2.96 -50.11 29.58
C ALA B 33 2.76 -48.90 30.50
N ILE B 34 3.34 -47.75 30.12
CA ILE B 34 3.18 -46.54 30.92
C ILE B 34 1.71 -46.12 30.93
N ALA B 35 1.03 -46.24 29.79
CA ALA B 35 -0.39 -45.89 29.74
C ALA B 35 -1.22 -46.81 30.64
N LEU B 36 -0.94 -48.12 30.60
CA LEU B 36 -1.72 -49.05 31.42
C LEU B 36 -1.40 -48.91 32.90
N ARG B 37 -0.16 -48.56 33.24
CA ARG B 37 0.18 -48.36 34.64
C ARG B 37 -0.53 -47.14 35.21
N ASN B 38 -0.67 -46.08 34.40
CA ASN B 38 -1.40 -44.90 34.84
C ASN B 38 -2.86 -45.21 35.14
N ARG B 39 -3.42 -46.26 34.54
CA ARG B 39 -4.78 -46.67 34.88
C ARG B 39 -4.89 -47.02 36.36
N TRP B 40 -3.87 -47.68 36.90
CA TRP B 40 -3.86 -47.98 38.33
C TRP B 40 -3.47 -46.76 39.16
N ARG B 41 -2.64 -45.88 38.61
CA ARG B 41 -2.19 -44.70 39.36
C ARG B 41 -3.35 -43.74 39.64
N ARG B 42 -4.25 -43.57 38.67
CA ARG B 42 -5.38 -42.66 38.86
C ARG B 42 -6.33 -43.16 39.95
N MSE B 43 -6.44 -44.48 40.11
CA MSE B 43 -7.35 -45.05 41.10
C MSE B 43 -6.88 -44.77 42.52
O MSE B 43 -7.66 -44.81 43.47
CB MSE B 43 -7.48 -46.57 40.89
CG MSE B 43 -8.17 -46.95 39.60
SE MSE B 43 -10.01 -46.33 39.50
CE MSE B 43 -10.67 -47.07 41.18
N GLN B 44 -5.59 -44.49 42.66
CA GLN B 44 -4.98 -44.24 43.96
C GLN B 44 -4.97 -42.77 44.34
N LEU B 45 -5.43 -41.88 43.46
CA LEU B 45 -5.46 -40.46 43.74
C LEU B 45 -6.74 -40.09 44.49
N ASN B 46 -6.86 -38.81 44.84
CA ASN B 46 -8.06 -38.32 45.48
C ASN B 46 -9.13 -38.03 44.43
N GLU B 47 -10.29 -37.54 44.88
CA GLU B 47 -11.40 -37.33 43.96
C GLU B 47 -11.10 -36.22 42.96
N GLU B 48 -10.48 -35.13 43.41
CA GLU B 48 -10.22 -34.00 42.53
C GLU B 48 -9.28 -34.40 41.38
N LEU B 49 -8.26 -35.19 41.68
CA LEU B 49 -7.31 -35.58 40.64
C LEU B 49 -7.86 -36.64 39.69
N ARG B 50 -8.93 -37.34 40.07
CA ARG B 50 -9.47 -38.39 39.21
C ARG B 50 -10.10 -37.81 37.94
N HIS B 51 -10.79 -36.68 38.07
CA HIS B 51 -11.41 -36.06 36.91
C HIS B 51 -10.39 -35.29 36.07
N GLU B 52 -9.47 -34.60 36.74
CA GLU B 52 -8.50 -33.76 36.01
C GLU B 52 -7.52 -34.60 35.20
N VAL B 53 -7.11 -35.76 35.72
CA VAL B 53 -6.16 -36.61 35.02
C VAL B 53 -6.88 -37.35 33.90
N THR B 54 -6.38 -37.20 32.68
CA THR B 54 -6.88 -37.87 31.50
C THR B 54 -5.83 -38.83 30.96
N PRO B 55 -6.24 -39.92 30.31
CA PRO B 55 -5.26 -40.87 29.78
C PRO B 55 -4.36 -40.22 28.73
N LYS B 56 -3.13 -40.69 28.67
CA LYS B 56 -2.15 -40.21 27.70
C LYS B 56 -2.24 -41.10 26.48
N ASN B 57 -2.71 -40.56 25.37
CA ASN B 57 -2.88 -41.34 24.15
C ASN B 57 -1.56 -41.49 23.42
N ILE B 58 -1.43 -42.60 22.69
CA ILE B 58 -0.18 -42.99 22.05
C ILE B 58 -0.35 -42.90 20.55
N LEU B 59 0.66 -42.36 19.88
CA LEU B 59 0.72 -42.30 18.42
C LEU B 59 1.88 -43.18 17.96
N MSE B 60 1.55 -44.27 17.28
CA MSE B 60 2.57 -45.19 16.79
C MSE B 60 2.97 -44.87 15.36
O MSE B 60 2.13 -44.67 14.49
CB MSE B 60 2.08 -46.63 16.88
CG MSE B 60 1.78 -47.11 18.28
SE MSE B 60 1.41 -49.00 18.31
CE MSE B 60 1.09 -49.22 20.21
N ILE B 61 4.27 -44.85 15.12
CA ILE B 61 4.85 -44.55 13.81
C ILE B 61 5.68 -45.75 13.38
N GLY B 62 5.46 -46.21 12.15
CA GLY B 62 6.23 -47.29 11.60
C GLY B 62 5.59 -47.89 10.37
N PRO B 63 6.35 -48.70 9.63
CA PRO B 63 5.81 -49.30 8.41
C PRO B 63 4.81 -50.41 8.70
N THR B 64 4.31 -51.07 7.67
CA THR B 64 3.28 -52.08 7.85
C THR B 64 3.90 -53.41 8.29
N GLY B 65 3.15 -54.12 9.13
CA GLY B 65 3.56 -55.44 9.55
C GLY B 65 4.65 -55.50 10.60
N VAL B 66 4.83 -54.41 11.37
CA VAL B 66 5.84 -54.40 12.43
C VAL B 66 5.26 -54.71 13.80
N GLY B 67 3.95 -54.93 13.90
CA GLY B 67 3.33 -55.27 15.16
C GLY B 67 2.55 -54.17 15.86
N LYS B 68 2.22 -53.08 15.17
CA LYS B 68 1.47 -52.00 15.82
C LYS B 68 0.12 -52.49 16.34
N THR B 69 -0.58 -53.31 15.55
CA THR B 69 -1.89 -53.80 15.99
C THR B 69 -1.75 -54.89 17.03
N GLU B 70 -0.74 -55.76 16.88
CA GLU B 70 -0.57 -56.88 17.81
C GLU B 70 -0.27 -56.42 19.22
N ILE B 71 0.55 -55.37 19.36
CA ILE B 71 0.82 -54.81 20.68
C ILE B 71 -0.46 -54.33 21.33
N ALA B 72 -1.34 -53.70 20.55
CA ALA B 72 -2.58 -53.17 21.09
C ALA B 72 -3.53 -54.29 21.50
N ARG B 73 -3.70 -55.29 20.63
CA ARG B 73 -4.62 -56.39 20.93
C ARG B 73 -4.20 -57.13 22.20
N ARG B 74 -2.93 -57.52 22.28
CA ARG B 74 -2.44 -58.22 23.45
C ARG B 74 -2.52 -57.36 24.71
N LEU B 75 -2.40 -56.03 24.54
CA LEU B 75 -2.55 -55.14 25.69
C LEU B 75 -3.96 -55.19 26.25
N ALA B 76 -4.97 -55.21 25.38
CA ALA B 76 -6.35 -55.31 25.85
C ALA B 76 -6.64 -56.68 26.44
N LYS B 77 -6.15 -57.74 25.80
CA LYS B 77 -6.36 -59.09 26.33
C LYS B 77 -5.67 -59.26 27.69
N LEU B 78 -4.53 -58.59 27.89
CA LEU B 78 -3.86 -58.66 29.17
C LEU B 78 -4.67 -57.98 30.26
N ALA B 79 -5.34 -56.88 29.91
CA ALA B 79 -6.12 -56.10 30.87
C ALA B 79 -7.58 -56.51 30.93
N ASN B 80 -7.99 -57.53 30.19
CA ASN B 80 -9.39 -57.94 30.09
C ASN B 80 -10.26 -56.74 29.73
N ALA B 81 -9.88 -56.07 28.64
CA ALA B 81 -10.42 -54.78 28.28
C ALA B 81 -11.03 -54.82 26.88
N PRO B 82 -12.11 -54.08 26.65
CA PRO B 82 -12.71 -54.03 25.31
C PRO B 82 -11.76 -53.34 24.32
N PHE B 83 -11.75 -53.83 23.09
CA PHE B 83 -10.84 -53.35 22.07
C PHE B 83 -11.54 -53.33 20.73
N ILE B 84 -11.24 -52.32 19.92
CA ILE B 84 -11.76 -52.23 18.57
C ILE B 84 -10.76 -51.48 17.69
N LYS B 85 -10.62 -51.94 16.45
CA LYS B 85 -9.69 -51.36 15.48
C LYS B 85 -10.48 -50.86 14.29
N VAL B 86 -10.42 -49.55 14.06
CA VAL B 86 -11.18 -48.91 12.99
C VAL B 86 -10.22 -48.16 12.07
N GLU B 87 -10.50 -48.23 10.76
CA GLU B 87 -9.70 -47.52 9.78
C GLU B 87 -10.09 -46.06 9.75
N ALA B 88 -9.08 -45.18 9.67
CA ALA B 88 -9.37 -43.75 9.66
C ALA B 88 -9.99 -43.30 8.34
N THR B 89 -9.66 -43.97 7.23
CA THR B 89 -10.26 -43.63 5.95
C THR B 89 -11.71 -44.07 5.84
N LYS B 90 -12.22 -44.81 6.82
CA LYS B 90 -13.62 -45.22 6.78
C LYS B 90 -14.55 -44.02 6.83
N PHE B 91 -14.18 -42.99 7.58
CA PHE B 91 -15.03 -41.82 7.79
C PHE B 91 -14.85 -40.74 6.73
N THR B 92 -14.07 -41.01 5.69
CA THR B 92 -13.92 -40.03 4.61
C THR B 92 -15.21 -39.90 3.81
N GLU B 93 -15.89 -41.02 3.55
CA GLU B 93 -17.10 -41.01 2.74
C GLU B 93 -18.28 -40.37 3.49
N GLY B 98 -23.42 -41.03 4.97
CA GLY B 98 -22.21 -41.77 5.30
C GLY B 98 -22.31 -42.53 6.60
N LYS B 99 -21.16 -42.78 7.23
CA LYS B 99 -21.07 -43.51 8.48
C LYS B 99 -20.62 -42.58 9.60
N GLU B 100 -21.39 -42.55 10.68
CA GLU B 100 -21.10 -41.66 11.80
C GLU B 100 -19.79 -42.06 12.49
N VAL B 101 -19.06 -41.05 12.98
CA VAL B 101 -17.80 -41.29 13.68
C VAL B 101 -18.05 -41.90 15.04
N ASP B 102 -19.19 -41.59 15.66
CA ASP B 102 -19.54 -42.17 16.95
C ASP B 102 -19.71 -43.68 16.89
N SER B 103 -19.79 -44.27 15.69
CA SER B 103 -19.96 -45.71 15.59
C SER B 103 -18.81 -46.48 16.19
N ILE B 104 -17.64 -45.85 16.36
CA ILE B 104 -16.55 -46.49 17.08
C ILE B 104 -17.01 -46.92 18.46
N ILE B 105 -17.55 -45.98 19.23
CA ILE B 105 -17.99 -46.29 20.59
C ILE B 105 -19.18 -47.26 20.58
N ARG B 106 -19.97 -47.27 19.50
CA ARG B 106 -21.09 -48.19 19.41
C ARG B 106 -20.61 -49.63 19.28
N ASP B 107 -19.72 -49.89 18.31
CA ASP B 107 -19.21 -51.25 18.13
C ASP B 107 -18.30 -51.65 19.26
N LEU B 108 -17.62 -50.69 19.89
CA LEU B 108 -16.83 -50.99 21.08
C LEU B 108 -17.72 -51.47 22.22
N THR B 109 -18.80 -50.74 22.48
CA THR B 109 -19.73 -51.14 23.54
C THR B 109 -20.46 -52.43 23.17
N ASP B 110 -20.80 -52.60 21.89
CA ASP B 110 -21.42 -53.84 21.46
C ASP B 110 -20.50 -55.03 21.64
N ALA B 111 -19.19 -54.82 21.53
CA ALA B 111 -18.25 -55.91 21.76
C ALA B 111 -18.16 -56.25 23.24
N ALA B 112 -18.12 -55.23 24.10
CA ALA B 112 -17.97 -55.48 25.53
C ALA B 112 -19.18 -56.19 26.13
N VAL B 113 -20.36 -56.04 25.52
CA VAL B 113 -21.54 -56.73 26.03
C VAL B 113 -21.37 -58.24 25.89
N LYS B 114 -20.95 -58.69 24.71
CA LYS B 114 -20.66 -60.11 24.53
C LYS B 114 -19.50 -60.56 25.39
N MSE B 115 -18.53 -59.68 25.62
CA MSE B 115 -17.37 -59.98 26.44
C MSE B 115 -17.79 -60.27 27.87
O MSE B 115 -17.46 -61.32 28.43
CB MSE B 115 -16.43 -58.79 26.40
CG MSE B 115 -15.07 -59.05 27.00
SE MSE B 115 -14.08 -57.37 26.98
CE MSE B 115 -14.98 -56.52 28.48
N VAL B 116 -18.51 -59.34 28.49
CA VAL B 116 -18.97 -59.54 29.86
C VAL B 116 -20.06 -60.58 29.96
N ARG B 117 -20.71 -60.92 28.84
CA ARG B 117 -21.71 -61.98 28.86
C ARG B 117 -21.07 -63.36 28.87
N VAL B 118 -20.07 -63.58 28.00
CA VAL B 118 -19.41 -64.87 27.94
C VAL B 118 -18.61 -65.13 29.21
N GLN B 119 -17.94 -64.11 29.74
CA GLN B 119 -17.23 -64.27 31.00
C GLN B 119 -18.18 -64.43 32.18
N ALA B 120 -19.44 -64.02 32.03
CA ALA B 120 -20.43 -64.25 33.08
C ALA B 120 -20.97 -65.68 33.03
N ILE B 121 -21.13 -66.24 31.83
CA ILE B 121 -21.63 -67.61 31.70
C ILE B 121 -20.64 -68.60 32.31
N GLU B 122 -19.34 -68.32 32.16
CA GLU B 122 -18.33 -69.20 32.76
C GLU B 122 -18.47 -69.25 34.28
N LYS B 123 -18.67 -68.10 34.92
CA LYS B 123 -18.89 -68.09 36.36
C LYS B 123 -20.22 -68.76 36.72
N ASN B 124 -21.23 -68.59 35.88
CA ASN B 124 -22.56 -69.11 36.18
C ASN B 124 -22.71 -70.60 35.83
N ARG B 125 -21.84 -71.14 34.98
CA ARG B 125 -22.06 -72.50 34.48
C ARG B 125 -21.80 -73.55 35.55
N TYR B 126 -20.67 -73.43 36.25
CA TYR B 126 -20.35 -74.40 37.29
C TYR B 126 -21.23 -74.25 38.52
N ARG B 127 -21.68 -73.03 38.81
CA ARG B 127 -22.53 -72.81 39.98
C ARG B 127 -23.94 -73.31 39.73
N ALA B 128 -24.46 -73.14 38.51
CA ALA B 128 -25.83 -73.57 38.22
C ALA B 128 -25.92 -75.09 38.13
N GLU B 129 -24.90 -75.74 37.56
CA GLU B 129 -24.90 -77.20 37.51
C GLU B 129 -24.81 -77.81 38.90
N GLU B 130 -24.12 -77.16 39.83
CA GLU B 130 -24.08 -77.65 41.20
C GLU B 130 -25.45 -77.60 41.84
N LEU B 131 -26.17 -76.48 41.64
CA LEU B 131 -27.53 -76.36 42.16
C LEU B 131 -28.53 -77.18 41.36
N ALA B 132 -28.20 -77.54 40.12
CA ALA B 132 -29.12 -78.33 39.31
C ALA B 132 -29.20 -79.76 39.82
N GLU B 133 -28.06 -80.41 40.01
CA GLU B 133 -28.05 -81.75 40.57
C GLU B 133 -28.42 -81.77 42.05
N GLU B 134 -28.23 -80.64 42.75
CA GLU B 134 -28.60 -80.58 44.16
C GLU B 134 -30.10 -80.76 44.35
N ARG B 135 -30.90 -80.08 43.53
CA ARG B 135 -32.35 -80.25 43.61
C ARG B 135 -32.79 -81.64 43.16
N ILE B 136 -31.95 -82.34 42.41
CA ILE B 136 -32.27 -83.72 42.06
C ILE B 136 -32.11 -84.64 43.28
N LEU B 137 -31.10 -84.37 44.11
CA LEU B 137 -30.87 -85.18 45.30
C LEU B 137 -32.02 -85.05 46.29
N ASP B 138 -32.69 -83.89 46.34
CA ASP B 138 -33.79 -83.70 47.26
C ASP B 138 -35.02 -84.50 46.87
N VAL B 139 -35.14 -84.90 45.61
CA VAL B 139 -36.22 -85.81 45.22
C VAL B 139 -35.87 -87.24 45.59
N LEU B 140 -34.62 -87.65 45.33
CA LEU B 140 -34.19 -89.00 45.65
C LEU B 140 -34.17 -89.22 47.17
N ILE B 141 -33.43 -88.38 47.89
CA ILE B 141 -33.33 -88.51 49.34
C ILE B 141 -33.81 -87.21 49.96
N PRO B 142 -35.10 -87.06 50.24
CA PRO B 142 -35.60 -85.81 50.82
C PRO B 142 -35.00 -85.58 52.20
N PRO B 143 -34.40 -84.42 52.43
CA PRO B 143 -33.88 -84.12 53.77
C PRO B 143 -34.99 -83.67 54.71
N ALA B 144 -34.72 -83.82 56.00
CA ALA B 144 -35.65 -83.44 57.06
C ALA B 144 -35.33 -82.03 57.52
N LYS B 145 -36.36 -81.18 57.58
CA LYS B 145 -36.17 -79.80 57.99
C LYS B 145 -35.86 -79.74 59.49
N ASN B 146 -34.98 -78.82 59.85
CA ASN B 146 -34.55 -78.64 61.24
C ASN B 146 -35.63 -77.91 62.05
N GLU B 156 -22.74 -83.14 57.34
CA GLU B 156 -24.13 -82.82 57.05
C GLU B 156 -24.72 -83.60 55.86
N PRO B 157 -24.02 -83.68 54.73
CA PRO B 157 -24.53 -84.51 53.61
C PRO B 157 -24.69 -85.98 53.96
N SER B 158 -24.05 -86.45 55.04
CA SER B 158 -24.17 -87.83 55.51
C SER B 158 -23.66 -88.77 54.43
N ALA B 159 -24.38 -89.85 54.11
CA ALA B 159 -23.88 -90.89 53.22
C ALA B 159 -24.71 -91.02 51.95
N ALA B 160 -26.00 -91.35 52.08
CA ALA B 160 -26.85 -91.58 50.90
C ALA B 160 -26.82 -90.39 49.95
N ARG B 161 -26.85 -89.17 50.49
CA ARG B 161 -26.77 -87.98 49.64
C ARG B 161 -25.46 -87.97 48.85
N GLN B 162 -24.34 -88.15 49.55
CA GLN B 162 -23.06 -88.24 48.86
C GLN B 162 -22.96 -89.50 48.00
N ALA B 163 -23.76 -90.53 48.28
CA ALA B 163 -23.76 -91.73 47.47
C ALA B 163 -24.44 -91.48 46.13
N PHE B 164 -25.63 -90.86 46.15
CA PHE B 164 -26.32 -90.54 44.91
C PHE B 164 -25.56 -89.50 44.10
N ARG B 165 -24.89 -88.55 44.77
CA ARG B 165 -24.16 -87.52 44.05
C ARG B 165 -23.05 -88.12 43.21
N LYS B 166 -22.31 -89.09 43.76
CA LYS B 166 -21.23 -89.71 43.00
C LYS B 166 -21.75 -90.66 41.93
N LYS B 167 -22.90 -91.30 42.18
CA LYS B 167 -23.51 -92.16 41.19
C LYS B 167 -24.19 -91.38 40.07
N LEU B 168 -24.50 -90.10 40.31
CA LEU B 168 -25.15 -89.29 39.28
C LEU B 168 -24.13 -88.73 38.29
N ARG B 169 -22.98 -88.26 38.79
CA ARG B 169 -21.96 -87.72 37.90
C ARG B 169 -21.35 -88.82 37.04
N GLU B 170 -20.92 -89.92 37.67
CA GLU B 170 -20.24 -90.99 36.94
C GLU B 170 -21.23 -91.92 36.23
N GLY B 171 -22.44 -92.07 36.76
CA GLY B 171 -23.37 -93.05 36.24
C GLY B 171 -24.29 -92.51 35.16
N GLN B 172 -24.74 -93.43 34.30
CA GLN B 172 -25.73 -93.16 33.28
C GLN B 172 -27.15 -93.40 33.76
N LEU B 173 -27.36 -93.47 35.09
CA LEU B 173 -28.66 -93.76 35.68
C LEU B 173 -29.72 -92.69 35.38
N ASP B 174 -29.38 -91.61 34.67
CA ASP B 174 -30.33 -90.55 34.38
C ASP B 174 -31.53 -91.02 33.56
N ASP B 175 -31.46 -92.21 32.96
CA ASP B 175 -32.60 -92.73 32.20
C ASP B 175 -33.80 -93.02 33.09
N LYS B 176 -33.61 -93.13 34.41
CA LYS B 176 -34.71 -93.41 35.31
C LYS B 176 -35.70 -92.25 35.30
N GLU B 177 -36.97 -92.58 35.58
CA GLU B 177 -38.04 -91.58 35.60
C GLU B 177 -38.11 -90.97 37.00
N ILE B 178 -37.95 -89.65 37.08
CA ILE B 178 -37.99 -88.92 38.34
C ILE B 178 -38.96 -87.75 38.19
N GLU B 179 -39.80 -87.54 39.20
CA GLU B 179 -40.80 -86.50 39.19
C GLU B 179 -40.25 -85.28 39.96
N ILE B 180 -40.04 -84.18 39.24
CA ILE B 180 -39.44 -82.97 39.80
C ILE B 180 -40.39 -81.79 39.57
N ASP B 181 -40.40 -80.87 40.52
CA ASP B 181 -41.19 -79.65 40.40
C ASP B 181 -40.44 -78.61 39.57
N LEU B 182 -41.11 -78.08 38.56
CA LEU B 182 -40.50 -77.07 37.69
C LEU B 182 -41.46 -75.93 37.39
N ALA B 218 -45.42 -79.56 39.46
CA ALA B 218 -44.88 -80.92 39.51
C ALA B 218 -45.16 -81.68 38.23
N ARG B 219 -44.10 -82.27 37.65
CA ARG B 219 -44.24 -83.07 36.45
C ARG B 219 -43.16 -84.15 36.44
N LYS B 220 -43.50 -85.30 35.87
CA LYS B 220 -42.59 -86.43 35.78
C LYS B 220 -41.72 -86.29 34.55
N LEU B 221 -40.43 -86.59 34.70
CA LEU B 221 -39.46 -86.43 33.62
C LEU B 221 -38.40 -87.51 33.74
N LYS B 222 -37.37 -87.41 32.90
CA LYS B 222 -36.18 -88.24 32.97
C LYS B 222 -35.00 -87.36 33.34
N ILE B 223 -34.13 -87.87 34.21
CA ILE B 223 -33.02 -87.06 34.73
C ILE B 223 -32.14 -86.53 33.60
N LYS B 224 -32.01 -87.28 32.51
CA LYS B 224 -31.24 -86.78 31.37
C LYS B 224 -31.87 -85.51 30.81
N ASP B 225 -33.17 -85.53 30.58
CA ASP B 225 -33.89 -84.34 30.12
C ASP B 225 -34.23 -83.37 31.26
N ALA B 226 -34.28 -83.86 32.50
CA ALA B 226 -34.56 -82.97 33.62
C ALA B 226 -33.33 -82.20 34.07
N MSE B 227 -32.13 -82.78 33.91
CA MSE B 227 -30.93 -82.04 34.25
C MSE B 227 -30.69 -80.83 33.36
O MSE B 227 -30.39 -79.74 33.86
CB MSE B 227 -29.71 -82.97 34.18
CG MSE B 227 -28.41 -82.34 34.55
SE MSE B 227 -28.29 -82.50 36.50
CE MSE B 227 -27.92 -84.41 36.68
N LYS B 228 -30.90 -81.00 32.05
CA LYS B 228 -30.70 -79.87 31.13
C LYS B 228 -31.75 -78.78 31.35
N LEU B 229 -32.97 -79.16 31.71
CA LEU B 229 -34.01 -78.17 31.99
C LEU B 229 -33.82 -77.52 33.36
N LEU B 230 -33.15 -78.20 34.30
CA LEU B 230 -32.84 -77.59 35.59
C LEU B 230 -31.68 -76.60 35.48
N ILE B 231 -30.73 -76.86 34.59
CA ILE B 231 -29.62 -75.92 34.39
C ILE B 231 -30.13 -74.58 33.87
N GLU B 232 -31.13 -74.62 32.99
CA GLU B 232 -31.69 -73.38 32.45
C GLU B 232 -32.35 -72.54 33.54
N GLU B 233 -33.10 -73.20 34.43
CA GLU B 233 -33.79 -72.45 35.48
C GLU B 233 -32.80 -71.87 36.48
N GLU B 234 -31.72 -72.60 36.77
CA GLU B 234 -30.72 -72.11 37.72
C GLU B 234 -29.78 -71.09 37.09
N ALA B 235 -29.45 -71.25 35.81
CA ALA B 235 -28.58 -70.28 35.16
C ALA B 235 -29.26 -68.94 34.96
N ALA B 236 -30.59 -68.93 34.87
CA ALA B 236 -31.31 -67.68 34.64
C ALA B 236 -31.24 -66.77 35.86
N LYS B 237 -31.22 -67.33 37.06
CA LYS B 237 -31.14 -66.56 38.29
C LYS B 237 -29.73 -66.02 38.56
N LEU B 238 -28.71 -66.64 37.97
CA LEU B 238 -27.34 -66.17 38.18
C LEU B 238 -27.00 -64.98 37.28
N VAL B 239 -27.60 -64.88 36.10
CA VAL B 239 -27.31 -63.80 35.16
C VAL B 239 -28.27 -62.65 35.41
N ASN B 240 -27.72 -61.47 35.67
CA ASN B 240 -28.49 -60.27 35.94
C ASN B 240 -28.38 -59.33 34.74
N PRO B 241 -29.47 -59.05 34.03
CA PRO B 241 -29.35 -58.18 32.84
C PRO B 241 -28.92 -56.77 33.16
N GLU B 242 -29.22 -56.27 34.36
CA GLU B 242 -28.81 -54.89 34.70
C GLU B 242 -27.32 -54.80 34.94
N GLU B 243 -26.77 -55.69 35.78
CA GLU B 243 -25.33 -55.68 36.03
C GLU B 243 -24.55 -56.03 34.77
N LEU B 244 -25.04 -57.00 34.00
CA LEU B 244 -24.35 -57.41 32.77
C LEU B 244 -24.28 -56.25 31.78
N LYS B 245 -25.39 -55.52 31.60
CA LYS B 245 -25.36 -54.38 30.68
C LYS B 245 -24.59 -53.21 31.27
N GLN B 246 -24.62 -53.04 32.59
CA GLN B 246 -23.90 -51.92 33.20
C GLN B 246 -22.40 -52.20 33.27
N ASP B 247 -22.01 -53.43 33.63
CA ASP B 247 -20.59 -53.77 33.61
C ASP B 247 -20.01 -53.64 32.21
N ALA B 248 -20.83 -53.87 31.18
CA ALA B 248 -20.38 -53.60 29.81
C ALA B 248 -20.07 -52.12 29.63
N ILE B 249 -20.80 -51.24 30.33
CA ILE B 249 -20.52 -49.81 30.23
C ILE B 249 -19.27 -49.44 31.02
N ASP B 250 -19.12 -49.99 32.23
CA ASP B 250 -17.90 -49.73 33.00
C ASP B 250 -16.66 -50.20 32.25
N ALA B 251 -16.77 -51.35 31.57
CA ALA B 251 -15.63 -51.85 30.79
C ALA B 251 -15.26 -50.87 29.68
N VAL B 252 -16.27 -50.24 29.06
CA VAL B 252 -15.97 -49.29 27.99
C VAL B 252 -15.52 -47.96 28.56
N GLU B 253 -16.17 -47.47 29.61
CA GLU B 253 -15.80 -46.16 30.16
C GLU B 253 -14.44 -46.20 30.81
N GLN B 254 -14.11 -47.29 31.51
CA GLN B 254 -12.86 -47.39 32.26
C GLN B 254 -11.75 -48.08 31.47
N HIS B 255 -11.95 -49.35 31.11
CA HIS B 255 -10.91 -50.15 30.49
C HIS B 255 -10.90 -50.08 28.96
N GLY B 256 -11.77 -49.27 28.37
CA GLY B 256 -11.90 -49.28 26.92
C GLY B 256 -10.62 -48.85 26.23
N ILE B 257 -10.33 -49.49 25.10
CA ILE B 257 -9.15 -49.21 24.29
C ILE B 257 -9.57 -49.17 22.82
N VAL B 258 -9.26 -48.07 22.14
CA VAL B 258 -9.62 -47.86 20.75
C VAL B 258 -8.36 -47.68 19.93
N PHE B 259 -8.29 -48.37 18.79
CA PHE B 259 -7.12 -48.33 17.91
C PHE B 259 -7.56 -47.79 16.56
N ILE B 260 -6.94 -46.69 16.13
CA ILE B 260 -7.25 -46.04 14.87
C ILE B 260 -6.12 -46.35 13.90
N ASP B 261 -6.40 -47.19 12.91
CA ASP B 261 -5.40 -47.56 11.92
C ASP B 261 -5.27 -46.47 10.85
N GLU B 262 -4.09 -46.43 10.23
CA GLU B 262 -3.79 -45.55 9.09
C GLU B 262 -4.26 -44.11 9.30
N ILE B 263 -4.06 -43.60 10.52
CA ILE B 263 -4.41 -42.21 10.82
C ILE B 263 -3.54 -41.22 10.09
N ASP B 264 -2.42 -41.66 9.50
CA ASP B 264 -1.61 -40.75 8.71
C ASP B 264 -2.31 -40.33 7.42
N LYS B 265 -3.23 -41.15 6.90
CA LYS B 265 -3.85 -40.83 5.62
C LYS B 265 -4.85 -39.68 5.70
N ILE B 266 -5.27 -39.27 6.90
CA ILE B 266 -6.21 -38.17 7.05
C ILE B 266 -5.53 -36.82 7.23
N CYS B 267 -4.21 -36.77 7.15
CA CYS B 267 -3.48 -35.51 7.20
C CYS B 267 -3.57 -34.80 5.85
N LYS B 268 -3.37 -33.48 5.88
CA LYS B 268 -3.46 -32.65 4.69
C LYS B 268 -2.33 -32.94 3.70
N SER B 273 -6.30 -29.20 -1.49
CA SER B 273 -7.35 -28.30 -1.03
C SER B 273 -8.70 -29.01 -0.98
N GLY B 274 -9.06 -29.66 -2.08
CA GLY B 274 -10.32 -30.37 -2.17
C GLY B 274 -10.43 -31.54 -1.21
N PRO B 275 -9.50 -32.50 -1.30
CA PRO B 275 -9.52 -33.62 -0.34
C PRO B 275 -9.12 -33.22 1.07
N ASP B 276 -8.42 -32.11 1.26
CA ASP B 276 -7.92 -31.76 2.59
C ASP B 276 -9.03 -31.33 3.52
N VAL B 277 -10.12 -30.76 3.00
CA VAL B 277 -11.24 -30.37 3.85
C VAL B 277 -11.94 -31.60 4.42
N SER B 278 -12.09 -32.65 3.60
CA SER B 278 -12.68 -33.91 4.07
C SER B 278 -11.71 -34.72 4.92
N ARG B 279 -10.40 -34.53 4.75
CA ARG B 279 -9.42 -35.25 5.57
C ARG B 279 -9.37 -34.67 6.98
N GLU B 280 -9.24 -33.35 7.10
CA GLU B 280 -9.20 -32.72 8.42
C GLU B 280 -10.53 -32.84 9.16
N GLY B 281 -11.64 -32.96 8.42
CA GLY B 281 -12.93 -33.14 9.07
C GLY B 281 -13.00 -34.39 9.91
N VAL B 282 -12.33 -35.47 9.48
CA VAL B 282 -12.27 -36.67 10.30
C VAL B 282 -11.55 -36.40 11.60
N GLN B 283 -10.51 -35.55 11.57
CA GLN B 283 -9.83 -35.17 12.81
C GLN B 283 -10.75 -34.32 13.69
N ARG B 284 -11.49 -33.39 13.09
CA ARG B 284 -12.44 -32.59 13.86
C ARG B 284 -13.58 -33.43 14.41
N ASP B 285 -13.97 -34.49 13.71
CA ASP B 285 -15.01 -35.37 14.23
C ASP B 285 -14.44 -36.30 15.30
N LEU B 286 -13.21 -36.76 15.12
CA LEU B 286 -12.56 -37.56 16.16
C LEU B 286 -12.18 -36.74 17.37
N LEU B 287 -12.15 -35.41 17.24
CA LEU B 287 -11.66 -34.57 18.33
C LEU B 287 -12.48 -34.69 19.62
N PRO B 288 -13.82 -34.58 19.60
CA PRO B 288 -14.57 -34.73 20.86
C PRO B 288 -14.43 -36.09 21.50
N LEU B 289 -14.06 -37.13 20.74
CA LEU B 289 -13.86 -38.44 21.35
C LEU B 289 -12.64 -38.44 22.26
N VAL B 290 -11.49 -37.99 21.74
CA VAL B 290 -10.28 -37.99 22.57
C VAL B 290 -10.36 -36.94 23.66
N GLU B 291 -11.01 -35.80 23.40
CA GLU B 291 -11.23 -34.81 24.44
C GLU B 291 -12.24 -35.28 25.48
N GLY B 292 -13.08 -36.25 25.11
CA GLY B 292 -14.12 -36.78 25.97
C GLY B 292 -15.48 -36.20 25.65
N CYS B 293 -16.51 -37.04 25.77
CA CYS B 293 -17.87 -36.68 25.43
C CYS B 293 -18.77 -37.82 25.89
N THR B 294 -20.04 -37.72 25.53
CA THR B 294 -21.02 -38.76 25.80
C THR B 294 -21.57 -39.28 24.48
N VAL B 295 -21.55 -40.60 24.31
CA VAL B 295 -22.07 -41.25 23.12
C VAL B 295 -23.24 -42.13 23.54
N SER B 296 -24.35 -42.01 22.82
CA SER B 296 -25.58 -42.75 23.13
C SER B 296 -25.58 -44.05 22.33
N THR B 297 -25.72 -45.16 23.03
CA THR B 297 -25.80 -46.49 22.43
C THR B 297 -27.07 -47.18 22.90
N LYS B 298 -27.45 -48.23 22.16
CA LYS B 298 -28.65 -48.98 22.51
C LYS B 298 -28.56 -49.61 23.89
N HIS B 299 -27.35 -49.83 24.42
CA HIS B 299 -27.19 -50.42 25.73
C HIS B 299 -27.18 -49.39 26.85
N GLY B 300 -27.00 -48.11 26.53
CA GLY B 300 -27.03 -47.08 27.54
C GLY B 300 -26.13 -45.92 27.14
N MSE B 301 -25.76 -45.15 28.15
CA MSE B 301 -24.93 -43.96 27.97
C MSE B 301 -23.47 -44.29 28.27
O MSE B 301 -23.17 -44.85 29.32
CB MSE B 301 -25.42 -42.85 28.90
CG MSE B 301 -25.56 -41.49 28.25
SE MSE B 301 -26.79 -41.49 26.73
CE MSE B 301 -28.40 -42.13 27.64
N VAL B 302 -22.58 -43.94 27.35
CA VAL B 302 -21.16 -44.25 27.45
C VAL B 302 -20.36 -42.97 27.38
N LYS B 303 -19.42 -42.80 28.31
CA LYS B 303 -18.58 -41.62 28.40
C LYS B 303 -17.16 -41.98 27.97
N THR B 304 -16.62 -41.23 27.01
CA THR B 304 -15.34 -41.52 26.39
C THR B 304 -14.16 -40.82 27.05
N ASP B 305 -14.38 -40.13 28.18
CA ASP B 305 -13.30 -39.39 28.83
C ASP B 305 -12.10 -40.27 29.11
N HIS B 306 -12.32 -41.43 29.70
CA HIS B 306 -11.24 -42.28 30.17
C HIS B 306 -10.81 -43.34 29.17
N ILE B 307 -11.38 -43.34 27.97
CA ILE B 307 -11.01 -44.34 26.98
C ILE B 307 -9.61 -44.05 26.45
N LEU B 308 -8.80 -45.11 26.32
CA LEU B 308 -7.45 -45.00 25.78
C LEU B 308 -7.49 -45.15 24.27
N PHE B 309 -6.82 -44.23 23.58
CA PHE B 309 -6.80 -44.21 22.11
C PHE B 309 -5.39 -44.39 21.61
N ILE B 310 -5.21 -45.30 20.66
CA ILE B 310 -3.90 -45.62 20.08
C ILE B 310 -4.03 -45.43 18.58
N ALA B 311 -3.30 -44.45 18.04
CA ALA B 311 -3.33 -44.13 16.63
C ALA B 311 -2.05 -44.59 15.96
N SER B 312 -2.16 -45.18 14.77
CA SER B 312 -1.01 -45.68 14.05
C SER B 312 -1.00 -45.14 12.63
N GLY B 313 0.18 -45.13 12.02
CA GLY B 313 0.33 -44.70 10.65
C GLY B 313 1.74 -44.91 10.17
N ALA B 314 1.88 -44.97 8.84
CA ALA B 314 3.20 -45.10 8.24
C ALA B 314 3.96 -43.77 8.30
N PHE B 315 3.25 -42.66 8.07
CA PHE B 315 3.83 -41.32 8.13
C PHE B 315 4.98 -41.13 7.12
N GLN B 316 4.93 -41.85 6.00
CA GLN B 316 5.89 -41.60 4.93
C GLN B 316 5.47 -40.40 4.09
N ILE B 317 4.18 -40.30 3.76
CA ILE B 317 3.71 -39.19 2.93
C ILE B 317 3.60 -37.92 3.75
N ALA B 318 3.00 -37.99 4.93
CA ALA B 318 2.82 -36.85 5.81
C ALA B 318 3.59 -37.07 7.11
N LYS B 319 3.49 -36.11 8.02
CA LYS B 319 4.17 -36.13 9.29
C LYS B 319 3.18 -35.81 10.40
N PRO B 320 3.46 -36.21 11.64
CA PRO B 320 2.54 -35.88 12.74
C PRO B 320 2.33 -34.39 12.94
N SER B 321 3.25 -33.55 12.47
CA SER B 321 3.01 -32.11 12.51
C SER B 321 1.86 -31.68 11.60
N ASP B 322 1.50 -32.51 10.62
CA ASP B 322 0.38 -32.19 9.73
C ASP B 322 -0.98 -32.41 10.38
N LEU B 323 -1.02 -33.05 11.54
CA LEU B 323 -2.27 -33.15 12.28
C LEU B 323 -2.68 -31.79 12.81
N ILE B 324 -3.98 -31.65 13.09
CA ILE B 324 -4.51 -30.42 13.67
C ILE B 324 -3.94 -30.24 15.08
N PRO B 325 -3.69 -29.00 15.52
CA PRO B 325 -3.04 -28.83 16.84
C PRO B 325 -3.84 -29.39 18.01
N GLU B 326 -5.17 -29.36 17.95
CA GLU B 326 -5.95 -29.88 19.06
C GLU B 326 -5.82 -31.39 19.19
N LEU B 327 -5.54 -32.09 18.08
CA LEU B 327 -5.35 -33.53 18.12
C LEU B 327 -3.94 -33.91 18.58
N GLN B 328 -2.94 -33.08 18.25
CA GLN B 328 -1.59 -33.35 18.72
C GLN B 328 -1.50 -33.25 20.23
N GLY B 329 -2.18 -32.26 20.83
CA GLY B 329 -2.21 -32.15 22.28
C GLY B 329 -2.93 -33.28 22.97
N ARG B 330 -3.74 -34.05 22.24
CA ARG B 330 -4.42 -35.21 22.78
C ARG B 330 -3.68 -36.51 22.53
N LEU B 331 -2.54 -36.48 21.84
CA LEU B 331 -1.71 -37.66 21.59
C LEU B 331 -0.29 -37.37 22.10
N PRO B 332 -0.12 -37.25 23.42
CA PRO B 332 1.20 -36.84 23.94
C PRO B 332 2.29 -37.90 23.78
N ILE B 333 1.94 -39.17 23.90
CA ILE B 333 2.93 -40.25 23.79
C ILE B 333 3.17 -40.56 22.32
N ARG B 334 4.43 -40.54 21.92
CA ARG B 334 4.82 -40.85 20.55
C ARG B 334 5.90 -41.92 20.57
N VAL B 335 5.82 -42.85 19.63
CA VAL B 335 6.80 -43.93 19.55
C VAL B 335 6.96 -44.33 18.09
N GLU B 336 8.20 -44.64 17.70
CA GLU B 336 8.50 -45.16 16.38
C GLU B 336 8.80 -46.65 16.47
N LEU B 337 8.23 -47.43 15.55
CA LEU B 337 8.49 -48.86 15.47
C LEU B 337 9.46 -49.13 14.33
N GLN B 338 10.51 -49.90 14.63
CA GLN B 338 11.52 -50.20 13.63
C GLN B 338 11.03 -51.28 12.68
N ALA B 339 11.41 -51.16 11.41
CA ALA B 339 11.05 -52.16 10.43
C ALA B 339 11.72 -53.48 10.76
N LEU B 340 11.05 -54.58 10.42
CA LEU B 340 11.58 -55.91 10.74
C LEU B 340 12.67 -56.31 9.77
N THR B 341 13.55 -57.17 10.24
CA THR B 341 14.67 -57.68 9.45
C THR B 341 14.56 -59.20 9.34
N THR B 342 15.49 -59.79 8.57
CA THR B 342 15.51 -61.24 8.42
C THR B 342 15.72 -61.92 9.77
N SER B 343 16.58 -61.36 10.61
CA SER B 343 16.77 -61.89 11.95
C SER B 343 15.48 -61.82 12.77
N ASP B 344 14.65 -60.81 12.52
CA ASP B 344 13.38 -60.71 13.23
C ASP B 344 12.39 -61.77 12.74
N PHE B 345 12.41 -62.11 11.45
CA PHE B 345 11.48 -63.11 10.94
C PHE B 345 11.77 -64.48 11.53
N GLU B 346 13.05 -64.83 11.68
CA GLU B 346 13.40 -66.11 12.30
C GLU B 346 12.88 -66.19 13.73
N ARG B 347 12.92 -65.07 14.46
CA ARG B 347 12.47 -65.08 15.85
C ARG B 347 10.96 -65.18 15.96
N ILE B 348 10.22 -64.58 15.03
CA ILE B 348 8.77 -64.62 15.08
C ILE B 348 8.25 -66.03 14.80
N LEU B 349 8.98 -66.82 14.02
CA LEU B 349 8.53 -68.15 13.65
C LEU B 349 8.57 -69.13 14.81
N THR B 350 9.32 -68.84 15.87
CA THR B 350 9.49 -69.80 16.96
C THR B 350 9.19 -69.21 18.33
N GLU B 351 9.95 -68.18 18.72
CA GLU B 351 9.90 -67.62 20.07
C GLU B 351 8.50 -67.35 20.62
N PRO B 352 7.60 -66.66 19.91
CA PRO B 352 6.31 -66.32 20.52
C PRO B 352 5.51 -67.58 20.89
N ASN B 353 4.83 -67.50 22.04
CA ASN B 353 3.97 -68.58 22.47
C ASN B 353 2.92 -68.85 21.40
N ALA B 354 2.74 -70.13 21.06
CA ALA B 354 1.80 -70.56 20.03
C ALA B 354 2.10 -69.87 18.70
N SER B 355 3.38 -69.86 18.32
CA SER B 355 3.79 -69.32 17.04
C SER B 355 3.29 -70.22 15.91
N ILE B 356 3.29 -69.65 14.70
CA ILE B 356 2.71 -70.33 13.54
C ILE B 356 3.37 -71.69 13.30
N THR B 357 4.66 -71.82 13.59
CA THR B 357 5.31 -73.13 13.48
C THR B 357 4.92 -74.03 14.64
N VAL B 358 4.73 -73.46 15.83
CA VAL B 358 4.23 -74.24 16.97
C VAL B 358 2.82 -74.73 16.70
N GLN B 359 1.97 -73.86 16.14
CA GLN B 359 0.62 -74.26 15.80
C GLN B 359 0.62 -75.39 14.78
N TYR B 360 1.48 -75.29 13.77
CA TYR B 360 1.51 -76.32 12.74
C TYR B 360 2.08 -77.63 13.26
N LYS B 361 3.04 -77.57 14.20
CA LYS B 361 3.53 -78.80 14.83
C LYS B 361 2.41 -79.50 15.58
N ALA B 362 1.53 -78.72 16.23
CA ALA B 362 0.41 -79.29 16.96
C ALA B 362 -0.76 -79.69 16.06
N LEU B 363 -0.97 -78.95 14.96
CA LEU B 363 -2.06 -79.30 14.06
C LEU B 363 -1.79 -80.63 13.36
N MSE B 364 -0.55 -80.84 12.93
CA MSE B 364 -0.17 -82.09 12.28
C MSE B 364 -0.14 -83.24 13.27
O MSE B 364 -0.35 -84.40 12.89
CB MSE B 364 1.20 -81.94 11.61
CG MSE B 364 1.23 -80.92 10.48
SE MSE B 364 -0.08 -81.28 9.09
CE MSE B 364 -1.43 -79.98 9.64
N ALA B 365 0.14 -82.92 14.54
CA ALA B 365 0.13 -83.95 15.57
C ALA B 365 -1.24 -84.57 15.75
N THR B 366 -2.30 -83.80 15.43
CA THR B 366 -3.65 -84.34 15.52
C THR B 366 -3.85 -85.50 14.55
N GLU B 367 -3.27 -85.40 13.36
CA GLU B 367 -3.34 -86.48 12.38
C GLU B 367 -2.40 -87.63 12.70
N GLY B 368 -1.52 -87.47 13.68
CA GLY B 368 -0.55 -88.49 14.01
C GLY B 368 0.82 -88.34 13.37
N VAL B 369 1.18 -87.14 12.93
CA VAL B 369 2.47 -86.88 12.28
C VAL B 369 3.27 -85.95 13.17
N ASN B 370 4.58 -86.17 13.23
CA ASN B 370 5.49 -85.34 13.99
C ASN B 370 6.30 -84.47 13.03
N ILE B 371 6.17 -83.15 13.18
CA ILE B 371 6.85 -82.19 12.33
C ILE B 371 8.00 -81.58 13.11
N GLU B 372 9.17 -81.50 12.49
CA GLU B 372 10.35 -80.90 13.09
C GLU B 372 10.97 -79.93 12.08
N PHE B 373 11.08 -78.67 12.48
CA PHE B 373 11.72 -77.64 11.66
C PHE B 373 13.16 -77.48 12.12
N THR B 374 14.10 -77.74 11.23
CA THR B 374 15.52 -77.55 11.55
C THR B 374 15.84 -76.06 11.62
N ASP B 375 16.94 -75.75 12.33
CA ASP B 375 17.36 -74.35 12.45
C ASP B 375 17.73 -73.78 11.08
N SER B 376 18.39 -74.57 10.24
CA SER B 376 18.75 -74.11 8.91
C SER B 376 17.58 -74.07 7.95
N GLY B 377 16.51 -74.83 8.23
CA GLY B 377 15.31 -74.78 7.43
C GLY B 377 14.48 -73.54 7.72
N ILE B 378 14.37 -73.20 9.01
CA ILE B 378 13.67 -71.98 9.41
C ILE B 378 14.37 -70.76 8.86
N LYS B 379 15.71 -70.78 8.83
CA LYS B 379 16.46 -69.64 8.30
C LYS B 379 16.17 -69.42 6.83
N ARG B 380 15.99 -70.51 6.06
CA ARG B 380 15.64 -70.37 4.66
C ARG B 380 14.16 -70.09 4.45
N ILE B 381 13.33 -70.30 5.48
CA ILE B 381 11.94 -69.85 5.40
C ILE B 381 11.87 -68.34 5.52
N ALA B 382 12.63 -67.75 6.44
CA ALA B 382 12.65 -66.30 6.59
C ALA B 382 13.25 -65.61 5.38
N GLU B 383 14.19 -66.27 4.69
CA GLU B 383 14.77 -65.67 3.49
C GLU B 383 13.80 -65.68 2.32
N ALA B 384 12.91 -66.66 2.27
CA ALA B 384 11.89 -66.69 1.21
C ALA B 384 10.91 -65.53 1.37
N ALA B 385 10.43 -65.31 2.59
CA ALA B 385 9.49 -64.22 2.83
C ALA B 385 10.13 -62.86 2.65
N TRP B 386 11.40 -62.72 3.02
CA TRP B 386 12.11 -61.46 2.82
C TRP B 386 12.26 -61.14 1.34
N GLN B 387 12.55 -62.15 0.52
CA GLN B 387 12.74 -61.90 -0.90
C GLN B 387 11.43 -61.49 -1.57
N VAL B 388 10.32 -62.11 -1.18
CA VAL B 388 9.03 -61.75 -1.77
C VAL B 388 8.63 -60.33 -1.39
N ASN B 389 8.86 -59.95 -0.12
CA ASN B 389 8.54 -58.59 0.30
C ASN B 389 9.41 -57.56 -0.40
N GLU B 390 10.63 -57.94 -0.78
CA GLU B 390 11.52 -57.04 -1.50
C GLU B 390 11.26 -57.04 -3.00
N SER B 391 10.89 -58.19 -3.57
CA SER B 391 10.75 -58.29 -5.01
C SER B 391 9.47 -57.63 -5.52
N THR B 392 8.41 -57.59 -4.70
CA THR B 392 7.12 -57.11 -5.13
C THR B 392 6.67 -56.02 -4.17
N GLU B 393 5.77 -56.35 -3.23
CA GLU B 393 5.23 -55.38 -2.28
C GLU B 393 5.55 -55.85 -0.87
N ASN B 394 5.93 -54.91 -0.01
CA ASN B 394 6.27 -55.21 1.37
C ASN B 394 5.00 -55.20 2.20
N ILE B 395 4.55 -56.40 2.62
CA ILE B 395 3.40 -56.51 3.49
C ILE B 395 3.79 -56.75 4.95
N GLY B 396 5.08 -56.75 5.26
CA GLY B 396 5.52 -56.93 6.63
C GLY B 396 5.63 -58.40 7.01
N ALA B 397 5.47 -58.66 8.30
CA ALA B 397 5.55 -60.03 8.82
C ALA B 397 4.38 -60.90 8.37
N ARG B 398 3.35 -60.31 7.76
CA ARG B 398 2.23 -61.11 7.25
C ARG B 398 2.65 -62.07 6.15
N ARG B 399 3.82 -61.85 5.53
CA ARG B 399 4.30 -62.74 4.49
C ARG B 399 4.64 -64.13 5.04
N LEU B 400 5.02 -64.21 6.32
CA LEU B 400 5.31 -65.50 6.92
C LEU B 400 4.10 -66.41 6.94
N HIS B 401 2.88 -65.82 6.98
CA HIS B 401 1.67 -66.63 6.98
C HIS B 401 1.47 -67.34 5.65
N THR B 402 1.50 -66.59 4.54
CA THR B 402 1.23 -67.19 3.24
C THR B 402 2.35 -68.11 2.79
N VAL B 403 3.60 -67.80 3.15
CA VAL B 403 4.72 -68.64 2.73
C VAL B 403 4.63 -70.02 3.38
N LEU B 404 4.22 -70.07 4.65
CA LEU B 404 4.16 -71.34 5.37
C LEU B 404 3.14 -72.28 4.75
N GLU B 405 1.93 -71.78 4.50
CA GLU B 405 0.86 -72.64 4.03
C GLU B 405 1.14 -73.20 2.63
N ARG B 406 1.83 -72.44 1.79
CA ARG B 406 2.23 -72.97 0.48
C ARG B 406 3.28 -74.06 0.64
N LEU B 407 4.21 -73.90 1.59
CA LEU B 407 5.19 -74.93 1.86
C LEU B 407 4.55 -76.17 2.48
N MSE B 408 3.49 -75.98 3.25
CA MSE B 408 2.88 -77.04 4.03
C MSE B 408 1.66 -77.69 3.37
O MSE B 408 1.05 -78.59 3.95
CB MSE B 408 2.48 -76.51 5.39
CG MSE B 408 3.63 -76.04 6.25
SE MSE B 408 4.63 -77.54 6.96
CE MSE B 408 5.97 -77.75 5.55
N GLU B 409 1.31 -77.22 2.17
CA GLU B 409 0.08 -77.66 1.55
C GLU B 409 0.08 -79.15 1.25
N GLU B 410 1.23 -79.71 0.89
CA GLU B 410 1.30 -81.14 0.60
C GLU B 410 1.25 -81.95 1.89
N ILE B 411 1.93 -81.49 2.94
CA ILE B 411 1.95 -82.24 4.19
C ILE B 411 0.60 -82.18 4.88
N SER B 412 -0.06 -81.02 4.84
CA SER B 412 -1.38 -80.88 5.45
C SER B 412 -2.41 -81.74 4.74
N TYR B 413 -2.26 -81.94 3.43
CA TYR B 413 -3.20 -82.77 2.70
C TYR B 413 -2.94 -84.25 2.96
N ASP B 414 -1.68 -84.66 2.99
CA ASP B 414 -1.31 -86.05 3.21
C ASP B 414 -1.13 -86.39 4.67
N ALA B 415 -1.41 -85.46 5.59
CA ALA B 415 -1.19 -85.72 7.02
C ALA B 415 -1.98 -86.92 7.50
N SER B 416 -3.14 -87.19 6.89
CA SER B 416 -3.94 -88.35 7.29
C SER B 416 -3.23 -89.65 6.94
N ASP B 417 -2.60 -89.71 5.76
CA ASP B 417 -1.89 -90.90 5.32
C ASP B 417 -0.46 -90.97 5.86
N LEU B 418 0.09 -89.87 6.37
CA LEU B 418 1.43 -89.85 6.92
C LEU B 418 1.47 -90.19 8.40
N SER B 419 0.33 -90.56 8.99
CA SER B 419 0.27 -90.86 10.41
C SER B 419 1.31 -91.92 10.78
N GLY B 420 1.97 -91.69 11.92
CA GLY B 420 3.01 -92.58 12.38
C GLY B 420 4.39 -92.28 11.87
N GLN B 421 4.58 -91.16 11.17
CA GLN B 421 5.86 -90.81 10.58
C GLN B 421 6.38 -89.50 11.17
N ASN B 422 7.70 -89.35 11.14
CA ASN B 422 8.36 -88.14 11.61
C ASN B 422 8.84 -87.38 10.38
N ILE B 423 8.23 -86.24 10.10
CA ILE B 423 8.59 -85.41 8.96
C ILE B 423 9.48 -84.28 9.45
N THR B 424 10.70 -84.22 8.93
CA THR B 424 11.66 -83.18 9.29
C THR B 424 11.74 -82.18 8.15
N ILE B 425 11.44 -80.92 8.44
CA ILE B 425 11.46 -79.86 7.43
C ILE B 425 12.84 -79.21 7.48
N ASP B 426 13.64 -79.46 6.45
CA ASP B 426 15.00 -78.97 6.36
C ASP B 426 15.09 -77.86 5.32
N ALA B 427 16.31 -77.34 5.14
CA ALA B 427 16.54 -76.31 4.12
C ALA B 427 16.35 -76.87 2.72
N ASP B 428 16.58 -78.17 2.53
CA ASP B 428 16.38 -78.77 1.21
C ASP B 428 14.90 -78.93 0.89
N TYR B 429 14.08 -79.23 1.90
CA TYR B 429 12.64 -79.31 1.67
C TYR B 429 12.05 -77.93 1.40
N VAL B 430 12.56 -76.91 2.08
CA VAL B 430 12.08 -75.54 1.85
C VAL B 430 12.41 -75.09 0.44
N SER B 431 13.69 -75.18 0.06
CA SER B 431 14.12 -74.77 -1.28
C SER B 431 13.53 -75.65 -2.38
N LYS B 432 12.96 -76.80 -2.03
CA LYS B 432 12.33 -77.65 -3.03
C LYS B 432 10.93 -77.15 -3.40
N HIS B 433 10.15 -76.71 -2.41
CA HIS B 433 8.78 -76.28 -2.61
C HIS B 433 8.63 -74.77 -2.76
N LEU B 434 9.72 -74.00 -2.65
CA LEU B 434 9.64 -72.54 -2.64
C LEU B 434 10.44 -71.91 -3.77
N ASP B 435 11.75 -72.14 -3.82
CA ASP B 435 12.63 -71.41 -4.74
C ASP B 435 12.11 -71.40 -6.17
N ALA B 436 11.35 -72.42 -6.56
CA ALA B 436 10.74 -72.40 -7.88
C ALA B 436 9.69 -71.30 -7.99
N LEU B 437 8.95 -71.06 -6.90
CA LEU B 437 7.91 -70.04 -6.92
C LEU B 437 8.50 -68.64 -6.79
N VAL B 438 9.42 -68.44 -5.84
CA VAL B 438 9.93 -67.11 -5.55
C VAL B 438 10.71 -66.54 -6.73
N ALA B 439 11.24 -67.40 -7.60
CA ALA B 439 11.99 -66.91 -8.75
C ALA B 439 11.10 -66.20 -9.75
N ASP B 440 9.84 -66.61 -9.86
CA ASP B 440 8.88 -66.03 -10.79
C ASP B 440 8.07 -64.97 -10.05
N GLU B 441 8.28 -63.70 -10.40
CA GLU B 441 7.60 -62.61 -9.71
C GLU B 441 6.14 -62.46 -10.13
N ASP B 442 5.83 -62.74 -11.40
CA ASP B 442 4.44 -62.67 -11.84
C ASP B 442 3.59 -63.71 -11.10
N LEU B 443 4.15 -64.90 -10.86
CA LEU B 443 3.43 -65.92 -10.10
C LEU B 443 3.51 -65.67 -8.60
N SER B 444 4.53 -64.95 -8.14
CA SER B 444 4.69 -64.70 -6.71
C SER B 444 3.59 -63.83 -6.15
N ARG B 445 3.03 -62.92 -6.97
CA ARG B 445 1.97 -62.05 -6.50
C ARG B 445 0.68 -62.82 -6.27
N PHE B 446 0.39 -63.80 -7.13
CA PHE B 446 -0.83 -64.60 -6.97
C PHE B 446 -0.66 -65.66 -5.87
N ILE B 447 0.44 -66.42 -5.91
CA ILE B 447 0.57 -67.60 -5.06
C ILE B 447 1.03 -67.24 -3.65
N LEU B 448 1.99 -66.33 -3.52
CA LEU B 448 2.55 -66.02 -2.21
C LEU B 448 2.12 -64.64 -1.72
N HIS C 5 -21.54 -80.73 15.30
CA HIS C 5 -20.15 -81.06 15.58
C HIS C 5 -19.29 -81.00 14.31
N HIS C 6 -17.98 -81.05 14.49
CA HIS C 6 -17.06 -81.00 13.35
C HIS C 6 -17.09 -82.32 12.60
N SER C 7 -17.10 -82.23 11.27
CA SER C 7 -17.16 -83.42 10.43
C SER C 7 -15.87 -84.22 10.55
N GLU C 8 -16.01 -85.55 10.57
CA GLU C 8 -14.88 -86.44 10.74
C GLU C 8 -14.19 -86.81 9.43
N MSE C 9 -14.65 -86.26 8.31
CA MSE C 9 -14.08 -86.62 7.01
C MSE C 9 -12.64 -86.10 6.86
O MSE C 9 -12.31 -85.03 7.36
CB MSE C 9 -14.97 -86.12 5.88
CG MSE C 9 -16.35 -86.76 5.84
SE MSE C 9 -17.48 -86.16 4.36
CE MSE C 9 -19.02 -87.32 4.65
N THR C 10 -11.82 -86.88 6.17
CA THR C 10 -10.44 -86.56 5.86
C THR C 10 -10.37 -85.78 4.55
N PRO C 11 -9.28 -85.03 4.33
CA PRO C 11 -9.15 -84.29 3.06
C PRO C 11 -9.35 -85.13 1.81
N ARG C 12 -8.96 -86.40 1.84
CA ARG C 12 -9.25 -87.27 0.71
C ARG C 12 -10.75 -87.58 0.64
N GLU C 13 -11.39 -87.77 1.79
CA GLU C 13 -12.82 -88.05 1.79
C GLU C 13 -13.64 -86.84 1.39
N ILE C 14 -13.13 -85.64 1.66
CA ILE C 14 -13.81 -84.42 1.23
C ILE C 14 -13.73 -84.27 -0.29
N VAL C 15 -12.52 -84.35 -0.84
CA VAL C 15 -12.35 -84.18 -2.28
C VAL C 15 -13.11 -85.25 -3.04
N SER C 16 -13.08 -86.49 -2.55
CA SER C 16 -13.83 -87.57 -3.20
C SER C 16 -15.32 -87.29 -3.20
N GLU C 17 -15.84 -86.65 -2.15
CA GLU C 17 -17.25 -86.30 -2.10
C GLU C 17 -17.55 -85.09 -2.98
N LEU C 18 -16.62 -84.14 -3.08
CA LEU C 18 -16.82 -83.00 -3.96
C LEU C 18 -16.82 -83.40 -5.43
N ASP C 19 -16.12 -84.49 -5.76
CA ASP C 19 -16.09 -84.97 -7.15
C ASP C 19 -17.47 -85.40 -7.63
N LYS C 20 -18.39 -85.72 -6.72
CA LYS C 20 -19.75 -86.08 -7.12
C LYS C 20 -20.51 -84.90 -7.69
N HIS C 21 -20.08 -83.67 -7.40
CA HIS C 21 -20.77 -82.47 -7.87
C HIS C 21 -19.90 -81.64 -8.80
N ILE C 22 -18.73 -81.19 -8.34
CA ILE C 22 -17.87 -80.36 -9.17
C ILE C 22 -17.00 -81.24 -10.06
N ILE C 23 -16.74 -80.78 -11.27
CA ILE C 23 -15.92 -81.50 -12.24
C ILE C 23 -14.56 -80.81 -12.32
N GLY C 24 -13.49 -81.58 -12.22
CA GLY C 24 -12.16 -81.01 -12.31
C GLY C 24 -11.83 -80.10 -11.13
N GLN C 25 -10.90 -79.19 -11.39
CA GLN C 25 -10.43 -78.23 -10.39
C GLN C 25 -9.96 -78.93 -9.12
N ASP C 26 -9.11 -79.95 -9.32
CA ASP C 26 -8.68 -80.78 -8.20
C ASP C 26 -7.90 -79.97 -7.18
N ASN C 27 -7.08 -79.03 -7.64
CA ASN C 27 -6.28 -78.22 -6.72
C ASN C 27 -7.17 -77.40 -5.79
N ALA C 28 -8.30 -76.92 -6.30
CA ALA C 28 -9.20 -76.14 -5.47
C ALA C 28 -9.91 -77.02 -4.45
N LYS C 29 -10.26 -78.25 -4.83
CA LYS C 29 -10.89 -79.15 -3.89
C LYS C 29 -9.94 -79.53 -2.76
N ARG C 30 -8.65 -79.68 -3.07
CA ARG C 30 -7.68 -79.98 -2.02
C ARG C 30 -7.50 -78.80 -1.08
N SER C 31 -7.71 -77.57 -1.57
CA SER C 31 -7.54 -76.39 -0.72
C SER C 31 -8.71 -76.24 0.24
N VAL C 32 -9.93 -76.48 -0.25
CA VAL C 32 -11.09 -76.39 0.64
C VAL C 32 -11.13 -77.56 1.61
N ALA C 33 -10.55 -78.70 1.23
CA ALA C 33 -10.54 -79.84 2.13
C ALA C 33 -9.63 -79.59 3.33
N ILE C 34 -8.47 -78.95 3.11
CA ILE C 34 -7.57 -78.62 4.20
C ILE C 34 -8.26 -77.66 5.18
N ALA C 35 -8.98 -76.67 4.65
CA ALA C 35 -9.65 -75.69 5.50
C ALA C 35 -10.72 -76.35 6.36
N LEU C 36 -11.50 -77.26 5.77
CA LEU C 36 -12.51 -77.96 6.55
C LEU C 36 -11.87 -78.95 7.52
N ARG C 37 -10.74 -79.55 7.14
CA ARG C 37 -10.08 -80.51 8.03
C ARG C 37 -9.46 -79.80 9.23
N ASN C 38 -8.96 -78.58 9.04
CA ASN C 38 -8.40 -77.83 10.15
C ASN C 38 -9.46 -77.47 11.20
N ARG C 39 -10.73 -77.46 10.81
CA ARG C 39 -11.80 -77.26 11.79
C ARG C 39 -11.81 -78.39 12.81
N TRP C 40 -11.64 -79.63 12.36
CA TRP C 40 -11.58 -80.76 13.26
C TRP C 40 -10.24 -80.85 13.98
N ARG C 41 -9.16 -80.39 13.35
CA ARG C 41 -7.86 -80.41 14.01
C ARG C 41 -7.80 -79.42 15.16
N ARG C 42 -8.48 -78.28 15.04
CA ARG C 42 -8.45 -77.30 16.11
C ARG C 42 -9.25 -77.76 17.32
N MSE C 43 -10.30 -78.56 17.12
CA MSE C 43 -11.12 -79.05 18.22
C MSE C 43 -10.32 -79.98 19.11
O MSE C 43 -10.65 -80.14 20.29
CB MSE C 43 -12.36 -79.78 17.69
CG MSE C 43 -13.42 -78.86 17.08
SE MSE C 43 -14.30 -77.72 18.40
CE MSE C 43 -14.97 -79.10 19.62
N GLN C 44 -9.29 -80.59 18.54
CA GLN C 44 -8.47 -81.56 19.27
C GLN C 44 -7.34 -80.92 20.06
N LEU C 45 -7.10 -79.62 19.89
CA LEU C 45 -6.02 -78.97 20.62
C LEU C 45 -6.51 -78.52 22.00
N ASN C 46 -5.60 -77.92 22.77
CA ASN C 46 -5.95 -77.46 24.10
C ASN C 46 -6.71 -76.14 24.01
N GLU C 47 -7.12 -75.63 25.17
CA GLU C 47 -7.95 -74.42 25.20
C GLU C 47 -7.18 -73.20 24.73
N GLU C 48 -5.88 -73.12 25.07
CA GLU C 48 -5.08 -71.97 24.64
C GLU C 48 -4.80 -72.00 23.15
N LEU C 49 -4.51 -73.18 22.59
CA LEU C 49 -4.26 -73.27 21.16
C LEU C 49 -5.52 -73.11 20.34
N ARG C 50 -6.70 -73.38 20.91
CA ARG C 50 -7.93 -73.17 20.16
C ARG C 50 -8.18 -71.70 19.88
N HIS C 51 -7.74 -70.81 20.79
CA HIS C 51 -7.93 -69.39 20.58
C HIS C 51 -6.95 -68.85 19.55
N GLU C 52 -5.67 -69.20 19.69
CA GLU C 52 -4.63 -68.63 18.83
C GLU C 52 -4.76 -69.10 17.38
N VAL C 53 -5.28 -70.32 17.17
CA VAL C 53 -5.43 -70.83 15.82
C VAL C 53 -6.67 -70.24 15.19
N THR C 54 -6.51 -69.58 14.06
CA THR C 54 -7.61 -69.00 13.31
C THR C 54 -7.75 -69.72 11.98
N PRO C 55 -8.95 -69.74 11.39
CA PRO C 55 -9.13 -70.44 10.12
C PRO C 55 -8.27 -69.86 9.02
N LYS C 56 -7.90 -70.71 8.07
CA LYS C 56 -7.09 -70.29 6.92
C LYS C 56 -8.05 -69.96 5.78
N ASN C 57 -8.16 -68.67 5.46
CA ASN C 57 -9.08 -68.23 4.42
C ASN C 57 -8.52 -68.53 3.04
N ILE C 58 -9.41 -68.73 2.07
CA ILE C 58 -9.05 -69.15 0.74
C ILE C 58 -9.39 -68.05 -0.24
N LEU C 59 -8.44 -67.70 -1.11
CA LEU C 59 -8.64 -66.75 -2.19
C LEU C 59 -8.49 -67.52 -3.50
N MSE C 60 -9.60 -67.72 -4.19
CA MSE C 60 -9.58 -68.46 -5.45
C MSE C 60 -9.36 -67.53 -6.63
O MSE C 60 -9.90 -66.43 -6.67
CB MSE C 60 -10.86 -69.25 -5.63
CG MSE C 60 -11.17 -70.21 -4.51
SE MSE C 60 -12.81 -71.18 -4.83
CE MSE C 60 -12.83 -72.27 -3.22
N ILE C 61 -8.57 -67.99 -7.60
CA ILE C 61 -8.24 -67.21 -8.78
C ILE C 61 -8.56 -68.04 -10.01
N GLY C 62 -9.32 -67.46 -10.94
CA GLY C 62 -9.65 -68.14 -12.18
C GLY C 62 -10.77 -67.47 -12.93
N PRO C 63 -10.97 -67.86 -14.19
CA PRO C 63 -12.04 -67.26 -15.00
C PRO C 63 -13.40 -67.61 -14.46
N THR C 64 -14.40 -66.85 -14.92
CA THR C 64 -15.76 -67.02 -14.44
C THR C 64 -16.35 -68.35 -14.93
N GLY C 65 -17.23 -68.92 -14.11
CA GLY C 65 -17.97 -70.10 -14.50
C GLY C 65 -17.20 -71.40 -14.44
N VAL C 66 -16.08 -71.45 -13.72
CA VAL C 66 -15.28 -72.67 -13.63
C VAL C 66 -15.60 -73.50 -12.40
N GLY C 67 -16.57 -73.08 -11.59
CA GLY C 67 -16.97 -73.83 -10.42
C GLY C 67 -16.52 -73.27 -9.08
N LYS C 68 -15.96 -72.06 -9.05
CA LYS C 68 -15.49 -71.50 -7.78
C LYS C 68 -16.60 -71.44 -6.74
N THR C 69 -17.79 -71.02 -7.14
CA THR C 69 -18.89 -70.87 -6.20
C THR C 69 -19.49 -72.22 -5.81
N GLU C 70 -19.68 -73.11 -6.78
CA GLU C 70 -20.23 -74.43 -6.46
C GLU C 70 -19.35 -75.19 -5.49
N ILE C 71 -18.03 -75.01 -5.56
CA ILE C 71 -17.14 -75.65 -4.60
C ILE C 71 -17.45 -75.17 -3.19
N ALA C 72 -17.72 -73.87 -3.05
CA ALA C 72 -18.06 -73.33 -1.73
C ALA C 72 -19.44 -73.79 -1.28
N ARG C 73 -20.38 -73.91 -2.21
CA ARG C 73 -21.73 -74.34 -1.85
C ARG C 73 -21.75 -75.79 -1.38
N ARG C 74 -21.16 -76.69 -2.18
CA ARG C 74 -21.15 -78.11 -1.81
C ARG C 74 -20.33 -78.36 -0.55
N LEU C 75 -19.33 -77.52 -0.29
CA LEU C 75 -18.51 -77.70 0.91
C LEU C 75 -19.31 -77.44 2.18
N ALA C 76 -20.03 -76.31 2.22
CA ALA C 76 -20.83 -75.99 3.40
C ALA C 76 -21.98 -76.98 3.57
N LYS C 77 -22.63 -77.36 2.47
CA LYS C 77 -23.68 -78.37 2.56
C LYS C 77 -23.12 -79.70 3.03
N LEU C 78 -21.88 -80.01 2.65
CA LEU C 78 -21.25 -81.25 3.09
C LEU C 78 -20.93 -81.21 4.58
N ALA C 79 -20.51 -80.04 5.08
CA ALA C 79 -20.18 -79.86 6.49
C ALA C 79 -21.37 -79.42 7.33
N ASN C 80 -22.56 -79.33 6.74
CA ASN C 80 -23.76 -78.88 7.44
C ASN C 80 -23.51 -77.56 8.17
N ALA C 81 -23.02 -76.58 7.41
CA ALA C 81 -22.59 -75.31 7.94
C ALA C 81 -23.41 -74.16 7.37
N PRO C 82 -23.61 -73.09 8.13
CA PRO C 82 -24.26 -71.91 7.57
C PRO C 82 -23.42 -71.29 6.48
N PHE C 83 -24.07 -70.98 5.36
CA PHE C 83 -23.37 -70.48 4.19
C PHE C 83 -24.09 -69.25 3.68
N ILE C 84 -23.32 -68.31 3.12
CA ILE C 84 -23.89 -67.13 2.48
C ILE C 84 -22.94 -66.70 1.37
N LYS C 85 -23.51 -66.25 0.26
CA LYS C 85 -22.75 -65.71 -0.86
C LYS C 85 -23.10 -64.23 -1.01
N VAL C 86 -22.07 -63.38 -1.02
CA VAL C 86 -22.26 -61.95 -1.21
C VAL C 86 -21.25 -61.46 -2.24
N GLU C 87 -21.66 -60.45 -3.00
CA GLU C 87 -20.78 -59.81 -3.96
C GLU C 87 -20.00 -58.70 -3.27
N ALA C 88 -18.73 -58.55 -3.65
CA ALA C 88 -17.88 -57.57 -2.98
C ALA C 88 -18.25 -56.14 -3.38
N THR C 89 -18.82 -55.95 -4.56
CA THR C 89 -19.19 -54.62 -5.01
C THR C 89 -20.48 -54.12 -4.39
N LYS C 90 -21.20 -54.97 -3.65
CA LYS C 90 -22.50 -54.56 -3.10
C LYS C 90 -22.35 -53.40 -2.11
N PHE C 91 -21.20 -53.26 -1.48
CA PHE C 91 -20.97 -52.23 -0.47
C PHE C 91 -20.30 -50.97 -1.01
N THR C 92 -20.09 -50.89 -2.34
CA THR C 92 -19.48 -49.71 -2.91
C THR C 92 -20.37 -48.48 -2.76
N GLU C 93 -21.66 -48.63 -3.05
CA GLU C 93 -22.59 -47.52 -3.03
C GLU C 93 -22.78 -46.98 -1.62
N VAL C 94 -23.01 -45.68 -1.52
CA VAL C 94 -23.15 -45.03 -0.23
C VAL C 94 -24.53 -45.23 0.38
N GLY C 95 -24.56 -45.43 1.70
CA GLY C 95 -25.79 -45.72 2.42
C GLY C 95 -25.71 -45.23 3.86
N GLY C 98 -26.08 -49.93 -0.45
CA GLY C 98 -25.83 -51.36 -0.36
C GLY C 98 -25.84 -51.88 1.07
N LYS C 99 -26.70 -51.29 1.88
CA LYS C 99 -26.83 -51.59 3.32
C LYS C 99 -25.46 -51.37 3.99
N GLU C 100 -25.04 -52.26 4.88
CA GLU C 100 -23.78 -52.14 5.60
C GLU C 100 -22.98 -53.41 5.43
N VAL C 101 -21.69 -53.32 5.77
CA VAL C 101 -20.81 -54.49 5.67
C VAL C 101 -21.12 -55.50 6.76
N ASP C 102 -21.65 -55.03 7.89
CA ASP C 102 -22.04 -55.96 8.93
C ASP C 102 -23.17 -56.89 8.50
N SER C 103 -23.86 -56.56 7.40
CA SER C 103 -24.99 -57.34 6.92
C SER C 103 -24.60 -58.76 6.51
N ILE C 104 -23.31 -59.02 6.34
CA ILE C 104 -22.88 -60.38 5.99
C ILE C 104 -23.10 -61.33 7.15
N ILE C 105 -22.84 -60.86 8.38
CA ILE C 105 -23.03 -61.70 9.56
C ILE C 105 -24.51 -61.78 9.91
N ARG C 106 -25.27 -60.71 9.67
CA ARG C 106 -26.69 -60.71 9.99
C ARG C 106 -27.43 -61.75 9.16
N ASP C 107 -27.26 -61.71 7.84
CA ASP C 107 -27.92 -62.67 6.97
C ASP C 107 -27.35 -64.08 7.15
N LEU C 108 -26.12 -64.20 7.67
CA LEU C 108 -25.56 -65.52 7.96
C LEU C 108 -26.23 -66.13 9.18
N THR C 109 -26.49 -65.32 10.20
CA THR C 109 -27.15 -65.82 11.40
C THR C 109 -28.57 -66.28 11.09
N ASP C 110 -29.29 -65.53 10.26
CA ASP C 110 -30.65 -65.93 9.88
C ASP C 110 -30.67 -67.25 9.13
N ALA C 111 -29.56 -67.65 8.51
CA ALA C 111 -29.48 -68.95 7.85
C ALA C 111 -29.27 -70.08 8.85
N ALA C 112 -28.58 -69.81 9.96
CA ALA C 112 -28.38 -70.83 10.98
C ALA C 112 -29.61 -71.01 11.87
N VAL C 113 -30.32 -69.92 12.16
CA VAL C 113 -31.50 -70.01 13.02
C VAL C 113 -32.56 -70.90 12.37
N LYS C 114 -32.83 -70.67 11.09
CA LYS C 114 -33.75 -71.54 10.37
C LYS C 114 -33.21 -72.96 10.24
N MSE C 115 -31.89 -73.10 10.26
CA MSE C 115 -31.25 -74.39 10.10
C MSE C 115 -31.36 -75.23 11.38
O MSE C 115 -31.73 -76.40 11.33
CB MSE C 115 -29.78 -74.19 9.75
CG MSE C 115 -29.10 -75.37 9.14
SE MSE C 115 -27.30 -74.84 8.66
CE MSE C 115 -26.60 -74.58 10.48
N VAL C 116 -31.05 -74.61 12.52
CA VAL C 116 -31.13 -75.32 13.79
C VAL C 116 -32.57 -75.50 14.26
N ARG C 117 -33.51 -74.71 13.73
CA ARG C 117 -34.89 -74.84 14.15
C ARG C 117 -35.53 -76.09 13.56
N VAL C 118 -35.37 -76.30 12.26
CA VAL C 118 -35.92 -77.51 11.63
C VAL C 118 -35.29 -78.76 12.20
N GLN C 119 -34.00 -78.69 12.55
CA GLN C 119 -33.37 -79.80 13.24
C GLN C 119 -33.90 -79.96 14.66
N ALA C 120 -34.38 -78.87 15.26
CA ALA C 120 -35.02 -78.94 16.57
C ALA C 120 -36.46 -79.42 16.49
N ILE C 121 -37.11 -79.29 15.33
CA ILE C 121 -38.47 -79.79 15.18
C ILE C 121 -38.48 -81.31 15.07
N GLU C 122 -37.47 -81.88 14.42
CA GLU C 122 -37.40 -83.33 14.27
C GLU C 122 -37.31 -84.03 15.62
N LYS C 123 -36.55 -83.44 16.55
CA LYS C 123 -36.42 -84.04 17.88
C LYS C 123 -37.68 -83.84 18.71
N ASN C 124 -38.31 -82.67 18.59
CA ASN C 124 -39.51 -82.34 19.36
C ASN C 124 -40.80 -82.72 18.64
N ARG C 125 -40.71 -83.39 17.49
CA ARG C 125 -41.91 -83.74 16.74
C ARG C 125 -42.78 -84.74 17.51
N TYR C 126 -42.16 -85.71 18.17
CA TYR C 126 -42.93 -86.69 18.93
C TYR C 126 -43.53 -86.08 20.19
N ARG C 127 -42.83 -85.16 20.83
CA ARG C 127 -43.35 -84.51 22.02
C ARG C 127 -44.50 -83.56 21.71
N ALA C 128 -44.45 -82.90 20.55
CA ALA C 128 -45.53 -82.00 20.17
C ALA C 128 -46.79 -82.77 19.82
N GLU C 129 -46.65 -83.92 19.18
CA GLU C 129 -47.82 -84.72 18.80
C GLU C 129 -48.54 -85.28 20.02
N GLU C 130 -47.80 -85.60 21.08
CA GLU C 130 -48.43 -86.11 22.29
C GLU C 130 -49.25 -85.04 22.99
N LEU C 131 -48.70 -83.83 23.09
CA LEU C 131 -49.42 -82.72 23.73
C LEU C 131 -50.52 -82.17 22.84
N ALA C 132 -50.43 -82.34 21.52
CA ALA C 132 -51.46 -81.83 20.63
C ALA C 132 -52.75 -82.62 20.78
N GLU C 133 -52.66 -83.96 20.72
CA GLU C 133 -53.83 -84.80 20.93
C GLU C 133 -54.27 -84.82 22.39
N GLU C 134 -53.40 -84.40 23.31
CA GLU C 134 -53.78 -84.35 24.72
C GLU C 134 -54.81 -83.26 24.98
N ARG C 135 -54.66 -82.11 24.33
CA ARG C 135 -55.62 -81.02 24.48
C ARG C 135 -56.93 -81.30 23.76
N ILE C 136 -56.91 -82.12 22.72
CA ILE C 136 -58.15 -82.51 22.04
C ILE C 136 -59.01 -83.38 22.96
N LEU C 137 -58.37 -84.25 23.74
CA LEU C 137 -59.12 -85.12 24.64
C LEU C 137 -59.82 -84.36 25.76
N ASP C 138 -59.38 -83.14 26.07
CA ASP C 138 -60.06 -82.35 27.10
C ASP C 138 -61.41 -81.85 26.60
N VAL C 139 -61.56 -81.65 25.30
CA VAL C 139 -62.84 -81.21 24.75
C VAL C 139 -63.82 -82.38 24.66
N LEU C 140 -63.34 -83.56 24.29
CA LEU C 140 -64.21 -84.72 24.16
C LEU C 140 -64.76 -85.15 25.52
N ILE C 141 -63.87 -85.42 26.47
CA ILE C 141 -64.21 -85.78 27.85
C ILE C 141 -63.73 -84.66 28.75
N PRO C 142 -64.63 -83.82 29.30
CA PRO C 142 -64.28 -82.73 30.22
C PRO C 142 -63.76 -83.26 31.55
N PRO C 157 -58.09 -89.18 34.13
CA PRO C 157 -58.32 -89.77 32.80
C PRO C 157 -58.95 -91.16 32.88
N SER C 158 -58.15 -92.15 33.24
CA SER C 158 -58.59 -93.55 33.40
C SER C 158 -59.13 -94.07 32.06
N ALA C 159 -60.29 -94.73 32.05
CA ALA C 159 -60.79 -95.39 30.85
C ALA C 159 -61.39 -94.43 29.84
N ALA C 160 -61.88 -93.27 30.27
CA ALA C 160 -62.46 -92.32 29.34
C ALA C 160 -61.43 -91.76 28.37
N ARG C 161 -60.17 -91.64 28.81
CA ARG C 161 -59.12 -91.14 27.93
C ARG C 161 -58.63 -92.22 26.97
N GLN C 162 -58.58 -93.47 27.43
CA GLN C 162 -58.07 -94.56 26.59
C GLN C 162 -59.00 -94.83 25.41
N ALA C 163 -60.30 -94.60 25.58
CA ALA C 163 -61.25 -94.88 24.50
C ALA C 163 -61.06 -93.92 23.34
N PHE C 164 -61.02 -92.62 23.62
CA PHE C 164 -60.91 -91.61 22.57
C PHE C 164 -59.48 -91.47 22.05
N ARG C 165 -58.47 -91.87 22.82
CA ARG C 165 -57.10 -91.78 22.35
C ARG C 165 -56.80 -92.83 21.29
N LYS C 166 -57.23 -94.08 21.50
CA LYS C 166 -56.97 -95.13 20.53
C LYS C 166 -57.82 -94.99 19.28
N LYS C 167 -58.99 -94.35 19.39
CA LYS C 167 -59.82 -94.14 18.21
C LYS C 167 -59.32 -92.98 17.35
N LEU C 168 -58.62 -92.02 17.96
CA LEU C 168 -58.11 -90.88 17.20
C LEU C 168 -56.88 -91.25 16.39
N ARG C 169 -56.01 -92.11 16.93
CA ARG C 169 -54.80 -92.49 16.21
C ARG C 169 -55.12 -93.47 15.09
N GLU C 170 -55.93 -94.50 15.38
CA GLU C 170 -56.24 -95.53 14.40
C GLU C 170 -57.32 -95.12 13.43
N GLY C 171 -58.22 -94.20 13.81
CA GLY C 171 -59.39 -93.89 13.03
C GLY C 171 -59.25 -92.65 12.18
N GLN C 172 -60.18 -92.51 11.24
CA GLN C 172 -60.30 -91.37 10.35
C GLN C 172 -61.35 -90.37 10.84
N LEU C 173 -61.77 -90.48 12.10
CA LEU C 173 -62.83 -89.65 12.67
C LEU C 173 -62.46 -88.16 12.75
N ASP C 174 -61.25 -87.76 12.36
CA ASP C 174 -60.85 -86.37 12.44
C ASP C 174 -61.69 -85.43 11.58
N ASP C 175 -62.46 -85.98 10.64
CA ASP C 175 -63.35 -85.17 9.82
C ASP C 175 -64.48 -84.56 10.67
N ASP C 181 -60.07 -74.12 21.45
CA ASP C 181 -59.58 -72.76 21.68
C ASP C 181 -58.19 -72.57 21.08
N LEU C 182 -58.04 -71.57 20.22
CA LEU C 182 -56.78 -71.27 19.57
C LEU C 182 -56.51 -69.77 19.66
N ALA C 183 -55.23 -69.42 19.67
CA ALA C 183 -54.83 -68.03 19.88
C ALA C 183 -55.00 -67.21 18.60
N ALA C 184 -55.38 -65.95 18.78
CA ALA C 184 -55.49 -65.00 17.69
C ALA C 184 -55.13 -63.61 18.20
N ALA C 185 -54.42 -62.84 17.39
CA ALA C 185 -54.02 -61.49 17.77
C ALA C 185 -54.74 -60.48 16.90
N PRO C 186 -55.77 -59.74 17.44
CA PRO C 186 -56.50 -58.76 16.64
C PRO C 186 -55.94 -57.35 16.74
N MSE C 187 -54.65 -57.21 16.44
CA MSE C 187 -54.03 -55.88 16.41
C MSE C 187 -54.42 -55.10 15.15
O MSE C 187 -54.87 -53.96 15.26
CB MSE C 187 -52.51 -55.99 16.54
CG MSE C 187 -52.02 -56.18 17.97
SE MSE C 187 -52.57 -54.74 19.19
CE MSE C 187 -51.79 -53.22 18.25
N GLY C 188 -54.26 -55.72 13.99
CA GLY C 188 -54.65 -55.07 12.74
C GLY C 188 -54.00 -53.73 12.52
N VAL C 189 -52.72 -53.59 12.85
CA VAL C 189 -52.00 -52.33 12.76
C VAL C 189 -50.89 -52.45 11.74
N GLU C 190 -50.75 -51.42 10.91
CA GLU C 190 -49.70 -51.34 9.90
C GLU C 190 -48.96 -50.02 10.07
N ILE C 191 -47.64 -50.08 10.06
CA ILE C 191 -46.79 -48.92 10.27
C ILE C 191 -46.12 -48.55 8.95
N MSE C 192 -46.13 -47.26 8.63
CA MSE C 192 -45.41 -46.76 7.46
C MSE C 192 -43.97 -46.46 7.86
O MSE C 192 -43.71 -45.81 8.86
CB MSE C 192 -46.07 -45.48 6.92
CG MSE C 192 -47.48 -45.67 6.38
SE MSE C 192 -47.60 -46.80 4.79
CE MSE C 192 -48.00 -48.50 5.66
N ALA C 193 -43.02 -46.96 7.05
CA ALA C 193 -41.61 -46.75 7.34
C ALA C 193 -40.85 -46.65 6.03
N PRO C 194 -39.79 -45.85 5.99
CA PRO C 194 -38.90 -45.85 4.82
C PRO C 194 -38.19 -47.18 4.71
N PRO C 195 -37.60 -47.49 3.54
CA PRO C 195 -37.06 -48.83 3.32
C PRO C 195 -35.99 -49.27 4.33
N GLY C 196 -35.39 -48.34 5.07
CA GLY C 196 -34.40 -48.74 6.06
C GLY C 196 -34.99 -49.29 7.34
N MSE C 197 -36.22 -48.93 7.65
CA MSE C 197 -36.85 -49.31 8.91
C MSE C 197 -37.68 -50.59 8.78
O MSE C 197 -38.36 -50.99 9.71
CB MSE C 197 -37.73 -48.18 9.45
CG MSE C 197 -37.07 -46.80 9.41
SE MSE C 197 -35.45 -46.70 10.49
CE MSE C 197 -34.35 -45.70 9.23
N GLU C 198 -37.61 -51.19 7.59
CA GLU C 198 -38.44 -52.37 7.31
C GLU C 198 -38.25 -53.46 8.36
N GLU C 199 -37.02 -53.62 8.86
CA GLU C 199 -36.74 -54.67 9.83
C GLU C 199 -37.20 -54.29 11.23
N MSE C 200 -37.10 -53.01 11.58
CA MSE C 200 -37.46 -52.55 12.92
C MSE C 200 -38.97 -52.58 13.14
O MSE C 200 -39.44 -52.96 14.22
CB MSE C 200 -36.94 -51.13 13.14
CG MSE C 200 -37.35 -50.52 14.46
SE MSE C 200 -36.80 -48.66 14.54
CE MSE C 200 -37.86 -47.98 13.06
N THR C 201 -39.73 -52.14 12.13
CA THR C 201 -41.18 -52.09 12.27
C THR C 201 -41.78 -53.48 12.43
N SER C 202 -41.22 -54.48 11.73
CA SER C 202 -41.67 -55.84 11.91
C SER C 202 -41.42 -56.33 13.32
N GLN C 203 -40.36 -55.85 13.97
CA GLN C 203 -40.13 -56.18 15.37
C GLN C 203 -41.11 -55.45 16.28
N LEU C 204 -41.49 -54.22 15.92
CA LEU C 204 -42.46 -53.48 16.74
C LEU C 204 -43.85 -54.11 16.65
N GLN C 205 -44.21 -54.64 15.48
CA GLN C 205 -45.53 -55.27 15.33
C GLN C 205 -45.64 -56.53 16.18
N SER C 206 -44.55 -57.29 16.31
CA SER C 206 -44.57 -58.50 17.12
C SER C 206 -44.71 -58.20 18.61
N MSE C 207 -44.29 -57.02 19.07
CA MSE C 207 -44.40 -56.64 20.46
C MSE C 207 -45.81 -56.21 20.83
O MSE C 207 -46.26 -56.45 21.95
CB MSE C 207 -43.39 -55.53 20.79
CG MSE C 207 -41.95 -55.91 20.51
SE MSE C 207 -40.67 -54.44 20.65
CE MSE C 207 -39.08 -55.39 20.05
N PHE C 208 -46.51 -55.58 19.88
CA PHE C 208 -47.90 -55.19 20.13
C PHE C 208 -48.82 -56.40 20.16
N GLN C 209 -48.53 -57.44 19.36
CA GLN C 209 -49.34 -58.65 19.44
C GLN C 209 -49.15 -59.37 20.76
N ASN C 210 -47.98 -59.21 21.39
CA ASN C 210 -47.76 -59.83 22.69
C ASN C 210 -48.46 -59.04 23.80
N LEU C 211 -48.43 -57.71 23.73
CA LEU C 211 -49.09 -56.87 24.72
C LEU C 211 -50.61 -56.85 24.57
N GLY C 212 -51.13 -57.20 23.40
CA GLY C 212 -52.56 -57.19 23.17
C GLY C 212 -53.31 -58.13 24.10
N GLY C 213 -52.93 -59.40 24.09
CA GLY C 213 -53.48 -60.35 25.02
C GLY C 213 -52.78 -61.69 24.97
N GLN C 214 -52.84 -62.44 26.07
CA GLN C 214 -52.30 -63.79 26.14
C GLN C 214 -53.44 -64.72 26.51
N LYS C 215 -53.89 -65.54 25.55
CA LYS C 215 -54.98 -66.49 25.72
C LYS C 215 -55.24 -67.15 24.37
N GLN C 216 -56.14 -68.12 24.38
CA GLN C 216 -56.55 -68.79 23.15
C GLN C 216 -58.04 -68.62 22.90
N LYS C 222 -62.39 -78.64 12.38
CA LYS C 222 -62.27 -80.07 12.13
C LYS C 222 -60.97 -80.61 12.72
N ILE C 223 -61.03 -81.81 13.31
CA ILE C 223 -59.85 -82.39 13.96
C ILE C 223 -58.71 -82.60 12.98
N LYS C 224 -59.03 -82.86 11.70
CA LYS C 224 -57.97 -83.03 10.71
C LYS C 224 -57.17 -81.75 10.53
N ASP C 225 -57.86 -80.62 10.38
CA ASP C 225 -57.19 -79.33 10.29
C ASP C 225 -56.79 -78.76 11.65
N ALA C 226 -57.43 -79.20 12.74
CA ALA C 226 -57.06 -78.71 14.06
C ALA C 226 -55.82 -79.42 14.60
N MSE C 227 -55.62 -80.69 14.24
CA MSE C 227 -54.44 -81.41 14.69
C MSE C 227 -53.14 -80.83 14.13
O MSE C 227 -52.17 -80.65 14.85
CB MSE C 227 -54.58 -82.88 14.33
CG MSE C 227 -53.36 -83.73 14.64
SE MSE C 227 -53.29 -83.87 16.60
CE MSE C 227 -54.73 -85.17 16.93
N LYS C 228 -53.15 -80.50 12.83
CA LYS C 228 -51.97 -79.86 12.24
C LYS C 228 -51.76 -78.45 12.79
N LEU C 229 -52.83 -77.77 13.19
CA LEU C 229 -52.70 -76.44 13.76
C LEU C 229 -52.27 -76.48 15.23
N LEU C 230 -52.60 -77.57 15.94
CA LEU C 230 -52.18 -77.72 17.33
C LEU C 230 -50.72 -78.15 17.45
N ILE C 231 -50.20 -78.90 16.48
CA ILE C 231 -48.79 -79.29 16.52
C ILE C 231 -47.89 -78.08 16.36
N GLU C 232 -48.28 -77.12 15.52
CA GLU C 232 -47.49 -75.91 15.35
C GLU C 232 -47.46 -75.07 16.61
N GLU C 233 -48.54 -75.06 17.38
CA GLU C 233 -48.58 -74.27 18.61
C GLU C 233 -47.78 -74.94 19.71
N GLU C 234 -47.85 -76.27 19.80
CA GLU C 234 -47.11 -76.98 20.84
C GLU C 234 -45.60 -76.94 20.59
N ALA C 235 -45.19 -77.12 19.33
CA ALA C 235 -43.76 -77.14 19.01
C ALA C 235 -43.08 -75.83 19.36
N ALA C 236 -43.81 -74.71 19.28
CA ALA C 236 -43.24 -73.43 19.64
C ALA C 236 -42.98 -73.33 21.13
N LYS C 237 -43.91 -73.83 21.95
CA LYS C 237 -43.73 -73.77 23.40
C LYS C 237 -42.68 -74.74 23.88
N LEU C 238 -42.47 -75.84 23.14
CA LEU C 238 -41.47 -76.82 23.57
C LEU C 238 -40.05 -76.26 23.47
N VAL C 239 -39.77 -75.48 22.45
CA VAL C 239 -38.43 -74.95 22.24
C VAL C 239 -38.33 -73.56 22.86
N ASN C 240 -37.25 -73.32 23.58
CA ASN C 240 -37.02 -72.01 24.18
C ASN C 240 -36.39 -71.09 23.15
N PRO C 241 -36.95 -69.89 22.95
CA PRO C 241 -36.34 -68.97 21.99
C PRO C 241 -34.95 -68.50 22.42
N GLU C 242 -34.67 -68.48 23.72
CA GLU C 242 -33.35 -68.08 24.17
C GLU C 242 -32.33 -69.18 23.92
N GLU C 243 -32.73 -70.44 24.08
CA GLU C 243 -31.81 -71.56 23.86
C GLU C 243 -31.60 -71.85 22.38
N LEU C 244 -32.66 -71.70 21.57
CA LEU C 244 -32.52 -71.98 20.14
C LEU C 244 -31.70 -70.91 19.44
N LYS C 245 -31.98 -69.63 19.73
CA LYS C 245 -31.26 -68.55 19.07
C LYS C 245 -29.80 -68.51 19.51
N GLN C 246 -29.53 -68.84 20.78
CA GLN C 246 -28.15 -68.88 21.24
C GLN C 246 -27.42 -70.10 20.70
N ASP C 247 -28.15 -71.20 20.45
CA ASP C 247 -27.52 -72.38 19.85
C ASP C 247 -27.10 -72.11 18.41
N ALA C 248 -27.85 -71.28 17.68
CA ALA C 248 -27.46 -70.94 16.33
C ALA C 248 -26.24 -70.01 16.32
N ILE C 249 -26.07 -69.20 17.37
CA ILE C 249 -24.91 -68.32 17.45
C ILE C 249 -23.63 -69.14 17.51
N ASP C 250 -23.62 -70.21 18.32
CA ASP C 250 -22.45 -71.08 18.37
C ASP C 250 -22.22 -71.78 17.05
N ALA C 251 -23.28 -71.99 16.26
CA ALA C 251 -23.10 -72.58 14.94
C ALA C 251 -22.49 -71.57 13.97
N VAL C 252 -22.81 -70.29 14.10
CA VAL C 252 -22.25 -69.28 13.21
C VAL C 252 -20.79 -69.03 13.53
N GLU C 253 -20.44 -69.00 14.81
CA GLU C 253 -19.06 -68.72 15.20
C GLU C 253 -18.12 -69.86 14.81
N GLN C 254 -18.49 -71.09 15.18
CA GLN C 254 -17.62 -72.23 14.89
C GLN C 254 -17.70 -72.65 13.42
N HIS C 255 -18.91 -72.89 12.92
CA HIS C 255 -19.11 -73.51 11.61
C HIS C 255 -19.37 -72.53 10.49
N GLY C 256 -19.38 -71.22 10.76
CA GLY C 256 -19.82 -70.27 9.75
C GLY C 256 -18.87 -70.21 8.55
N ILE C 257 -19.45 -70.10 7.36
CA ILE C 257 -18.70 -70.04 6.10
C ILE C 257 -19.28 -68.91 5.25
N VAL C 258 -18.40 -68.01 4.80
CA VAL C 258 -18.79 -66.83 4.03
C VAL C 258 -18.01 -66.83 2.72
N PHE C 259 -18.71 -66.64 1.61
CA PHE C 259 -18.09 -66.58 0.29
C PHE C 259 -18.27 -65.18 -0.28
N ILE C 260 -17.16 -64.51 -0.58
CA ILE C 260 -17.17 -63.17 -1.13
C ILE C 260 -16.80 -63.29 -2.61
N ASP C 261 -17.78 -63.08 -3.48
CA ASP C 261 -17.55 -63.14 -4.91
C ASP C 261 -16.97 -61.83 -5.43
N GLU C 262 -16.29 -61.92 -6.57
CA GLU C 262 -15.74 -60.77 -7.30
C GLU C 262 -14.99 -59.80 -6.40
N ILE C 263 -14.13 -60.34 -5.55
CA ILE C 263 -13.35 -59.50 -4.66
C ILE C 263 -12.23 -58.78 -5.40
N ASP C 264 -11.90 -59.20 -6.62
CA ASP C 264 -10.89 -58.51 -7.38
C ASP C 264 -11.34 -57.13 -7.83
N LYS C 265 -12.65 -56.86 -7.83
CA LYS C 265 -13.15 -55.60 -8.35
C LYS C 265 -13.09 -54.46 -7.33
N ILE C 266 -12.74 -54.74 -6.09
CA ILE C 266 -12.50 -53.71 -5.09
C ILE C 266 -11.02 -53.34 -4.97
N CYS C 267 -10.17 -53.90 -5.84
CA CYS C 267 -8.75 -53.59 -5.82
C CYS C 267 -8.47 -52.25 -6.48
N LYS C 268 -7.33 -51.67 -6.14
CA LYS C 268 -6.92 -50.38 -6.67
C LYS C 268 -6.64 -50.46 -8.17
N ASP C 276 -10.38 -45.46 -6.51
CA ASP C 276 -9.61 -46.42 -5.73
C ASP C 276 -9.82 -46.20 -4.22
N VAL C 277 -10.09 -44.94 -3.85
CA VAL C 277 -10.38 -44.62 -2.45
C VAL C 277 -11.68 -45.29 -2.03
N SER C 278 -12.68 -45.31 -2.90
CA SER C 278 -13.94 -45.99 -2.60
C SER C 278 -13.83 -47.50 -2.76
N ARG C 279 -12.94 -47.96 -3.64
CA ARG C 279 -12.72 -49.41 -3.76
C ARG C 279 -11.97 -49.96 -2.56
N GLU C 280 -10.82 -49.37 -2.23
CA GLU C 280 -10.06 -49.82 -1.07
C GLU C 280 -10.81 -49.57 0.23
N GLY C 281 -11.78 -48.66 0.23
CA GLY C 281 -12.59 -48.45 1.42
C GLY C 281 -13.45 -49.66 1.76
N VAL C 282 -13.83 -50.44 0.76
CA VAL C 282 -14.60 -51.65 1.03
C VAL C 282 -13.74 -52.68 1.74
N GLN C 283 -12.48 -52.84 1.31
CA GLN C 283 -11.57 -53.73 2.02
C GLN C 283 -11.36 -53.29 3.46
N ARG C 284 -11.18 -51.99 3.68
CA ARG C 284 -11.04 -51.49 5.04
C ARG C 284 -12.26 -51.80 5.89
N ASP C 285 -13.45 -51.76 5.28
CA ASP C 285 -14.66 -52.11 6.01
C ASP C 285 -14.82 -53.61 6.19
N LEU C 286 -14.34 -54.40 5.22
CA LEU C 286 -14.33 -55.85 5.37
C LEU C 286 -13.24 -56.32 6.31
N LEU C 287 -12.26 -55.47 6.61
CA LEU C 287 -11.11 -55.89 7.41
C LEU C 287 -11.48 -56.41 8.79
N PRO C 288 -12.33 -55.74 9.58
CA PRO C 288 -12.71 -56.29 10.89
C PRO C 288 -13.46 -57.62 10.81
N LEU C 289 -14.01 -57.98 9.65
CA LEU C 289 -14.68 -59.27 9.54
C LEU C 289 -13.68 -60.41 9.53
N VAL C 290 -12.63 -60.29 8.72
CA VAL C 290 -11.65 -61.37 8.61
C VAL C 290 -10.71 -61.38 9.81
N GLU C 291 -10.26 -60.20 10.26
CA GLU C 291 -9.44 -60.12 11.45
C GLU C 291 -10.21 -60.51 12.72
N GLY C 292 -11.53 -60.57 12.64
CA GLY C 292 -12.37 -60.91 13.76
C GLY C 292 -12.84 -59.68 14.52
N CYS C 293 -14.08 -59.72 14.97
CA CYS C 293 -14.74 -58.57 15.60
C CYS C 293 -16.06 -59.07 16.17
N THR C 294 -16.83 -58.15 16.72
CA THR C 294 -18.14 -58.43 17.26
C THR C 294 -19.18 -57.70 16.41
N VAL C 295 -20.14 -58.45 15.86
CA VAL C 295 -21.20 -57.90 15.04
C VAL C 295 -22.53 -58.18 15.74
N SER C 296 -23.36 -57.14 15.87
CA SER C 296 -24.64 -57.28 16.54
C SER C 296 -25.71 -57.73 15.54
N THR C 297 -26.53 -58.69 15.97
CA THR C 297 -27.64 -59.18 15.16
C THR C 297 -28.88 -59.24 16.04
N LYS C 298 -30.03 -59.41 15.36
CA LYS C 298 -31.30 -59.48 16.08
C LYS C 298 -31.41 -60.73 16.95
N HIS C 299 -30.68 -61.80 16.61
CA HIS C 299 -30.69 -63.03 17.38
C HIS C 299 -29.72 -63.00 18.54
N GLY C 300 -28.78 -62.07 18.56
CA GLY C 300 -27.80 -61.98 19.61
C GLY C 300 -26.56 -61.34 19.03
N MSE C 301 -25.45 -61.50 19.74
CA MSE C 301 -24.17 -60.96 19.32
C MSE C 301 -23.36 -62.12 18.74
O MSE C 301 -23.44 -63.23 19.25
CB MSE C 301 -23.44 -60.31 20.49
CG MSE C 301 -23.98 -58.95 20.89
SE MSE C 301 -23.45 -57.51 19.69
CE MSE C 301 -24.34 -56.02 20.59
N VAL C 302 -22.60 -61.86 17.68
CA VAL C 302 -21.82 -62.90 17.00
C VAL C 302 -20.38 -62.44 16.90
N LYS C 303 -19.44 -63.36 17.10
CA LYS C 303 -18.01 -63.09 17.02
C LYS C 303 -17.45 -63.79 15.80
N THR C 304 -16.77 -63.03 14.95
CA THR C 304 -16.37 -63.48 13.62
C THR C 304 -14.97 -64.10 13.57
N ASP C 305 -14.31 -64.26 14.73
CA ASP C 305 -12.92 -64.71 14.76
C ASP C 305 -12.76 -66.04 14.01
N HIS C 306 -13.63 -67.01 14.29
CA HIS C 306 -13.49 -68.36 13.76
C HIS C 306 -14.26 -68.60 12.47
N ILE C 307 -14.89 -67.58 11.91
CA ILE C 307 -15.66 -67.74 10.68
C ILE C 307 -14.71 -67.92 9.50
N LEU C 308 -15.04 -68.88 8.63
CA LEU C 308 -14.26 -69.15 7.43
C LEU C 308 -14.73 -68.27 6.30
N PHE C 309 -13.79 -67.65 5.60
CA PHE C 309 -14.09 -66.80 4.45
C PHE C 309 -13.42 -67.37 3.20
N ILE C 310 -14.12 -67.24 2.07
CA ILE C 310 -13.62 -67.69 0.79
C ILE C 310 -13.87 -66.56 -0.21
N ALA C 311 -12.81 -66.05 -0.82
CA ALA C 311 -12.91 -65.00 -1.80
C ALA C 311 -12.51 -65.54 -3.17
N SER C 312 -13.10 -64.96 -4.22
CA SER C 312 -12.82 -65.40 -5.57
C SER C 312 -12.77 -64.19 -6.50
N GLY C 313 -12.07 -64.37 -7.61
CA GLY C 313 -11.98 -63.31 -8.61
C GLY C 313 -11.12 -63.77 -9.77
N ALA C 314 -11.30 -63.09 -10.90
CA ALA C 314 -10.53 -63.42 -12.09
C ALA C 314 -9.12 -62.85 -12.02
N PHE C 315 -8.97 -61.63 -11.48
CA PHE C 315 -7.68 -60.97 -11.33
C PHE C 315 -6.96 -60.77 -12.66
N GLN C 316 -7.71 -60.49 -13.72
CA GLN C 316 -7.07 -60.15 -14.99
C GLN C 316 -6.64 -58.69 -15.03
N ILE C 317 -7.48 -57.78 -14.51
CA ILE C 317 -7.15 -56.36 -14.49
C ILE C 317 -6.16 -56.06 -13.37
N ALA C 318 -6.43 -56.56 -12.18
CA ALA C 318 -5.60 -56.34 -11.00
C ALA C 318 -5.00 -57.66 -10.54
N LYS C 319 -4.19 -57.61 -9.49
CA LYS C 319 -3.49 -58.75 -8.94
C LYS C 319 -3.71 -58.78 -7.44
N PRO C 320 -3.61 -59.97 -6.82
CA PRO C 320 -3.82 -60.04 -5.37
C PRO C 320 -2.89 -59.16 -4.56
N SER C 321 -1.71 -58.85 -5.10
CA SER C 321 -0.81 -57.94 -4.41
C SER C 321 -1.38 -56.53 -4.33
N ASP C 322 -2.37 -56.20 -5.15
CA ASP C 322 -2.99 -54.89 -5.09
C ASP C 322 -3.97 -54.73 -3.93
N LEU C 323 -4.34 -55.83 -3.28
CA LEU C 323 -5.14 -55.74 -2.07
C LEU C 323 -4.34 -55.08 -0.96
N ILE C 324 -5.06 -54.57 0.03
CA ILE C 324 -4.41 -53.92 1.17
C ILE C 324 -3.57 -54.95 1.91
N PRO C 325 -2.42 -54.57 2.47
CA PRO C 325 -1.56 -55.57 3.11
C PRO C 325 -2.22 -56.29 4.27
N GLU C 326 -3.13 -55.65 4.99
CA GLU C 326 -3.82 -56.31 6.10
C GLU C 326 -4.70 -57.46 5.60
N LEU C 327 -5.23 -57.35 4.38
CA LEU C 327 -6.09 -58.41 3.87
C LEU C 327 -5.29 -59.58 3.32
N GLN C 328 -4.11 -59.32 2.76
CA GLN C 328 -3.27 -60.41 2.25
C GLN C 328 -2.91 -61.38 3.36
N GLY C 329 -2.56 -60.85 4.55
CA GLY C 329 -2.23 -61.71 5.67
C GLY C 329 -3.39 -62.52 6.20
N ARG C 330 -4.62 -62.11 5.89
CA ARG C 330 -5.81 -62.86 6.29
C ARG C 330 -6.32 -63.80 5.21
N LEU C 331 -5.62 -63.92 4.08
CA LEU C 331 -5.95 -64.85 3.00
C LEU C 331 -4.74 -65.75 2.73
N PRO C 332 -4.41 -66.65 3.66
CA PRO C 332 -3.16 -67.42 3.51
C PRO C 332 -3.21 -68.45 2.39
N ILE C 333 -4.37 -69.03 2.12
CA ILE C 333 -4.49 -70.06 1.10
C ILE C 333 -4.84 -69.41 -0.23
N ARG C 334 -4.05 -69.71 -1.27
CA ARG C 334 -4.27 -69.21 -2.61
C ARG C 334 -4.29 -70.40 -3.56
N VAL C 335 -5.27 -70.43 -4.46
CA VAL C 335 -5.40 -71.51 -5.43
C VAL C 335 -5.86 -70.93 -6.76
N GLU C 336 -5.21 -71.37 -7.84
CA GLU C 336 -5.61 -70.99 -9.20
C GLU C 336 -6.46 -72.10 -9.78
N LEU C 337 -7.56 -71.73 -10.43
CA LEU C 337 -8.46 -72.68 -11.06
C LEU C 337 -8.28 -72.59 -12.58
N GLN C 338 -8.12 -73.74 -13.21
CA GLN C 338 -7.91 -73.79 -14.65
C GLN C 338 -9.24 -73.59 -15.38
N ALA C 339 -9.14 -73.08 -16.60
CA ALA C 339 -10.34 -72.92 -17.43
C ALA C 339 -10.83 -74.28 -17.90
N LEU C 340 -12.14 -74.45 -17.91
CA LEU C 340 -12.74 -75.71 -18.34
C LEU C 340 -12.51 -75.92 -19.83
N THR C 341 -12.46 -77.18 -20.23
CA THR C 341 -12.24 -77.58 -21.61
C THR C 341 -13.49 -78.24 -22.18
N THR C 342 -13.41 -78.65 -23.45
CA THR C 342 -14.53 -79.33 -24.08
C THR C 342 -14.85 -80.64 -23.37
N SER C 343 -13.82 -81.35 -22.91
CA SER C 343 -14.03 -82.59 -22.18
C SER C 343 -14.74 -82.32 -20.85
N ASP C 344 -14.49 -81.16 -20.24
CA ASP C 344 -15.17 -80.83 -18.99
C ASP C 344 -16.66 -80.56 -19.22
N PHE C 345 -17.00 -79.88 -20.32
CA PHE C 345 -18.39 -79.62 -20.63
C PHE C 345 -19.18 -80.92 -20.76
N GLU C 346 -18.61 -81.91 -21.44
CA GLU C 346 -19.29 -83.19 -21.59
C GLU C 346 -19.56 -83.85 -20.24
N ARG C 347 -18.67 -83.65 -19.27
CA ARG C 347 -18.88 -84.24 -17.95
C ARG C 347 -19.92 -83.48 -17.16
N ILE C 348 -19.92 -82.14 -17.26
CA ILE C 348 -20.85 -81.32 -16.49
C ILE C 348 -22.30 -81.62 -16.90
N LEU C 349 -22.51 -82.02 -18.15
CA LEU C 349 -23.87 -82.30 -18.60
C LEU C 349 -24.45 -83.54 -17.94
N THR C 350 -23.61 -84.50 -17.55
CA THR C 350 -24.08 -85.80 -17.09
C THR C 350 -23.61 -86.14 -15.68
N GLU C 351 -22.29 -86.26 -15.46
CA GLU C 351 -21.74 -86.83 -14.23
C GLU C 351 -22.29 -86.26 -12.94
N PRO C 352 -22.36 -84.94 -12.72
CA PRO C 352 -22.75 -84.43 -11.40
C PRO C 352 -24.15 -84.84 -10.99
N ASN C 353 -24.35 -84.95 -9.67
CA ASN C 353 -25.66 -85.27 -9.13
C ASN C 353 -26.65 -84.17 -9.46
N ALA C 354 -27.81 -84.56 -9.97
CA ALA C 354 -28.84 -83.63 -10.41
C ALA C 354 -28.28 -82.68 -11.48
N SER C 355 -27.62 -83.26 -12.47
CA SER C 355 -27.09 -82.50 -13.59
C SER C 355 -28.23 -81.97 -14.46
N ILE C 356 -27.92 -80.94 -15.26
CA ILE C 356 -28.95 -80.27 -16.05
C ILE C 356 -29.65 -81.21 -17.00
N THR C 357 -28.93 -82.21 -17.54
CA THR C 357 -29.58 -83.16 -18.44
C THR C 357 -30.47 -84.13 -17.69
N VAL C 358 -30.09 -84.49 -16.46
CA VAL C 358 -30.95 -85.36 -15.65
C VAL C 358 -32.20 -84.62 -15.21
N GLN C 359 -32.07 -83.34 -14.84
CA GLN C 359 -33.24 -82.55 -14.46
C GLN C 359 -34.19 -82.38 -15.62
N TYR C 360 -33.65 -82.16 -16.83
CA TYR C 360 -34.50 -82.01 -18.00
C TYR C 360 -35.14 -83.34 -18.38
N LYS C 361 -34.45 -84.47 -18.15
CA LYS C 361 -35.06 -85.76 -18.40
C LYS C 361 -36.24 -86.01 -17.46
N ALA C 362 -36.17 -85.50 -16.23
CA ALA C 362 -37.27 -85.66 -15.29
C ALA C 362 -38.40 -84.67 -15.53
N LEU C 363 -38.08 -83.46 -16.03
CA LEU C 363 -39.14 -82.48 -16.29
C LEU C 363 -40.02 -82.91 -17.44
N MSE C 364 -39.42 -83.49 -18.49
CA MSE C 364 -40.19 -83.98 -19.63
C MSE C 364 -40.97 -85.23 -19.26
O MSE C 364 -42.00 -85.53 -19.86
CB MSE C 364 -39.26 -84.28 -20.80
CG MSE C 364 -38.46 -83.08 -21.29
SE MSE C 364 -39.59 -81.55 -21.68
CE MSE C 364 -39.28 -80.51 -20.06
N ALA C 365 -40.46 -85.96 -18.27
CA ALA C 365 -41.16 -87.16 -17.81
C ALA C 365 -42.48 -86.84 -17.13
N THR C 366 -42.64 -85.63 -16.60
CA THR C 366 -43.92 -85.24 -16.01
C THR C 366 -45.02 -85.24 -17.06
N GLU C 367 -44.71 -84.82 -18.28
CA GLU C 367 -45.65 -84.84 -19.39
C GLU C 367 -45.80 -86.22 -20.02
N GLY C 368 -44.97 -87.18 -19.63
CA GLY C 368 -45.01 -88.52 -20.22
C GLY C 368 -44.04 -88.75 -21.35
N VAL C 369 -42.99 -87.95 -21.47
CA VAL C 369 -42.03 -88.05 -22.57
C VAL C 369 -40.71 -88.60 -22.04
N ASN C 370 -40.14 -89.56 -22.75
CA ASN C 370 -38.87 -90.18 -22.39
C ASN C 370 -37.78 -89.57 -23.27
N ILE C 371 -36.86 -88.83 -22.64
CA ILE C 371 -35.75 -88.19 -23.34
C ILE C 371 -34.49 -89.01 -23.13
N GLU C 372 -33.74 -89.22 -24.20
CA GLU C 372 -32.48 -89.96 -24.15
C GLU C 372 -31.43 -89.17 -24.90
N PHE C 373 -30.28 -88.95 -24.27
CA PHE C 373 -29.17 -88.19 -24.86
C PHE C 373 -28.07 -89.16 -25.24
N THR C 374 -27.71 -89.16 -26.52
CA THR C 374 -26.62 -90.00 -27.00
C THR C 374 -25.27 -89.40 -26.61
N ASP C 375 -24.25 -90.27 -26.56
CA ASP C 375 -22.90 -89.82 -26.21
C ASP C 375 -22.39 -88.82 -27.23
N SER C 376 -22.63 -89.07 -28.52
CA SER C 376 -22.19 -88.13 -29.55
C SER C 376 -23.06 -86.88 -29.57
N GLY C 377 -24.32 -86.99 -29.19
CA GLY C 377 -25.16 -85.81 -29.08
C GLY C 377 -24.73 -84.91 -27.93
N ILE C 378 -24.34 -85.52 -26.81
CA ILE C 378 -23.80 -84.75 -25.69
C ILE C 378 -22.49 -84.07 -26.09
N LYS C 379 -21.70 -84.74 -26.93
CA LYS C 379 -20.43 -84.16 -27.37
C LYS C 379 -20.64 -82.93 -28.23
N ARG C 380 -21.59 -83.00 -29.17
CA ARG C 380 -21.86 -81.83 -30.01
C ARG C 380 -22.54 -80.70 -29.26
N ILE C 381 -23.24 -81.02 -28.16
CA ILE C 381 -23.74 -79.96 -27.28
C ILE C 381 -22.59 -79.23 -26.61
N ALA C 382 -21.58 -79.98 -26.17
CA ALA C 382 -20.41 -79.35 -25.55
C ALA C 382 -19.59 -78.58 -26.57
N GLU C 383 -19.41 -79.14 -27.77
CA GLU C 383 -18.70 -78.43 -28.82
C GLU C 383 -19.43 -77.14 -29.21
N ALA C 384 -20.76 -77.16 -29.17
CA ALA C 384 -21.51 -75.94 -29.48
C ALA C 384 -21.31 -74.89 -28.41
N ALA C 385 -21.41 -75.27 -27.14
CA ALA C 385 -21.20 -74.31 -26.05
C ALA C 385 -19.78 -73.77 -26.05
N TRP C 386 -18.80 -74.60 -26.43
CA TRP C 386 -17.43 -74.11 -26.56
C TRP C 386 -17.30 -73.10 -27.70
N GLN C 387 -17.99 -73.37 -28.81
CA GLN C 387 -17.88 -72.47 -29.97
C GLN C 387 -18.46 -71.10 -29.66
N VAL C 388 -19.57 -71.04 -28.92
CA VAL C 388 -20.18 -69.76 -28.57
C VAL C 388 -19.26 -68.98 -27.65
N ASN C 389 -18.65 -69.66 -26.67
CA ASN C 389 -17.67 -69.00 -25.81
C ASN C 389 -16.45 -68.56 -26.60
N GLU C 390 -16.13 -69.26 -27.69
CA GLU C 390 -15.01 -68.87 -28.54
C GLU C 390 -15.42 -67.80 -29.54
N SER C 391 -16.64 -67.87 -30.07
CA SER C 391 -17.07 -66.92 -31.09
C SER C 391 -17.32 -65.54 -30.50
N THR C 392 -17.84 -65.48 -29.26
CA THR C 392 -18.25 -64.22 -28.66
C THR C 392 -17.51 -64.04 -27.35
N GLU C 393 -18.16 -64.29 -26.22
CA GLU C 393 -17.58 -64.09 -24.90
C GLU C 393 -17.65 -65.40 -24.12
N ASN C 394 -16.59 -65.69 -23.37
CA ASN C 394 -16.53 -66.90 -22.57
C ASN C 394 -17.22 -66.62 -21.24
N ILE C 395 -18.38 -67.26 -21.01
CA ILE C 395 -19.09 -67.15 -19.75
C ILE C 395 -18.92 -68.39 -18.87
N GLY C 396 -18.07 -69.31 -19.27
CA GLY C 396 -17.83 -70.50 -18.48
C GLY C 396 -18.87 -71.58 -18.74
N ALA C 397 -19.03 -72.47 -17.76
CA ALA C 397 -19.98 -73.57 -17.88
C ALA C 397 -21.43 -73.10 -17.88
N ARG C 398 -21.69 -71.82 -17.59
CA ARG C 398 -23.05 -71.31 -17.69
C ARG C 398 -23.60 -71.35 -19.11
N ARG C 399 -22.71 -71.41 -20.11
CA ARG C 399 -23.17 -71.52 -21.49
C ARG C 399 -23.91 -72.82 -21.75
N LEU C 400 -23.58 -73.88 -21.01
CA LEU C 400 -24.27 -75.15 -21.16
C LEU C 400 -25.75 -75.02 -20.81
N HIS C 401 -26.09 -74.17 -19.84
CA HIS C 401 -27.49 -73.98 -19.47
C HIS C 401 -28.27 -73.26 -20.57
N THR C 402 -27.64 -72.29 -21.25
CA THR C 402 -28.34 -71.58 -22.31
C THR C 402 -28.43 -72.41 -23.59
N VAL C 403 -27.42 -73.24 -23.87
CA VAL C 403 -27.44 -74.03 -25.09
C VAL C 403 -28.49 -75.14 -25.03
N LEU C 404 -28.67 -75.72 -23.84
CA LEU C 404 -29.68 -76.77 -23.71
C LEU C 404 -31.07 -76.24 -23.97
N GLU C 405 -31.41 -75.08 -23.39
CA GLU C 405 -32.76 -74.56 -23.52
C GLU C 405 -33.11 -74.25 -24.97
N ARG C 406 -32.14 -73.77 -25.75
CA ARG C 406 -32.41 -73.51 -27.16
C ARG C 406 -32.66 -74.80 -27.94
N LEU C 407 -31.96 -75.87 -27.57
CA LEU C 407 -32.18 -77.15 -28.24
C LEU C 407 -33.51 -77.77 -27.84
N MSE C 408 -33.93 -77.56 -26.59
CA MSE C 408 -35.09 -78.24 -26.03
C MSE C 408 -36.39 -77.44 -26.09
O MSE C 408 -37.42 -77.91 -25.62
CB MSE C 408 -34.82 -78.64 -24.58
CG MSE C 408 -33.66 -79.61 -24.40
SE MSE C 408 -34.12 -81.43 -24.91
CE MSE C 408 -33.66 -81.39 -26.80
N GLU C 409 -36.33 -76.24 -26.66
CA GLU C 409 -37.52 -75.38 -26.63
C GLU C 409 -38.67 -75.95 -27.44
N GLU C 410 -38.37 -76.64 -28.55
CA GLU C 410 -39.45 -77.22 -29.34
C GLU C 410 -40.08 -78.41 -28.64
N ILE C 411 -39.27 -79.21 -27.93
CA ILE C 411 -39.80 -80.37 -27.23
C ILE C 411 -40.55 -79.93 -25.97
N SER C 412 -40.07 -78.88 -25.30
CA SER C 412 -40.73 -78.42 -24.09
C SER C 412 -42.13 -77.89 -24.37
N TYR C 413 -42.34 -77.28 -25.54
CA TYR C 413 -43.67 -76.78 -25.89
C TYR C 413 -44.59 -77.90 -26.34
N ASP C 414 -44.06 -78.91 -27.03
CA ASP C 414 -44.85 -80.02 -27.53
C ASP C 414 -44.92 -81.18 -26.54
N ALA C 415 -44.37 -81.02 -25.34
CA ALA C 415 -44.29 -82.14 -24.39
C ALA C 415 -45.66 -82.66 -23.99
N SER C 416 -46.69 -81.81 -24.06
CA SER C 416 -48.03 -82.25 -23.66
C SER C 416 -48.64 -83.18 -24.70
N ASP C 417 -48.39 -82.91 -25.99
CA ASP C 417 -48.92 -83.75 -27.06
C ASP C 417 -48.04 -84.94 -27.40
N LEU C 418 -46.80 -84.97 -26.90
CA LEU C 418 -45.87 -86.07 -27.14
C LEU C 418 -45.95 -87.15 -26.08
N SER C 419 -46.90 -87.05 -25.15
CA SER C 419 -47.01 -88.02 -24.06
C SER C 419 -47.09 -89.44 -24.61
N GLY C 420 -46.35 -90.35 -23.97
CA GLY C 420 -46.31 -91.73 -24.37
C GLY C 420 -45.31 -92.06 -25.47
N GLN C 421 -44.42 -91.14 -25.81
CA GLN C 421 -43.43 -91.36 -26.85
C GLN C 421 -42.03 -91.31 -26.25
N ASN C 422 -41.10 -91.97 -26.94
CA ASN C 422 -39.69 -91.99 -26.55
C ASN C 422 -38.93 -91.13 -27.55
N ILE C 423 -38.42 -89.99 -27.09
CA ILE C 423 -37.69 -89.06 -27.94
C ILE C 423 -36.20 -89.29 -27.72
N THR C 424 -35.48 -89.51 -28.81
CA THR C 424 -34.04 -89.76 -28.79
C THR C 424 -33.32 -88.52 -29.30
N ILE C 425 -32.45 -87.96 -28.47
CA ILE C 425 -31.66 -86.79 -28.85
C ILE C 425 -30.32 -87.29 -29.36
N ASP C 426 -30.10 -87.20 -30.67
CA ASP C 426 -28.88 -87.65 -31.31
C ASP C 426 -28.03 -86.45 -31.72
N ALA C 427 -26.91 -86.74 -32.38
CA ALA C 427 -26.03 -85.68 -32.86
C ALA C 427 -26.64 -84.94 -34.03
N ASP C 428 -27.53 -85.59 -34.78
CA ASP C 428 -28.21 -84.91 -35.89
C ASP C 428 -29.29 -83.96 -35.39
N TYR C 429 -29.99 -84.34 -34.32
CA TYR C 429 -30.99 -83.44 -33.75
C TYR C 429 -30.34 -82.21 -33.12
N VAL C 430 -29.13 -82.36 -32.57
CA VAL C 430 -28.42 -81.23 -32.01
C VAL C 430 -27.97 -80.28 -33.11
N SER C 431 -27.37 -80.82 -34.18
CA SER C 431 -26.90 -79.98 -35.28
C SER C 431 -28.05 -79.33 -36.04
N LYS C 432 -29.27 -79.85 -35.90
CA LYS C 432 -30.42 -79.26 -36.60
C LYS C 432 -30.86 -77.97 -35.93
N HIS C 433 -30.95 -77.97 -34.60
CA HIS C 433 -31.47 -76.82 -33.86
C HIS C 433 -30.38 -75.86 -33.42
N LEU C 434 -29.10 -76.18 -33.65
CA LEU C 434 -27.99 -75.40 -33.09
C LEU C 434 -27.04 -74.90 -34.17
N ASP C 435 -26.43 -75.78 -34.96
CA ASP C 435 -25.39 -75.39 -35.91
C ASP C 435 -25.80 -74.20 -36.77
N ALA C 436 -27.09 -74.08 -37.09
CA ALA C 436 -27.56 -72.89 -37.79
C ALA C 436 -27.36 -71.64 -36.96
N LEU C 437 -27.65 -71.71 -35.65
CA LEU C 437 -27.53 -70.55 -34.79
C LEU C 437 -26.09 -70.27 -34.39
N VAL C 438 -25.31 -71.32 -34.09
CA VAL C 438 -23.94 -71.13 -33.63
C VAL C 438 -23.06 -70.55 -34.73
N ALA C 439 -23.39 -70.85 -36.00
CA ALA C 439 -22.58 -70.34 -37.11
C ALA C 439 -22.69 -68.83 -37.26
N ASP C 440 -23.84 -68.26 -36.89
CA ASP C 440 -24.04 -66.82 -36.99
C ASP C 440 -23.67 -66.18 -35.65
N GLU C 441 -22.59 -65.40 -35.65
CA GLU C 441 -22.09 -64.84 -34.39
C GLU C 441 -22.92 -63.65 -33.93
N ASP C 442 -23.51 -62.90 -34.85
CA ASP C 442 -24.38 -61.80 -34.46
C ASP C 442 -25.60 -62.30 -33.68
N LEU C 443 -26.19 -63.41 -34.13
CA LEU C 443 -27.36 -63.98 -33.47
C LEU C 443 -26.99 -64.73 -32.19
N SER C 444 -25.76 -65.24 -32.08
CA SER C 444 -25.34 -65.98 -30.90
C SER C 444 -25.29 -65.12 -29.65
N ARG C 445 -25.19 -63.80 -29.80
CA ARG C 445 -25.15 -62.93 -28.63
C ARG C 445 -26.55 -62.68 -28.07
N PHE C 446 -27.54 -62.52 -28.95
CA PHE C 446 -28.92 -62.32 -28.47
C PHE C 446 -29.53 -63.64 -28.02
N ILE C 447 -29.44 -64.68 -28.86
CA ILE C 447 -30.17 -65.92 -28.61
C ILE C 447 -29.44 -66.78 -27.58
N LEU C 448 -28.13 -66.89 -27.68
CA LEU C 448 -27.37 -67.76 -26.78
C LEU C 448 -26.56 -66.98 -25.75
N HIS D 6 -50.85 -74.40 -8.32
CA HIS D 6 -50.40 -73.96 -9.63
C HIS D 6 -51.36 -74.44 -10.70
N SER D 7 -51.61 -73.58 -11.70
CA SER D 7 -52.58 -73.92 -12.74
C SER D 7 -52.05 -75.03 -13.63
N GLU D 8 -52.96 -75.88 -14.10
CA GLU D 8 -52.59 -77.05 -14.89
C GLU D 8 -52.66 -76.81 -16.39
N MSE D 9 -52.94 -75.59 -16.83
CA MSE D 9 -53.06 -75.30 -18.26
C MSE D 9 -51.81 -75.67 -19.05
O MSE D 9 -50.68 -75.41 -18.62
CB MSE D 9 -53.39 -73.83 -18.50
CG MSE D 9 -54.79 -73.42 -18.07
SE MSE D 9 -55.26 -71.62 -18.69
CE MSE D 9 -57.07 -71.53 -17.97
N THR D 10 -52.00 -76.29 -20.22
CA THR D 10 -50.89 -76.71 -21.06
C THR D 10 -50.33 -75.51 -21.83
N PRO D 11 -49.09 -75.61 -22.32
CA PRO D 11 -48.51 -74.49 -23.07
C PRO D 11 -49.36 -74.03 -24.25
N ARG D 12 -49.96 -74.95 -24.99
CA ARG D 12 -50.85 -74.53 -26.08
C ARG D 12 -52.10 -73.85 -25.53
N GLU D 13 -52.61 -74.33 -24.39
CA GLU D 13 -53.75 -73.67 -23.76
C GLU D 13 -53.37 -72.30 -23.20
N ILE D 14 -52.10 -72.11 -22.84
CA ILE D 14 -51.65 -70.81 -22.37
C ILE D 14 -51.51 -69.85 -23.54
N VAL D 15 -50.92 -70.31 -24.64
CA VAL D 15 -50.79 -69.47 -25.83
C VAL D 15 -52.17 -69.16 -26.40
N SER D 16 -53.07 -70.15 -26.41
CA SER D 16 -54.42 -69.91 -26.90
C SER D 16 -55.16 -68.91 -26.02
N GLU D 17 -54.89 -68.91 -24.72
CA GLU D 17 -55.52 -67.94 -23.83
C GLU D 17 -54.91 -66.55 -23.98
N LEU D 18 -53.61 -66.47 -24.24
CA LEU D 18 -52.98 -65.16 -24.47
C LEU D 18 -53.44 -64.54 -25.78
N ASP D 19 -53.79 -65.36 -26.77
CA ASP D 19 -54.29 -64.84 -28.04
C ASP D 19 -55.58 -64.06 -27.87
N LYS D 20 -56.32 -64.29 -26.78
CA LYS D 20 -57.51 -63.52 -26.50
C LYS D 20 -57.21 -62.06 -26.18
N HIS D 21 -55.95 -61.76 -25.84
CA HIS D 21 -55.55 -60.39 -25.51
C HIS D 21 -54.45 -59.87 -26.41
N ILE D 22 -53.32 -60.55 -26.49
CA ILE D 22 -52.20 -60.13 -27.32
C ILE D 22 -52.37 -60.70 -28.72
N ILE D 23 -52.07 -59.90 -29.73
CA ILE D 23 -52.17 -60.29 -31.13
C ILE D 23 -50.76 -60.58 -31.65
N GLY D 24 -50.59 -61.74 -32.29
CA GLY D 24 -49.29 -62.08 -32.83
C GLY D 24 -48.26 -62.33 -31.73
N GLN D 25 -46.99 -62.13 -32.09
CA GLN D 25 -45.88 -62.38 -31.18
C GLN D 25 -45.90 -63.81 -30.64
N ASP D 26 -46.17 -64.76 -31.53
CA ASP D 26 -46.36 -66.15 -31.11
C ASP D 26 -45.10 -66.73 -30.48
N ASN D 27 -43.92 -66.27 -30.89
CA ASN D 27 -42.68 -66.76 -30.29
C ASN D 27 -42.57 -66.37 -28.82
N ALA D 28 -43.09 -65.21 -28.45
CA ALA D 28 -43.01 -64.79 -27.05
C ALA D 28 -44.10 -65.44 -26.21
N LYS D 29 -45.23 -65.81 -26.81
CA LYS D 29 -46.26 -66.52 -26.06
C LYS D 29 -45.83 -67.94 -25.74
N ARG D 30 -45.07 -68.57 -26.64
CA ARG D 30 -44.57 -69.92 -26.37
C ARG D 30 -43.52 -69.91 -25.25
N SER D 31 -42.75 -68.83 -25.13
CA SER D 31 -41.75 -68.77 -24.07
C SER D 31 -42.39 -68.67 -22.69
N VAL D 32 -43.39 -67.78 -22.55
CA VAL D 32 -44.04 -67.61 -21.26
C VAL D 32 -44.94 -68.80 -20.93
N ALA D 33 -45.44 -69.50 -21.95
CA ALA D 33 -46.20 -70.72 -21.69
C ALA D 33 -45.31 -71.81 -21.12
N ILE D 34 -44.07 -71.90 -21.61
CA ILE D 34 -43.14 -72.90 -21.09
C ILE D 34 -42.78 -72.61 -19.64
N ALA D 35 -42.49 -71.34 -19.34
CA ALA D 35 -42.12 -70.96 -17.97
C ALA D 35 -43.24 -71.26 -16.98
N LEU D 36 -44.48 -70.93 -17.34
CA LEU D 36 -45.59 -71.23 -16.45
C LEU D 36 -45.87 -72.72 -16.36
N ARG D 37 -45.63 -73.46 -17.45
CA ARG D 37 -45.84 -74.90 -17.41
C ARG D 37 -44.85 -75.60 -16.49
N ASN D 38 -43.62 -75.09 -16.41
CA ASN D 38 -42.64 -75.64 -15.49
C ASN D 38 -43.03 -75.44 -14.03
N ARG D 39 -43.90 -74.47 -13.73
CA ARG D 39 -44.38 -74.31 -12.36
C ARG D 39 -45.15 -75.54 -11.90
N TRP D 40 -46.01 -76.08 -12.76
CA TRP D 40 -46.71 -77.32 -12.45
C TRP D 40 -45.79 -78.54 -12.54
N ARG D 41 -44.83 -78.51 -13.47
CA ARG D 41 -43.92 -79.64 -13.61
C ARG D 41 -43.02 -79.79 -12.39
N ARG D 42 -42.64 -78.67 -11.76
CA ARG D 42 -41.76 -78.74 -10.60
C ARG D 42 -42.48 -79.32 -9.39
N MSE D 43 -43.79 -79.12 -9.29
CA MSE D 43 -44.57 -79.61 -8.16
C MSE D 43 -44.71 -81.13 -8.18
O MSE D 43 -45.06 -81.73 -7.16
CB MSE D 43 -45.96 -78.96 -8.14
CG MSE D 43 -45.96 -77.51 -7.68
SE MSE D 43 -45.46 -77.34 -5.80
CE MSE D 43 -46.74 -78.60 -5.02
N GLN D 44 -44.41 -81.73 -9.33
CA GLN D 44 -44.55 -83.18 -9.50
C GLN D 44 -43.25 -83.94 -9.26
N LEU D 45 -42.16 -83.24 -8.95
CA LEU D 45 -40.86 -83.88 -8.76
C LEU D 45 -40.70 -84.32 -7.30
N ASN D 46 -39.54 -84.92 -7.01
CA ASN D 46 -39.22 -85.33 -5.65
C ASN D 46 -38.64 -84.15 -4.87
N GLU D 47 -38.23 -84.42 -3.63
CA GLU D 47 -37.77 -83.34 -2.76
C GLU D 47 -36.42 -82.79 -3.17
N GLU D 48 -35.50 -83.66 -3.61
CA GLU D 48 -34.17 -83.21 -3.98
C GLU D 48 -34.19 -82.33 -5.22
N LEU D 49 -35.03 -82.68 -6.21
CA LEU D 49 -35.04 -81.95 -7.47
C LEU D 49 -35.81 -80.63 -7.39
N ARG D 50 -36.59 -80.41 -6.33
CA ARG D 50 -37.37 -79.18 -6.24
C ARG D 50 -36.48 -77.97 -5.95
N HIS D 51 -35.50 -78.13 -5.07
CA HIS D 51 -34.58 -77.03 -4.77
C HIS D 51 -33.56 -76.84 -5.89
N GLU D 52 -33.08 -77.95 -6.47
CA GLU D 52 -32.10 -77.86 -7.54
C GLU D 52 -32.68 -77.19 -8.77
N VAL D 53 -33.90 -77.55 -9.14
CA VAL D 53 -34.55 -76.97 -10.32
C VAL D 53 -35.08 -75.58 -9.95
N THR D 54 -34.66 -74.57 -10.70
CA THR D 54 -35.04 -73.19 -10.54
C THR D 54 -35.84 -72.72 -11.75
N PRO D 55 -36.69 -71.71 -11.58
CA PRO D 55 -37.45 -71.21 -12.73
C PRO D 55 -36.53 -70.73 -13.84
N LYS D 56 -36.99 -70.89 -15.07
CA LYS D 56 -36.23 -70.48 -16.25
C LYS D 56 -36.66 -69.06 -16.59
N ASN D 57 -35.76 -68.11 -16.38
CA ASN D 57 -36.09 -66.71 -16.60
C ASN D 57 -36.02 -66.39 -18.09
N ILE D 58 -36.78 -65.37 -18.49
CA ILE D 58 -36.91 -64.98 -19.89
C ILE D 58 -36.36 -63.58 -20.07
N LEU D 59 -35.55 -63.40 -21.11
CA LEU D 59 -35.04 -62.09 -21.52
C LEU D 59 -35.65 -61.77 -22.88
N MSE D 60 -36.54 -60.78 -22.90
CA MSE D 60 -37.21 -60.37 -24.14
C MSE D 60 -36.44 -59.26 -24.84
O MSE D 60 -35.93 -58.34 -24.19
CB MSE D 60 -38.64 -59.91 -23.86
CG MSE D 60 -39.52 -60.99 -23.27
SE MSE D 60 -41.37 -60.44 -22.96
CE MSE D 60 -42.02 -62.10 -22.17
N ILE D 61 -36.38 -59.33 -26.15
CA ILE D 61 -35.70 -58.34 -26.98
C ILE D 61 -36.68 -57.85 -28.02
N GLY D 62 -36.79 -56.53 -28.16
CA GLY D 62 -37.67 -55.96 -29.14
C GLY D 62 -37.91 -54.48 -28.94
N PRO D 63 -38.46 -53.83 -29.98
CA PRO D 63 -38.72 -52.40 -29.88
C PRO D 63 -39.85 -52.11 -28.91
N THR D 64 -39.97 -50.84 -28.53
CA THR D 64 -40.96 -50.44 -27.56
C THR D 64 -42.37 -50.52 -28.13
N GLY D 65 -43.32 -50.83 -27.26
CA GLY D 65 -44.72 -50.82 -27.62
C GLY D 65 -45.21 -52.00 -28.42
N VAL D 66 -44.49 -53.13 -28.39
CA VAL D 66 -44.88 -54.31 -29.14
C VAL D 66 -45.68 -55.31 -28.32
N GLY D 67 -45.92 -55.02 -27.04
CA GLY D 67 -46.67 -55.91 -26.19
C GLY D 67 -45.88 -56.74 -25.21
N LYS D 68 -44.59 -56.43 -25.01
CA LYS D 68 -43.77 -57.23 -24.09
C LYS D 68 -44.36 -57.20 -22.68
N THR D 69 -44.83 -56.04 -22.22
CA THR D 69 -45.36 -55.94 -20.87
C THR D 69 -46.75 -56.58 -20.78
N GLU D 70 -47.56 -56.46 -21.83
CA GLU D 70 -48.88 -57.08 -21.79
C GLU D 70 -48.79 -58.60 -21.73
N ILE D 71 -47.80 -59.18 -22.41
CA ILE D 71 -47.62 -60.63 -22.33
C ILE D 71 -47.31 -61.05 -20.89
N ALA D 72 -46.53 -60.23 -20.18
CA ALA D 72 -46.24 -60.53 -18.78
C ALA D 72 -47.44 -60.26 -17.89
N ARG D 73 -48.18 -59.19 -18.16
CA ARG D 73 -49.34 -58.88 -17.34
C ARG D 73 -50.45 -59.91 -17.50
N ARG D 74 -50.72 -60.35 -18.72
CA ARG D 74 -51.76 -61.34 -18.93
C ARG D 74 -51.35 -62.71 -18.40
N LEU D 75 -50.05 -63.00 -18.36
CA LEU D 75 -49.59 -64.29 -17.85
C LEU D 75 -49.87 -64.41 -16.36
N ALA D 76 -49.50 -63.38 -15.58
CA ALA D 76 -49.74 -63.43 -14.14
C ALA D 76 -51.23 -63.39 -13.83
N LYS D 77 -51.99 -62.59 -14.58
CA LYS D 77 -53.44 -62.56 -14.41
C LYS D 77 -54.05 -63.91 -14.74
N LEU D 78 -53.51 -64.60 -15.74
CA LEU D 78 -54.01 -65.93 -16.08
C LEU D 78 -53.64 -66.94 -15.00
N ALA D 79 -52.46 -66.80 -14.40
CA ALA D 79 -52.02 -67.71 -13.35
C ALA D 79 -52.43 -67.24 -11.96
N ASN D 80 -53.16 -66.13 -11.86
CA ASN D 80 -53.56 -65.55 -10.57
C ASN D 80 -52.34 -65.33 -9.68
N ALA D 81 -51.34 -64.67 -10.24
CA ALA D 81 -50.04 -64.52 -9.61
C ALA D 81 -49.70 -63.05 -9.41
N PRO D 82 -49.02 -62.71 -8.32
CA PRO D 82 -48.60 -61.32 -8.12
C PRO D 82 -47.60 -60.89 -9.18
N PHE D 83 -47.72 -59.64 -9.60
CA PHE D 83 -46.92 -59.11 -10.70
C PHE D 83 -46.47 -57.70 -10.35
N ILE D 84 -45.27 -57.35 -10.78
CA ILE D 84 -44.73 -56.01 -10.59
C ILE D 84 -43.76 -55.71 -11.72
N LYS D 85 -43.75 -54.46 -12.16
CA LYS D 85 -42.86 -54.00 -13.23
C LYS D 85 -42.00 -52.87 -12.68
N VAL D 86 -40.69 -52.98 -12.88
CA VAL D 86 -39.73 -52.00 -12.39
C VAL D 86 -38.78 -51.62 -13.53
N GLU D 87 -38.39 -50.36 -13.56
CA GLU D 87 -37.42 -49.89 -14.53
C GLU D 87 -36.03 -50.10 -13.94
N ALA D 88 -35.14 -50.70 -14.74
CA ALA D 88 -33.81 -51.04 -14.24
C ALA D 88 -32.98 -49.80 -13.92
N THR D 89 -33.19 -48.71 -14.65
CA THR D 89 -32.39 -47.51 -14.45
C THR D 89 -32.69 -46.80 -13.13
N LYS D 90 -33.74 -47.21 -12.41
CA LYS D 90 -34.07 -46.54 -11.16
C LYS D 90 -32.94 -46.63 -10.15
N PHE D 91 -32.13 -47.68 -10.22
CA PHE D 91 -31.08 -47.95 -9.25
C PHE D 91 -29.74 -47.35 -9.63
N THR D 92 -29.67 -46.61 -10.74
CA THR D 92 -28.40 -45.99 -11.13
C THR D 92 -28.02 -44.86 -10.20
N GLU D 93 -29.01 -44.16 -9.64
CA GLU D 93 -28.74 -43.03 -8.76
C GLU D 93 -28.27 -43.48 -7.39
N GLY D 98 -29.59 -43.52 -3.97
CA GLY D 98 -30.49 -44.30 -4.80
C GLY D 98 -31.35 -45.28 -4.02
N LYS D 99 -32.37 -45.83 -4.68
CA LYS D 99 -33.26 -46.80 -4.04
C LYS D 99 -32.62 -48.17 -4.01
N GLU D 100 -32.79 -48.87 -2.90
CA GLU D 100 -32.24 -50.22 -2.77
C GLU D 100 -32.93 -51.17 -3.74
N VAL D 101 -32.17 -52.17 -4.19
CA VAL D 101 -32.72 -53.15 -5.12
C VAL D 101 -33.67 -54.12 -4.41
N ASP D 102 -33.60 -54.20 -3.09
CA ASP D 102 -34.50 -55.07 -2.35
C ASP D 102 -35.94 -54.58 -2.39
N SER D 103 -36.17 -53.31 -2.75
CA SER D 103 -37.52 -52.77 -2.78
C SER D 103 -38.41 -53.47 -3.79
N ILE D 104 -37.82 -54.09 -4.81
CA ILE D 104 -38.61 -54.86 -5.77
C ILE D 104 -39.42 -55.94 -5.05
N ILE D 105 -38.76 -56.70 -4.19
CA ILE D 105 -39.44 -57.75 -3.45
C ILE D 105 -40.35 -57.16 -2.38
N ARG D 106 -40.01 -55.98 -1.87
CA ARG D 106 -40.88 -55.31 -0.90
C ARG D 106 -42.20 -54.92 -1.55
N ASP D 107 -42.14 -54.25 -2.70
CA ASP D 107 -43.35 -53.80 -3.36
C ASP D 107 -44.14 -54.95 -3.96
N LEU D 108 -43.47 -56.05 -4.31
CA LEU D 108 -44.19 -57.22 -4.79
C LEU D 108 -45.01 -57.87 -3.68
N THR D 109 -44.46 -57.89 -2.47
CA THR D 109 -45.20 -58.43 -1.33
C THR D 109 -46.43 -57.59 -1.02
N ASP D 110 -46.28 -56.26 -1.05
CA ASP D 110 -47.42 -55.39 -0.80
C ASP D 110 -48.54 -55.64 -1.81
N ALA D 111 -48.19 -55.77 -3.09
CA ALA D 111 -49.20 -56.01 -4.12
C ALA D 111 -49.90 -57.35 -3.91
N ALA D 112 -49.21 -58.33 -3.35
CA ALA D 112 -49.83 -59.62 -3.08
C ALA D 112 -50.69 -59.59 -1.82
N VAL D 113 -50.39 -58.71 -0.87
CA VAL D 113 -51.19 -58.62 0.34
C VAL D 113 -52.60 -58.15 0.01
N LYS D 114 -52.72 -57.09 -0.79
CA LYS D 114 -54.04 -56.62 -1.18
C LYS D 114 -54.75 -57.62 -2.09
N MSE D 115 -54.00 -58.32 -2.94
CA MSE D 115 -54.58 -59.26 -3.89
C MSE D 115 -55.31 -60.40 -3.19
O MSE D 115 -56.48 -60.66 -3.46
CB MSE D 115 -53.48 -59.81 -4.79
CG MSE D 115 -53.98 -60.60 -5.98
SE MSE D 115 -52.51 -61.49 -6.87
CE MSE D 115 -52.16 -62.88 -5.54
N VAL D 116 -54.61 -61.11 -2.30
CA VAL D 116 -55.22 -62.20 -1.56
C VAL D 116 -56.26 -61.70 -0.56
N ARG D 117 -56.19 -60.42 -0.20
CA ARG D 117 -57.19 -59.85 0.71
C ARG D 117 -58.52 -59.62 0.00
N VAL D 118 -58.47 -59.07 -1.22
CA VAL D 118 -59.70 -58.82 -1.97
C VAL D 118 -60.34 -60.14 -2.41
N GLN D 119 -59.52 -61.13 -2.79
CA GLN D 119 -60.06 -62.43 -3.16
C GLN D 119 -60.61 -63.17 -1.95
N ALA D 120 -60.12 -62.85 -0.75
CA ALA D 120 -60.68 -63.46 0.46
C ALA D 120 -62.03 -62.86 0.81
N ILE D 121 -62.23 -61.57 0.53
CA ILE D 121 -63.53 -60.94 0.77
C ILE D 121 -64.60 -61.56 -0.13
N GLU D 122 -64.23 -61.91 -1.36
CA GLU D 122 -65.18 -62.57 -2.26
C GLU D 122 -65.67 -63.89 -1.68
N LYS D 123 -64.75 -64.68 -1.11
CA LYS D 123 -65.17 -65.89 -0.41
C LYS D 123 -66.03 -65.58 0.80
N ASN D 124 -65.77 -64.45 1.47
CA ASN D 124 -66.56 -64.07 2.63
C ASN D 124 -67.86 -63.39 2.22
N LYS D 237 -66.03 -63.21 10.66
CA LYS D 237 -65.29 -63.38 11.91
C LYS D 237 -64.40 -64.61 11.88
N LEU D 238 -64.75 -65.58 11.04
CA LEU D 238 -63.96 -66.81 10.91
C LEU D 238 -62.61 -66.55 10.26
N VAL D 239 -62.45 -65.42 9.57
CA VAL D 239 -61.22 -65.11 8.84
C VAL D 239 -60.23 -64.47 9.80
N ASN D 240 -59.00 -64.98 9.79
CA ASN D 240 -57.92 -64.50 10.66
C ASN D 240 -56.92 -63.67 9.87
N PRO D 241 -56.59 -62.46 10.32
CA PRO D 241 -55.62 -61.65 9.58
C PRO D 241 -54.23 -62.26 9.53
N GLU D 242 -53.86 -63.07 10.52
CA GLU D 242 -52.56 -63.73 10.51
C GLU D 242 -52.52 -64.85 9.45
N GLU D 243 -53.62 -65.57 9.29
CA GLU D 243 -53.69 -66.62 8.28
C GLU D 243 -53.67 -66.05 6.87
N LEU D 244 -54.21 -64.85 6.69
CA LEU D 244 -54.23 -64.25 5.36
C LEU D 244 -52.86 -63.73 4.95
N LYS D 245 -52.11 -63.14 5.90
CA LYS D 245 -50.78 -62.66 5.58
C LYS D 245 -49.86 -63.80 5.16
N GLN D 246 -50.04 -64.99 5.75
CA GLN D 246 -49.22 -66.13 5.38
C GLN D 246 -49.53 -66.62 3.97
N ASP D 247 -50.80 -66.51 3.55
CA ASP D 247 -51.17 -66.94 2.21
C ASP D 247 -50.57 -66.04 1.13
N ALA D 248 -50.37 -64.76 1.45
CA ALA D 248 -49.77 -63.85 0.47
C ALA D 248 -48.31 -64.18 0.24
N ILE D 249 -47.58 -64.50 1.31
CA ILE D 249 -46.15 -64.81 1.18
C ILE D 249 -45.95 -66.08 0.35
N ASP D 250 -46.86 -67.05 0.48
CA ASP D 250 -46.78 -68.23 -0.36
C ASP D 250 -47.03 -67.89 -1.82
N ALA D 251 -47.84 -66.87 -2.09
CA ALA D 251 -48.09 -66.43 -3.45
C ALA D 251 -46.90 -65.67 -4.03
N VAL D 252 -46.13 -64.98 -3.19
CA VAL D 252 -44.95 -64.29 -3.68
C VAL D 252 -43.83 -65.28 -3.98
N GLU D 253 -43.60 -66.24 -3.10
CA GLU D 253 -42.48 -67.17 -3.28
C GLU D 253 -42.77 -68.16 -4.39
N GLN D 254 -43.92 -68.83 -4.36
CA GLN D 254 -44.23 -69.84 -5.38
C GLN D 254 -44.67 -69.20 -6.69
N HIS D 255 -45.64 -68.29 -6.64
CA HIS D 255 -46.27 -67.74 -7.85
C HIS D 255 -45.73 -66.38 -8.28
N GLY D 256 -44.82 -65.77 -7.53
CA GLY D 256 -44.44 -64.40 -7.82
C GLY D 256 -43.83 -64.26 -9.21
N ILE D 257 -44.11 -63.12 -9.85
CA ILE D 257 -43.59 -62.81 -11.18
C ILE D 257 -43.14 -61.35 -11.18
N VAL D 258 -41.91 -61.10 -11.64
CA VAL D 258 -41.32 -59.76 -11.68
C VAL D 258 -40.88 -59.47 -13.10
N PHE D 259 -41.15 -58.24 -13.55
CA PHE D 259 -40.79 -57.79 -14.89
C PHE D 259 -39.85 -56.61 -14.78
N ILE D 260 -38.69 -56.72 -15.40
CA ILE D 260 -37.67 -55.67 -15.37
C ILE D 260 -37.59 -55.08 -16.76
N ASP D 261 -38.11 -53.86 -16.91
CA ASP D 261 -38.10 -53.19 -18.19
C ASP D 261 -36.74 -52.53 -18.43
N GLU D 262 -36.41 -52.36 -19.71
CA GLU D 262 -35.20 -51.66 -20.18
C GLU D 262 -33.94 -52.08 -19.42
N ILE D 263 -33.74 -53.39 -19.32
CA ILE D 263 -32.52 -53.90 -18.71
C ILE D 263 -31.31 -53.63 -19.59
N ASP D 264 -31.52 -53.37 -20.88
CA ASP D 264 -30.41 -53.09 -21.79
C ASP D 264 -29.71 -51.78 -21.48
N LYS D 265 -30.33 -50.92 -20.68
CA LYS D 265 -29.75 -49.61 -20.39
C LYS D 265 -28.71 -49.64 -19.27
N ILE D 266 -28.60 -50.75 -18.52
CA ILE D 266 -27.59 -50.86 -17.47
C ILE D 266 -26.33 -51.57 -17.95
N CYS D 267 -26.26 -51.94 -19.22
CA CYS D 267 -25.08 -52.57 -19.77
C CYS D 267 -23.98 -51.54 -20.02
N LYS D 268 -22.75 -52.03 -20.13
CA LYS D 268 -21.59 -51.19 -20.35
C LYS D 268 -21.62 -50.53 -21.73
N PRO D 275 -20.13 -44.04 -15.93
CA PRO D 275 -21.45 -44.56 -15.59
C PRO D 275 -21.52 -46.09 -15.61
N ASP D 276 -20.55 -46.73 -16.27
CA ASP D 276 -20.57 -48.18 -16.42
C ASP D 276 -20.38 -48.89 -15.08
N VAL D 277 -19.60 -48.31 -14.17
CA VAL D 277 -19.44 -48.92 -12.85
C VAL D 277 -20.74 -48.83 -12.06
N SER D 278 -21.45 -47.71 -12.19
CA SER D 278 -22.76 -47.57 -11.55
C SER D 278 -23.84 -48.36 -12.27
N ARG D 279 -23.75 -48.47 -13.59
CA ARG D 279 -24.74 -49.25 -14.35
C ARG D 279 -24.59 -50.74 -14.08
N GLU D 280 -23.37 -51.27 -14.19
CA GLU D 280 -23.18 -52.69 -13.92
C GLU D 280 -23.31 -53.02 -12.44
N GLY D 281 -23.07 -52.04 -11.57
CA GLY D 281 -23.34 -52.25 -10.15
C GLY D 281 -24.80 -52.58 -9.88
N VAL D 282 -25.71 -52.09 -10.72
CA VAL D 282 -27.10 -52.52 -10.62
C VAL D 282 -27.21 -54.01 -10.85
N GLN D 283 -26.50 -54.53 -11.85
CA GLN D 283 -26.56 -55.96 -12.15
C GLN D 283 -26.03 -56.79 -10.97
N ARG D 284 -24.91 -56.37 -10.38
CA ARG D 284 -24.34 -57.09 -9.25
C ARG D 284 -25.27 -57.07 -8.04
N ASP D 285 -26.05 -55.99 -7.88
CA ASP D 285 -27.06 -55.95 -6.84
C ASP D 285 -28.33 -56.70 -7.24
N LEU D 286 -28.62 -56.78 -8.55
CA LEU D 286 -29.73 -57.59 -9.02
C LEU D 286 -29.40 -59.07 -9.03
N LEU D 287 -28.14 -59.44 -8.88
CA LEU D 287 -27.75 -60.85 -8.95
C LEU D 287 -28.38 -61.70 -7.86
N PRO D 288 -28.31 -61.35 -6.57
CA PRO D 288 -28.91 -62.22 -5.54
C PRO D 288 -30.40 -62.45 -5.71
N LEU D 289 -31.10 -61.62 -6.49
CA LEU D 289 -32.54 -61.81 -6.66
C LEU D 289 -32.83 -62.96 -7.61
N VAL D 290 -32.10 -63.04 -8.72
CA VAL D 290 -32.30 -64.14 -9.67
C VAL D 290 -31.66 -65.43 -9.16
N GLU D 291 -30.46 -65.35 -8.58
CA GLU D 291 -29.85 -66.53 -7.98
C GLU D 291 -30.62 -66.99 -6.74
N GLY D 292 -31.47 -66.14 -6.20
CA GLY D 292 -32.26 -66.45 -5.02
C GLY D 292 -31.61 -65.94 -3.75
N CYS D 293 -32.42 -65.47 -2.81
CA CYS D 293 -31.94 -64.93 -1.54
C CYS D 293 -33.16 -64.71 -0.66
N THR D 294 -32.91 -64.13 0.52
CA THR D 294 -33.96 -63.85 1.49
C THR D 294 -34.00 -62.35 1.74
N VAL D 295 -35.14 -61.72 1.43
CA VAL D 295 -35.33 -60.28 1.59
C VAL D 295 -36.37 -60.04 2.67
N SER D 296 -36.06 -59.15 3.60
CA SER D 296 -36.94 -58.84 4.72
C SER D 296 -37.94 -57.77 4.32
N THR D 297 -39.22 -58.04 4.58
CA THR D 297 -40.30 -57.09 4.38
C THR D 297 -41.10 -56.99 5.67
N LYS D 298 -41.93 -55.95 5.76
CA LYS D 298 -42.73 -55.76 6.96
C LYS D 298 -43.73 -56.88 7.18
N HIS D 299 -44.11 -57.59 6.13
CA HIS D 299 -45.04 -58.70 6.26
C HIS D 299 -44.33 -60.00 6.66
N GLY D 300 -43.02 -60.02 6.57
CA GLY D 300 -42.23 -61.19 6.90
C GLY D 300 -41.04 -61.23 5.98
N MSE D 301 -40.32 -62.34 6.06
CA MSE D 301 -39.20 -62.49 5.14
C MSE D 301 -39.56 -63.40 3.97
O MSE D 301 -40.21 -64.43 4.13
CB MSE D 301 -37.93 -62.93 5.89
CG MSE D 301 -37.40 -61.80 6.76
SE MSE D 301 -35.93 -62.27 7.95
CE MSE D 301 -34.48 -62.34 6.65
N VAL D 302 -39.16 -62.96 2.76
CA VAL D 302 -39.60 -63.56 1.52
C VAL D 302 -38.41 -64.10 0.76
N LYS D 303 -38.53 -65.33 0.27
CA LYS D 303 -37.48 -65.99 -0.48
C LYS D 303 -37.79 -65.88 -1.97
N THR D 304 -36.82 -65.39 -2.73
CA THR D 304 -36.97 -65.11 -4.15
C THR D 304 -36.56 -66.29 -5.04
N ASP D 305 -36.24 -67.44 -4.43
CA ASP D 305 -35.73 -68.57 -5.21
C ASP D 305 -36.68 -68.95 -6.34
N HIS D 306 -37.96 -69.10 -6.05
CA HIS D 306 -38.92 -69.59 -7.03
C HIS D 306 -39.61 -68.47 -7.81
N ILE D 307 -39.27 -67.21 -7.57
CA ILE D 307 -39.90 -66.11 -8.28
C ILE D 307 -39.44 -66.11 -9.72
N LEU D 308 -40.40 -66.02 -10.65
CA LEU D 308 -40.09 -65.92 -12.06
C LEU D 308 -39.71 -64.49 -12.41
N PHE D 309 -38.65 -64.33 -13.20
CA PHE D 309 -38.18 -63.02 -13.63
C PHE D 309 -38.24 -62.93 -15.14
N ILE D 310 -38.70 -61.78 -15.64
CA ILE D 310 -38.73 -61.50 -17.07
C ILE D 310 -38.11 -60.12 -17.27
N ALA D 311 -37.11 -60.07 -18.15
CA ALA D 311 -36.43 -58.82 -18.46
C ALA D 311 -36.68 -58.46 -19.92
N SER D 312 -36.65 -57.16 -20.21
CA SER D 312 -36.88 -56.70 -21.56
C SER D 312 -35.91 -55.56 -21.89
N GLY D 313 -35.71 -55.34 -23.17
CA GLY D 313 -34.87 -54.26 -23.63
C GLY D 313 -34.90 -54.18 -25.15
N ALA D 314 -34.53 -53.00 -25.65
CA ALA D 314 -34.46 -52.81 -27.09
C ALA D 314 -33.18 -53.41 -27.65
N PHE D 315 -32.07 -53.29 -26.92
CA PHE D 315 -30.79 -53.87 -27.31
C PHE D 315 -30.30 -53.35 -28.65
N GLN D 316 -30.65 -52.12 -29.00
CA GLN D 316 -30.05 -51.49 -30.16
C GLN D 316 -28.68 -50.91 -29.84
N ILE D 317 -28.53 -50.32 -28.66
CA ILE D 317 -27.24 -49.76 -28.26
C ILE D 317 -26.27 -50.86 -27.84
N ALA D 318 -26.71 -51.77 -26.97
CA ALA D 318 -25.90 -52.87 -26.48
C ALA D 318 -26.54 -54.20 -26.92
N LYS D 319 -25.92 -55.29 -26.52
CA LYS D 319 -26.39 -56.63 -26.81
C LYS D 319 -26.47 -57.41 -25.50
N PRO D 320 -27.27 -58.49 -25.46
CA PRO D 320 -27.33 -59.30 -24.23
C PRO D 320 -25.99 -59.84 -23.80
N SER D 321 -25.05 -60.04 -24.74
CA SER D 321 -23.72 -60.50 -24.39
C SER D 321 -22.96 -59.49 -23.54
N ASP D 322 -23.43 -58.25 -23.46
CA ASP D 322 -22.79 -57.24 -22.63
C ASP D 322 -23.21 -57.30 -21.17
N LEU D 323 -24.23 -58.10 -20.85
CA LEU D 323 -24.58 -58.35 -19.47
C LEU D 323 -23.47 -59.14 -18.78
N ILE D 324 -23.41 -59.04 -17.46
CA ILE D 324 -22.40 -59.78 -16.70
C ILE D 324 -22.64 -61.27 -16.92
N PRO D 325 -21.59 -62.10 -16.95
CA PRO D 325 -21.81 -63.53 -17.21
C PRO D 325 -22.69 -64.20 -16.18
N GLU D 326 -22.66 -63.75 -14.92
CA GLU D 326 -23.52 -64.35 -13.90
C GLU D 326 -24.99 -64.12 -14.21
N LEU D 327 -25.32 -63.01 -14.87
CA LEU D 327 -26.70 -62.71 -15.20
C LEU D 327 -27.19 -63.48 -16.42
N GLN D 328 -26.34 -63.59 -17.45
CA GLN D 328 -26.70 -64.37 -18.62
C GLN D 328 -27.10 -65.79 -18.24
N GLY D 329 -26.33 -66.42 -17.35
CA GLY D 329 -26.63 -67.78 -16.92
C GLY D 329 -27.93 -67.92 -16.16
N ARG D 330 -28.44 -66.82 -15.60
CA ARG D 330 -29.73 -66.82 -14.92
C ARG D 330 -30.89 -66.44 -15.83
N LEU D 331 -30.61 -66.07 -17.08
CA LEU D 331 -31.62 -65.74 -18.07
C LEU D 331 -31.48 -66.69 -19.25
N PRO D 332 -31.81 -67.98 -19.06
CA PRO D 332 -31.55 -68.96 -20.13
C PRO D 332 -32.43 -68.79 -21.36
N ILE D 333 -33.68 -68.37 -21.18
CA ILE D 333 -34.63 -68.25 -22.28
C ILE D 333 -34.51 -66.86 -22.89
N ARG D 334 -34.30 -66.80 -24.21
CA ARG D 334 -34.22 -65.55 -24.94
C ARG D 334 -35.21 -65.60 -26.10
N VAL D 335 -35.96 -64.52 -26.28
CA VAL D 335 -36.97 -64.43 -27.34
C VAL D 335 -36.99 -63.01 -27.89
N GLU D 336 -37.10 -62.90 -29.22
CA GLU D 336 -37.21 -61.61 -29.89
C GLU D 336 -38.65 -61.40 -30.34
N LEU D 337 -39.17 -60.20 -30.11
CA LEU D 337 -40.51 -59.83 -30.52
C LEU D 337 -40.43 -59.00 -31.81
N GLN D 338 -41.27 -59.35 -32.78
CA GLN D 338 -41.29 -58.66 -34.05
C GLN D 338 -41.98 -57.30 -33.90
N ALA D 339 -41.58 -56.36 -34.75
CA ALA D 339 -42.19 -55.04 -34.74
C ALA D 339 -43.57 -55.09 -35.37
N LEU D 340 -44.47 -54.26 -34.85
CA LEU D 340 -45.84 -54.23 -35.35
C LEU D 340 -45.92 -53.45 -36.66
N THR D 341 -46.81 -53.90 -37.54
CA THR D 341 -47.04 -53.29 -38.84
C THR D 341 -48.44 -52.71 -38.90
N THR D 342 -48.79 -52.13 -40.05
CA THR D 342 -50.12 -51.57 -40.22
C THR D 342 -51.18 -52.65 -40.11
N SER D 343 -50.92 -53.83 -40.67
CA SER D 343 -51.88 -54.92 -40.58
C SER D 343 -52.12 -55.36 -39.14
N ASP D 344 -51.08 -55.32 -38.31
CA ASP D 344 -51.23 -55.70 -36.91
C ASP D 344 -52.00 -54.66 -36.13
N PHE D 345 -51.80 -53.37 -36.44
CA PHE D 345 -52.57 -52.32 -35.78
C PHE D 345 -54.06 -52.51 -36.02
N GLU D 346 -54.44 -52.92 -37.24
CA GLU D 346 -55.85 -53.18 -37.53
C GLU D 346 -56.39 -54.29 -36.66
N ARG D 347 -55.60 -55.34 -36.43
CA ARG D 347 -56.06 -56.48 -35.65
C ARG D 347 -56.13 -56.15 -34.16
N ILE D 348 -55.26 -55.24 -33.68
CA ILE D 348 -55.30 -54.87 -32.27
C ILE D 348 -56.58 -54.10 -31.96
N LEU D 349 -57.12 -53.36 -32.93
CA LEU D 349 -58.31 -52.55 -32.68
C LEU D 349 -59.57 -53.41 -32.53
N THR D 350 -59.58 -54.62 -33.09
CA THR D 350 -60.80 -55.43 -33.13
C THR D 350 -60.64 -56.77 -32.41
N GLU D 351 -59.73 -57.63 -32.88
CA GLU D 351 -59.61 -59.01 -32.38
C GLU D 351 -59.57 -59.16 -30.87
N PRO D 352 -58.72 -58.45 -30.11
CA PRO D 352 -58.61 -58.74 -28.68
C PRO D 352 -59.93 -58.49 -27.95
N ASN D 353 -60.25 -59.40 -27.03
CA ASN D 353 -61.40 -59.20 -26.16
C ASN D 353 -61.21 -57.90 -25.39
N ALA D 354 -62.25 -57.06 -25.40
CA ALA D 354 -62.20 -55.75 -24.76
C ALA D 354 -61.14 -54.86 -25.39
N SER D 355 -61.06 -54.89 -26.72
CA SER D 355 -60.21 -53.97 -27.46
C SER D 355 -60.75 -52.55 -27.34
N ILE D 356 -59.88 -51.58 -27.64
CA ILE D 356 -60.21 -50.18 -27.43
C ILE D 356 -61.44 -49.75 -28.23
N THR D 357 -61.69 -50.38 -29.38
CA THR D 357 -62.90 -50.05 -30.13
C THR D 357 -64.12 -50.71 -29.50
N VAL D 358 -63.99 -51.94 -29.01
CA VAL D 358 -65.11 -52.60 -28.35
C VAL D 358 -65.40 -51.92 -27.02
N GLN D 359 -64.35 -51.51 -26.30
CA GLN D 359 -64.57 -50.73 -25.08
C GLN D 359 -65.25 -49.41 -25.39
N TYR D 360 -64.83 -48.73 -26.46
CA TYR D 360 -65.46 -47.48 -26.82
C TYR D 360 -66.88 -47.68 -27.33
N LYS D 361 -67.14 -48.80 -28.01
CA LYS D 361 -68.49 -49.08 -28.47
C LYS D 361 -69.44 -49.26 -27.29
N ALA D 362 -68.95 -49.86 -26.21
CA ALA D 362 -69.77 -50.04 -25.01
C ALA D 362 -69.87 -48.77 -24.19
N LEU D 363 -68.83 -47.93 -24.18
CA LEU D 363 -68.90 -46.68 -23.44
C LEU D 363 -69.91 -45.72 -24.06
N MSE D 364 -70.02 -45.73 -25.38
CA MSE D 364 -70.97 -44.87 -26.06
C MSE D 364 -72.39 -45.42 -25.94
O MSE D 364 -73.35 -44.66 -25.86
CB MSE D 364 -70.58 -44.69 -27.52
CG MSE D 364 -69.31 -43.86 -27.73
SE MSE D 364 -69.28 -42.26 -26.61
CE MSE D 364 -68.06 -42.88 -25.22
N ALA D 365 -72.49 -46.75 -25.90
CA ALA D 365 -73.78 -47.38 -25.63
C ALA D 365 -74.34 -46.99 -24.27
N THR D 366 -73.47 -46.60 -23.33
CA THR D 366 -73.96 -46.14 -22.03
C THR D 366 -74.79 -44.88 -22.19
N GLU D 367 -74.37 -43.97 -23.05
CA GLU D 367 -75.10 -42.74 -23.32
C GLU D 367 -76.28 -42.95 -24.27
N GLY D 368 -76.40 -44.14 -24.87
CA GLY D 368 -77.45 -44.41 -25.82
C GLY D 368 -77.06 -44.30 -27.28
N VAL D 369 -75.78 -44.12 -27.57
CA VAL D 369 -75.28 -43.97 -28.93
C VAL D 369 -74.75 -45.30 -29.41
N ASN D 370 -75.08 -45.67 -30.64
CA ASN D 370 -74.61 -46.91 -31.24
C ASN D 370 -73.48 -46.56 -32.22
N ILE D 371 -72.26 -46.95 -31.87
CA ILE D 371 -71.08 -46.72 -32.71
C ILE D 371 -70.80 -47.98 -33.51
N GLU D 372 -70.46 -47.78 -34.78
CA GLU D 372 -70.09 -48.89 -35.67
C GLU D 372 -68.84 -48.49 -36.44
N PHE D 373 -67.79 -49.30 -36.33
CA PHE D 373 -66.52 -49.05 -37.02
C PHE D 373 -66.49 -49.89 -38.28
N THR D 374 -66.50 -49.22 -39.44
CA THR D 374 -66.34 -49.94 -40.70
C THR D 374 -64.90 -50.37 -40.89
N ASP D 375 -64.70 -51.34 -41.78
CA ASP D 375 -63.35 -51.82 -42.06
C ASP D 375 -62.50 -50.76 -42.75
N SER D 376 -63.11 -49.91 -43.57
CA SER D 376 -62.35 -48.82 -44.18
C SER D 376 -61.92 -47.79 -43.16
N GLY D 377 -62.71 -47.60 -42.10
CA GLY D 377 -62.33 -46.66 -41.06
C GLY D 377 -61.24 -47.21 -40.16
N ILE D 378 -61.38 -48.48 -39.74
CA ILE D 378 -60.37 -49.12 -38.91
C ILE D 378 -59.03 -49.14 -39.64
N LYS D 379 -59.04 -49.35 -40.95
CA LYS D 379 -57.81 -49.31 -41.72
C LYS D 379 -57.20 -47.91 -41.72
N ARG D 380 -58.03 -46.87 -41.86
CA ARG D 380 -57.50 -45.51 -41.85
C ARG D 380 -57.17 -45.02 -40.45
N ILE D 381 -57.75 -45.63 -39.41
CA ILE D 381 -57.26 -45.39 -38.06
C ILE D 381 -55.85 -45.94 -37.90
N ALA D 382 -55.61 -47.15 -38.40
CA ALA D 382 -54.28 -47.75 -38.29
C ALA D 382 -53.26 -47.00 -39.12
N GLU D 383 -53.60 -46.67 -40.37
CA GLU D 383 -52.67 -45.92 -41.21
C GLU D 383 -52.33 -44.56 -40.60
N ALA D 384 -53.28 -43.98 -39.85
CA ALA D 384 -52.99 -42.71 -39.18
C ALA D 384 -51.98 -42.91 -38.06
N ALA D 385 -52.17 -43.95 -37.24
CA ALA D 385 -51.20 -44.22 -36.18
C ALA D 385 -49.83 -44.57 -36.74
N TRP D 386 -49.80 -45.31 -37.85
CA TRP D 386 -48.53 -45.64 -38.48
C TRP D 386 -47.82 -44.41 -39.04
N GLN D 387 -48.60 -43.45 -39.55
CA GLN D 387 -47.98 -42.27 -40.16
C GLN D 387 -47.33 -41.38 -39.09
N VAL D 388 -47.95 -41.26 -37.92
CA VAL D 388 -47.35 -40.46 -36.86
C VAL D 388 -46.07 -41.09 -36.34
N ASN D 389 -46.06 -42.42 -36.20
CA ASN D 389 -44.85 -43.10 -35.76
C ASN D 389 -43.74 -42.98 -36.77
N GLU D 390 -44.07 -43.00 -38.06
CA GLU D 390 -43.06 -42.85 -39.10
C GLU D 390 -42.64 -41.39 -39.29
N SER D 391 -43.52 -40.44 -39.00
CA SER D 391 -43.21 -39.03 -39.21
C SER D 391 -42.40 -38.44 -38.06
N THR D 392 -42.65 -38.88 -36.83
CA THR D 392 -41.98 -38.30 -35.67
C THR D 392 -41.21 -39.34 -34.88
N GLU D 393 -41.84 -39.90 -33.85
CA GLU D 393 -41.23 -40.93 -33.01
C GLU D 393 -42.17 -42.12 -32.94
N ASN D 394 -41.59 -43.32 -32.94
CA ASN D 394 -42.36 -44.56 -32.90
C ASN D 394 -42.59 -44.96 -31.44
N ILE D 395 -43.83 -44.82 -30.98
CA ILE D 395 -44.20 -45.23 -29.62
C ILE D 395 -44.91 -46.57 -29.61
N GLY D 396 -44.90 -47.30 -30.72
CA GLY D 396 -45.51 -48.62 -30.76
C GLY D 396 -47.02 -48.56 -30.85
N ALA D 397 -47.67 -49.58 -30.30
CA ALA D 397 -49.12 -49.66 -30.31
C ALA D 397 -49.79 -48.62 -29.42
N ARG D 398 -49.01 -47.91 -28.59
CA ARG D 398 -49.59 -46.86 -27.76
C ARG D 398 -50.14 -45.70 -28.58
N ARG D 399 -49.70 -45.55 -29.83
CA ARG D 399 -50.23 -44.48 -30.68
C ARG D 399 -51.71 -44.71 -30.98
N LEU D 400 -52.16 -45.97 -30.97
CA LEU D 400 -53.58 -46.25 -31.20
C LEU D 400 -54.44 -45.64 -30.11
N HIS D 401 -53.92 -45.48 -28.90
CA HIS D 401 -54.70 -44.90 -27.81
C HIS D 401 -54.93 -43.40 -28.05
N THR D 402 -53.86 -42.66 -28.35
CA THR D 402 -53.98 -41.21 -28.52
C THR D 402 -54.72 -40.87 -29.82
N VAL D 403 -54.49 -41.65 -30.88
CA VAL D 403 -55.15 -41.38 -32.15
C VAL D 403 -56.66 -41.62 -32.03
N LEU D 404 -57.06 -42.68 -31.32
CA LEU D 404 -58.48 -42.98 -31.21
C LEU D 404 -59.21 -41.92 -30.39
N GLU D 405 -58.56 -41.38 -29.35
CA GLU D 405 -59.22 -40.39 -28.50
C GLU D 405 -59.44 -39.08 -29.23
N ARG D 406 -58.48 -38.68 -30.08
CA ARG D 406 -58.67 -37.47 -30.88
C ARG D 406 -59.78 -37.66 -31.90
N LEU D 407 -59.93 -38.87 -32.44
CA LEU D 407 -61.00 -39.12 -33.41
C LEU D 407 -62.37 -39.11 -32.74
N MSE D 408 -62.44 -39.61 -31.50
CA MSE D 408 -63.71 -39.79 -30.81
C MSE D 408 -64.07 -38.65 -29.87
O MSE D 408 -65.08 -38.72 -29.18
CB MSE D 408 -63.67 -41.10 -30.03
CG MSE D 408 -63.50 -42.33 -30.88
SE MSE D 408 -65.12 -42.80 -31.86
CE MSE D 408 -64.76 -41.89 -33.55
N GLU D 409 -63.24 -37.61 -29.83
CA GLU D 409 -63.42 -36.56 -28.84
C GLU D 409 -64.74 -35.81 -29.06
N GLU D 410 -65.12 -35.59 -30.31
CA GLU D 410 -66.35 -34.86 -30.59
C GLU D 410 -67.58 -35.70 -30.26
N ILE D 411 -67.52 -37.00 -30.53
CA ILE D 411 -68.66 -37.86 -30.22
C ILE D 411 -68.77 -38.09 -28.72
N SER D 412 -67.63 -38.20 -28.03
CA SER D 412 -67.66 -38.44 -26.59
C SER D 412 -68.26 -37.26 -25.83
N TYR D 413 -68.04 -36.04 -26.33
CA TYR D 413 -68.66 -34.88 -25.68
C TYR D 413 -70.13 -34.75 -26.04
N ASP D 414 -70.49 -35.09 -27.27
CA ASP D 414 -71.86 -34.99 -27.74
C ASP D 414 -72.67 -36.26 -27.50
N ALA D 415 -72.09 -37.26 -26.83
CA ALA D 415 -72.77 -38.54 -26.66
C ALA D 415 -74.07 -38.40 -25.88
N SER D 416 -74.16 -37.42 -24.99
CA SER D 416 -75.40 -37.21 -24.24
C SER D 416 -76.52 -36.73 -25.16
N ASP D 417 -76.20 -35.87 -26.13
CA ASP D 417 -77.22 -35.34 -27.02
C ASP D 417 -77.49 -36.25 -28.21
N LEU D 418 -76.61 -37.21 -28.47
CA LEU D 418 -76.77 -38.15 -29.59
C LEU D 418 -77.54 -39.41 -29.19
N SER D 419 -78.06 -39.45 -27.97
CA SER D 419 -78.73 -40.65 -27.46
C SER D 419 -79.81 -41.12 -28.42
N GLY D 420 -79.78 -42.42 -28.72
CA GLY D 420 -80.75 -43.03 -29.60
C GLY D 420 -80.39 -43.05 -31.06
N GLN D 421 -79.17 -42.65 -31.42
CA GLN D 421 -78.74 -42.55 -32.80
C GLN D 421 -77.65 -43.57 -33.08
N ASN D 422 -77.54 -43.96 -34.34
CA ASN D 422 -76.51 -44.90 -34.80
C ASN D 422 -75.46 -44.09 -35.56
N ILE D 423 -74.27 -43.97 -34.98
CA ILE D 423 -73.16 -43.27 -35.59
C ILE D 423 -72.23 -44.30 -36.22
N THR D 424 -71.97 -44.15 -37.52
CA THR D 424 -71.13 -45.07 -38.27
C THR D 424 -69.78 -44.39 -38.53
N ILE D 425 -68.71 -45.04 -38.12
CA ILE D 425 -67.36 -44.53 -38.32
C ILE D 425 -66.83 -45.15 -39.60
N ASP D 426 -66.71 -44.35 -40.66
CA ASP D 426 -66.18 -44.79 -41.93
C ASP D 426 -64.79 -44.20 -42.16
N ALA D 427 -64.21 -44.52 -43.32
CA ALA D 427 -62.90 -43.98 -43.68
C ALA D 427 -62.96 -42.47 -43.88
N ASP D 428 -64.09 -41.95 -44.36
CA ASP D 428 -64.21 -40.51 -44.55
C ASP D 428 -64.26 -39.78 -43.22
N TYR D 429 -64.93 -40.35 -42.22
CA TYR D 429 -64.97 -39.72 -40.90
C TYR D 429 -63.59 -39.66 -40.28
N VAL D 430 -62.78 -40.69 -40.52
CA VAL D 430 -61.42 -40.72 -39.98
C VAL D 430 -60.56 -39.65 -40.64
N SER D 431 -60.64 -39.54 -41.97
CA SER D 431 -59.82 -38.56 -42.69
C SER D 431 -60.21 -37.13 -42.35
N LYS D 432 -61.43 -36.89 -41.87
CA LYS D 432 -61.84 -35.52 -41.55
C LYS D 432 -61.22 -35.05 -40.24
N HIS D 433 -61.21 -35.90 -39.21
CA HIS D 433 -60.70 -35.51 -37.91
C HIS D 433 -59.21 -35.79 -37.74
N LEU D 434 -58.58 -36.45 -38.70
CA LEU D 434 -57.20 -36.89 -38.57
C LEU D 434 -56.29 -36.30 -39.63
N ASP D 435 -56.57 -36.53 -40.92
CA ASP D 435 -55.65 -36.13 -41.99
C ASP D 435 -55.20 -34.68 -41.86
N ALA D 436 -56.03 -33.83 -41.24
CA ALA D 436 -55.58 -32.48 -40.94
C ALA D 436 -54.44 -32.49 -39.92
N LEU D 437 -54.59 -33.27 -38.86
CA LEU D 437 -53.58 -33.30 -37.80
C LEU D 437 -52.39 -34.17 -38.18
N VAL D 438 -52.64 -35.35 -38.75
CA VAL D 438 -51.56 -36.29 -39.04
C VAL D 438 -50.59 -35.73 -40.06
N ALA D 439 -51.08 -34.90 -41.00
CA ALA D 439 -50.21 -34.36 -42.02
C ALA D 439 -49.21 -33.36 -41.46
N ASP D 440 -49.58 -32.63 -40.42
CA ASP D 440 -48.69 -31.65 -39.82
C ASP D 440 -47.92 -32.30 -38.68
N GLU D 441 -46.60 -32.43 -38.88
CA GLU D 441 -45.78 -33.08 -37.86
C GLU D 441 -45.63 -32.20 -36.62
N ASP D 442 -45.64 -30.87 -36.78
CA ASP D 442 -45.52 -29.98 -35.64
C ASP D 442 -46.70 -30.13 -34.69
N LEU D 443 -47.90 -30.33 -35.24
CA LEU D 443 -49.09 -30.54 -34.42
C LEU D 443 -49.18 -31.98 -33.92
N SER D 444 -48.62 -32.94 -34.67
CA SER D 444 -48.72 -34.34 -34.28
C SER D 444 -47.98 -34.61 -32.97
N ARG D 445 -46.93 -33.83 -32.68
CA ARG D 445 -46.16 -34.07 -31.47
C ARG D 445 -46.94 -33.66 -30.22
N PHE D 446 -47.62 -32.52 -30.26
CA PHE D 446 -48.38 -32.07 -29.10
C PHE D 446 -49.69 -32.84 -28.95
N ILE D 447 -50.45 -32.97 -30.03
CA ILE D 447 -51.80 -33.52 -29.95
C ILE D 447 -51.79 -35.04 -29.96
N LEU D 448 -50.94 -35.65 -30.79
CA LEU D 448 -50.91 -37.11 -30.90
C LEU D 448 -49.70 -37.72 -30.20
N HIS E 5 -70.98 -43.66 -5.62
CA HIS E 5 -71.18 -42.22 -5.51
C HIS E 5 -70.66 -41.51 -6.76
N HIS E 6 -71.13 -41.94 -7.94
CA HIS E 6 -70.71 -41.36 -9.21
C HIS E 6 -71.79 -40.37 -9.65
N SER E 7 -71.40 -39.11 -9.79
CA SER E 7 -72.34 -38.08 -10.20
C SER E 7 -72.79 -38.31 -11.64
N GLU E 8 -74.07 -38.05 -11.90
CA GLU E 8 -74.70 -38.36 -13.18
C GLU E 8 -74.67 -37.20 -14.16
N MSE E 9 -73.99 -36.12 -13.83
CA MSE E 9 -73.93 -34.93 -14.69
C MSE E 9 -73.35 -35.21 -16.08
O MSE E 9 -72.32 -35.88 -16.21
CB MSE E 9 -73.13 -33.82 -14.03
CG MSE E 9 -73.80 -33.21 -12.80
SE MSE E 9 -72.76 -31.70 -12.12
CE MSE E 9 -74.00 -31.10 -10.72
N THR E 10 -74.01 -34.69 -17.10
CA THR E 10 -73.55 -34.81 -18.47
C THR E 10 -72.37 -33.88 -18.71
N PRO E 11 -71.57 -34.15 -19.76
CA PRO E 11 -70.42 -33.28 -20.04
C PRO E 11 -70.77 -31.81 -20.18
N ARG E 12 -71.93 -31.50 -20.77
CA ARG E 12 -72.34 -30.10 -20.89
C ARG E 12 -72.73 -29.52 -19.53
N GLU E 13 -73.29 -30.34 -18.63
CA GLU E 13 -73.65 -29.84 -17.31
C GLU E 13 -72.42 -29.60 -16.46
N ILE E 14 -71.33 -30.31 -16.71
CA ILE E 14 -70.08 -30.05 -16.00
C ILE E 14 -69.46 -28.75 -16.51
N VAL E 15 -69.43 -28.56 -17.83
CA VAL E 15 -68.88 -27.33 -18.39
C VAL E 15 -69.69 -26.13 -17.92
N SER E 16 -71.02 -26.27 -17.86
CA SER E 16 -71.87 -25.17 -17.42
C SER E 16 -71.60 -24.83 -15.95
N GLU E 17 -71.30 -25.84 -15.14
CA GLU E 17 -70.97 -25.57 -13.74
C GLU E 17 -69.57 -24.98 -13.59
N LEU E 18 -68.64 -25.36 -14.47
CA LEU E 18 -67.30 -24.80 -14.43
C LEU E 18 -67.29 -23.34 -14.84
N ASP E 19 -68.22 -22.92 -15.69
CA ASP E 19 -68.29 -21.52 -16.09
C ASP E 19 -68.54 -20.60 -14.91
N LYS E 20 -69.15 -21.11 -13.83
CA LYS E 20 -69.38 -20.28 -12.65
C LYS E 20 -68.06 -19.86 -12.01
N HIS E 21 -66.99 -20.62 -12.23
CA HIS E 21 -65.70 -20.35 -11.58
C HIS E 21 -64.60 -19.99 -12.56
N ILE E 22 -64.41 -20.79 -13.60
CA ILE E 22 -63.37 -20.53 -14.59
C ILE E 22 -63.96 -19.75 -15.74
N ILE E 23 -63.18 -18.81 -16.28
CA ILE E 23 -63.59 -17.99 -17.40
C ILE E 23 -62.89 -18.50 -18.65
N GLY E 24 -63.67 -18.74 -19.71
CA GLY E 24 -63.08 -19.22 -20.95
C GLY E 24 -62.49 -20.61 -20.81
N GLN E 25 -61.50 -20.90 -21.65
CA GLN E 25 -60.83 -22.21 -21.68
C GLN E 25 -61.84 -23.34 -21.88
N ASP E 26 -62.74 -23.17 -22.86
CA ASP E 26 -63.80 -24.14 -23.07
C ASP E 26 -63.25 -25.48 -23.52
N ASN E 27 -62.17 -25.48 -24.30
CA ASN E 27 -61.58 -26.73 -24.77
C ASN E 27 -61.13 -27.60 -23.61
N ALA E 28 -60.50 -26.99 -22.60
CA ALA E 28 -60.05 -27.75 -21.44
C ALA E 28 -61.22 -28.27 -20.62
N LYS E 29 -62.30 -27.48 -20.52
CA LYS E 29 -63.47 -27.93 -19.78
C LYS E 29 -64.13 -29.12 -20.45
N ARG E 30 -64.16 -29.14 -21.79
CA ARG E 30 -64.71 -30.29 -22.49
C ARG E 30 -63.87 -31.54 -22.25
N SER E 31 -62.56 -31.39 -22.09
CA SER E 31 -61.70 -32.56 -21.88
C SER E 31 -61.93 -33.16 -20.50
N VAL E 32 -61.93 -32.33 -19.46
CA VAL E 32 -62.13 -32.85 -18.11
C VAL E 32 -63.57 -33.32 -17.93
N ALA E 33 -64.51 -32.78 -18.70
CA ALA E 33 -65.88 -33.27 -18.63
C ALA E 33 -65.97 -34.70 -19.18
N ILE E 34 -65.24 -34.97 -20.26
CA ILE E 34 -65.23 -36.33 -20.82
C ILE E 34 -64.64 -37.31 -19.82
N ALA E 35 -63.57 -36.91 -19.13
CA ALA E 35 -62.96 -37.78 -18.14
C ALA E 35 -63.91 -38.07 -16.98
N LEU E 36 -64.58 -37.03 -16.47
CA LEU E 36 -65.49 -37.24 -15.35
C LEU E 36 -66.76 -37.96 -15.79
N ARG E 37 -67.20 -37.75 -17.03
CA ARG E 37 -68.35 -38.51 -17.53
C ARG E 37 -68.02 -39.99 -17.67
N ASN E 38 -66.79 -40.32 -18.04
CA ASN E 38 -66.41 -41.72 -18.16
C ASN E 38 -66.42 -42.44 -16.82
N ARG E 39 -66.32 -41.71 -15.71
CA ARG E 39 -66.49 -42.33 -14.40
C ARG E 39 -67.88 -42.91 -14.25
N TRP E 40 -68.90 -42.21 -14.74
CA TRP E 40 -70.26 -42.71 -14.67
C TRP E 40 -70.52 -43.76 -15.75
N ARG E 41 -69.93 -43.58 -16.93
CA ARG E 41 -70.11 -44.54 -18.01
C ARG E 41 -69.52 -45.90 -17.65
N ARG E 42 -68.37 -45.92 -16.98
CA ARG E 42 -67.73 -47.19 -16.65
C ARG E 42 -68.54 -47.99 -15.65
N MSE E 43 -69.29 -47.32 -14.78
CA MSE E 43 -70.06 -48.00 -13.75
C MSE E 43 -71.25 -48.78 -14.32
O MSE E 43 -71.82 -49.63 -13.63
CB MSE E 43 -70.55 -47.00 -12.69
CG MSE E 43 -69.45 -46.40 -11.83
SE MSE E 43 -68.51 -47.74 -10.74
CE MSE E 43 -70.03 -48.43 -9.73
N GLN E 44 -71.59 -48.50 -15.56
CA GLN E 44 -72.73 -49.13 -16.22
C GLN E 44 -72.35 -50.33 -17.06
N LEU E 45 -71.06 -50.66 -17.15
CA LEU E 45 -70.62 -51.77 -17.98
C LEU E 45 -70.62 -53.07 -17.18
N ASN E 46 -70.18 -54.15 -17.82
CA ASN E 46 -70.12 -55.45 -17.18
C ASN E 46 -68.81 -55.60 -16.39
N GLU E 47 -68.66 -56.74 -15.73
CA GLU E 47 -67.49 -56.95 -14.87
C GLU E 47 -66.20 -57.00 -15.67
N GLU E 48 -66.23 -57.68 -16.82
CA GLU E 48 -65.03 -57.79 -17.65
C GLU E 48 -64.59 -56.44 -18.20
N LEU E 49 -65.54 -55.60 -18.61
CA LEU E 49 -65.18 -54.33 -19.24
C LEU E 49 -64.79 -53.27 -18.23
N ARG E 50 -65.10 -53.47 -16.95
CA ARG E 50 -64.86 -52.43 -15.94
C ARG E 50 -63.36 -52.21 -15.70
N HIS E 51 -62.62 -53.29 -15.54
CA HIS E 51 -61.18 -53.18 -15.29
C HIS E 51 -60.42 -52.91 -16.59
N GLU E 52 -60.88 -53.47 -17.70
CA GLU E 52 -60.18 -53.27 -18.97
C GLU E 52 -60.20 -51.79 -19.37
N VAL E 53 -61.27 -51.09 -19.03
CA VAL E 53 -61.39 -49.64 -19.27
C VAL E 53 -60.66 -48.90 -18.16
N THR E 54 -59.66 -48.12 -18.52
CA THR E 54 -58.90 -47.33 -17.58
C THR E 54 -59.15 -45.86 -17.83
N PRO E 55 -59.04 -45.03 -16.79
CA PRO E 55 -59.30 -43.59 -16.96
C PRO E 55 -58.40 -42.98 -18.02
N LYS E 56 -58.94 -42.00 -18.74
CA LYS E 56 -58.20 -41.29 -19.78
C LYS E 56 -57.55 -40.08 -19.10
N ASN E 57 -56.24 -40.12 -18.93
CA ASN E 57 -55.53 -39.04 -18.28
C ASN E 57 -55.28 -37.89 -19.25
N ILE E 58 -55.20 -36.69 -18.71
CA ILE E 58 -55.22 -35.47 -19.50
C ILE E 58 -53.90 -34.73 -19.33
N LEU E 59 -53.34 -34.26 -20.45
CA LEU E 59 -52.13 -33.44 -20.47
C LEU E 59 -52.51 -32.07 -21.01
N MSE E 60 -52.47 -31.06 -20.14
CA MSE E 60 -52.79 -29.67 -20.52
C MSE E 60 -51.54 -28.93 -20.97
O MSE E 60 -50.47 -29.07 -20.38
CB MSE E 60 -53.44 -28.92 -19.36
CG MSE E 60 -54.79 -29.48 -18.91
SE MSE E 60 -55.55 -28.53 -17.37
CE MSE E 60 -57.20 -29.57 -17.19
N ILE E 61 -51.68 -28.14 -22.04
CA ILE E 61 -50.57 -27.39 -22.62
C ILE E 61 -50.99 -25.93 -22.70
N GLY E 62 -50.21 -25.05 -22.06
CA GLY E 62 -50.49 -23.63 -22.12
C GLY E 62 -49.62 -22.81 -21.19
N PRO E 63 -49.59 -21.49 -21.44
CA PRO E 63 -48.78 -20.60 -20.59
C PRO E 63 -49.32 -20.54 -19.17
N THR E 64 -48.49 -20.01 -18.29
CA THR E 64 -48.84 -19.98 -16.87
C THR E 64 -49.98 -19.02 -16.58
N GLY E 65 -50.76 -19.35 -15.54
CA GLY E 65 -51.80 -18.47 -15.07
C GLY E 65 -53.03 -18.39 -15.94
N VAL E 66 -53.27 -19.38 -16.79
CA VAL E 66 -54.45 -19.38 -17.65
C VAL E 66 -55.61 -20.19 -17.08
N GLY E 67 -55.46 -20.73 -15.87
CA GLY E 67 -56.53 -21.49 -15.24
C GLY E 67 -56.41 -23.00 -15.31
N LYS E 68 -55.23 -23.54 -15.60
CA LYS E 68 -55.07 -24.98 -15.68
C LYS E 68 -55.35 -25.65 -14.34
N THR E 69 -54.87 -25.06 -13.25
CA THR E 69 -55.08 -25.67 -11.94
C THR E 69 -56.51 -25.46 -11.47
N GLU E 70 -57.06 -24.26 -11.68
CA GLU E 70 -58.42 -23.98 -11.22
C GLU E 70 -59.45 -24.88 -11.88
N ILE E 71 -59.22 -25.27 -13.13
CA ILE E 71 -60.11 -26.23 -13.77
C ILE E 71 -60.07 -27.56 -13.03
N ALA E 72 -58.89 -27.99 -12.60
CA ALA E 72 -58.75 -29.27 -11.92
C ALA E 72 -59.35 -29.23 -10.52
N ARG E 73 -59.10 -28.15 -9.77
CA ARG E 73 -59.68 -28.03 -8.44
C ARG E 73 -61.20 -28.05 -8.51
N ARG E 74 -61.77 -27.20 -9.36
CA ARG E 74 -63.23 -27.13 -9.47
C ARG E 74 -63.83 -28.40 -10.04
N LEU E 75 -63.04 -29.20 -10.76
CA LEU E 75 -63.55 -30.49 -11.24
C LEU E 75 -63.65 -31.50 -10.11
N ALA E 76 -62.61 -31.57 -9.27
CA ALA E 76 -62.65 -32.50 -8.14
C ALA E 76 -63.72 -32.12 -7.14
N LYS E 77 -63.81 -30.83 -6.80
CA LYS E 77 -64.83 -30.39 -5.85
C LYS E 77 -66.24 -30.60 -6.40
N LEU E 78 -66.40 -30.49 -7.72
CA LEU E 78 -67.69 -30.75 -8.34
C LEU E 78 -68.07 -32.22 -8.22
N ALA E 79 -67.10 -33.11 -8.36
CA ALA E 79 -67.35 -34.54 -8.30
C ALA E 79 -67.24 -35.12 -6.90
N ASN E 80 -67.03 -34.29 -5.88
CA ASN E 80 -66.80 -34.75 -4.52
C ASN E 80 -65.67 -35.78 -4.49
N ALA E 81 -64.54 -35.39 -5.06
CA ALA E 81 -63.42 -36.28 -5.30
C ALA E 81 -62.18 -35.80 -4.54
N PRO E 82 -61.37 -36.73 -4.05
CA PRO E 82 -60.11 -36.32 -3.39
C PRO E 82 -59.15 -35.75 -4.42
N PHE E 83 -58.44 -34.70 -4.02
CA PHE E 83 -57.61 -33.95 -4.95
C PHE E 83 -56.28 -33.61 -4.30
N ILE E 84 -55.23 -33.61 -5.10
CA ILE E 84 -53.90 -33.22 -4.64
C ILE E 84 -53.12 -32.64 -5.82
N LYS E 85 -52.35 -31.59 -5.54
CA LYS E 85 -51.48 -30.97 -6.52
C LYS E 85 -50.04 -31.11 -6.07
N VAL E 86 -49.17 -31.59 -6.96
CA VAL E 86 -47.75 -31.76 -6.67
C VAL E 86 -46.94 -31.20 -7.82
N GLU E 87 -45.77 -30.66 -7.50
CA GLU E 87 -44.84 -30.18 -8.50
C GLU E 87 -43.96 -31.34 -8.93
N ALA E 88 -43.82 -31.53 -10.24
CA ALA E 88 -43.02 -32.65 -10.74
C ALA E 88 -41.54 -32.49 -10.39
N THR E 89 -41.07 -31.27 -10.20
CA THR E 89 -39.68 -31.04 -9.85
C THR E 89 -39.37 -31.34 -8.39
N LYS E 90 -40.39 -31.65 -7.57
CA LYS E 90 -40.12 -31.96 -6.17
C LYS E 90 -39.35 -33.27 -6.02
N PHE E 91 -39.47 -34.16 -6.99
CA PHE E 91 -38.91 -35.51 -6.91
C PHE E 91 -37.53 -35.63 -7.55
N THR E 92 -36.96 -34.53 -8.04
CA THR E 92 -35.63 -34.60 -8.63
C THR E 92 -34.57 -34.99 -7.60
N GLU E 93 -34.60 -34.36 -6.44
CA GLU E 93 -33.60 -34.59 -5.39
C GLU E 93 -33.73 -35.98 -4.80
N GLY E 98 -34.16 -38.07 -0.27
CA GLY E 98 -35.21 -37.23 -0.81
C GLY E 98 -36.61 -37.75 -0.57
N LYS E 99 -37.60 -37.09 -1.16
CA LYS E 99 -38.99 -37.51 -1.02
C LYS E 99 -39.34 -38.61 -2.03
N GLU E 100 -40.19 -39.53 -1.60
CA GLU E 100 -40.63 -40.62 -2.45
C GLU E 100 -41.71 -40.15 -3.42
N VAL E 101 -41.72 -40.75 -4.61
CA VAL E 101 -42.76 -40.44 -5.59
C VAL E 101 -44.10 -40.99 -5.14
N ASP E 102 -44.09 -42.10 -4.41
CA ASP E 102 -45.32 -42.68 -3.88
C ASP E 102 -46.03 -41.77 -2.89
N SER E 103 -45.38 -40.69 -2.43
CA SER E 103 -46.02 -39.81 -1.45
C SER E 103 -47.23 -39.08 -2.02
N ILE E 104 -47.38 -39.05 -3.34
CA ILE E 104 -48.54 -38.42 -3.95
C ILE E 104 -49.81 -39.18 -3.58
N ILE E 105 -49.77 -40.51 -3.67
CA ILE E 105 -50.93 -41.31 -3.29
C ILE E 105 -51.13 -41.29 -1.78
N ARG E 106 -50.06 -41.09 -1.01
CA ARG E 106 -50.19 -41.01 0.44
C ARG E 106 -50.98 -39.78 0.86
N ASP E 107 -50.56 -38.60 0.39
CA ASP E 107 -51.27 -37.38 0.73
C ASP E 107 -52.65 -37.33 0.10
N LEU E 108 -52.88 -38.07 -0.99
CA LEU E 108 -54.22 -38.14 -1.57
C LEU E 108 -55.16 -38.93 -0.67
N THR E 109 -54.68 -40.02 -0.10
CA THR E 109 -55.52 -40.82 0.79
C THR E 109 -55.82 -40.09 2.09
N ASP E 110 -54.82 -39.44 2.68
CA ASP E 110 -55.05 -38.64 3.87
C ASP E 110 -56.02 -37.50 3.59
N ALA E 111 -55.98 -36.92 2.39
CA ALA E 111 -56.95 -35.89 2.05
C ALA E 111 -58.35 -36.48 1.90
N ALA E 112 -58.45 -37.75 1.51
CA ALA E 112 -59.76 -38.38 1.39
C ALA E 112 -60.34 -38.77 2.73
N VAL E 113 -59.50 -39.16 3.69
CA VAL E 113 -59.99 -39.47 5.02
C VAL E 113 -60.62 -38.24 5.67
N LYS E 114 -59.93 -37.10 5.58
CA LYS E 114 -60.49 -35.85 6.06
C LYS E 114 -61.77 -35.50 5.31
N MSE E 115 -61.88 -35.93 4.06
CA MSE E 115 -63.03 -35.62 3.23
C MSE E 115 -64.27 -36.39 3.69
O MSE E 115 -65.33 -35.80 3.87
CB MSE E 115 -62.72 -35.95 1.78
CG MSE E 115 -63.67 -35.33 0.78
SE MSE E 115 -63.16 -35.86 -1.02
CE MSE E 115 -63.76 -37.71 -0.96
N VAL E 116 -64.12 -37.69 3.87
CA VAL E 116 -65.24 -38.51 4.33
C VAL E 116 -65.51 -38.31 5.81
N ARG E 117 -64.55 -37.76 6.56
CA ARG E 117 -64.79 -37.52 7.98
C ARG E 117 -65.68 -36.29 8.18
N VAL E 118 -65.35 -35.19 7.50
CA VAL E 118 -66.16 -33.97 7.64
C VAL E 118 -67.59 -34.22 7.18
N GLN E 119 -67.77 -35.02 6.13
CA GLN E 119 -69.10 -35.37 5.69
C GLN E 119 -69.83 -36.22 6.72
N ALA E 120 -69.10 -37.00 7.52
CA ALA E 120 -69.70 -37.78 8.58
C ALA E 120 -69.99 -36.93 9.82
N ILE E 121 -69.23 -35.85 10.02
CA ILE E 121 -69.49 -34.95 11.15
C ILE E 121 -70.79 -34.18 10.92
N GLU E 122 -71.05 -33.76 9.69
CA GLU E 122 -72.26 -32.99 9.42
C GLU E 122 -73.52 -33.80 9.68
N LYS E 123 -73.48 -35.11 9.42
CA LYS E 123 -74.63 -35.95 9.72
C LYS E 123 -74.84 -36.08 11.23
N ASN E 124 -73.76 -36.12 11.99
CA ASN E 124 -73.83 -36.26 13.44
C ASN E 124 -73.76 -34.94 14.18
N ARG E 125 -73.70 -33.81 13.47
CA ARG E 125 -73.50 -32.53 14.14
C ARG E 125 -74.69 -32.17 15.04
N TYR E 126 -75.90 -32.31 14.53
CA TYR E 126 -77.08 -31.97 15.33
C TYR E 126 -77.29 -32.96 16.47
N ARG E 127 -77.02 -34.24 16.22
CA ARG E 127 -77.17 -35.25 17.26
C ARG E 127 -76.09 -35.10 18.33
N ALA E 128 -74.85 -34.80 17.92
CA ALA E 128 -73.77 -34.66 18.90
C ALA E 128 -73.93 -33.38 19.71
N GLU E 129 -74.30 -32.28 19.06
CA GLU E 129 -74.54 -31.04 19.79
C GLU E 129 -75.69 -31.19 20.77
N GLU E 130 -76.71 -32.00 20.41
CA GLU E 130 -77.80 -32.27 21.34
C GLU E 130 -77.29 -33.01 22.57
N LEU E 131 -76.49 -34.06 22.38
CA LEU E 131 -75.92 -34.80 23.49
C LEU E 131 -74.82 -34.02 24.20
N ALA E 132 -74.15 -33.09 23.51
CA ALA E 132 -73.10 -32.30 24.15
C ALA E 132 -73.68 -31.35 25.18
N GLU E 133 -74.67 -30.54 24.78
CA GLU E 133 -75.35 -29.67 25.73
C GLU E 133 -76.13 -30.47 26.77
N GLU E 134 -76.52 -31.71 26.45
CA GLU E 134 -77.27 -32.51 27.40
C GLU E 134 -76.42 -32.87 28.62
N ARG E 135 -75.12 -33.14 28.40
CA ARG E 135 -74.24 -33.42 29.52
C ARG E 135 -73.93 -32.16 30.33
N ILE E 136 -73.98 -30.99 29.71
CA ILE E 136 -73.79 -29.75 30.45
C ILE E 136 -74.95 -29.52 31.42
N LEU E 137 -76.18 -29.80 30.98
CA LEU E 137 -77.34 -29.64 31.84
C LEU E 137 -77.29 -30.50 33.09
N ASP E 138 -76.55 -31.62 33.05
CA ASP E 138 -76.45 -32.46 34.23
C ASP E 138 -75.55 -31.83 35.29
N VAL E 139 -74.61 -30.98 34.88
CA VAL E 139 -73.81 -30.25 35.86
C VAL E 139 -74.59 -29.07 36.44
N LEU E 140 -75.35 -28.37 35.60
CA LEU E 140 -76.14 -27.24 36.07
C LEU E 140 -77.25 -27.68 37.01
N ILE E 141 -78.10 -28.58 36.54
CA ILE E 141 -79.18 -29.16 37.34
C ILE E 141 -78.89 -30.64 37.52
N PRO E 142 -78.44 -31.09 38.69
CA PRO E 142 -78.24 -32.52 38.91
C PRO E 142 -79.57 -33.26 38.95
N PRO E 143 -79.71 -34.33 38.18
CA PRO E 143 -80.90 -35.17 38.29
C PRO E 143 -80.79 -36.14 39.46
N ALA E 144 -81.94 -36.62 39.90
CA ALA E 144 -82.04 -37.70 40.87
C ALA E 144 -82.23 -39.01 40.10
N LYS E 145 -81.43 -40.01 40.42
CA LYS E 145 -81.43 -41.26 39.64
C LYS E 145 -82.74 -42.02 39.87
N ASN E 146 -83.45 -42.31 38.77
CA ASN E 146 -84.70 -43.04 38.85
C ASN E 146 -84.47 -44.54 39.00
N ASN E 147 -83.51 -45.08 38.24
CA ASN E 147 -83.16 -46.49 38.28
C ASN E 147 -81.76 -46.64 38.88
N TRP E 148 -81.61 -47.61 39.78
CA TRP E 148 -80.32 -47.87 40.41
C TRP E 148 -79.41 -48.66 39.47
N GLU E 156 -90.65 -34.98 31.83
CA GLU E 156 -89.42 -35.42 32.47
C GLU E 156 -88.35 -34.33 32.63
N PRO E 157 -88.11 -33.51 31.60
CA PRO E 157 -87.19 -32.38 31.78
C PRO E 157 -87.67 -31.35 32.80
N SER E 158 -88.96 -31.36 33.13
CA SER E 158 -89.54 -30.49 34.16
C SER E 158 -89.32 -29.04 33.75
N ALA E 159 -88.82 -28.17 34.63
CA ALA E 159 -88.74 -26.74 34.38
C ALA E 159 -87.29 -26.25 34.22
N ALA E 160 -86.48 -26.40 35.28
CA ALA E 160 -85.15 -25.82 35.28
C ALA E 160 -84.29 -26.35 34.14
N ARG E 161 -84.45 -27.63 33.79
CA ARG E 161 -83.68 -28.18 32.68
C ARG E 161 -84.07 -27.52 31.36
N GLN E 162 -85.38 -27.37 31.11
CA GLN E 162 -85.83 -26.68 29.91
C GLN E 162 -85.44 -25.21 29.93
N ALA E 163 -85.37 -24.60 31.12
CA ALA E 163 -84.97 -23.21 31.22
C ALA E 163 -83.49 -23.04 30.92
N PHE E 164 -82.64 -23.86 31.56
CA PHE E 164 -81.19 -23.79 31.30
C PHE E 164 -80.88 -24.13 29.84
N ARG E 165 -81.63 -25.06 29.25
CA ARG E 165 -81.41 -25.41 27.86
C ARG E 165 -81.63 -24.22 26.94
N LYS E 166 -82.74 -23.51 27.13
CA LYS E 166 -83.03 -22.35 26.31
C LYS E 166 -82.11 -21.18 26.61
N LYS E 167 -81.57 -21.12 27.84
CA LYS E 167 -80.61 -20.07 28.17
C LYS E 167 -79.21 -20.37 27.65
N LEU E 168 -78.94 -21.63 27.29
CA LEU E 168 -77.61 -21.98 26.78
C LEU E 168 -77.48 -21.67 25.30
N ARG E 169 -78.49 -22.06 24.51
CA ARG E 169 -78.46 -21.77 23.08
C ARG E 169 -78.53 -20.28 22.83
N GLU E 170 -79.55 -19.61 23.38
CA GLU E 170 -79.75 -18.19 23.10
C GLU E 170 -78.75 -17.32 23.85
N GLY E 171 -78.36 -17.74 25.05
CA GLY E 171 -77.58 -16.87 25.91
C GLY E 171 -76.08 -16.94 25.65
N GLN E 172 -75.42 -15.81 25.89
CA GLN E 172 -73.97 -15.70 25.83
C GLN E 172 -73.32 -16.06 27.16
N LEU E 173 -74.07 -16.68 28.08
CA LEU E 173 -73.61 -16.99 29.42
C LEU E 173 -72.48 -18.02 29.46
N ASP E 174 -72.00 -18.50 28.31
CA ASP E 174 -70.94 -19.50 28.28
C ASP E 174 -69.63 -19.03 28.91
N ASP E 175 -69.49 -17.73 29.18
CA ASP E 175 -68.29 -17.21 29.83
C ASP E 175 -68.14 -17.69 31.27
N LYS E 176 -69.19 -18.24 31.87
CA LYS E 176 -69.12 -18.71 33.24
C LYS E 176 -68.23 -19.95 33.34
N GLU E 177 -67.77 -20.23 34.55
CA GLU E 177 -66.83 -21.31 34.83
C GLU E 177 -67.60 -22.52 35.36
N ILE E 178 -67.47 -23.64 34.66
CA ILE E 178 -68.18 -24.87 35.00
C ILE E 178 -67.20 -26.03 34.98
N GLU E 179 -67.40 -27.00 35.87
CA GLU E 179 -66.51 -28.15 36.02
C GLU E 179 -67.21 -29.40 35.49
N ILE E 180 -66.67 -29.96 34.40
CA ILE E 180 -67.23 -31.15 33.75
C ILE E 180 -66.14 -32.22 33.64
N ASP E 181 -66.58 -33.46 33.53
CA ASP E 181 -65.68 -34.60 33.37
C ASP E 181 -65.46 -34.87 31.88
N LEU E 182 -64.19 -35.05 31.49
CA LEU E 182 -63.82 -35.28 30.11
C LEU E 182 -62.65 -36.25 30.05
N ALA E 183 -62.52 -36.92 28.90
CA ALA E 183 -61.45 -37.89 28.72
C ALA E 183 -60.11 -37.18 28.55
N ALA E 184 -59.03 -37.94 28.80
CA ALA E 184 -57.68 -37.41 28.66
C ALA E 184 -56.72 -38.56 28.41
N ALA E 185 -55.54 -38.21 27.87
CA ALA E 185 -54.51 -39.19 27.60
C ALA E 185 -53.41 -39.03 28.65
N PRO E 186 -53.25 -39.97 29.58
CA PRO E 186 -52.27 -39.77 30.66
C PRO E 186 -50.82 -39.89 30.23
N MSE E 187 -50.55 -40.47 29.07
CA MSE E 187 -49.18 -40.79 28.66
C MSE E 187 -48.26 -39.56 28.64
O MSE E 187 -47.28 -39.50 29.38
CB MSE E 187 -49.16 -41.49 27.30
CG MSE E 187 -49.87 -42.85 27.26
SE MSE E 187 -48.83 -44.32 28.06
CE MSE E 187 -50.22 -45.68 28.11
N GLY E 188 -48.60 -38.58 27.80
CA GLY E 188 -47.80 -37.35 27.71
C GLY E 188 -46.32 -37.61 27.48
N VAL E 189 -45.99 -38.55 26.61
CA VAL E 189 -44.60 -38.93 26.34
C VAL E 189 -44.17 -38.36 25.00
N GLU E 190 -42.94 -37.83 24.96
CA GLU E 190 -42.38 -37.22 23.76
C GLU E 190 -41.19 -38.04 23.28
N ILE E 191 -41.17 -38.38 22.00
CA ILE E 191 -40.12 -39.19 21.40
C ILE E 191 -39.29 -38.32 20.47
N MSE E 192 -37.97 -38.37 20.62
CA MSE E 192 -37.07 -37.70 19.69
C MSE E 192 -36.92 -38.53 18.41
O MSE E 192 -36.77 -39.75 18.46
CB MSE E 192 -35.71 -37.45 20.33
CG MSE E 192 -35.67 -36.20 21.17
SE MSE E 192 -36.37 -34.67 20.20
CE MSE E 192 -38.11 -34.51 21.08
N ALA E 193 -36.95 -37.85 17.27
CA ALA E 193 -36.86 -38.52 15.98
C ALA E 193 -36.04 -37.68 15.02
N PRO E 194 -35.26 -38.31 14.15
CA PRO E 194 -34.64 -37.61 13.03
C PRO E 194 -35.71 -37.12 12.07
N PRO E 195 -35.38 -36.20 11.16
CA PRO E 195 -36.41 -35.61 10.27
C PRO E 195 -37.24 -36.63 9.49
N GLY E 196 -36.67 -37.79 9.16
CA GLY E 196 -37.42 -38.77 8.40
C GLY E 196 -38.46 -39.51 9.21
N MSE E 197 -38.26 -39.61 10.52
CA MSE E 197 -39.16 -40.36 11.39
C MSE E 197 -40.27 -39.48 11.95
O MSE E 197 -41.05 -39.92 12.79
CB MSE E 197 -38.37 -40.98 12.56
CG MSE E 197 -37.16 -41.80 12.16
SE MSE E 197 -37.50 -43.24 10.90
CE MSE E 197 -36.63 -42.48 9.34
N GLU E 198 -40.34 -38.23 11.47
CA GLU E 198 -41.34 -37.30 11.99
C GLU E 198 -42.76 -37.85 11.83
N GLU E 199 -43.01 -38.61 10.76
CA GLU E 199 -44.35 -39.18 10.56
C GLU E 199 -44.57 -40.43 11.40
N MSE E 200 -43.55 -41.29 11.51
CA MSE E 200 -43.71 -42.58 12.19
C MSE E 200 -43.89 -42.43 13.69
O MSE E 200 -44.74 -43.11 14.29
CB MSE E 200 -42.51 -43.47 11.90
CG MSE E 200 -42.61 -44.84 12.57
SE MSE E 200 -40.95 -45.86 12.50
CE MSE E 200 -39.82 -44.65 13.53
N THR E 201 -43.10 -41.56 14.31
CA THR E 201 -43.18 -41.39 15.76
C THR E 201 -44.52 -40.82 16.19
N SER E 202 -45.14 -39.98 15.34
CA SER E 202 -46.48 -39.50 15.64
C SER E 202 -47.49 -40.66 15.61
N GLN E 203 -47.27 -41.62 14.72
CA GLN E 203 -48.15 -42.79 14.65
C GLN E 203 -48.01 -43.67 15.88
N LEU E 204 -46.78 -43.79 16.40
CA LEU E 204 -46.57 -44.58 17.62
C LEU E 204 -47.22 -43.91 18.82
N GLN E 205 -47.19 -42.57 18.87
CA GLN E 205 -47.84 -41.86 19.97
C GLN E 205 -49.34 -42.12 20.00
N SER E 206 -49.95 -42.30 18.83
CA SER E 206 -51.38 -42.62 18.77
C SER E 206 -51.69 -44.01 19.29
N MSE E 207 -50.72 -44.91 19.32
CA MSE E 207 -50.93 -46.27 19.79
C MSE E 207 -50.94 -46.36 21.31
O MSE E 207 -51.75 -47.05 21.90
CB MSE E 207 -49.88 -47.22 19.21
CG MSE E 207 -49.78 -47.19 17.69
SE MSE E 207 -48.70 -48.62 16.94
CE MSE E 207 -48.50 -47.91 15.13
N PHE E 208 -50.01 -45.63 21.95
CA PHE E 208 -49.96 -45.65 23.41
C PHE E 208 -51.17 -44.97 24.02
N GLN E 209 -51.74 -43.97 23.35
CA GLN E 209 -52.97 -43.36 23.84
C GLN E 209 -54.16 -44.31 23.71
N ASN E 210 -54.17 -45.13 22.66
CA ASN E 210 -55.29 -46.04 22.43
C ASN E 210 -55.22 -47.29 23.30
N LEU E 211 -54.02 -47.69 23.72
CA LEU E 211 -53.88 -48.94 24.46
C LEU E 211 -54.33 -48.80 25.92
N GLY E 212 -53.53 -48.11 26.74
CA GLY E 212 -53.79 -48.05 28.15
C GLY E 212 -55.01 -47.25 28.58
N GLY E 213 -55.04 -45.97 28.24
CA GLY E 213 -56.03 -45.07 28.81
C GLY E 213 -57.43 -45.34 28.29
N GLN E 214 -58.36 -45.67 29.19
CA GLN E 214 -59.79 -45.49 28.96
C GLN E 214 -60.35 -44.91 30.25
N LYS E 215 -60.81 -43.66 30.21
CA LYS E 215 -61.27 -42.97 31.42
C LYS E 215 -61.66 -41.54 31.05
N GLN E 216 -62.29 -40.87 32.00
CA GLN E 216 -62.65 -39.46 31.89
C GLN E 216 -62.26 -38.77 33.19
N LYS E 217 -61.42 -37.75 33.07
CA LYS E 217 -60.91 -37.00 34.22
C LYS E 217 -61.67 -35.69 34.36
N ALA E 218 -62.11 -35.38 35.58
CA ALA E 218 -62.82 -34.14 35.83
C ALA E 218 -61.86 -32.96 35.76
N ARG E 219 -62.28 -31.89 35.08
CA ARG E 219 -61.48 -30.68 34.96
C ARG E 219 -62.40 -29.48 34.81
N LYS E 220 -61.95 -28.34 35.34
CA LYS E 220 -62.72 -27.10 35.29
C LYS E 220 -62.44 -26.38 33.97
N LEU E 221 -63.49 -25.83 33.38
CA LEU E 221 -63.40 -25.19 32.07
C LEU E 221 -64.38 -24.04 32.01
N LYS E 222 -64.55 -23.48 30.82
CA LYS E 222 -65.60 -22.53 30.52
C LYS E 222 -66.54 -23.15 29.50
N ILE E 223 -67.83 -22.83 29.60
CA ILE E 223 -68.83 -23.44 28.73
C ILE E 223 -68.52 -23.18 27.26
N LYS E 224 -67.94 -22.02 26.94
CA LYS E 224 -67.58 -21.74 25.56
C LYS E 224 -66.56 -22.75 25.03
N ASP E 225 -65.51 -23.01 25.80
CA ASP E 225 -64.50 -23.97 25.41
C ASP E 225 -64.82 -25.40 25.82
N ALA E 226 -65.77 -25.60 26.74
CA ALA E 226 -66.17 -26.96 27.10
C ALA E 226 -67.12 -27.57 26.08
N MSE E 227 -67.99 -26.76 25.47
CA MSE E 227 -68.91 -27.30 24.47
C MSE E 227 -68.25 -27.81 23.22
O MSE E 227 -68.55 -28.88 22.73
CB MSE E 227 -70.00 -26.27 24.16
CG MSE E 227 -70.95 -26.69 23.09
SE MSE E 227 -72.25 -27.87 23.94
CE MSE E 227 -73.39 -26.54 24.84
N LYS E 228 -67.28 -27.02 22.69
CA LYS E 228 -66.56 -27.46 21.50
C LYS E 228 -65.78 -28.73 21.75
N LEU E 229 -65.30 -28.93 22.98
CA LEU E 229 -64.63 -30.18 23.34
C LEU E 229 -65.62 -31.30 23.60
N LEU E 230 -66.86 -30.96 23.95
CA LEU E 230 -67.91 -31.97 24.12
C LEU E 230 -68.49 -32.44 22.80
N ILE E 231 -68.47 -31.59 21.77
CA ILE E 231 -68.93 -32.01 20.45
C ILE E 231 -67.96 -33.03 19.87
N GLU E 232 -66.66 -32.85 20.09
CA GLU E 232 -65.68 -33.78 19.57
C GLU E 232 -65.85 -35.17 20.18
N GLU E 233 -66.09 -35.23 21.49
CA GLU E 233 -66.22 -36.52 22.16
C GLU E 233 -67.49 -37.25 21.74
N GLU E 234 -68.60 -36.53 21.59
CA GLU E 234 -69.86 -37.17 21.24
C GLU E 234 -69.91 -37.55 19.77
N ALA E 235 -69.29 -36.74 18.90
CA ALA E 235 -69.28 -37.07 17.48
C ALA E 235 -68.42 -38.29 17.18
N ALA E 236 -67.40 -38.55 18.01
CA ALA E 236 -66.54 -39.71 17.79
C ALA E 236 -67.29 -41.01 18.03
N LYS E 237 -68.18 -41.03 19.03
CA LYS E 237 -68.92 -42.25 19.32
C LYS E 237 -69.97 -42.54 18.25
N LEU E 238 -70.49 -41.51 17.59
CA LEU E 238 -71.59 -41.71 16.64
C LEU E 238 -71.09 -42.31 15.33
N VAL E 239 -69.91 -41.92 14.89
CA VAL E 239 -69.35 -42.42 13.63
C VAL E 239 -68.43 -43.60 13.90
N ASN E 240 -68.54 -44.63 13.06
CA ASN E 240 -67.72 -45.82 13.24
C ASN E 240 -66.37 -45.63 12.56
N PRO E 241 -65.27 -45.86 13.28
CA PRO E 241 -63.94 -45.69 12.65
C PRO E 241 -63.64 -46.71 11.57
N GLU E 242 -64.12 -47.94 11.74
CA GLU E 242 -63.85 -48.97 10.72
C GLU E 242 -64.60 -48.68 9.43
N GLU E 243 -65.87 -48.28 9.54
CA GLU E 243 -66.64 -47.98 8.34
C GLU E 243 -66.16 -46.70 7.66
N LEU E 244 -65.63 -45.75 8.44
CA LEU E 244 -65.18 -44.48 7.86
C LEU E 244 -63.87 -44.64 7.11
N LYS E 245 -62.90 -45.33 7.73
CA LYS E 245 -61.59 -45.46 7.09
C LYS E 245 -61.65 -46.37 5.86
N GLN E 246 -62.50 -47.39 5.90
CA GLN E 246 -62.64 -48.24 4.72
C GLN E 246 -63.41 -47.53 3.61
N ASP E 247 -64.27 -46.57 3.98
CA ASP E 247 -65.02 -45.83 2.96
C ASP E 247 -64.14 -44.83 2.23
N ALA E 248 -63.09 -44.32 2.90
CA ALA E 248 -62.17 -43.40 2.25
C ALA E 248 -61.33 -44.10 1.18
N ILE E 249 -61.02 -45.38 1.38
CA ILE E 249 -60.25 -46.12 0.38
C ILE E 249 -61.05 -46.28 -0.91
N ASP E 250 -62.35 -46.52 -0.78
CA ASP E 250 -63.22 -46.56 -1.95
C ASP E 250 -63.29 -45.22 -2.66
N ALA E 251 -63.04 -44.12 -1.95
CA ALA E 251 -63.04 -42.80 -2.56
C ALA E 251 -61.77 -42.52 -3.34
N VAL E 252 -60.63 -43.08 -2.91
CA VAL E 252 -59.37 -42.84 -3.60
C VAL E 252 -59.28 -43.67 -4.87
N GLU E 253 -59.68 -44.94 -4.81
CA GLU E 253 -59.55 -45.80 -5.98
C GLU E 253 -60.52 -45.38 -7.09
N GLN E 254 -61.81 -45.23 -6.74
CA GLN E 254 -62.80 -44.88 -7.76
C GLN E 254 -62.73 -43.41 -8.15
N HIS E 255 -62.78 -42.51 -7.17
CA HIS E 255 -62.96 -41.09 -7.43
C HIS E 255 -61.67 -40.26 -7.37
N GLY E 256 -60.52 -40.86 -7.09
CA GLY E 256 -59.32 -40.08 -6.89
C GLY E 256 -58.91 -39.30 -8.13
N ILE E 257 -58.39 -38.10 -7.92
CA ILE E 257 -57.90 -37.23 -8.98
C ILE E 257 -56.59 -36.59 -8.52
N VAL E 258 -55.55 -36.70 -9.36
CA VAL E 258 -54.22 -36.19 -9.05
C VAL E 258 -53.78 -35.24 -10.16
N PHE E 259 -53.20 -34.11 -9.77
CA PHE E 259 -52.75 -33.09 -10.70
C PHE E 259 -51.24 -32.91 -10.56
N ILE E 260 -50.51 -33.12 -11.66
CA ILE E 260 -49.06 -33.05 -11.67
C ILE E 260 -48.67 -31.79 -12.43
N ASP E 261 -48.18 -30.78 -11.71
CA ASP E 261 -47.83 -29.50 -12.30
C ASP E 261 -46.45 -29.56 -12.96
N GLU E 262 -46.25 -28.70 -13.96
CA GLU E 262 -44.96 -28.49 -14.63
C GLU E 262 -44.26 -29.79 -15.01
N ILE E 263 -45.01 -30.69 -15.65
CA ILE E 263 -44.44 -31.96 -16.09
C ILE E 263 -43.47 -31.76 -17.24
N ASP E 264 -43.47 -30.59 -17.90
CA ASP E 264 -42.57 -30.38 -19.02
C ASP E 264 -41.13 -30.15 -18.57
N LYS E 265 -40.91 -29.83 -17.28
CA LYS E 265 -39.58 -29.59 -16.78
C LYS E 265 -38.81 -30.86 -16.46
N ILE E 266 -39.47 -32.01 -16.43
CA ILE E 266 -38.79 -33.28 -16.22
C ILE E 266 -38.43 -33.99 -17.53
N CYS E 267 -38.71 -33.36 -18.66
CA CYS E 267 -38.38 -33.92 -19.96
C CYS E 267 -36.90 -33.75 -20.27
N LYS E 268 -36.40 -34.61 -21.17
CA LYS E 268 -35.01 -34.57 -21.59
C LYS E 268 -34.69 -33.24 -22.28
N SER E 273 -27.14 -33.86 -20.60
CA SER E 273 -26.90 -35.29 -20.38
C SER E 273 -26.90 -35.62 -18.89
N GLY E 274 -26.22 -34.79 -18.10
CA GLY E 274 -26.12 -34.99 -16.68
C GLY E 274 -27.46 -34.87 -15.96
N PRO E 275 -28.13 -33.72 -16.09
CA PRO E 275 -29.46 -33.58 -15.48
C PRO E 275 -30.51 -34.45 -16.15
N ASP E 276 -30.35 -34.77 -17.43
CA ASP E 276 -31.38 -35.52 -18.15
C ASP E 276 -31.54 -36.93 -17.59
N VAL E 277 -30.48 -37.52 -17.03
CA VAL E 277 -30.61 -38.82 -16.39
C VAL E 277 -31.51 -38.73 -15.16
N SER E 278 -31.38 -37.65 -14.39
CA SER E 278 -32.23 -37.45 -13.22
C SER E 278 -33.63 -36.96 -13.61
N ARG E 279 -33.75 -36.20 -14.70
CA ARG E 279 -35.06 -35.70 -15.12
C ARG E 279 -35.96 -36.85 -15.57
N GLU E 280 -35.50 -37.66 -16.52
CA GLU E 280 -36.29 -38.81 -16.96
C GLU E 280 -36.50 -39.82 -15.85
N GLY E 281 -35.65 -39.80 -14.81
CA GLY E 281 -35.84 -40.70 -13.69
C GLY E 281 -37.15 -40.46 -12.96
N VAL E 282 -37.63 -39.22 -12.96
CA VAL E 282 -38.92 -38.95 -12.35
C VAL E 282 -40.04 -39.57 -13.17
N GLN E 283 -39.94 -39.51 -14.50
CA GLN E 283 -40.95 -40.12 -15.36
C GLN E 283 -40.95 -41.64 -15.21
N ARG E 284 -39.78 -42.24 -15.00
CA ARG E 284 -39.73 -43.69 -14.75
C ARG E 284 -40.38 -44.03 -13.43
N ASP E 285 -40.25 -43.14 -12.44
CA ASP E 285 -40.85 -43.38 -11.13
C ASP E 285 -42.33 -43.09 -11.11
N LEU E 286 -42.79 -42.12 -11.92
CA LEU E 286 -44.22 -41.83 -12.01
C LEU E 286 -44.98 -42.87 -12.83
N LEU E 287 -44.28 -43.63 -13.66
CA LEU E 287 -44.94 -44.54 -14.59
C LEU E 287 -45.82 -45.58 -13.91
N PRO E 288 -45.39 -46.26 -12.83
CA PRO E 288 -46.29 -47.22 -12.19
C PRO E 288 -47.53 -46.61 -11.58
N LEU E 289 -47.53 -45.29 -11.34
CA LEU E 289 -48.70 -44.65 -10.77
C LEU E 289 -49.82 -44.54 -11.80
N VAL E 290 -49.49 -44.11 -13.01
CA VAL E 290 -50.50 -43.89 -14.04
C VAL E 290 -50.94 -45.21 -14.67
N GLU E 291 -50.00 -46.15 -14.87
CA GLU E 291 -50.37 -47.46 -15.39
C GLU E 291 -51.06 -48.32 -14.34
N GLY E 292 -51.03 -47.91 -13.09
CA GLY E 292 -51.67 -48.62 -11.99
C GLY E 292 -50.71 -49.49 -11.23
N CYS E 293 -50.89 -49.56 -9.91
CA CYS E 293 -50.00 -50.29 -9.02
C CYS E 293 -50.63 -50.29 -7.64
N THR E 294 -49.93 -50.88 -6.68
CA THR E 294 -50.37 -50.96 -5.30
C THR E 294 -49.44 -50.12 -4.45
N VAL E 295 -49.99 -49.13 -3.75
CA VAL E 295 -49.22 -48.24 -2.88
C VAL E 295 -49.71 -48.42 -1.45
N SER E 296 -48.79 -48.61 -0.53
CA SER E 296 -49.13 -48.78 0.88
C SER E 296 -49.29 -47.43 1.55
N THR E 297 -50.39 -47.27 2.29
CA THR E 297 -50.66 -46.07 3.07
C THR E 297 -50.98 -46.49 4.50
N LYS E 298 -50.88 -45.53 5.41
CA LYS E 298 -51.18 -45.81 6.82
C LYS E 298 -52.65 -46.13 7.05
N HIS E 299 -53.52 -45.75 6.12
CA HIS E 299 -54.94 -46.08 6.22
C HIS E 299 -55.29 -47.43 5.58
N GLY E 300 -54.39 -48.01 4.80
CA GLY E 300 -54.64 -49.26 4.14
C GLY E 300 -53.89 -49.33 2.82
N MSE E 301 -54.31 -50.27 1.99
CA MSE E 301 -53.71 -50.44 0.67
C MSE E 301 -54.56 -49.75 -0.38
O MSE E 301 -55.79 -49.89 -0.40
CB MSE E 301 -53.57 -51.94 0.35
CG MSE E 301 -52.50 -52.67 1.15
SE MSE E 301 -50.65 -52.29 0.63
CE MSE E 301 -49.71 -53.42 1.90
N VAL E 302 -53.93 -48.98 -1.27
CA VAL E 302 -54.60 -48.16 -2.26
C VAL E 302 -54.18 -48.62 -3.65
N LYS E 303 -55.16 -48.78 -4.54
CA LYS E 303 -54.92 -49.19 -5.92
C LYS E 303 -55.14 -48.00 -6.83
N THR E 304 -54.12 -47.64 -7.61
CA THR E 304 -54.13 -46.44 -8.44
C THR E 304 -54.62 -46.70 -9.86
N ASP E 305 -55.12 -47.91 -10.14
CA ASP E 305 -55.56 -48.23 -11.49
C ASP E 305 -56.60 -47.24 -11.99
N HIS E 306 -57.60 -46.92 -11.17
CA HIS E 306 -58.73 -46.10 -11.59
C HIS E 306 -58.59 -44.62 -11.24
N ILE E 307 -57.47 -44.21 -10.65
CA ILE E 307 -57.25 -42.81 -10.32
C ILE E 307 -57.00 -42.01 -11.60
N LEU E 308 -57.60 -40.83 -11.66
CA LEU E 308 -57.42 -39.94 -12.81
C LEU E 308 -56.22 -39.03 -12.58
N PHE E 309 -55.37 -38.89 -13.59
CA PHE E 309 -54.19 -38.04 -13.55
C PHE E 309 -54.31 -36.92 -14.56
N ILE E 310 -53.91 -35.72 -14.16
CA ILE E 310 -53.92 -34.54 -15.02
C ILE E 310 -52.56 -33.88 -14.92
N ALA E 311 -51.88 -33.73 -16.05
CA ALA E 311 -50.58 -33.11 -16.12
C ALA E 311 -50.66 -31.81 -16.92
N SER E 312 -49.80 -30.86 -16.57
CA SER E 312 -49.82 -29.55 -17.20
C SER E 312 -48.39 -29.04 -17.38
N GLY E 313 -48.19 -28.23 -18.40
CA GLY E 313 -46.89 -27.63 -18.66
C GLY E 313 -46.98 -26.66 -19.81
N ALA E 314 -46.01 -25.74 -19.84
CA ALA E 314 -45.96 -24.74 -20.90
C ALA E 314 -45.45 -25.34 -22.21
N PHE E 315 -44.51 -26.28 -22.13
CA PHE E 315 -43.95 -26.95 -23.31
C PHE E 315 -43.28 -25.97 -24.27
N GLN E 316 -42.67 -24.91 -23.73
CA GLN E 316 -41.91 -23.98 -24.56
C GLN E 316 -40.51 -24.53 -24.87
N ILE E 317 -39.85 -25.09 -23.86
CA ILE E 317 -38.52 -25.66 -24.06
C ILE E 317 -38.61 -27.02 -24.76
N ALA E 318 -39.47 -27.89 -24.26
CA ALA E 318 -39.61 -29.25 -24.77
C ALA E 318 -40.97 -29.42 -25.44
N LYS E 319 -41.22 -30.64 -25.90
CA LYS E 319 -42.47 -31.02 -26.54
C LYS E 319 -42.99 -32.29 -25.90
N PRO E 320 -44.29 -32.55 -25.98
CA PRO E 320 -44.82 -33.80 -25.40
C PRO E 320 -44.22 -35.06 -26.01
N SER E 321 -43.69 -35.00 -27.24
CA SER E 321 -43.00 -36.14 -27.80
C SER E 321 -41.73 -36.48 -27.03
N ASP E 322 -41.20 -35.55 -26.24
CA ASP E 322 -40.00 -35.80 -25.45
C ASP E 322 -40.28 -36.57 -24.16
N LEU E 323 -41.53 -36.79 -23.82
CA LEU E 323 -41.88 -37.68 -22.71
C LEU E 323 -41.55 -39.12 -23.09
N ILE E 324 -41.40 -39.97 -22.09
CA ILE E 324 -41.04 -41.36 -22.42
C ILE E 324 -42.22 -42.03 -23.11
N PRO E 325 -42.01 -42.93 -24.07
CA PRO E 325 -43.16 -43.49 -24.80
C PRO E 325 -44.16 -44.23 -23.92
N GLU E 326 -43.73 -44.80 -22.79
CA GLU E 326 -44.69 -45.48 -21.93
C GLU E 326 -45.64 -44.50 -21.27
N LEU E 327 -45.21 -43.26 -21.07
CA LEU E 327 -46.06 -42.24 -20.46
C LEU E 327 -47.03 -41.61 -21.44
N GLN E 328 -46.64 -41.47 -22.71
CA GLN E 328 -47.52 -40.86 -23.70
C GLN E 328 -48.79 -41.68 -23.88
N GLY E 329 -48.66 -43.01 -23.91
CA GLY E 329 -49.82 -43.87 -24.05
C GLY E 329 -50.77 -43.82 -22.88
N ARG E 330 -50.31 -43.35 -21.72
CA ARG E 330 -51.13 -43.20 -20.53
C ARG E 330 -51.70 -41.80 -20.36
N LEU E 331 -51.38 -40.87 -21.26
CA LEU E 331 -51.97 -39.54 -21.30
C LEU E 331 -52.62 -39.36 -22.67
N PRO E 332 -53.73 -40.05 -22.93
CA PRO E 332 -54.34 -39.97 -24.28
C PRO E 332 -54.98 -38.64 -24.59
N ILE E 333 -55.58 -37.98 -23.59
CA ILE E 333 -56.33 -36.75 -23.83
C ILE E 333 -55.37 -35.57 -23.78
N ARG E 334 -55.33 -34.80 -24.87
CA ARG E 334 -54.46 -33.63 -24.98
C ARG E 334 -55.31 -32.41 -25.31
N VAL E 335 -55.06 -31.31 -24.60
CA VAL E 335 -55.80 -30.08 -24.79
C VAL E 335 -54.84 -28.90 -24.62
N GLU E 336 -54.91 -27.93 -25.53
CA GLU E 336 -54.14 -26.70 -25.43
C GLU E 336 -55.04 -25.61 -24.89
N LEU E 337 -54.53 -24.87 -23.91
CA LEU E 337 -55.26 -23.77 -23.27
C LEU E 337 -54.75 -22.44 -23.81
N GLN E 338 -55.66 -21.57 -24.20
CA GLN E 338 -55.31 -20.29 -24.78
C GLN E 338 -54.92 -19.30 -23.69
N ALA E 339 -54.08 -18.33 -24.06
CA ALA E 339 -53.65 -17.31 -23.12
C ALA E 339 -54.75 -16.30 -22.91
N LEU E 340 -54.84 -15.78 -21.70
CA LEU E 340 -55.90 -14.83 -21.35
C LEU E 340 -55.62 -13.46 -21.97
N THR E 341 -56.70 -12.75 -22.28
CA THR E 341 -56.64 -11.44 -22.89
C THR E 341 -57.18 -10.39 -21.92
N THR E 342 -57.14 -9.13 -22.35
CA THR E 342 -57.70 -8.06 -21.54
C THR E 342 -59.18 -8.29 -21.28
N SER E 343 -59.91 -8.74 -22.30
CA SER E 343 -61.33 -9.06 -22.12
C SER E 343 -61.53 -10.15 -21.08
N ASP E 344 -60.60 -11.10 -21.00
CA ASP E 344 -60.72 -12.17 -20.02
C ASP E 344 -60.45 -11.65 -18.60
N PHE E 345 -59.49 -10.73 -18.45
CA PHE E 345 -59.22 -10.15 -17.15
C PHE E 345 -60.43 -9.38 -16.61
N GLU E 346 -61.13 -8.66 -17.49
CA GLU E 346 -62.34 -7.96 -17.08
C GLU E 346 -63.38 -8.94 -16.54
N ARG E 347 -63.45 -10.14 -17.13
CA ARG E 347 -64.44 -11.11 -16.71
C ARG E 347 -64.07 -11.78 -15.40
N ILE E 348 -62.77 -12.06 -15.20
CA ILE E 348 -62.33 -12.75 -14.00
C ILE E 348 -62.55 -11.89 -12.76
N LEU E 349 -62.43 -10.57 -12.90
CA LEU E 349 -62.56 -9.68 -11.75
C LEU E 349 -63.96 -9.75 -11.14
N THR E 350 -64.98 -10.05 -11.95
CA THR E 350 -66.37 -9.91 -11.53
C THR E 350 -67.17 -11.21 -11.65
N GLU E 351 -67.31 -11.76 -12.86
CA GLU E 351 -68.18 -12.90 -13.12
C GLU E 351 -68.00 -14.10 -12.20
N PRO E 352 -66.79 -14.63 -12.00
CA PRO E 352 -66.66 -15.90 -11.25
C PRO E 352 -67.12 -15.74 -9.80
N ASN E 353 -67.80 -16.78 -9.30
CA ASN E 353 -68.21 -16.82 -7.92
C ASN E 353 -66.99 -16.66 -7.02
N ALA E 354 -67.09 -15.76 -6.05
CA ALA E 354 -65.98 -15.46 -5.15
C ALA E 354 -64.75 -14.96 -5.91
N SER E 355 -64.98 -14.09 -6.89
CA SER E 355 -63.89 -13.41 -7.58
C SER E 355 -63.19 -12.44 -6.63
N ILE E 356 -61.99 -12.02 -7.02
CA ILE E 356 -61.16 -11.20 -6.15
C ILE E 356 -61.83 -9.87 -5.78
N THR E 357 -62.65 -9.33 -6.68
CA THR E 357 -63.37 -8.10 -6.34
C THR E 357 -64.57 -8.38 -5.44
N VAL E 358 -65.24 -9.53 -5.63
CA VAL E 358 -66.33 -9.90 -4.73
C VAL E 358 -65.79 -10.13 -3.32
N GLN E 359 -64.61 -10.76 -3.22
CA GLN E 359 -64.02 -10.99 -1.90
C GLN E 359 -63.62 -9.67 -1.25
N TYR E 360 -62.89 -8.82 -1.98
CA TYR E 360 -62.47 -7.55 -1.42
C TYR E 360 -63.66 -6.67 -1.05
N LYS E 361 -64.73 -6.76 -1.84
CA LYS E 361 -65.97 -6.06 -1.49
C LYS E 361 -66.53 -6.60 -0.18
N ALA E 362 -66.42 -7.91 0.03
CA ALA E 362 -66.91 -8.51 1.27
C ALA E 362 -65.96 -8.30 2.43
N LEU E 363 -64.65 -8.25 2.18
CA LEU E 363 -63.70 -8.02 3.25
C LEU E 363 -63.83 -6.62 3.82
N MSE E 364 -64.07 -5.64 2.97
CA MSE E 364 -64.22 -4.26 3.41
C MSE E 364 -65.55 -4.07 4.12
O MSE E 364 -65.70 -3.19 4.97
CB MSE E 364 -64.12 -3.30 2.23
CG MSE E 364 -62.72 -3.24 1.62
SE MSE E 364 -61.35 -3.15 3.01
CE MSE E 364 -60.67 -4.97 2.87
N ALA E 365 -66.53 -4.91 3.77
CA ALA E 365 -67.82 -4.88 4.44
C ALA E 365 -67.69 -5.18 5.92
N THR E 366 -66.63 -5.88 6.33
CA THR E 366 -66.42 -6.15 7.74
C THR E 366 -66.28 -4.87 8.54
N GLU E 367 -65.54 -3.90 8.00
CA GLU E 367 -65.36 -2.61 8.66
C GLU E 367 -66.56 -1.69 8.47
N GLY E 368 -67.50 -2.04 7.60
CA GLY E 368 -68.65 -1.19 7.36
C GLY E 368 -68.53 -0.26 6.17
N VAL E 369 -67.65 -0.57 5.21
CA VAL E 369 -67.46 0.26 4.03
C VAL E 369 -68.02 -0.48 2.82
N ASN E 370 -68.73 0.26 1.96
CA ASN E 370 -69.30 -0.30 0.75
C ASN E 370 -68.42 0.10 -0.42
N ILE E 371 -67.80 -0.89 -1.05
CA ILE E 371 -66.95 -0.70 -2.22
C ILE E 371 -67.76 -1.03 -3.46
N GLU E 372 -67.63 -0.21 -4.49
CA GLU E 372 -68.29 -0.46 -5.77
C GLU E 372 -67.27 -0.23 -6.87
N PHE E 373 -67.23 -1.16 -7.84
CA PHE E 373 -66.30 -1.09 -8.96
C PHE E 373 -67.08 -0.76 -10.22
N THR E 374 -66.76 0.39 -10.83
CA THR E 374 -67.40 0.77 -12.08
C THR E 374 -66.92 -0.11 -13.21
N ASP E 375 -67.72 -0.14 -14.29
CA ASP E 375 -67.33 -0.91 -15.47
C ASP E 375 -66.06 -0.33 -16.10
N SER E 376 -65.89 0.99 -16.05
CA SER E 376 -64.67 1.59 -16.57
C SER E 376 -63.50 1.42 -15.61
N GLY E 377 -63.76 1.42 -14.31
CA GLY E 377 -62.70 1.10 -13.36
C GLY E 377 -62.21 -0.33 -13.52
N ILE E 378 -63.13 -1.29 -13.59
CA ILE E 378 -62.76 -2.67 -13.85
C ILE E 378 -61.97 -2.79 -15.14
N LYS E 379 -62.34 -2.00 -16.16
CA LYS E 379 -61.66 -2.09 -17.45
C LYS E 379 -60.21 -1.60 -17.36
N ARG E 380 -59.97 -0.53 -16.59
CA ARG E 380 -58.61 -0.04 -16.46
C ARG E 380 -57.75 -0.86 -15.50
N ILE E 381 -58.38 -1.55 -14.55
CA ILE E 381 -57.66 -2.53 -13.75
C ILE E 381 -57.11 -3.63 -14.64
N ALA E 382 -57.93 -4.12 -15.58
CA ALA E 382 -57.48 -5.14 -16.50
C ALA E 382 -56.34 -4.65 -17.38
N GLU E 383 -56.47 -3.42 -17.92
CA GLU E 383 -55.40 -2.89 -18.75
C GLU E 383 -54.13 -2.63 -17.94
N ALA E 384 -54.27 -2.29 -16.66
CA ALA E 384 -53.10 -2.12 -15.83
C ALA E 384 -52.35 -3.45 -15.66
N ALA E 385 -53.09 -4.52 -15.34
CA ALA E 385 -52.47 -5.84 -15.21
C ALA E 385 -51.93 -6.33 -16.54
N TRP E 386 -52.60 -5.99 -17.65
CA TRP E 386 -52.10 -6.41 -18.95
C TRP E 386 -50.82 -5.68 -19.31
N GLN E 387 -50.75 -4.38 -19.03
CA GLN E 387 -49.57 -3.61 -19.39
C GLN E 387 -48.34 -4.04 -18.61
N VAL E 388 -48.51 -4.44 -17.34
CA VAL E 388 -47.38 -4.92 -16.56
C VAL E 388 -46.89 -6.25 -17.09
N ASN E 389 -47.80 -7.16 -17.44
CA ASN E 389 -47.40 -8.43 -18.03
C ASN E 389 -46.68 -8.24 -19.35
N GLU E 390 -47.02 -7.18 -20.09
CA GLU E 390 -46.36 -6.92 -21.36
C GLU E 390 -45.05 -6.16 -21.16
N SER E 391 -45.02 -5.21 -20.21
CA SER E 391 -43.84 -4.37 -20.03
C SER E 391 -42.68 -5.14 -19.40
N THR E 392 -42.98 -6.14 -18.56
CA THR E 392 -41.92 -6.86 -17.85
C THR E 392 -42.02 -8.36 -18.08
N GLU E 393 -42.64 -9.07 -17.15
CA GLU E 393 -42.78 -10.52 -17.23
C GLU E 393 -44.26 -10.89 -17.16
N ASN E 394 -44.66 -11.83 -17.99
CA ASN E 394 -46.05 -12.30 -18.05
C ASN E 394 -46.26 -13.37 -16.98
N ILE E 395 -46.99 -13.02 -15.93
CA ILE E 395 -47.33 -13.97 -14.87
C ILE E 395 -48.78 -14.47 -14.97
N GLY E 396 -49.49 -14.09 -16.03
CA GLY E 396 -50.86 -14.55 -16.20
C GLY E 396 -51.85 -13.75 -15.37
N ALA E 397 -52.99 -14.38 -15.07
CA ALA E 397 -54.03 -13.75 -14.27
C ALA E 397 -53.58 -13.44 -12.85
N ARG E 398 -52.46 -14.01 -12.39
CA ARG E 398 -51.95 -13.69 -11.07
C ARG E 398 -51.59 -12.22 -10.92
N ARG E 399 -51.38 -11.51 -12.03
CA ARG E 399 -51.11 -10.07 -11.96
C ARG E 399 -52.31 -9.31 -11.39
N LEU E 400 -53.52 -9.86 -11.56
CA LEU E 400 -54.70 -9.20 -11.02
C LEU E 400 -54.65 -9.09 -9.51
N HIS E 401 -54.05 -10.07 -8.83
CA HIS E 401 -53.94 -10.01 -7.38
C HIS E 401 -53.02 -8.87 -6.95
N THR E 402 -51.78 -8.86 -7.45
CA THR E 402 -50.80 -7.87 -7.00
C THR E 402 -51.19 -6.46 -7.41
N VAL E 403 -51.86 -6.31 -8.56
CA VAL E 403 -52.29 -4.98 -8.98
C VAL E 403 -53.46 -4.49 -8.14
N LEU E 404 -54.39 -5.39 -7.82
CA LEU E 404 -55.55 -4.99 -7.02
C LEU E 404 -55.14 -4.59 -5.61
N GLU E 405 -54.21 -5.33 -5.00
CA GLU E 405 -53.82 -5.03 -3.63
C GLU E 405 -53.09 -3.69 -3.52
N ARG E 406 -52.25 -3.36 -4.51
CA ARG E 406 -51.61 -2.06 -4.52
C ARG E 406 -52.62 -0.93 -4.67
N LEU E 407 -53.66 -1.17 -5.48
CA LEU E 407 -54.71 -0.17 -5.65
C LEU E 407 -55.52 0.02 -4.38
N MSE E 408 -55.74 -1.06 -3.64
CA MSE E 408 -56.63 -1.04 -2.49
C MSE E 408 -55.92 -0.86 -1.14
O MSE E 408 -56.57 -0.89 -0.09
CB MSE E 408 -57.46 -2.32 -2.46
CG MSE E 408 -58.31 -2.52 -3.70
SE MSE E 408 -59.86 -1.34 -3.74
CE MSE E 408 -59.10 0.21 -4.66
N GLU E 409 -54.61 -0.69 -1.17
CA GLU E 409 -53.86 -0.64 0.09
C GLU E 409 -54.25 0.57 0.93
N GLU E 410 -54.55 1.72 0.31
CA GLU E 410 -54.93 2.89 1.07
C GLU E 410 -56.32 2.75 1.67
N ILE E 411 -57.24 2.12 0.92
CA ILE E 411 -58.59 1.90 1.43
C ILE E 411 -58.59 0.81 2.49
N SER E 412 -57.77 -0.22 2.30
CA SER E 412 -57.72 -1.32 3.26
C SER E 412 -57.13 -0.87 4.59
N TYR E 413 -56.25 0.13 4.55
CA TYR E 413 -55.69 0.68 5.79
C TYR E 413 -56.71 1.59 6.48
N ASP E 414 -57.41 2.42 5.70
CA ASP E 414 -58.37 3.37 6.24
C ASP E 414 -59.77 2.81 6.37
N ALA E 415 -59.97 1.51 6.07
CA ALA E 415 -61.32 0.95 6.09
C ALA E 415 -61.96 1.05 7.47
N SER E 416 -61.16 1.09 8.53
CA SER E 416 -61.72 1.22 9.87
C SER E 416 -62.35 2.59 10.09
N ASP E 417 -61.74 3.64 9.53
CA ASP E 417 -62.26 5.00 9.68
C ASP E 417 -63.30 5.36 8.62
N LEU E 418 -63.42 4.57 7.56
CA LEU E 418 -64.37 4.82 6.49
C LEU E 418 -65.72 4.17 6.73
N SER E 419 -65.94 3.59 7.91
CA SER E 419 -67.18 2.89 8.20
C SER E 419 -68.38 3.78 7.96
N GLY E 420 -69.38 3.23 7.27
CA GLY E 420 -70.60 3.96 6.96
C GLY E 420 -70.57 4.74 5.67
N GLN E 421 -69.53 4.60 4.85
CA GLN E 421 -69.40 5.36 3.62
C GLN E 421 -69.43 4.41 2.43
N ASN E 422 -69.74 4.97 1.26
CA ASN E 422 -69.72 4.24 0.00
C ASN E 422 -68.55 4.79 -0.82
N ILE E 423 -67.52 3.97 -0.99
CA ILE E 423 -66.34 4.33 -1.77
C ILE E 423 -66.49 3.72 -3.17
N THR E 424 -66.45 4.57 -4.19
CA THR E 424 -66.60 4.14 -5.57
C THR E 424 -65.24 4.14 -6.24
N ILE E 425 -64.86 2.99 -6.80
CA ILE E 425 -63.60 2.87 -7.54
C ILE E 425 -63.92 3.08 -9.01
N ASP E 426 -63.53 4.23 -9.54
CA ASP E 426 -63.78 4.60 -10.92
C ASP E 426 -62.48 4.53 -11.72
N ALA E 427 -62.58 4.83 -13.01
CA ALA E 427 -61.38 4.90 -13.84
C ALA E 427 -60.44 5.99 -13.36
N ASP E 428 -60.98 7.04 -12.73
CA ASP E 428 -60.15 8.09 -12.17
C ASP E 428 -59.31 7.57 -11.00
N TYR E 429 -59.96 6.88 -10.06
CA TYR E 429 -59.23 6.36 -8.90
C TYR E 429 -58.18 5.35 -9.33
N VAL E 430 -58.45 4.59 -10.40
CA VAL E 430 -57.48 3.60 -10.86
C VAL E 430 -56.27 4.28 -11.49
N SER E 431 -56.51 5.23 -12.39
CA SER E 431 -55.39 5.93 -13.04
C SER E 431 -54.58 6.78 -12.08
N LYS E 432 -55.13 7.12 -10.92
CA LYS E 432 -54.39 7.92 -9.95
C LYS E 432 -53.35 7.08 -9.21
N HIS E 433 -53.72 5.87 -8.81
CA HIS E 433 -52.87 5.03 -7.99
C HIS E 433 -52.03 4.03 -8.78
N LEU E 434 -52.21 3.96 -10.10
CA LEU E 434 -51.60 2.92 -10.92
C LEU E 434 -50.73 3.48 -12.04
N ASP E 435 -51.31 4.26 -12.95
CA ASP E 435 -50.61 4.66 -14.17
C ASP E 435 -49.22 5.23 -13.88
N ALA E 436 -49.03 5.87 -12.73
CA ALA E 436 -47.69 6.32 -12.37
C ALA E 436 -46.74 5.15 -12.18
N LEU E 437 -47.23 4.05 -11.59
CA LEU E 437 -46.39 2.87 -11.36
C LEU E 437 -46.22 2.04 -12.62
N VAL E 438 -47.30 1.84 -13.38
CA VAL E 438 -47.23 1.00 -14.57
C VAL E 438 -46.35 1.61 -15.64
N ALA E 439 -46.24 2.94 -15.67
CA ALA E 439 -45.40 3.59 -16.67
C ALA E 439 -43.93 3.31 -16.44
N ASP E 440 -43.52 3.12 -15.17
CA ASP E 440 -42.14 2.86 -14.82
C ASP E 440 -41.94 1.35 -14.76
N GLU E 441 -41.19 0.81 -15.71
CA GLU E 441 -40.99 -0.63 -15.77
C GLU E 441 -40.05 -1.13 -14.68
N ASP E 442 -39.10 -0.30 -14.24
CA ASP E 442 -38.18 -0.73 -13.19
C ASP E 442 -38.91 -0.89 -11.86
N LEU E 443 -39.86 0.01 -11.57
CA LEU E 443 -40.66 -0.13 -10.36
C LEU E 443 -41.76 -1.18 -10.50
N SER E 444 -42.21 -1.43 -11.74
CA SER E 444 -43.25 -2.43 -11.94
C SER E 444 -42.82 -3.81 -11.47
N ARG E 445 -41.52 -4.09 -11.49
CA ARG E 445 -41.03 -5.41 -11.12
C ARG E 445 -41.03 -5.60 -9.60
N PHE E 446 -40.71 -4.55 -8.85
CA PHE E 446 -40.71 -4.66 -7.40
C PHE E 446 -42.11 -4.55 -6.81
N ILE E 447 -42.87 -3.55 -7.25
CA ILE E 447 -44.16 -3.26 -6.61
C ILE E 447 -45.27 -4.14 -7.16
N LEU E 448 -45.30 -4.38 -8.46
CA LEU E 448 -46.38 -5.14 -9.07
C LEU E 448 -45.93 -6.53 -9.52
N HIS F 5 -60.00 -15.73 18.46
CA HIS F 5 -58.95 -15.42 19.42
C HIS F 5 -57.92 -14.48 18.79
N HIS F 6 -58.33 -13.79 17.73
CA HIS F 6 -57.48 -12.83 17.04
C HIS F 6 -57.71 -11.44 17.59
N SER F 7 -56.62 -10.67 17.71
CA SER F 7 -56.71 -9.34 18.32
C SER F 7 -57.49 -8.40 17.42
N GLU F 8 -58.32 -7.57 18.06
CA GLU F 8 -59.26 -6.68 17.39
C GLU F 8 -58.69 -5.30 17.12
N MSE F 9 -57.40 -5.08 17.36
CA MSE F 9 -56.76 -3.81 17.07
C MSE F 9 -56.92 -3.38 15.62
O MSE F 9 -56.78 -4.18 14.69
CB MSE F 9 -55.27 -3.87 17.41
CG MSE F 9 -54.96 -3.99 18.88
SE MSE F 9 -53.07 -3.67 19.23
CE MSE F 9 -53.10 -3.94 21.17
N THR F 10 -57.21 -2.09 15.43
CA THR F 10 -57.33 -1.54 14.09
C THR F 10 -55.94 -1.37 13.48
N PRO F 11 -55.86 -1.28 12.14
CA PRO F 11 -54.56 -1.09 11.48
C PRO F 11 -53.77 0.11 12.01
N ARG F 12 -54.44 1.21 12.34
CA ARG F 12 -53.71 2.35 12.89
C ARG F 12 -53.23 2.08 14.31
N GLU F 13 -53.98 1.29 15.08
CA GLU F 13 -53.53 0.93 16.42
C GLU F 13 -52.35 -0.04 16.38
N ILE F 14 -52.29 -0.87 15.35
CA ILE F 14 -51.15 -1.79 15.20
C ILE F 14 -49.90 -1.01 14.82
N VAL F 15 -49.99 -0.15 13.81
CA VAL F 15 -48.84 0.65 13.40
C VAL F 15 -48.38 1.54 14.55
N SER F 16 -49.31 2.12 15.30
CA SER F 16 -48.94 2.94 16.45
C SER F 16 -48.20 2.14 17.50
N GLU F 17 -48.53 0.85 17.64
CA GLU F 17 -47.82 0.00 18.58
C GLU F 17 -46.44 -0.36 18.07
N LEU F 18 -46.31 -0.54 16.75
CA LEU F 18 -45.00 -0.83 16.17
C LEU F 18 -44.07 0.37 16.25
N ASP F 19 -44.62 1.58 16.28
CA ASP F 19 -43.79 2.77 16.43
C ASP F 19 -43.02 2.77 17.75
N LYS F 20 -43.51 2.04 18.76
CA LYS F 20 -42.83 1.97 20.04
C LYS F 20 -41.51 1.20 19.95
N HIS F 21 -41.34 0.36 18.92
CA HIS F 21 -40.13 -0.42 18.74
C HIS F 21 -39.35 -0.01 17.49
N ILE F 22 -39.96 -0.13 16.31
CA ILE F 22 -39.28 0.20 15.06
C ILE F 22 -39.38 1.71 14.83
N ILE F 23 -38.31 2.29 14.29
CA ILE F 23 -38.26 3.71 13.96
C ILE F 23 -38.39 3.85 12.45
N GLY F 24 -39.29 4.73 12.02
CA GLY F 24 -39.49 4.90 10.60
C GLY F 24 -40.10 3.67 9.94
N GLN F 25 -39.85 3.54 8.64
CA GLN F 25 -40.35 2.43 7.84
C GLN F 25 -41.87 2.31 7.95
N ASP F 26 -42.55 3.45 7.81
CA ASP F 26 -44.00 3.48 7.99
C ASP F 26 -44.72 2.61 6.99
N ASN F 27 -44.19 2.50 5.76
CA ASN F 27 -44.86 1.71 4.74
C ASN F 27 -44.93 0.23 5.12
N ALA F 28 -43.87 -0.30 5.74
CA ALA F 28 -43.87 -1.71 6.10
C ALA F 28 -44.82 -1.98 7.26
N LYS F 29 -44.85 -1.08 8.25
CA LYS F 29 -45.76 -1.27 9.37
C LYS F 29 -47.21 -1.30 8.92
N ARG F 30 -47.57 -0.46 7.94
CA ARG F 30 -48.91 -0.49 7.40
C ARG F 30 -49.18 -1.78 6.64
N SER F 31 -48.14 -2.39 6.07
CA SER F 31 -48.33 -3.65 5.34
C SER F 31 -48.65 -4.79 6.29
N VAL F 32 -47.89 -4.92 7.38
CA VAL F 32 -48.17 -5.97 8.35
C VAL F 32 -49.47 -5.70 9.11
N ALA F 33 -49.80 -4.42 9.31
CA ALA F 33 -51.05 -4.11 10.00
C ALA F 33 -52.26 -4.58 9.20
N ILE F 34 -52.27 -4.30 7.89
CA ILE F 34 -53.36 -4.78 7.04
C ILE F 34 -53.47 -6.29 7.10
N ALA F 35 -52.33 -6.98 7.00
CA ALA F 35 -52.36 -8.44 6.98
C ALA F 35 -52.84 -9.01 8.32
N LEU F 36 -52.44 -8.39 9.43
CA LEU F 36 -52.93 -8.84 10.72
C LEU F 36 -54.38 -8.45 10.94
N ARG F 37 -54.81 -7.32 10.40
CA ARG F 37 -56.22 -6.94 10.49
C ARG F 37 -57.09 -7.87 9.67
N ASN F 38 -56.60 -8.30 8.49
CA ASN F 38 -57.36 -9.25 7.68
C ASN F 38 -57.59 -10.58 8.39
N ARG F 39 -56.76 -10.90 9.39
CA ARG F 39 -57.03 -12.08 10.20
C ARG F 39 -58.35 -11.93 10.95
N TRP F 40 -58.66 -10.73 11.43
CA TRP F 40 -59.93 -10.50 12.12
C TRP F 40 -61.09 -10.32 11.15
N ARG F 41 -60.85 -9.71 10.00
CA ARG F 41 -61.92 -9.51 9.01
C ARG F 41 -62.45 -10.85 8.52
N ARG F 42 -61.57 -11.83 8.31
CA ARG F 42 -62.00 -13.15 7.87
C ARG F 42 -62.86 -13.85 8.91
N MSE F 43 -62.72 -13.48 10.18
CA MSE F 43 -63.50 -14.09 11.25
C MSE F 43 -64.95 -13.67 11.20
O MSE F 43 -65.83 -14.35 11.70
CB MSE F 43 -62.90 -13.74 12.62
CG MSE F 43 -61.54 -14.34 12.86
SE MSE F 43 -61.55 -16.25 12.45
CE MSE F 43 -62.93 -16.81 13.71
N GLN F 44 -65.19 -12.52 10.58
CA GLN F 44 -66.52 -11.92 10.55
C GLN F 44 -67.31 -12.31 9.31
N LEU F 45 -66.73 -13.08 8.39
CA LEU F 45 -67.41 -13.46 7.17
C LEU F 45 -68.29 -14.68 7.39
N ASN F 46 -68.95 -15.14 6.33
CA ASN F 46 -69.74 -16.35 6.39
C ASN F 46 -68.85 -17.57 6.20
N GLU F 47 -69.48 -18.76 6.13
CA GLU F 47 -68.70 -20.00 6.07
C GLU F 47 -68.07 -20.19 4.70
N GLU F 48 -68.71 -19.72 3.63
CA GLU F 48 -68.17 -19.94 2.29
C GLU F 48 -66.91 -19.12 2.05
N LEU F 49 -66.89 -17.88 2.53
CA LEU F 49 -65.78 -16.97 2.23
C LEU F 49 -64.55 -17.23 3.09
N ARG F 50 -64.69 -17.90 4.23
CA ARG F 50 -63.54 -18.11 5.11
C ARG F 50 -62.47 -18.98 4.44
N HIS F 51 -62.91 -20.02 3.71
CA HIS F 51 -61.96 -20.86 3.01
C HIS F 51 -61.47 -20.23 1.71
N GLU F 52 -62.34 -19.50 1.02
CA GLU F 52 -61.93 -18.82 -0.20
C GLU F 52 -60.89 -17.75 0.08
N VAL F 53 -61.03 -17.05 1.20
CA VAL F 53 -60.11 -15.96 1.55
C VAL F 53 -58.86 -16.55 2.19
N THR F 54 -57.71 -16.24 1.60
CA THR F 54 -56.39 -16.63 2.07
C THR F 54 -55.62 -15.40 2.50
N PRO F 55 -54.66 -15.54 3.42
CA PRO F 55 -53.88 -14.38 3.85
C PRO F 55 -53.11 -13.75 2.69
N LYS F 56 -52.93 -12.44 2.78
CA LYS F 56 -52.19 -11.68 1.78
C LYS F 56 -50.74 -11.60 2.25
N ASN F 57 -49.85 -12.32 1.58
CA ASN F 57 -48.47 -12.39 2.01
C ASN F 57 -47.72 -11.12 1.62
N ILE F 58 -46.64 -10.85 2.36
CA ILE F 58 -45.87 -9.63 2.21
C ILE F 58 -44.45 -9.98 1.76
N LEU F 59 -43.92 -9.21 0.83
CA LEU F 59 -42.54 -9.31 0.38
C LEU F 59 -41.84 -7.99 0.67
N MSE F 60 -40.91 -8.00 1.62
CA MSE F 60 -40.18 -6.80 1.97
C MSE F 60 -38.90 -6.68 1.16
O MSE F 60 -38.21 -7.66 0.93
CB MSE F 60 -39.86 -6.77 3.46
CG MSE F 60 -41.08 -6.80 4.36
SE MSE F 60 -40.56 -6.83 6.23
CE MSE F 60 -42.32 -6.85 7.03
N ILE F 61 -38.60 -5.46 0.73
CA ILE F 61 -37.43 -5.16 -0.09
C ILE F 61 -36.66 -4.04 0.57
N GLY F 62 -35.38 -4.29 0.86
CA GLY F 62 -34.55 -3.27 1.45
C GLY F 62 -33.17 -3.78 1.84
N PRO F 63 -32.27 -2.86 2.17
CA PRO F 63 -30.93 -3.27 2.59
C PRO F 63 -30.94 -3.91 3.96
N THR F 64 -29.84 -4.58 4.27
CA THR F 64 -29.74 -5.33 5.52
C THR F 64 -29.69 -4.38 6.72
N GLY F 65 -30.29 -4.83 7.82
CA GLY F 65 -30.23 -4.12 9.08
C GLY F 65 -31.15 -2.94 9.23
N VAL F 66 -32.19 -2.84 8.40
CA VAL F 66 -33.11 -1.70 8.45
C VAL F 66 -34.36 -1.97 9.27
N GLY F 67 -34.50 -3.16 9.85
CA GLY F 67 -35.65 -3.49 10.66
C GLY F 67 -36.68 -4.42 10.04
N LYS F 68 -36.37 -5.06 8.90
CA LYS F 68 -37.34 -5.95 8.27
C LYS F 68 -37.72 -7.10 9.20
N THR F 69 -36.75 -7.67 9.90
CA THR F 69 -37.05 -8.80 10.79
C THR F 69 -37.77 -8.34 12.04
N GLU F 70 -37.33 -7.22 12.63
CA GLU F 70 -37.97 -6.72 13.85
C GLU F 70 -39.45 -6.45 13.65
N ILE F 71 -39.82 -5.92 12.48
CA ILE F 71 -41.24 -5.71 12.19
C ILE F 71 -42.00 -7.03 12.30
N ALA F 72 -41.43 -8.11 11.73
CA ALA F 72 -42.09 -9.40 11.80
C ALA F 72 -42.13 -9.93 13.23
N ARG F 73 -41.04 -9.75 13.99
CA ARG F 73 -41.01 -10.26 15.35
C ARG F 73 -41.99 -9.52 16.25
N ARG F 74 -42.05 -8.19 16.15
CA ARG F 74 -42.98 -7.44 16.98
C ARG F 74 -44.43 -7.71 16.58
N LEU F 75 -44.67 -8.05 15.32
CA LEU F 75 -46.02 -8.34 14.87
C LEU F 75 -46.55 -9.61 15.53
N ALA F 76 -45.77 -10.69 15.50
CA ALA F 76 -46.20 -11.94 16.10
C ALA F 76 -46.37 -11.82 17.60
N LYS F 77 -45.41 -11.16 18.27
CA LYS F 77 -45.52 -10.95 19.71
C LYS F 77 -46.73 -10.10 20.05
N LEU F 78 -47.06 -9.13 19.19
CA LEU F 78 -48.25 -8.31 19.43
C LEU F 78 -49.52 -9.12 19.25
N ALA F 79 -49.53 -10.03 18.28
CA ALA F 79 -50.69 -10.88 18.03
C ALA F 79 -50.63 -12.20 18.80
N ASN F 80 -49.63 -12.38 19.66
CA ASN F 80 -49.45 -13.63 20.41
C ASN F 80 -49.45 -14.82 19.46
N ALA F 81 -48.60 -14.75 18.46
CA ALA F 81 -48.59 -15.71 17.37
C ALA F 81 -47.28 -16.47 17.34
N PRO F 82 -47.31 -17.74 16.95
CA PRO F 82 -46.05 -18.47 16.74
C PRO F 82 -45.26 -17.87 15.60
N PHE F 83 -43.94 -17.77 15.79
CA PHE F 83 -43.08 -17.12 14.82
C PHE F 83 -41.84 -17.96 14.58
N ILE F 84 -41.38 -17.98 13.34
CA ILE F 84 -40.16 -18.70 12.97
C ILE F 84 -39.51 -17.98 11.80
N LYS F 85 -38.18 -17.92 11.81
CA LYS F 85 -37.41 -17.30 10.75
C LYS F 85 -36.49 -18.35 10.13
N VAL F 86 -36.58 -18.51 8.83
CA VAL F 86 -35.73 -19.46 8.10
C VAL F 86 -35.03 -18.74 6.97
N GLU F 87 -33.80 -19.19 6.68
CA GLU F 87 -33.03 -18.69 5.56
C GLU F 87 -33.40 -19.47 4.31
N ALA F 88 -33.77 -18.76 3.25
CA ALA F 88 -34.18 -19.43 2.02
C ALA F 88 -33.06 -20.30 1.45
N THR F 89 -31.81 -19.89 1.65
CA THR F 89 -30.69 -20.66 1.14
C THR F 89 -30.47 -21.97 1.87
N LYS F 90 -31.14 -22.17 3.02
CA LYS F 90 -30.92 -23.38 3.80
C LYS F 90 -31.37 -24.63 3.05
N PHE F 91 -32.34 -24.50 2.16
CA PHE F 91 -32.91 -25.65 1.45
C PHE F 91 -32.26 -25.91 0.11
N THR F 92 -31.21 -25.17 -0.24
CA THR F 92 -30.52 -25.44 -1.50
C THR F 92 -29.83 -26.80 -1.49
N GLU F 93 -29.17 -27.13 -0.38
CA GLU F 93 -28.42 -28.38 -0.26
C GLU F 93 -29.36 -29.59 -0.27
N GLY F 98 -30.02 -32.74 2.14
CA GLY F 98 -30.57 -31.43 2.42
C GLY F 98 -31.76 -31.48 3.36
N LYS F 99 -32.13 -30.32 3.91
CA LYS F 99 -33.26 -30.24 4.82
C LYS F 99 -34.56 -30.12 4.04
N GLU F 100 -35.54 -30.94 4.40
CA GLU F 100 -36.85 -30.89 3.75
C GLU F 100 -37.51 -29.56 4.05
N VAL F 101 -38.24 -29.03 3.06
CA VAL F 101 -38.84 -27.71 3.21
C VAL F 101 -39.98 -27.72 4.22
N ASP F 102 -40.55 -28.89 4.51
CA ASP F 102 -41.59 -29.00 5.51
C ASP F 102 -41.10 -28.67 6.92
N SER F 103 -39.78 -28.67 7.14
CA SER F 103 -39.24 -28.37 8.47
C SER F 103 -39.62 -26.97 8.95
N ILE F 104 -40.02 -26.08 8.04
CA ILE F 104 -40.53 -24.78 8.46
C ILE F 104 -41.76 -24.96 9.34
N ILE F 105 -42.70 -25.79 8.88
CA ILE F 105 -43.93 -26.02 9.63
C ILE F 105 -43.65 -26.89 10.85
N ARG F 106 -42.69 -27.80 10.75
CA ARG F 106 -42.32 -28.62 11.91
C ARG F 106 -41.78 -27.75 13.04
N ASP F 107 -40.75 -26.95 12.74
CA ASP F 107 -40.13 -26.13 13.78
C ASP F 107 -41.09 -25.04 14.27
N LEU F 108 -41.99 -24.57 13.41
CA LEU F 108 -43.00 -23.62 13.85
C LEU F 108 -43.92 -24.25 14.89
N THR F 109 -44.38 -25.48 14.64
CA THR F 109 -45.24 -26.15 15.61
C THR F 109 -44.55 -26.33 16.95
N ASP F 110 -43.29 -26.78 16.93
CA ASP F 110 -42.54 -26.94 18.17
C ASP F 110 -42.42 -25.61 18.91
N ALA F 111 -42.25 -24.51 18.18
CA ALA F 111 -42.20 -23.20 18.83
C ALA F 111 -43.55 -22.83 19.41
N ALA F 112 -44.63 -23.32 18.81
CA ALA F 112 -45.97 -23.05 19.35
C ALA F 112 -46.30 -23.93 20.54
N VAL F 113 -45.78 -25.16 20.57
CA VAL F 113 -46.09 -26.06 21.68
C VAL F 113 -45.54 -25.50 22.99
N LYS F 114 -44.30 -25.00 22.96
CA LYS F 114 -43.74 -24.41 24.17
C LYS F 114 -44.39 -23.08 24.50
N MSE F 115 -44.70 -22.29 23.48
CA MSE F 115 -45.29 -20.97 23.66
C MSE F 115 -46.62 -21.09 24.41
O MSE F 115 -46.87 -20.35 25.35
CB MSE F 115 -45.51 -20.31 22.31
CG MSE F 115 -46.03 -18.90 22.39
SE MSE F 115 -46.67 -18.30 20.66
CE MSE F 115 -48.21 -19.50 20.49
N VAL F 116 -47.47 -22.02 23.96
CA VAL F 116 -48.74 -22.25 24.64
C VAL F 116 -48.54 -22.96 25.96
N ARG F 117 -47.44 -23.70 26.12
CA ARG F 117 -47.18 -24.39 27.39
C ARG F 117 -46.72 -23.41 28.46
N VAL F 118 -45.76 -22.55 28.12
CA VAL F 118 -45.25 -21.59 29.10
C VAL F 118 -46.34 -20.59 29.48
N GLN F 119 -47.15 -20.16 28.50
CA GLN F 119 -48.25 -19.25 28.80
C GLN F 119 -49.33 -19.92 29.62
N ALA F 120 -49.49 -21.24 29.47
CA ALA F 120 -50.46 -21.96 30.29
C ALA F 120 -49.97 -22.13 31.72
N ILE F 121 -48.64 -22.23 31.92
CA ILE F 121 -48.10 -22.35 33.26
C ILE F 121 -48.43 -21.10 34.08
N GLU F 122 -48.38 -19.92 33.46
CA GLU F 122 -48.63 -18.69 34.19
C GLU F 122 -50.08 -18.59 34.65
N LYS F 123 -51.03 -19.02 33.79
CA LYS F 123 -52.43 -18.97 34.17
C LYS F 123 -52.78 -20.06 35.18
N ASN F 124 -52.16 -21.24 35.05
CA ASN F 124 -52.45 -22.35 35.95
C ASN F 124 -51.70 -22.27 37.27
N ARG F 125 -50.62 -21.48 37.34
CA ARG F 125 -49.82 -21.42 38.56
C ARG F 125 -50.65 -20.88 39.72
N TYR F 126 -51.29 -19.72 39.52
CA TYR F 126 -52.03 -19.08 40.61
C TYR F 126 -53.40 -19.72 40.82
N ARG F 127 -54.01 -20.28 39.78
CA ARG F 127 -55.31 -20.92 39.93
C ARG F 127 -55.19 -22.23 40.70
N ALA F 128 -54.06 -22.93 40.57
CA ALA F 128 -53.89 -24.19 41.29
C ALA F 128 -53.62 -23.95 42.77
N GLU F 129 -52.80 -22.93 43.09
CA GLU F 129 -52.54 -22.61 44.49
C GLU F 129 -53.78 -22.04 45.18
N GLU F 130 -54.64 -21.36 44.43
CA GLU F 130 -55.87 -20.82 45.00
C GLU F 130 -56.82 -21.94 45.43
N LEU F 131 -57.01 -22.94 44.56
CA LEU F 131 -57.86 -24.07 44.89
C LEU F 131 -57.19 -25.08 45.81
N ALA F 132 -55.86 -25.00 45.97
CA ALA F 132 -55.18 -25.88 46.92
C ALA F 132 -55.38 -25.41 48.36
N GLU F 133 -55.27 -24.10 48.59
CA GLU F 133 -55.52 -23.55 49.92
C GLU F 133 -57.01 -23.41 50.20
N GLU F 134 -57.85 -23.39 49.17
CA GLU F 134 -59.29 -23.33 49.38
C GLU F 134 -59.82 -24.62 49.99
N ARG F 135 -59.27 -25.77 49.57
CA ARG F 135 -59.64 -27.06 50.17
C ARG F 135 -59.10 -27.22 51.58
N ILE F 136 -58.01 -26.52 51.91
CA ILE F 136 -57.49 -26.57 53.28
C ILE F 136 -58.41 -25.82 54.23
N LEU F 137 -59.00 -24.71 53.76
CA LEU F 137 -59.91 -23.93 54.59
C LEU F 137 -61.20 -24.68 54.92
N ASP F 138 -61.54 -25.73 54.16
CA ASP F 138 -62.74 -26.51 54.48
C ASP F 138 -62.53 -27.42 55.68
N VAL F 139 -61.29 -27.87 55.92
CA VAL F 139 -61.00 -28.68 57.10
C VAL F 139 -60.90 -27.80 58.34
N LEU F 140 -60.36 -26.59 58.19
CA LEU F 140 -60.24 -25.67 59.32
C LEU F 140 -61.60 -25.11 59.72
N ILE F 141 -62.38 -24.66 58.73
CA ILE F 141 -63.71 -24.09 58.94
C ILE F 141 -64.73 -24.89 58.12
N PRO F 142 -65.37 -25.90 58.70
CA PRO F 142 -66.26 -26.80 57.93
C PRO F 142 -67.59 -26.14 57.61
N PRO F 143 -67.72 -25.46 56.46
CA PRO F 143 -68.91 -24.61 56.28
C PRO F 143 -70.18 -25.45 56.26
N ALA F 144 -71.29 -24.80 56.60
CA ALA F 144 -72.58 -25.48 56.65
C ALA F 144 -73.03 -25.85 55.23
N LYS F 145 -73.82 -26.91 55.15
CA LYS F 145 -74.26 -27.43 53.86
C LYS F 145 -75.22 -26.45 53.19
N ASN F 146 -75.06 -26.30 51.87
CA ASN F 146 -75.90 -25.38 51.12
C ASN F 146 -77.35 -25.86 51.07
N ASN F 147 -77.56 -27.17 51.03
CA ASN F 147 -78.91 -27.71 50.96
C ASN F 147 -79.61 -27.55 52.31
N TRP F 148 -80.89 -27.20 52.25
CA TRP F 148 -81.69 -27.01 53.46
C TRP F 148 -83.19 -27.18 53.14
N GLU F 156 -69.89 -13.91 51.50
CA GLU F 156 -70.10 -15.34 51.74
C GLU F 156 -69.01 -16.01 52.60
N PRO F 157 -67.72 -15.75 52.30
CA PRO F 157 -66.67 -16.29 53.19
C PRO F 157 -66.77 -15.82 54.63
N SER F 158 -67.40 -14.67 54.87
CA SER F 158 -67.63 -14.14 56.23
C SER F 158 -66.29 -13.87 56.89
N ALA F 159 -66.07 -14.32 58.14
CA ALA F 159 -64.88 -13.99 58.91
C ALA F 159 -63.90 -15.14 59.01
N ALA F 160 -64.31 -16.25 59.62
CA ALA F 160 -63.39 -17.35 59.90
C ALA F 160 -62.69 -17.85 58.63
N ARG F 161 -63.39 -17.88 57.50
CA ARG F 161 -62.75 -18.29 56.25
C ARG F 161 -61.72 -17.27 55.79
N GLN F 162 -62.02 -15.99 55.93
CA GLN F 162 -61.07 -14.96 55.55
C GLN F 162 -59.91 -14.86 56.54
N ALA F 163 -60.15 -15.21 57.80
CA ALA F 163 -59.08 -15.15 58.80
C ALA F 163 -58.04 -16.23 58.57
N PHE F 164 -58.49 -17.47 58.35
CA PHE F 164 -57.54 -18.56 58.09
C PHE F 164 -56.89 -18.46 56.71
N ARG F 165 -57.47 -17.69 55.79
CA ARG F 165 -56.86 -17.51 54.48
C ARG F 165 -55.65 -16.57 54.57
N LYS F 166 -55.75 -15.50 55.36
CA LYS F 166 -54.65 -14.55 55.48
C LYS F 166 -53.54 -15.06 56.39
N LYS F 167 -53.87 -15.95 57.33
CA LYS F 167 -52.84 -16.54 58.18
C LYS F 167 -52.10 -17.67 57.49
N LEU F 168 -52.66 -18.25 56.43
CA LEU F 168 -51.99 -19.35 55.74
C LEU F 168 -50.95 -18.85 54.76
N ARG F 169 -51.24 -17.76 54.04
CA ARG F 169 -50.27 -17.21 53.10
C ARG F 169 -49.14 -16.50 53.83
N GLU F 170 -49.48 -15.63 54.77
CA GLU F 170 -48.47 -14.83 55.47
C GLU F 170 -47.78 -15.65 56.56
N GLY F 171 -48.52 -16.50 57.25
CA GLY F 171 -47.98 -17.20 58.41
C GLY F 171 -47.35 -18.53 58.08
N GLN F 172 -46.52 -19.00 59.01
CA GLN F 172 -45.88 -20.31 58.95
C GLN F 172 -46.73 -21.40 59.60
N LEU F 173 -48.04 -21.20 59.70
CA LEU F 173 -48.95 -22.14 60.35
C LEU F 173 -49.01 -23.50 59.65
N ASP F 174 -48.29 -23.70 58.54
CA ASP F 174 -48.36 -24.96 57.81
C ASP F 174 -47.79 -26.15 58.58
N ASP F 175 -47.05 -25.92 59.66
CA ASP F 175 -46.50 -27.03 60.43
C ASP F 175 -47.55 -27.73 61.29
N LYS F 176 -48.71 -27.11 61.49
CA LYS F 176 -49.76 -27.75 62.28
C LYS F 176 -50.33 -28.96 61.55
N GLU F 177 -50.50 -30.05 62.28
CA GLU F 177 -51.01 -31.28 61.67
C GLU F 177 -52.47 -31.12 61.31
N ILE F 178 -52.82 -31.46 60.07
CA ILE F 178 -54.18 -31.35 59.56
C ILE F 178 -54.49 -32.59 58.74
N GLU F 179 -55.65 -33.18 58.96
CA GLU F 179 -56.09 -34.38 58.26
C GLU F 179 -56.95 -33.97 57.07
N ILE F 180 -56.46 -34.22 55.87
CA ILE F 180 -57.16 -33.88 54.62
C ILE F 180 -57.29 -35.15 53.80
N ASP F 181 -58.37 -35.22 53.01
CA ASP F 181 -58.62 -36.38 52.17
C ASP F 181 -57.80 -36.32 50.89
N LYS F 217 -58.56 -40.83 49.55
CA LYS F 217 -58.53 -41.46 50.86
C LYS F 217 -58.09 -40.47 51.93
N ALA F 218 -58.73 -40.53 53.09
CA ALA F 218 -58.41 -39.62 54.19
C ALA F 218 -57.11 -40.05 54.87
N ARG F 219 -56.19 -39.10 55.03
CA ARG F 219 -54.92 -39.39 55.68
C ARG F 219 -54.42 -38.11 56.35
N LYS F 220 -53.72 -38.29 57.47
CA LYS F 220 -53.19 -37.17 58.23
C LYS F 220 -51.88 -36.69 57.58
N LEU F 221 -51.71 -35.37 57.54
CA LEU F 221 -50.55 -34.77 56.91
C LEU F 221 -50.18 -33.50 57.67
N LYS F 222 -49.23 -32.75 57.11
CA LYS F 222 -48.88 -31.41 57.56
C LYS F 222 -49.15 -30.44 56.42
N ILE F 223 -49.64 -29.24 56.75
CA ILE F 223 -50.03 -28.28 55.72
C ILE F 223 -48.86 -27.93 54.80
N LYS F 224 -47.63 -27.99 55.32
CA LYS F 224 -46.47 -27.73 54.49
C LYS F 224 -46.33 -28.80 53.40
N ASP F 225 -46.45 -30.07 53.78
CA ASP F 225 -46.42 -31.16 52.83
C ASP F 225 -47.76 -31.40 52.15
N ALA F 226 -48.86 -30.91 52.73
CA ALA F 226 -50.17 -31.08 52.13
C ALA F 226 -50.41 -30.08 51.00
N MSE F 227 -49.93 -28.83 51.19
CA MSE F 227 -50.15 -27.84 50.15
C MSE F 227 -49.48 -28.18 48.83
O MSE F 227 -50.13 -28.08 47.77
CB MSE F 227 -49.58 -26.48 50.65
CG MSE F 227 -49.60 -25.34 49.65
SE MSE F 227 -51.46 -24.80 49.52
CE MSE F 227 -51.70 -23.85 51.23
N LYS F 228 -48.24 -28.68 48.88
CA LYS F 228 -47.57 -29.11 47.66
C LYS F 228 -48.22 -30.34 47.06
N LEU F 229 -48.78 -31.22 47.89
CA LEU F 229 -49.47 -32.40 47.37
C LEU F 229 -50.80 -32.03 46.72
N LEU F 230 -51.49 -31.02 47.27
CA LEU F 230 -52.73 -30.56 46.65
C LEU F 230 -52.44 -29.80 45.36
N ILE F 231 -51.37 -29.01 45.33
CA ILE F 231 -51.02 -28.25 44.13
C ILE F 231 -50.74 -29.18 42.96
N GLU F 232 -50.12 -30.33 43.23
CA GLU F 232 -49.86 -31.31 42.17
C GLU F 232 -51.17 -31.80 41.55
N GLU F 233 -52.13 -32.19 42.40
CA GLU F 233 -53.42 -32.63 41.89
C GLU F 233 -54.20 -31.49 41.24
N GLU F 234 -54.05 -30.27 41.77
CA GLU F 234 -54.68 -29.13 41.12
C GLU F 234 -54.01 -28.79 39.80
N ALA F 235 -52.70 -29.05 39.69
CA ALA F 235 -51.99 -28.75 38.45
C ALA F 235 -52.41 -29.70 37.33
N ALA F 236 -52.61 -30.98 37.65
CA ALA F 236 -53.02 -31.93 36.63
C ALA F 236 -54.42 -31.64 36.11
N LYS F 237 -55.29 -31.06 36.95
CA LYS F 237 -56.66 -30.78 36.54
C LYS F 237 -56.76 -29.53 35.67
N LEU F 238 -55.87 -28.56 35.87
CA LEU F 238 -55.96 -27.30 35.13
C LEU F 238 -55.44 -27.43 33.70
N VAL F 239 -54.28 -28.06 33.52
CA VAL F 239 -53.67 -28.20 32.21
C VAL F 239 -53.92 -29.62 31.69
N ASN F 240 -54.47 -29.71 30.48
CA ASN F 240 -54.74 -30.96 29.78
C ASN F 240 -53.74 -31.13 28.66
N PRO F 241 -52.99 -32.23 28.63
CA PRO F 241 -52.04 -32.45 27.52
C PRO F 241 -52.69 -32.44 26.15
N GLU F 242 -53.93 -32.91 26.03
CA GLU F 242 -54.60 -32.88 24.74
C GLU F 242 -55.09 -31.48 24.41
N GLU F 243 -55.63 -30.74 25.39
CA GLU F 243 -56.05 -29.38 25.16
C GLU F 243 -54.85 -28.47 24.85
N LEU F 244 -53.72 -28.70 25.53
CA LEU F 244 -52.54 -27.87 25.28
C LEU F 244 -51.93 -28.19 23.92
N LYS F 245 -51.90 -29.46 23.53
CA LYS F 245 -51.33 -29.84 22.25
C LYS F 245 -52.21 -29.35 21.10
N GLN F 246 -53.53 -29.47 21.24
CA GLN F 246 -54.43 -29.02 20.18
C GLN F 246 -54.42 -27.50 20.05
N ASP F 247 -54.32 -26.78 21.18
CA ASP F 247 -54.24 -25.34 21.12
C ASP F 247 -52.98 -24.86 20.41
N ALA F 248 -51.92 -25.69 20.44
CA ALA F 248 -50.73 -25.36 19.66
C ALA F 248 -50.99 -25.48 18.18
N ILE F 249 -51.76 -26.49 17.76
CA ILE F 249 -52.13 -26.62 16.36
C ILE F 249 -53.01 -25.45 15.93
N ASP F 250 -53.93 -25.02 16.80
CA ASP F 250 -54.76 -23.87 16.48
C ASP F 250 -53.93 -22.60 16.36
N ALA F 251 -52.84 -22.50 17.12
CA ALA F 251 -51.98 -21.33 17.03
C ALA F 251 -51.15 -21.34 15.75
N VAL F 252 -50.76 -22.51 15.25
CA VAL F 252 -49.98 -22.58 14.02
C VAL F 252 -50.86 -22.32 12.80
N GLU F 253 -52.01 -22.98 12.73
CA GLU F 253 -52.85 -22.84 11.55
C GLU F 253 -53.46 -21.45 11.48
N GLN F 254 -54.09 -21.00 12.57
CA GLN F 254 -54.75 -19.69 12.56
C GLN F 254 -53.78 -18.54 12.71
N HIS F 255 -52.90 -18.59 13.71
CA HIS F 255 -52.02 -17.47 14.04
C HIS F 255 -50.60 -17.61 13.51
N GLY F 256 -50.28 -18.69 12.81
CA GLY F 256 -48.89 -18.93 12.44
C GLY F 256 -48.34 -17.82 11.57
N ILE F 257 -47.12 -17.38 11.89
CA ILE F 257 -46.40 -16.37 11.11
C ILE F 257 -45.02 -16.91 10.76
N VAL F 258 -44.68 -16.87 9.48
CA VAL F 258 -43.43 -17.43 8.96
C VAL F 258 -42.68 -16.32 8.23
N PHE F 259 -41.41 -16.12 8.58
CA PHE F 259 -40.55 -15.14 7.94
C PHE F 259 -39.44 -15.87 7.21
N ILE F 260 -39.28 -15.59 5.92
CA ILE F 260 -38.26 -16.21 5.09
C ILE F 260 -37.25 -15.14 4.72
N ASP F 261 -36.07 -15.20 5.31
CA ASP F 261 -35.03 -14.22 5.02
C ASP F 261 -34.32 -14.57 3.71
N GLU F 262 -33.75 -13.53 3.10
CA GLU F 262 -32.91 -13.63 1.91
C GLU F 262 -33.51 -14.52 0.82
N ILE F 263 -34.79 -14.25 0.51
CA ILE F 263 -35.44 -14.98 -0.57
C ILE F 263 -34.89 -14.56 -1.93
N ASP F 264 -34.22 -13.43 -2.01
CA ASP F 264 -33.68 -12.97 -3.29
C ASP F 264 -32.52 -13.83 -3.77
N LYS F 265 -31.87 -14.57 -2.88
CA LYS F 265 -30.71 -15.37 -3.26
C LYS F 265 -31.07 -16.66 -3.98
N ILE F 266 -32.34 -17.09 -3.93
CA ILE F 266 -32.79 -18.27 -4.65
C ILE F 266 -33.35 -17.94 -6.02
N CYS F 267 -33.32 -16.68 -6.44
CA CYS F 267 -33.78 -16.30 -7.76
C CYS F 267 -32.75 -16.68 -8.82
N LYS F 268 -33.23 -16.80 -10.06
CA LYS F 268 -32.36 -17.14 -11.18
C LYS F 268 -31.30 -16.07 -11.44
N SER F 273 -26.66 -21.32 -15.11
CA SER F 273 -27.61 -22.36 -15.50
C SER F 273 -27.56 -23.54 -14.52
N GLY F 274 -26.35 -23.91 -14.10
CA GLY F 274 -26.16 -25.00 -13.18
C GLY F 274 -26.78 -24.76 -11.82
N PRO F 275 -26.38 -23.69 -11.13
CA PRO F 275 -27.02 -23.38 -9.84
C PRO F 275 -28.46 -22.91 -9.96
N ASP F 276 -28.87 -22.40 -11.12
CA ASP F 276 -30.21 -21.84 -11.25
C ASP F 276 -31.29 -22.92 -11.18
N VAL F 277 -30.96 -24.16 -11.56
CA VAL F 277 -31.92 -25.25 -11.42
C VAL F 277 -32.09 -25.63 -9.95
N SER F 278 -30.99 -25.56 -9.17
CA SER F 278 -31.08 -25.82 -7.74
C SER F 278 -31.67 -24.63 -6.98
N ARG F 279 -31.52 -23.41 -7.51
CA ARG F 279 -32.11 -22.25 -6.85
C ARG F 279 -33.63 -22.25 -6.99
N GLU F 280 -34.13 -22.36 -8.23
CA GLU F 280 -35.58 -22.35 -8.45
C GLU F 280 -36.25 -23.58 -7.88
N GLY F 281 -35.51 -24.69 -7.72
CA GLY F 281 -36.06 -25.85 -7.05
C GLY F 281 -36.42 -25.57 -5.60
N VAL F 282 -35.73 -24.62 -4.98
CA VAL F 282 -36.11 -24.20 -3.64
C VAL F 282 -37.45 -23.50 -3.66
N GLN F 283 -37.70 -22.68 -4.68
CA GLN F 283 -38.99 -22.01 -4.81
C GLN F 283 -40.10 -23.02 -5.08
N ARG F 284 -39.87 -23.97 -5.99
CA ARG F 284 -40.88 -24.99 -6.26
C ARG F 284 -41.19 -25.82 -5.03
N ASP F 285 -40.21 -26.03 -4.15
CA ASP F 285 -40.48 -26.78 -2.93
C ASP F 285 -41.20 -25.93 -1.88
N LEU F 286 -40.91 -24.64 -1.82
CA LEU F 286 -41.62 -23.71 -0.95
C LEU F 286 -43.05 -23.46 -1.40
N LEU F 287 -43.38 -23.80 -2.65
CA LEU F 287 -44.69 -23.46 -3.21
C LEU F 287 -45.85 -24.07 -2.44
N PRO F 288 -45.87 -25.37 -2.14
CA PRO F 288 -47.01 -25.92 -1.38
C PRO F 288 -47.17 -25.31 0.01
N LEU F 289 -46.16 -24.63 0.54
CA LEU F 289 -46.30 -24.02 1.85
C LEU F 289 -47.17 -22.77 1.80
N VAL F 290 -47.00 -21.93 0.78
CA VAL F 290 -47.79 -20.70 0.69
C VAL F 290 -49.17 -20.99 0.11
N GLU F 291 -49.26 -21.84 -0.90
CA GLU F 291 -50.55 -22.25 -1.46
C GLU F 291 -51.41 -23.00 -0.45
N GLY F 292 -50.82 -23.45 0.65
CA GLY F 292 -51.50 -24.25 1.65
C GLY F 292 -51.28 -25.73 1.39
N CYS F 293 -51.14 -26.50 2.46
CA CYS F 293 -50.89 -27.93 2.37
C CYS F 293 -51.01 -28.51 3.77
N THR F 294 -50.74 -29.81 3.87
CA THR F 294 -50.79 -30.54 5.12
C THR F 294 -49.41 -31.13 5.38
N VAL F 295 -48.82 -30.79 6.53
CA VAL F 295 -47.50 -31.28 6.92
C VAL F 295 -47.66 -32.12 8.17
N SER F 296 -47.01 -33.28 8.21
CA SER F 296 -47.07 -34.16 9.35
C SER F 296 -46.03 -33.75 10.38
N THR F 297 -46.45 -33.70 11.65
CA THR F 297 -45.56 -33.41 12.76
C THR F 297 -45.85 -34.40 13.89
N LYS F 298 -44.94 -34.45 14.85
CA LYS F 298 -45.14 -35.33 16.01
C LYS F 298 -46.34 -34.88 16.84
N HIS F 299 -46.63 -33.58 16.86
CA HIS F 299 -47.71 -33.06 17.68
C HIS F 299 -49.08 -33.22 17.03
N GLY F 300 -49.13 -33.54 15.75
CA GLY F 300 -50.38 -33.75 15.06
C GLY F 300 -50.27 -33.35 13.62
N MSE F 301 -51.43 -33.19 12.99
CA MSE F 301 -51.53 -32.80 11.59
C MSE F 301 -51.66 -31.29 11.53
O MSE F 301 -52.52 -30.71 12.19
CB MSE F 301 -52.75 -33.46 10.97
CG MSE F 301 -52.66 -33.67 9.47
SE MSE F 301 -51.19 -34.86 8.95
CE MSE F 301 -51.71 -36.45 9.97
N VAL F 302 -50.82 -30.63 10.74
CA VAL F 302 -50.81 -29.17 10.65
C VAL F 302 -51.11 -28.77 9.21
N LYS F 303 -52.01 -27.80 9.04
CA LYS F 303 -52.44 -27.31 7.74
C LYS F 303 -51.94 -25.88 7.57
N THR F 304 -51.25 -25.62 6.47
CA THR F 304 -50.55 -24.37 6.25
C THR F 304 -51.39 -23.33 5.52
N ASP F 305 -52.67 -23.61 5.26
CA ASP F 305 -53.50 -22.71 4.45
C ASP F 305 -53.47 -21.28 4.99
N HIS F 306 -53.77 -21.12 6.29
CA HIS F 306 -53.99 -19.79 6.86
C HIS F 306 -52.76 -19.17 7.48
N ILE F 307 -51.59 -19.81 7.36
CA ILE F 307 -50.37 -19.24 7.92
C ILE F 307 -49.97 -18.01 7.10
N LEU F 308 -49.60 -16.94 7.80
CA LEU F 308 -49.11 -15.74 7.14
C LEU F 308 -47.61 -15.87 6.88
N PHE F 309 -47.19 -15.55 5.66
CA PHE F 309 -45.79 -15.62 5.26
C PHE F 309 -45.29 -14.23 4.91
N ILE F 310 -44.07 -13.92 5.38
CA ILE F 310 -43.42 -12.65 5.14
C ILE F 310 -42.03 -12.93 4.60
N ALA F 311 -41.75 -12.49 3.38
CA ALA F 311 -40.45 -12.70 2.75
C ALA F 311 -39.70 -11.37 2.66
N SER F 312 -38.37 -11.45 2.69
CA SER F 312 -37.53 -10.26 2.66
C SER F 312 -36.30 -10.52 1.79
N GLY F 313 -35.76 -9.44 1.23
CA GLY F 313 -34.56 -9.55 0.44
C GLY F 313 -34.08 -8.18 0.01
N ALA F 314 -32.78 -8.12 -0.31
CA ALA F 314 -32.20 -6.87 -0.79
C ALA F 314 -32.57 -6.59 -2.23
N PHE F 315 -32.61 -7.64 -3.06
CA PHE F 315 -32.95 -7.53 -4.47
C PHE F 315 -32.06 -6.54 -5.21
N GLN F 316 -30.78 -6.48 -4.84
CA GLN F 316 -29.82 -5.73 -5.64
C GLN F 316 -29.33 -6.55 -6.82
N ILE F 317 -29.08 -7.84 -6.60
CA ILE F 317 -28.63 -8.72 -7.68
C ILE F 317 -29.77 -9.05 -8.63
N ALA F 318 -30.89 -9.50 -8.09
CA ALA F 318 -32.06 -9.88 -8.86
C ALA F 318 -33.23 -8.97 -8.49
N LYS F 319 -34.37 -9.23 -9.08
CA LYS F 319 -35.58 -8.45 -8.87
C LYS F 319 -36.72 -9.39 -8.55
N PRO F 320 -37.76 -8.91 -7.85
CA PRO F 320 -38.90 -9.77 -7.53
C PRO F 320 -39.57 -10.37 -8.75
N SER F 321 -39.45 -9.72 -9.92
CA SER F 321 -39.99 -10.30 -11.14
C SER F 321 -39.24 -11.56 -11.55
N ASP F 322 -38.03 -11.77 -11.04
CA ASP F 322 -37.27 -12.97 -11.36
C ASP F 322 -37.74 -14.19 -10.59
N LEU F 323 -38.60 -14.02 -9.59
CA LEU F 323 -39.20 -15.16 -8.92
C LEU F 323 -40.12 -15.90 -9.88
N ILE F 324 -40.41 -17.15 -9.56
CA ILE F 324 -41.29 -17.95 -10.40
C ILE F 324 -42.69 -17.33 -10.36
N PRO F 325 -43.45 -17.39 -11.45
CA PRO F 325 -44.78 -16.74 -11.44
C PRO F 325 -45.69 -17.26 -10.34
N GLU F 326 -45.62 -18.55 -10.00
CA GLU F 326 -46.48 -19.06 -8.94
C GLU F 326 -46.19 -18.39 -7.61
N LEU F 327 -44.93 -18.00 -7.37
CA LEU F 327 -44.58 -17.37 -6.12
C LEU F 327 -44.96 -15.90 -6.08
N GLN F 328 -44.92 -15.21 -7.23
CA GLN F 328 -45.32 -13.81 -7.25
C GLN F 328 -46.78 -13.65 -6.84
N GLY F 329 -47.67 -14.48 -7.42
CA GLY F 329 -49.09 -14.39 -7.12
C GLY F 329 -49.44 -14.65 -5.68
N ARG F 330 -48.62 -15.44 -4.98
CA ARG F 330 -48.83 -15.73 -3.57
C ARG F 330 -48.16 -14.71 -2.65
N LEU F 331 -47.50 -13.70 -3.21
CA LEU F 331 -46.92 -12.59 -2.44
C LEU F 331 -47.51 -11.28 -2.96
N PRO F 332 -48.81 -11.05 -2.75
CA PRO F 332 -49.44 -9.87 -3.36
C PRO F 332 -48.95 -8.55 -2.78
N ILE F 333 -48.71 -8.49 -1.47
CA ILE F 333 -48.29 -7.25 -0.82
C ILE F 333 -46.78 -7.11 -0.94
N ARG F 334 -46.33 -5.99 -1.48
CA ARG F 334 -44.91 -5.68 -1.61
C ARG F 334 -44.64 -4.34 -0.96
N VAL F 335 -43.52 -4.24 -0.24
CA VAL F 335 -43.16 -3.00 0.43
C VAL F 335 -41.66 -2.80 0.37
N GLU F 336 -41.23 -1.57 0.13
CA GLU F 336 -39.83 -1.20 0.18
C GLU F 336 -39.52 -0.51 1.50
N LEU F 337 -38.39 -0.86 2.09
CA LEU F 337 -37.95 -0.26 3.34
C LEU F 337 -36.74 0.64 3.07
N GLN F 338 -36.75 1.82 3.68
CA GLN F 338 -35.74 2.83 3.44
C GLN F 338 -34.45 2.51 4.19
N ALA F 339 -33.33 2.93 3.61
CA ALA F 339 -32.04 2.75 4.25
C ALA F 339 -31.90 3.75 5.39
N LEU F 340 -31.29 3.30 6.49
CA LEU F 340 -31.15 4.15 7.66
C LEU F 340 -30.00 5.14 7.49
N THR F 341 -30.16 6.31 8.11
CA THR F 341 -29.19 7.40 8.01
C THR F 341 -28.59 7.68 9.39
N THR F 342 -27.70 8.68 9.43
CA THR F 342 -27.10 9.08 10.70
C THR F 342 -28.15 9.63 11.66
N SER F 343 -29.13 10.37 11.14
CA SER F 343 -30.20 10.90 11.97
C SER F 343 -31.10 9.79 12.50
N ASP F 344 -31.18 8.66 11.78
CA ASP F 344 -31.97 7.54 12.26
C ASP F 344 -31.27 6.82 13.40
N PHE F 345 -29.95 6.66 13.30
CA PHE F 345 -29.21 5.98 14.38
C PHE F 345 -29.39 6.69 15.71
N GLU F 346 -29.33 8.03 15.70
CA GLU F 346 -29.58 8.80 16.92
C GLU F 346 -30.95 8.47 17.50
N ARG F 347 -31.95 8.31 16.63
CA ARG F 347 -33.30 8.02 17.11
C ARG F 347 -33.39 6.59 17.68
N ILE F 348 -32.67 5.65 17.08
CA ILE F 348 -32.75 4.26 17.53
C ILE F 348 -32.12 4.10 18.91
N LEU F 349 -31.14 4.94 19.25
CA LEU F 349 -30.47 4.82 20.54
C LEU F 349 -31.37 5.27 21.69
N THR F 350 -32.33 6.16 21.43
CA THR F 350 -33.13 6.78 22.49
C THR F 350 -34.61 6.46 22.36
N GLU F 351 -35.24 6.89 21.27
CA GLU F 351 -36.71 6.85 21.13
C GLU F 351 -37.36 5.52 21.50
N PRO F 352 -36.97 4.37 20.94
CA PRO F 352 -37.76 3.15 21.18
C PRO F 352 -37.78 2.75 22.64
N ASN F 353 -38.90 2.17 23.06
CA ASN F 353 -39.03 1.67 24.42
C ASN F 353 -38.04 0.55 24.65
N ALA F 354 -37.34 0.62 25.78
CA ALA F 354 -36.29 -0.35 26.12
C ALA F 354 -35.20 -0.37 25.05
N SER F 355 -34.75 0.82 24.64
CA SER F 355 -33.64 0.95 23.72
C SER F 355 -32.33 0.54 24.41
N ILE F 356 -31.32 0.24 23.58
CA ILE F 356 -30.05 -0.24 24.10
C ILE F 356 -29.42 0.74 25.09
N THR F 357 -29.65 2.04 24.90
CA THR F 357 -29.13 3.01 25.87
C THR F 357 -29.95 2.99 27.16
N VAL F 358 -31.27 2.86 27.05
CA VAL F 358 -32.11 2.74 28.24
C VAL F 358 -31.80 1.43 28.96
N GLN F 359 -31.47 0.37 28.23
CA GLN F 359 -31.07 -0.88 28.86
C GLN F 359 -29.78 -0.68 29.67
N TYR F 360 -28.77 -0.05 29.06
CA TYR F 360 -27.53 0.21 29.79
C TYR F 360 -27.74 1.14 30.98
N LYS F 361 -28.65 2.11 30.86
CA LYS F 361 -28.98 2.95 32.01
C LYS F 361 -29.57 2.11 33.14
N ALA F 362 -30.43 1.15 32.80
CA ALA F 362 -31.03 0.30 33.82
C ALA F 362 -30.08 -0.79 34.29
N LEU F 363 -29.21 -1.30 33.41
CA LEU F 363 -28.26 -2.32 33.82
C LEU F 363 -27.24 -1.75 34.81
N MSE F 364 -26.78 -0.53 34.57
CA MSE F 364 -25.82 0.11 35.47
C MSE F 364 -26.50 0.56 36.75
O MSE F 364 -25.86 0.64 37.80
CB MSE F 364 -25.15 1.29 34.77
CG MSE F 364 -24.31 0.92 33.55
SE MSE F 364 -23.06 -0.55 33.86
CE MSE F 364 -24.08 -2.00 33.07
N ALA F 365 -27.79 0.86 36.66
CA ALA F 365 -28.55 1.17 37.86
C ALA F 365 -28.59 0.00 38.83
N THR F 366 -28.36 -1.23 38.35
CA THR F 366 -28.29 -2.38 39.24
C THR F 366 -27.11 -2.28 40.19
N GLU F 367 -25.97 -1.78 39.68
CA GLU F 367 -24.76 -1.63 40.48
C GLU F 367 -24.74 -0.35 41.30
N GLY F 368 -25.69 0.54 41.09
CA GLY F 368 -25.72 1.81 41.80
C GLY F 368 -25.15 2.99 41.05
N VAL F 369 -25.00 2.89 39.73
CA VAL F 369 -24.44 3.95 38.90
C VAL F 369 -25.56 4.54 38.04
N ASN F 370 -25.61 5.86 37.98
CA ASN F 370 -26.60 6.58 37.19
C ASN F 370 -25.94 7.06 35.90
N ILE F 371 -26.35 6.50 34.77
CA ILE F 371 -25.80 6.84 33.47
C ILE F 371 -26.73 7.84 32.78
N GLU F 372 -26.14 8.86 32.16
CA GLU F 372 -26.88 9.87 31.43
C GLU F 372 -26.17 10.14 30.12
N PHE F 373 -26.92 10.07 29.02
CA PHE F 373 -26.36 10.27 27.69
C PHE F 373 -26.75 11.65 27.18
N THR F 374 -25.74 12.48 26.89
CA THR F 374 -25.98 13.81 26.34
C THR F 374 -26.37 13.72 24.87
N ASP F 375 -27.02 14.78 24.39
CA ASP F 375 -27.37 14.85 22.98
C ASP F 375 -26.15 14.89 22.08
N SER F 376 -25.07 15.54 22.54
CA SER F 376 -23.84 15.59 21.75
C SER F 376 -23.12 14.25 21.73
N GLY F 377 -23.27 13.45 22.78
CA GLY F 377 -22.68 12.12 22.78
C GLY F 377 -23.43 11.16 21.87
N ILE F 378 -24.77 11.15 21.96
CA ILE F 378 -25.57 10.30 21.10
C ILE F 378 -25.31 10.62 19.63
N LYS F 379 -25.06 11.90 19.31
CA LYS F 379 -24.76 12.26 17.93
C LYS F 379 -23.43 11.67 17.48
N ARG F 380 -22.40 11.70 18.34
CA ARG F 380 -21.10 11.16 17.97
C ARG F 380 -21.12 9.63 17.95
N ILE F 381 -21.92 9.00 18.81
CA ILE F 381 -22.06 7.55 18.76
C ILE F 381 -22.65 7.11 17.43
N ALA F 382 -23.68 7.82 16.96
CA ALA F 382 -24.26 7.52 15.66
C ALA F 382 -23.26 7.73 14.54
N GLU F 383 -22.49 8.82 14.61
CA GLU F 383 -21.43 9.05 13.62
C GLU F 383 -20.40 7.92 13.64
N ALA F 384 -20.16 7.31 14.80
CA ALA F 384 -19.23 6.20 14.89
C ALA F 384 -19.76 4.98 14.15
N ALA F 385 -21.03 4.64 14.36
CA ALA F 385 -21.61 3.49 13.67
C ALA F 385 -21.71 3.74 12.17
N TRP F 386 -21.97 4.99 11.77
CA TRP F 386 -22.03 5.31 10.34
C TRP F 386 -20.65 5.24 9.70
N GLN F 387 -19.62 5.71 10.41
CA GLN F 387 -18.27 5.73 9.85
C GLN F 387 -17.75 4.31 9.63
N VAL F 388 -18.04 3.40 10.57
CA VAL F 388 -17.57 2.02 10.42
C VAL F 388 -18.29 1.34 9.26
N ASN F 389 -19.59 1.57 9.12
CA ASN F 389 -20.34 0.97 8.02
C ASN F 389 -19.88 1.50 6.67
N GLU F 390 -19.41 2.74 6.62
CA GLU F 390 -18.92 3.32 5.38
C GLU F 390 -17.46 2.95 5.10
N SER F 391 -16.64 2.86 6.15
CA SER F 391 -15.23 2.55 5.94
C SER F 391 -15.01 1.10 5.54
N THR F 392 -15.86 0.18 6.00
CA THR F 392 -15.69 -1.25 5.77
C THR F 392 -16.95 -1.78 5.10
N GLU F 393 -17.82 -2.44 5.86
CA GLU F 393 -19.03 -3.05 5.34
C GLU F 393 -20.23 -2.49 6.07
N ASN F 394 -21.31 -2.26 5.32
CA ASN F 394 -22.54 -1.72 5.89
C ASN F 394 -23.39 -2.88 6.39
N ILE F 395 -23.46 -3.03 7.72
CA ILE F 395 -24.30 -4.05 8.34
C ILE F 395 -25.61 -3.51 8.87
N GLY F 396 -25.88 -2.23 8.67
CA GLY F 396 -27.13 -1.65 9.12
C GLY F 396 -27.07 -1.17 10.57
N ALA F 397 -28.23 -1.16 11.23
CA ALA F 397 -28.33 -0.71 12.60
C ALA F 397 -27.65 -1.67 13.59
N ARG F 398 -27.23 -2.85 13.13
CA ARG F 398 -26.53 -3.78 14.01
C ARG F 398 -25.19 -3.22 14.49
N ARG F 399 -24.64 -2.24 13.78
CA ARG F 399 -23.38 -1.63 14.21
C ARG F 399 -23.53 -0.92 15.55
N LEU F 400 -24.74 -0.46 15.87
CA LEU F 400 -24.96 0.23 17.14
C LEU F 400 -24.73 -0.70 18.34
N HIS F 401 -24.99 -2.00 18.17
CA HIS F 401 -24.77 -2.94 19.26
C HIS F 401 -23.29 -3.07 19.59
N THR F 402 -22.46 -3.28 18.57
CA THR F 402 -21.04 -3.49 18.81
C THR F 402 -20.33 -2.20 19.23
N VAL F 403 -20.77 -1.06 18.71
CA VAL F 403 -20.12 0.21 19.07
C VAL F 403 -20.41 0.56 20.53
N LEU F 404 -21.64 0.34 20.99
CA LEU F 404 -21.96 0.66 22.38
C LEU F 404 -21.22 -0.23 23.35
N GLU F 405 -21.15 -1.54 23.07
CA GLU F 405 -20.49 -2.45 23.98
C GLU F 405 -18.99 -2.14 24.09
N ARG F 406 -18.37 -1.75 22.98
CA ARG F 406 -16.96 -1.36 23.01
C ARG F 406 -16.77 -0.06 23.78
N LEU F 407 -17.73 0.87 23.68
CA LEU F 407 -17.60 2.13 24.39
C LEU F 407 -17.84 1.96 25.89
N MSE F 408 -18.74 1.07 26.27
CA MSE F 408 -19.15 0.91 27.67
C MSE F 408 -18.38 -0.19 28.40
O MSE F 408 -18.66 -0.45 29.57
CB MSE F 408 -20.65 0.62 27.75
CG MSE F 408 -21.53 1.67 27.10
SE MSE F 408 -21.79 3.28 28.18
CE MSE F 408 -20.20 4.29 27.67
N GLU F 409 -17.42 -0.82 27.73
CA GLU F 409 -16.76 -1.98 28.31
C GLU F 409 -15.97 -1.62 29.56
N GLU F 410 -15.41 -0.41 29.62
CA GLU F 410 -14.65 -0.01 30.81
C GLU F 410 -15.57 0.27 31.98
N ILE F 411 -16.73 0.88 31.72
CA ILE F 411 -17.67 1.17 32.80
C ILE F 411 -18.37 -0.09 33.25
N SER F 412 -18.67 -1.01 32.32
CA SER F 412 -19.36 -2.24 32.67
C SER F 412 -18.51 -3.13 33.59
N TYR F 413 -17.19 -3.09 33.44
CA TYR F 413 -16.33 -3.90 34.29
C TYR F 413 -16.13 -3.25 35.66
N ASP F 414 -16.02 -1.93 35.71
CA ASP F 414 -15.79 -1.19 36.93
C ASP F 414 -17.07 -0.76 37.62
N ALA F 415 -18.24 -1.18 37.11
CA ALA F 415 -19.50 -0.71 37.65
C ALA F 415 -19.68 -1.05 39.13
N SER F 416 -19.05 -2.14 39.59
CA SER F 416 -19.21 -2.53 40.99
C SER F 416 -18.53 -1.55 41.92
N ASP F 417 -17.39 -1.00 41.51
CA ASP F 417 -16.66 -0.05 42.34
C ASP F 417 -17.12 1.39 42.18
N LEU F 418 -17.94 1.67 41.16
CA LEU F 418 -18.44 3.01 40.92
C LEU F 418 -19.77 3.28 41.61
N SER F 419 -20.23 2.37 42.47
CA SER F 419 -21.54 2.49 43.09
C SER F 419 -21.71 3.83 43.79
N GLY F 420 -22.82 4.49 43.50
CA GLY F 420 -23.14 5.76 44.11
C GLY F 420 -22.67 6.99 43.36
N GLN F 421 -22.25 6.84 42.10
CA GLN F 421 -21.75 7.94 41.31
C GLN F 421 -22.64 8.16 40.09
N ASN F 422 -22.64 9.40 39.60
CA ASN F 422 -23.37 9.78 38.40
C ASN F 422 -22.35 9.99 37.29
N ILE F 423 -22.36 9.10 36.30
CA ILE F 423 -21.43 9.16 35.17
C ILE F 423 -22.17 9.72 33.97
N THR F 424 -21.65 10.81 33.40
CA THR F 424 -22.25 11.47 32.26
C THR F 424 -21.42 11.17 31.02
N ILE F 425 -22.05 10.64 29.99
CA ILE F 425 -21.36 10.32 28.74
C ILE F 425 -21.57 11.49 27.79
N ASP F 426 -20.49 12.24 27.54
CA ASP F 426 -20.52 13.39 26.65
C ASP F 426 -19.80 13.06 25.35
N ALA F 427 -19.73 14.07 24.47
CA ALA F 427 -19.05 13.88 23.19
C ALA F 427 -17.55 13.67 23.37
N ASP F 428 -16.97 14.25 24.43
CA ASP F 428 -15.55 14.03 24.69
C ASP F 428 -15.28 12.59 25.12
N TYR F 429 -16.19 12.00 25.89
CA TYR F 429 -16.02 10.62 26.32
C TYR F 429 -16.17 9.65 25.16
N VAL F 430 -17.01 9.99 24.18
CA VAL F 430 -17.15 9.14 22.99
C VAL F 430 -15.87 9.14 22.17
N SER F 431 -15.31 10.33 21.93
CA SER F 431 -14.12 10.43 21.09
C SER F 431 -12.89 9.78 21.71
N LYS F 432 -12.88 9.58 23.03
CA LYS F 432 -11.70 9.00 23.67
C LYS F 432 -11.64 7.49 23.47
N HIS F 433 -12.77 6.80 23.60
CA HIS F 433 -12.79 5.35 23.52
C HIS F 433 -13.15 4.82 22.13
N LEU F 434 -13.46 5.69 21.18
CA LEU F 434 -13.94 5.28 19.87
C LEU F 434 -13.05 5.79 18.74
N ASP F 435 -12.88 7.10 18.61
CA ASP F 435 -12.17 7.67 17.46
C ASP F 435 -10.82 7.01 17.22
N ALA F 436 -10.18 6.50 18.28
CA ALA F 436 -8.93 5.77 18.08
C ALA F 436 -9.16 4.47 17.31
N LEU F 437 -10.22 3.73 17.65
CA LEU F 437 -10.48 2.45 16.99
C LEU F 437 -11.12 2.65 15.63
N VAL F 438 -12.04 3.61 15.50
CA VAL F 438 -12.73 3.83 14.24
C VAL F 438 -11.77 4.33 13.17
N ALA F 439 -10.71 5.05 13.57
CA ALA F 439 -9.76 5.57 12.60
C ALA F 439 -9.02 4.46 11.89
N ASP F 440 -8.72 3.36 12.58
CA ASP F 440 -7.99 2.25 11.98
C ASP F 440 -9.00 1.24 11.44
N GLU F 441 -9.08 1.15 10.11
CA GLU F 441 -10.08 0.28 9.49
C GLU F 441 -9.74 -1.20 9.69
N ASP F 442 -8.45 -1.53 9.74
CA ASP F 442 -8.07 -2.93 9.94
C ASP F 442 -8.44 -3.42 11.33
N LEU F 443 -8.40 -2.53 12.33
CA LEU F 443 -8.85 -2.90 13.66
C LEU F 443 -10.37 -2.84 13.76
N SER F 444 -11.02 -2.01 12.94
CA SER F 444 -12.47 -1.86 13.00
C SER F 444 -13.20 -3.14 12.61
N ARG F 445 -12.59 -3.96 11.76
CA ARG F 445 -13.25 -5.18 11.32
C ARG F 445 -13.23 -6.25 12.41
N PHE F 446 -12.14 -6.30 13.19
CA PHE F 446 -12.05 -7.26 14.28
C PHE F 446 -12.84 -6.81 15.49
N ILE F 447 -12.66 -5.55 15.90
CA ILE F 447 -13.25 -5.09 17.15
C ILE F 447 -14.72 -4.69 16.96
N LEU F 448 -15.04 -4.02 15.86
CA LEU F 448 -16.41 -3.55 15.64
C LEU F 448 -17.14 -4.34 14.56
N HIS G 6 -3.05 26.14 -21.44
CA HIS G 6 -3.08 25.55 -22.77
C HIS G 6 -3.95 24.30 -22.82
N SER G 7 -3.78 23.42 -21.83
CA SER G 7 -4.56 22.19 -21.79
C SER G 7 -6.04 22.50 -21.55
N GLU G 8 -6.90 21.75 -22.24
CA GLU G 8 -8.34 21.98 -22.21
C GLU G 8 -9.07 21.10 -21.21
N MSE G 9 -8.37 20.30 -20.42
CA MSE G 9 -9.00 19.39 -19.47
C MSE G 9 -9.82 20.10 -18.40
O MSE G 9 -9.48 21.19 -17.95
CB MSE G 9 -7.95 18.51 -18.79
CG MSE G 9 -7.30 17.50 -19.70
SE MSE G 9 -5.88 16.59 -18.76
CE MSE G 9 -4.75 18.13 -18.41
N THR G 10 -10.91 19.45 -18.00
CA THR G 10 -11.78 19.98 -16.95
C THR G 10 -11.14 19.77 -15.59
N PRO G 11 -11.60 20.50 -14.57
CA PRO G 11 -11.06 20.28 -13.22
C PRO G 11 -11.20 18.86 -12.73
N ARG G 12 -12.28 18.16 -13.10
CA ARG G 12 -12.42 16.76 -12.69
C ARG G 12 -11.44 15.87 -13.44
N GLU G 13 -11.12 16.20 -14.69
CA GLU G 13 -10.11 15.45 -15.42
C GLU G 13 -8.72 15.67 -14.85
N ILE G 14 -8.46 16.85 -14.28
CA ILE G 14 -7.16 17.11 -13.67
C ILE G 14 -7.01 16.32 -12.38
N VAL G 15 -8.06 16.34 -11.53
CA VAL G 15 -8.01 15.59 -10.28
C VAL G 15 -7.93 14.09 -10.55
N SER G 16 -8.68 13.61 -11.54
CA SER G 16 -8.63 12.19 -11.88
C SER G 16 -7.24 11.78 -12.34
N GLU G 17 -6.53 12.67 -13.03
CA GLU G 17 -5.17 12.35 -13.45
C GLU G 17 -4.20 12.45 -12.27
N LEU G 18 -4.44 13.39 -11.36
CA LEU G 18 -3.58 13.52 -10.20
C LEU G 18 -3.71 12.34 -9.25
N ASP G 19 -4.88 11.67 -9.25
CA ASP G 19 -5.06 10.49 -8.42
C ASP G 19 -4.15 9.35 -8.81
N LYS G 20 -3.64 9.36 -10.05
CA LYS G 20 -2.70 8.33 -10.48
C LYS G 20 -1.36 8.42 -9.76
N HIS G 21 -1.03 9.59 -9.20
CA HIS G 21 0.24 9.79 -8.50
C HIS G 21 0.05 10.08 -7.02
N ILE G 22 -0.67 11.14 -6.66
CA ILE G 22 -0.85 11.51 -5.26
C ILE G 22 -2.04 10.74 -4.69
N ILE G 23 -1.92 10.32 -3.44
CA ILE G 23 -2.97 9.60 -2.73
C ILE G 23 -3.61 10.55 -1.74
N GLY G 24 -4.94 10.65 -1.78
CA GLY G 24 -5.63 11.52 -0.87
C GLY G 24 -5.38 12.99 -1.16
N GLN G 25 -5.53 13.80 -0.12
CA GLN G 25 -5.39 15.26 -0.22
C GLN G 25 -6.29 15.82 -1.31
N ASP G 26 -7.57 15.45 -1.25
CA ASP G 26 -8.50 15.83 -2.29
C ASP G 26 -8.72 17.34 -2.35
N ASN G 27 -8.65 18.01 -1.20
CA ASN G 27 -8.86 19.45 -1.18
C ASN G 27 -7.76 20.19 -1.93
N ALA G 28 -6.51 19.72 -1.81
CA ALA G 28 -5.42 20.36 -2.52
C ALA G 28 -5.52 20.12 -4.03
N LYS G 29 -5.94 18.93 -4.43
CA LYS G 29 -6.09 18.63 -5.86
C LYS G 29 -7.15 19.51 -6.50
N ARG G 30 -8.27 19.72 -5.81
CA ARG G 30 -9.30 20.61 -6.34
C ARG G 30 -8.82 22.04 -6.42
N SER G 31 -7.93 22.45 -5.52
CA SER G 31 -7.39 23.80 -5.58
C SER G 31 -6.49 23.98 -6.80
N VAL G 32 -5.60 23.02 -7.05
CA VAL G 32 -4.69 23.14 -8.18
C VAL G 32 -5.42 22.89 -9.50
N ALA G 33 -6.50 22.10 -9.48
CA ALA G 33 -7.27 21.90 -10.70
C ALA G 33 -7.95 23.19 -11.13
N ILE G 34 -8.49 23.95 -10.17
CA ILE G 34 -9.12 25.23 -10.49
C ILE G 34 -8.09 26.21 -11.03
N ALA G 35 -6.90 26.22 -10.45
CA ALA G 35 -5.85 27.12 -10.92
C ALA G 35 -5.46 26.81 -12.36
N LEU G 36 -5.31 25.52 -12.69
CA LEU G 36 -4.96 25.16 -14.05
C LEU G 36 -6.13 25.35 -15.00
N ARG G 37 -7.36 25.11 -14.54
CA ARG G 37 -8.51 25.34 -15.40
C ARG G 37 -8.68 26.81 -15.73
N ASN G 38 -8.36 27.70 -14.79
CA ASN G 38 -8.45 29.13 -15.07
C ASN G 38 -7.48 29.59 -16.15
N ARG G 39 -6.43 28.80 -16.42
CA ARG G 39 -5.56 29.11 -17.55
C ARG G 39 -6.32 29.06 -18.86
N TRP G 40 -7.16 28.03 -19.04
CA TRP G 40 -7.96 27.89 -20.23
C TRP G 40 -9.09 28.91 -20.27
N ARG G 41 -9.69 29.21 -19.12
CA ARG G 41 -10.81 30.14 -19.08
C ARG G 41 -10.39 31.55 -19.48
N ARG G 42 -9.16 31.96 -19.13
CA ARG G 42 -8.70 33.30 -19.47
C ARG G 42 -8.46 33.47 -20.96
N MSE G 43 -8.14 32.39 -21.66
CA MSE G 43 -7.84 32.45 -23.09
C MSE G 43 -9.10 32.77 -23.91
O MSE G 43 -9.00 33.24 -25.04
CB MSE G 43 -7.24 31.13 -23.57
CG MSE G 43 -5.86 30.83 -23.01
SE MSE G 43 -4.45 32.00 -23.68
CE MSE G 43 -4.71 31.73 -25.61
N GLN G 44 -10.26 32.52 -23.33
CA GLN G 44 -11.53 32.69 -24.02
C GLN G 44 -12.13 34.07 -23.82
N LEU G 45 -11.54 34.93 -22.99
CA LEU G 45 -12.08 36.25 -22.72
C LEU G 45 -11.66 37.23 -23.80
N ASN G 46 -12.09 38.48 -23.65
CA ASN G 46 -11.74 39.53 -24.59
C ASN G 46 -10.37 40.11 -24.25
N GLU G 47 -9.96 41.13 -25.01
CA GLU G 47 -8.62 41.68 -24.85
C GLU G 47 -8.45 42.38 -23.51
N GLU G 48 -9.46 43.12 -23.07
CA GLU G 48 -9.34 43.88 -21.82
C GLU G 48 -9.27 42.96 -20.61
N LEU G 49 -10.07 41.88 -20.61
CA LEU G 49 -10.11 40.99 -19.45
C LEU G 49 -8.88 40.10 -19.33
N ARG G 50 -8.11 39.93 -20.41
CA ARG G 50 -6.93 39.07 -20.34
C ARG G 50 -5.86 39.67 -19.44
N HIS G 51 -5.65 40.98 -19.51
CA HIS G 51 -4.68 41.62 -18.63
C HIS G 51 -5.21 41.80 -17.21
N GLU G 52 -6.52 42.05 -17.07
CA GLU G 52 -7.09 42.28 -15.74
C GLU G 52 -7.16 41.00 -14.93
N VAL G 53 -7.33 39.85 -15.58
CA VAL G 53 -7.40 38.58 -14.87
C VAL G 53 -5.99 38.05 -14.63
N THR G 54 -5.66 37.83 -13.35
CA THR G 54 -4.38 37.32 -12.92
C THR G 54 -4.56 35.92 -12.32
N PRO G 55 -3.54 35.06 -12.40
CA PRO G 55 -3.69 33.71 -11.86
C PRO G 55 -3.93 33.73 -10.36
N LYS G 56 -4.72 32.77 -9.89
CA LYS G 56 -5.08 32.68 -8.48
C LYS G 56 -4.06 31.81 -7.79
N ASN G 57 -3.22 32.41 -6.94
CA ASN G 57 -2.16 31.68 -6.28
C ASN G 57 -2.73 30.89 -5.12
N ILE G 58 -2.05 29.80 -4.77
CA ILE G 58 -2.49 28.88 -3.73
C ILE G 58 -1.47 28.88 -2.60
N LEU G 59 -1.96 28.90 -1.37
CA LEU G 59 -1.13 28.77 -0.18
C LEU G 59 -1.52 27.46 0.50
N MSE G 60 -0.61 26.49 0.48
CA MSE G 60 -0.87 25.19 1.06
C MSE G 60 -0.44 25.13 2.52
O MSE G 60 0.62 25.66 2.89
CB MSE G 60 -0.17 24.09 0.27
CG MSE G 60 -0.60 24.01 -1.18
SE MSE G 60 0.18 22.47 -2.09
CE MSE G 60 -0.56 22.77 -3.87
N ILE G 61 -1.25 24.48 3.34
CA ILE G 61 -0.99 24.37 4.78
C ILE G 61 -1.06 22.90 5.16
N GLY G 62 -0.03 22.43 5.86
CA GLY G 62 0.00 21.06 6.35
C GLY G 62 1.37 20.65 6.83
N PRO G 63 1.45 19.55 7.56
CA PRO G 63 2.75 19.08 8.06
C PRO G 63 3.64 18.58 6.93
N THR G 64 4.93 18.47 7.24
CA THR G 64 5.92 18.11 6.23
C THR G 64 5.70 16.68 5.74
N GLY G 65 6.05 16.45 4.47
CA GLY G 65 6.01 15.13 3.90
C GLY G 65 4.64 14.59 3.56
N VAL G 66 3.64 15.46 3.41
CA VAL G 66 2.28 15.04 3.07
C VAL G 66 2.00 15.12 1.58
N GLY G 67 2.98 15.53 0.77
CA GLY G 67 2.80 15.62 -0.67
C GLY G 67 2.54 16.99 -1.23
N LYS G 68 2.81 18.06 -0.47
CA LYS G 68 2.58 19.42 -0.97
C LYS G 68 3.40 19.72 -2.21
N THR G 69 4.66 19.29 -2.22
CA THR G 69 5.50 19.54 -3.38
C THR G 69 5.13 18.64 -4.55
N GLU G 70 4.82 17.37 -4.26
CA GLU G 70 4.50 16.41 -5.32
C GLU G 70 3.26 16.83 -6.10
N ILE G 71 2.27 17.39 -5.42
CA ILE G 71 1.08 17.89 -6.12
C ILE G 71 1.47 18.99 -7.09
N ALA G 72 2.39 19.87 -6.67
CA ALA G 72 2.85 20.93 -7.56
C ALA G 72 3.66 20.36 -8.73
N ARG G 73 4.51 19.36 -8.46
CA ARG G 73 5.33 18.79 -9.51
C ARG G 73 4.48 18.11 -10.57
N ARG G 74 3.52 17.28 -10.15
CA ARG G 74 2.66 16.59 -11.09
C ARG G 74 1.73 17.55 -11.82
N LEU G 75 1.38 18.68 -11.20
CA LEU G 75 0.52 19.65 -11.86
C LEU G 75 1.25 20.30 -13.03
N ALA G 76 2.50 20.69 -12.83
CA ALA G 76 3.26 21.32 -13.92
C ALA G 76 3.58 20.30 -15.01
N LYS G 77 3.90 19.06 -14.62
CA LYS G 77 4.17 18.02 -15.60
C LYS G 77 2.92 17.67 -16.41
N LEU G 78 1.74 17.80 -15.78
CA LEU G 78 0.50 17.53 -16.50
C LEU G 78 0.19 18.63 -17.51
N ALA G 79 0.51 19.88 -17.17
CA ALA G 79 0.23 21.03 -18.03
C ALA G 79 1.36 21.35 -18.99
N ASN G 80 2.44 20.58 -18.98
CA ASN G 80 3.62 20.86 -19.80
C ASN G 80 4.10 22.29 -19.57
N ALA G 81 4.32 22.63 -18.30
CA ALA G 81 4.65 23.97 -17.87
C ALA G 81 6.00 24.02 -17.15
N PRO G 82 6.73 25.12 -17.26
CA PRO G 82 8.00 25.24 -16.53
C PRO G 82 7.75 25.28 -15.03
N PHE G 83 8.63 24.61 -14.28
CA PHE G 83 8.46 24.47 -12.84
C PHE G 83 9.81 24.59 -12.15
N ILE G 84 9.79 25.19 -10.96
CA ILE G 84 10.97 25.27 -10.13
C ILE G 84 10.53 25.28 -8.67
N LYS G 85 11.33 24.65 -7.82
CA LYS G 85 11.13 24.68 -6.37
C LYS G 85 12.28 25.44 -5.74
N VAL G 86 11.95 26.36 -4.83
CA VAL G 86 12.96 27.11 -4.09
C VAL G 86 12.56 27.14 -2.63
N GLU G 87 13.57 27.20 -1.76
CA GLU G 87 13.36 27.30 -0.33
C GLU G 87 13.25 28.76 0.05
N ALA G 88 12.22 29.10 0.85
CA ALA G 88 12.02 30.49 1.24
C ALA G 88 13.17 31.00 2.10
N THR G 89 13.78 30.12 2.91
CA THR G 89 14.88 30.54 3.76
C THR G 89 16.18 30.76 3.00
N LYS G 90 16.22 30.43 1.70
CA LYS G 90 17.45 30.60 0.93
C LYS G 90 17.85 32.06 0.80
N PHE G 91 16.87 32.96 0.73
CA PHE G 91 17.13 34.38 0.56
C PHE G 91 17.27 35.12 1.89
N THR G 92 17.16 34.42 3.02
CA THR G 92 17.32 35.09 4.31
C THR G 92 18.74 35.63 4.48
N GLU G 93 19.73 34.88 4.01
CA GLU G 93 21.12 35.33 4.09
C GLU G 93 21.32 36.57 3.22
N VAL G 94 22.28 37.40 3.62
CA VAL G 94 22.59 38.61 2.89
C VAL G 94 23.29 38.36 1.57
N GLY G 98 24.86 37.94 -3.85
CA GLY G 98 24.72 36.50 -3.73
C GLY G 98 23.46 35.94 -4.36
N LYS G 99 22.53 35.49 -3.51
CA LYS G 99 21.27 34.90 -3.95
C LYS G 99 20.20 35.98 -3.99
N GLU G 100 19.77 36.34 -5.21
CA GLU G 100 18.71 37.32 -5.40
C GLU G 100 17.39 36.64 -5.71
N VAL G 101 16.30 37.27 -5.27
CA VAL G 101 14.96 36.77 -5.55
C VAL G 101 14.69 36.76 -7.05
N ASP G 102 15.37 37.61 -7.82
CA ASP G 102 15.18 37.60 -9.26
C ASP G 102 15.67 36.30 -9.89
N SER G 103 16.51 35.53 -9.18
CA SER G 103 17.04 34.30 -9.74
C SER G 103 15.97 33.23 -9.91
N ILE G 104 14.84 33.34 -9.21
CA ILE G 104 13.76 32.38 -9.36
C ILE G 104 13.23 32.41 -10.78
N ILE G 105 13.02 33.62 -11.33
CA ILE G 105 12.56 33.73 -12.71
C ILE G 105 13.70 33.39 -13.68
N ARG G 106 14.95 33.68 -13.29
CA ARG G 106 16.08 33.35 -14.14
C ARG G 106 16.23 31.84 -14.30
N ASP G 107 16.22 31.11 -13.18
CA ASP G 107 16.32 29.65 -13.25
C ASP G 107 15.07 29.02 -13.86
N LEU G 108 13.92 29.70 -13.74
CA LEU G 108 12.71 29.20 -14.38
C LEU G 108 12.79 29.37 -15.90
N THR G 109 13.38 30.47 -16.36
CA THR G 109 13.59 30.65 -17.80
C THR G 109 14.60 29.64 -18.33
N ASP G 110 15.70 29.42 -17.60
CA ASP G 110 16.69 28.43 -18.02
C ASP G 110 16.10 27.03 -18.06
N ALA G 111 15.17 26.73 -17.16
CA ALA G 111 14.49 25.44 -17.19
C ALA G 111 13.49 25.36 -18.35
N ALA G 112 12.93 26.50 -18.76
CA ALA G 112 11.97 26.50 -19.85
C ALA G 112 12.66 26.46 -21.22
N VAL G 113 13.86 27.05 -21.33
CA VAL G 113 14.58 27.02 -22.59
C VAL G 113 15.00 25.59 -22.94
N LYS G 114 15.53 24.85 -21.96
CA LYS G 114 15.88 23.45 -22.19
C LYS G 114 14.66 22.63 -22.60
N MSE G 115 13.47 23.01 -22.13
CA MSE G 115 12.25 22.31 -22.48
C MSE G 115 11.87 22.51 -23.94
O MSE G 115 11.51 21.56 -24.64
CB MSE G 115 11.11 22.78 -21.58
CG MSE G 115 9.78 22.10 -21.84
SE MSE G 115 8.42 22.79 -20.62
CE MSE G 115 8.46 24.66 -21.17
N VAL G 116 11.95 23.76 -24.41
CA VAL G 116 11.62 24.05 -25.80
C VAL G 116 12.78 23.78 -26.75
N ARG G 117 14.01 23.72 -26.23
CA ARG G 117 15.15 23.42 -27.09
C ARG G 117 15.15 21.96 -27.53
N VAL G 118 15.01 21.04 -26.56
CA VAL G 118 15.01 19.62 -26.90
C VAL G 118 13.84 19.29 -27.83
N GLN G 119 12.69 19.94 -27.64
CA GLN G 119 11.58 19.78 -28.57
C GLN G 119 11.91 20.38 -29.94
N ALA G 120 12.74 21.42 -29.97
CA ALA G 120 13.23 21.96 -31.23
C ALA G 120 14.36 21.15 -31.82
N ILE G 121 15.09 20.40 -30.99
CA ILE G 121 16.19 19.58 -31.50
C ILE G 121 15.66 18.42 -32.34
N GLU G 122 14.53 17.83 -31.93
CA GLU G 122 14.00 16.67 -32.65
C GLU G 122 13.65 17.01 -34.09
N LYS G 123 13.16 18.22 -34.35
CA LYS G 123 12.91 18.64 -35.71
C LYS G 123 14.21 18.88 -36.47
N ASN G 124 15.22 19.40 -35.78
CA ASN G 124 16.52 19.65 -36.38
C ASN G 124 17.47 18.46 -36.30
N ARG G 125 17.11 17.41 -35.54
CA ARG G 125 17.99 16.25 -35.41
C ARG G 125 18.14 15.51 -36.73
N TYR G 126 17.01 15.27 -37.42
CA TYR G 126 17.06 14.53 -38.68
C TYR G 126 17.77 15.32 -39.76
N ARG G 127 17.69 16.66 -39.70
CA ARG G 127 18.43 17.49 -40.66
C ARG G 127 19.90 17.59 -40.31
N ALA G 128 20.22 17.65 -39.01
CA ALA G 128 21.62 17.74 -38.59
C ALA G 128 22.38 16.45 -38.89
N GLU G 129 21.75 15.30 -38.65
CA GLU G 129 22.38 14.03 -38.97
C GLU G 129 22.67 13.91 -40.46
N GLU G 130 21.79 14.47 -41.30
CA GLU G 130 22.05 14.49 -42.74
C GLU G 130 23.27 15.34 -43.06
N LEU G 131 23.38 16.52 -42.44
CA LEU G 131 24.52 17.39 -42.69
C LEU G 131 25.76 16.98 -41.91
N ALA G 132 25.61 16.21 -40.84
CA ALA G 132 26.78 15.75 -40.09
C ALA G 132 27.59 14.74 -40.90
N GLU G 133 26.92 13.72 -41.43
CA GLU G 133 27.60 12.76 -42.30
C GLU G 133 27.94 13.37 -43.64
N GLU G 134 27.31 14.49 -44.02
CA GLU G 134 27.62 15.14 -45.29
C GLU G 134 29.03 15.70 -45.29
N ARG G 135 29.48 16.23 -44.14
CA ARG G 135 30.83 16.79 -44.06
C ARG G 135 31.90 15.71 -43.97
N ILE G 136 31.57 14.53 -43.45
CA ILE G 136 32.52 13.42 -43.42
C ILE G 136 32.83 12.95 -44.84
N LEU G 137 31.80 12.90 -45.70
CA LEU G 137 32.00 12.47 -47.08
C LEU G 137 32.91 13.41 -47.86
N ASP G 138 32.98 14.69 -47.49
CA ASP G 138 33.89 15.60 -48.15
C ASP G 138 35.36 15.30 -47.82
N VAL G 139 35.62 14.66 -46.69
CA VAL G 139 36.98 14.25 -46.36
C VAL G 139 37.35 12.97 -47.11
N LEU G 140 36.42 12.01 -47.19
CA LEU G 140 36.69 10.75 -47.87
C LEU G 140 36.88 10.97 -49.37
N ILE G 141 35.88 11.56 -50.03
CA ILE G 141 35.98 11.88 -51.45
C ILE G 141 35.93 13.39 -51.64
N PRO G 142 37.05 14.05 -51.96
CA PRO G 142 37.04 15.50 -52.15
C PRO G 142 36.25 15.88 -53.39
N PRO G 143 35.36 16.87 -53.28
CA PRO G 143 34.69 17.39 -54.48
C PRO G 143 35.59 18.35 -55.25
N ALA G 144 35.30 18.46 -56.54
CA ALA G 144 36.06 19.34 -57.41
C ALA G 144 35.36 20.68 -57.58
N GLU G 156 24.36 13.72 -59.37
CA GLU G 156 25.51 14.51 -58.94
C GLU G 156 26.46 13.78 -57.96
N PRO G 157 25.93 13.11 -56.93
CA PRO G 157 26.81 12.32 -56.06
C PRO G 157 27.58 11.23 -56.80
N SER G 158 27.11 10.80 -57.96
CA SER G 158 27.80 9.83 -58.82
C SER G 158 27.94 8.51 -58.05
N ALA G 159 29.13 7.89 -58.00
CA ALA G 159 29.31 6.58 -57.42
C ALA G 159 29.95 6.63 -56.03
N ALA G 160 31.18 7.15 -55.94
CA ALA G 160 31.94 7.07 -54.69
C ALA G 160 31.21 7.72 -53.52
N ARG G 161 30.50 8.82 -53.77
CA ARG G 161 29.77 9.47 -52.69
C ARG G 161 28.62 8.60 -52.18
N GLN G 162 27.87 7.98 -53.09
CA GLN G 162 26.80 7.07 -52.68
C GLN G 162 27.35 5.76 -52.12
N ALA G 163 28.61 5.43 -52.43
CA ALA G 163 29.20 4.21 -51.90
C ALA G 163 29.68 4.38 -50.47
N PHE G 164 30.32 5.51 -50.15
CA PHE G 164 30.77 5.76 -48.80
C PHE G 164 29.63 6.13 -47.87
N ARG G 165 28.54 6.68 -48.42
CA ARG G 165 27.38 7.02 -47.59
C ARG G 165 26.72 5.75 -47.04
N LYS G 166 26.50 4.76 -47.91
CA LYS G 166 25.85 3.52 -47.48
C LYS G 166 26.76 2.66 -46.61
N LYS G 167 28.08 2.82 -46.73
CA LYS G 167 28.99 2.10 -45.84
C LYS G 167 29.10 2.74 -44.47
N LEU G 168 28.73 4.01 -44.33
CA LEU G 168 28.85 4.69 -43.04
C LEU G 168 27.64 4.41 -42.15
N ARG G 169 26.43 4.41 -42.72
CA ARG G 169 25.24 4.15 -41.92
C ARG G 169 25.19 2.70 -41.47
N GLU G 170 25.32 1.76 -42.41
CA GLU G 170 25.21 0.35 -42.10
C GLU G 170 26.47 -0.21 -41.43
N GLY G 171 27.63 0.38 -41.74
CA GLY G 171 28.88 -0.18 -41.29
C GLY G 171 29.38 0.37 -39.97
N GLN G 172 30.22 -0.43 -39.31
CA GLN G 172 30.90 -0.05 -38.08
C GLN G 172 32.27 0.58 -38.35
N LEU G 173 32.55 0.97 -39.59
CA LEU G 173 33.85 1.52 -39.98
C LEU G 173 34.20 2.82 -39.26
N ASP G 174 33.35 3.33 -38.38
CA ASP G 174 33.59 4.60 -37.70
C ASP G 174 34.85 4.60 -36.85
N ASP G 175 35.48 3.45 -36.61
CA ASP G 175 36.72 3.39 -35.84
C ASP G 175 37.93 3.85 -36.64
N LYS G 176 37.79 4.10 -37.93
CA LYS G 176 38.93 4.51 -38.75
C LYS G 176 39.37 5.92 -38.40
N GLU G 177 40.66 6.19 -38.60
CA GLU G 177 41.26 7.48 -38.28
C GLU G 177 40.99 8.45 -39.42
N ILE G 178 40.29 9.54 -39.12
CA ILE G 178 39.93 10.55 -40.12
C ILE G 178 40.26 11.93 -39.54
N GLU G 179 40.66 12.84 -40.42
CA GLU G 179 41.04 14.19 -40.05
C GLU G 179 40.00 15.15 -40.63
N ILE G 180 39.24 15.80 -39.75
CA ILE G 180 38.18 16.72 -40.16
C ILE G 180 38.44 18.08 -39.50
N ASP G 181 37.93 19.14 -40.13
CA ASP G 181 38.05 20.49 -39.59
C ASP G 181 36.85 20.77 -38.68
N LEU G 182 37.14 21.20 -37.46
CA LEU G 182 36.10 21.46 -36.46
C LEU G 182 36.46 22.72 -35.68
N ALA G 183 35.43 23.36 -35.13
CA ALA G 183 35.61 24.58 -34.35
C ALA G 183 36.22 24.27 -32.98
N PRO G 186 39.26 26.92 -29.88
CA PRO G 186 39.85 27.77 -30.92
C PRO G 186 40.60 28.97 -30.35
N MSE G 187 39.93 29.75 -29.48
CA MSE G 187 40.56 30.91 -28.85
C MSE G 187 41.70 30.51 -27.92
O MSE G 187 42.78 31.07 -27.98
CB MSE G 187 39.51 31.73 -28.10
CG MSE G 187 38.88 32.86 -28.91
SE MSE G 187 40.07 34.41 -29.11
CE MSE G 187 38.93 35.50 -30.26
N GLY G 188 41.42 29.56 -27.04
CA GLY G 188 42.42 29.12 -26.08
C GLY G 188 42.75 30.15 -25.02
N VAL G 189 41.77 30.93 -24.59
CA VAL G 189 41.95 31.96 -23.58
C VAL G 189 40.97 31.71 -22.44
N GLU G 190 41.48 31.72 -21.22
CA GLU G 190 40.67 31.51 -20.03
C GLU G 190 40.60 32.80 -19.22
N ILE G 191 39.41 33.10 -18.71
CA ILE G 191 39.17 34.30 -17.94
C ILE G 191 38.90 33.89 -16.49
N MSE G 192 39.83 34.20 -15.60
CA MSE G 192 39.62 33.91 -14.19
C MSE G 192 38.63 34.89 -13.58
O MSE G 192 38.75 36.10 -13.79
CB MSE G 192 40.95 33.94 -13.43
CG MSE G 192 41.89 32.80 -13.77
SE MSE G 192 41.05 31.04 -13.63
CE MSE G 192 40.63 30.73 -15.51
N ALA G 193 37.65 34.37 -12.86
CA ALA G 193 36.57 35.19 -12.33
C ALA G 193 36.15 34.66 -10.97
N PRO G 194 35.69 35.52 -10.08
CA PRO G 194 35.12 35.06 -8.81
C PRO G 194 33.84 34.29 -9.05
N PRO G 195 33.35 33.53 -8.06
CA PRO G 195 32.16 32.68 -8.29
C PRO G 195 30.92 33.44 -8.74
N GLY G 196 30.85 34.76 -8.51
CA GLY G 196 29.70 35.51 -8.97
C GLY G 196 29.71 35.77 -10.46
N MSE G 197 30.89 35.79 -11.07
CA MSE G 197 31.02 36.06 -12.51
C MSE G 197 31.04 34.81 -13.36
O MSE G 197 31.27 34.87 -14.56
CB MSE G 197 32.30 36.88 -12.78
CG MSE G 197 32.55 37.97 -11.77
SE MSE G 197 31.10 39.27 -11.71
CE MSE G 197 30.84 39.33 -9.78
N GLU G 198 30.82 33.65 -12.72
CA GLU G 198 30.86 32.39 -13.45
C GLU G 198 29.89 32.36 -14.62
N GLU G 199 28.75 33.04 -14.50
CA GLU G 199 27.77 33.08 -15.58
C GLU G 199 28.15 34.07 -16.67
N MSE G 200 28.77 35.19 -16.30
CA MSE G 200 29.10 36.24 -17.26
C MSE G 200 30.26 35.85 -18.17
O MSE G 200 30.21 36.09 -19.38
CB MSE G 200 29.44 37.54 -16.53
CG MSE G 200 29.86 38.67 -17.45
SE MSE G 200 30.35 40.28 -16.48
CE MSE G 200 31.79 39.55 -15.37
N THR G 201 31.30 35.27 -17.58
CA THR G 201 32.48 34.90 -18.36
C THR G 201 32.15 33.87 -19.43
N SER G 202 31.17 33.00 -19.17
CA SER G 202 30.74 32.05 -20.18
C SER G 202 30.07 32.74 -21.36
N GLN G 203 29.34 33.83 -21.10
CA GLN G 203 28.70 34.58 -22.18
C GLN G 203 29.70 35.40 -22.97
N LEU G 204 30.79 35.84 -22.34
CA LEU G 204 31.81 36.59 -23.07
C LEU G 204 32.61 35.68 -24.00
N GLN G 205 32.89 34.45 -23.57
CA GLN G 205 33.64 33.53 -24.41
C GLN G 205 32.87 33.18 -25.69
N SER G 206 31.54 33.15 -25.63
CA SER G 206 30.75 32.82 -26.80
C SER G 206 30.80 33.92 -27.86
N MSE G 207 31.11 35.15 -27.47
CA MSE G 207 31.17 36.25 -28.41
C MSE G 207 32.48 36.27 -29.19
O MSE G 207 32.51 36.68 -30.35
CB MSE G 207 30.97 37.59 -27.68
CG MSE G 207 29.69 37.64 -26.88
SE MSE G 207 29.45 39.31 -25.91
CE MSE G 207 27.82 38.85 -24.96
N PHE G 208 33.57 35.83 -28.54
CA PHE G 208 34.86 35.78 -29.22
C PHE G 208 34.95 34.62 -30.20
N GLN G 209 34.14 33.56 -30.01
CA GLN G 209 34.05 32.50 -31.01
C GLN G 209 33.14 32.89 -32.16
N ASN G 210 32.18 33.78 -31.93
CA ASN G 210 31.31 34.24 -33.00
C ASN G 210 32.05 35.16 -33.96
N LEU G 211 32.92 36.02 -33.43
CA LEU G 211 33.68 36.96 -34.25
C LEU G 211 34.86 36.27 -34.93
N LYS G 215 35.67 29.95 -35.95
CA LYS G 215 36.73 29.45 -36.80
C LYS G 215 36.99 27.97 -36.50
N GLN G 216 37.26 27.20 -37.55
CA GLN G 216 37.50 25.77 -37.44
C GLN G 216 38.98 25.46 -37.67
N LYS G 217 39.50 24.53 -36.88
CA LYS G 217 40.87 24.04 -37.02
C LYS G 217 40.85 22.56 -37.32
N ALA G 218 41.70 22.15 -38.26
CA ALA G 218 41.75 20.75 -38.66
C ALA G 218 42.28 19.88 -37.52
N ARG G 219 41.54 18.82 -37.20
CA ARG G 219 41.92 17.91 -36.13
C ARG G 219 41.57 16.47 -36.52
N LYS G 220 42.42 15.52 -36.12
CA LYS G 220 42.19 14.13 -36.47
C LYS G 220 41.41 13.38 -35.39
N LEU G 221 40.28 12.80 -35.76
CA LEU G 221 39.43 12.06 -34.83
C LEU G 221 38.72 10.89 -35.51
N LYS G 222 38.34 9.88 -34.71
CA LYS G 222 37.63 8.71 -35.21
C LYS G 222 36.22 9.08 -35.66
N ILE G 223 35.70 8.40 -36.68
CA ILE G 223 34.37 8.70 -37.18
C ILE G 223 33.30 8.43 -36.11
N LYS G 224 33.58 7.50 -35.19
CA LYS G 224 32.64 7.26 -34.10
C LYS G 224 32.53 8.49 -33.20
N ASP G 225 33.65 9.06 -32.79
CA ASP G 225 33.65 10.27 -31.99
C ASP G 225 33.47 11.52 -32.83
N ALA G 226 33.77 11.47 -34.12
CA ALA G 226 33.59 12.63 -34.99
C ALA G 226 32.14 12.81 -35.41
N MSE G 227 31.37 11.71 -35.50
CA MSE G 227 29.96 11.84 -35.84
C MSE G 227 29.10 12.52 -34.80
O MSE G 227 28.37 13.47 -35.09
CB MSE G 227 29.40 10.45 -36.15
CG MSE G 227 27.95 10.43 -36.53
SE MSE G 227 27.73 11.35 -38.24
CE MSE G 227 28.44 9.93 -39.39
N LYS G 228 29.28 12.13 -33.52
CA LYS G 228 28.54 12.77 -32.44
C LYS G 228 28.93 14.23 -32.26
N LEU G 229 30.17 14.57 -32.63
CA LEU G 229 30.61 15.96 -32.54
C LEU G 229 30.09 16.80 -33.70
N LEU G 230 29.94 16.20 -34.88
CA LEU G 230 29.37 16.93 -36.00
C LEU G 230 27.88 17.18 -35.83
N ILE G 231 27.19 16.30 -35.10
CA ILE G 231 25.77 16.51 -34.84
C ILE G 231 25.55 17.72 -33.95
N GLU G 232 26.44 17.91 -32.96
CA GLU G 232 26.29 19.05 -32.06
C GLU G 232 26.54 20.37 -32.78
N GLU G 233 27.48 20.38 -33.73
CA GLU G 233 27.79 21.61 -34.44
C GLU G 233 26.69 21.99 -35.42
N GLU G 234 26.12 21.00 -36.11
CA GLU G 234 25.10 21.29 -37.10
C GLU G 234 23.77 21.64 -36.43
N ALA G 235 23.43 20.97 -35.33
CA ALA G 235 22.17 21.23 -34.66
C ALA G 235 22.12 22.65 -34.08
N ALA G 236 23.29 23.21 -33.73
CA ALA G 236 23.31 24.56 -33.20
C ALA G 236 23.03 25.59 -34.30
N LYS G 237 23.51 25.32 -35.51
CA LYS G 237 23.27 26.25 -36.62
C LYS G 237 21.81 26.24 -37.05
N LEU G 238 21.11 25.12 -36.86
CA LEU G 238 19.76 25.01 -37.39
C LEU G 238 18.74 25.79 -36.55
N VAL G 239 19.01 25.95 -35.27
CA VAL G 239 18.09 26.66 -34.38
C VAL G 239 18.37 28.16 -34.45
N ASN G 240 17.31 28.96 -34.54
CA ASN G 240 17.41 30.40 -34.63
C ASN G 240 17.48 31.00 -33.23
N PRO G 241 18.49 31.82 -32.93
CA PRO G 241 18.52 32.46 -31.60
C PRO G 241 17.38 33.44 -31.38
N GLU G 242 16.88 34.09 -32.44
CA GLU G 242 15.77 35.02 -32.28
C GLU G 242 14.46 34.26 -32.10
N GLU G 243 14.29 33.14 -32.79
CA GLU G 243 13.02 32.43 -32.74
C GLU G 243 12.89 31.59 -31.48
N LEU G 244 13.97 30.94 -31.04
CA LEU G 244 13.89 30.08 -29.85
C LEU G 244 13.75 30.90 -28.57
N LYS G 245 14.51 31.98 -28.44
CA LYS G 245 14.44 32.80 -27.23
C LYS G 245 13.07 33.46 -27.09
N GLN G 246 12.51 33.96 -28.20
CA GLN G 246 11.22 34.64 -28.12
C GLN G 246 10.10 33.64 -27.88
N ASP G 247 10.23 32.40 -28.37
CA ASP G 247 9.22 31.39 -28.10
C ASP G 247 9.23 30.93 -26.65
N ALA G 248 10.41 30.92 -26.02
CA ALA G 248 10.48 30.51 -24.62
C ALA G 248 9.84 31.54 -23.70
N ILE G 249 9.94 32.82 -24.05
CA ILE G 249 9.33 33.87 -23.22
C ILE G 249 7.82 33.69 -23.17
N ASP G 250 7.20 33.34 -24.30
CA ASP G 250 5.77 33.06 -24.30
C ASP G 250 5.43 31.85 -23.44
N ALA G 251 6.40 30.94 -23.25
CA ALA G 251 6.17 29.79 -22.38
C ALA G 251 6.30 30.16 -20.91
N VAL G 252 7.23 31.05 -20.57
CA VAL G 252 7.42 31.42 -19.18
C VAL G 252 6.31 32.35 -18.70
N GLU G 253 5.93 33.34 -19.52
CA GLU G 253 4.93 34.30 -19.09
C GLU G 253 3.56 33.64 -18.88
N GLN G 254 3.10 32.89 -19.88
CA GLN G 254 1.76 32.29 -19.78
C GLN G 254 1.74 31.08 -18.85
N HIS G 255 2.64 30.12 -19.08
CA HIS G 255 2.58 28.82 -18.41
C HIS G 255 3.51 28.68 -17.21
N GLY G 256 4.25 29.73 -16.84
CA GLY G 256 5.22 29.59 -15.77
C GLY G 256 4.56 29.22 -14.46
N ILE G 257 5.23 28.33 -13.71
CA ILE G 257 4.74 27.84 -12.42
C ILE G 257 5.91 27.84 -11.44
N VAL G 258 5.72 28.47 -10.29
CA VAL G 258 6.75 28.59 -9.26
C VAL G 258 6.21 28.02 -7.96
N PHE G 259 7.03 27.28 -7.24
CA PHE G 259 6.67 26.70 -5.96
C PHE G 259 7.65 27.19 -4.90
N ILE G 260 7.13 27.84 -3.87
CA ILE G 260 7.93 28.37 -2.77
C ILE G 260 7.65 27.52 -1.54
N ASP G 261 8.63 26.72 -1.15
CA ASP G 261 8.49 25.86 0.02
C ASP G 261 8.73 26.65 1.30
N GLU G 262 8.14 26.16 2.40
CA GLU G 262 8.37 26.65 3.76
C GLU G 262 8.32 28.17 3.86
N ILE G 263 7.29 28.76 3.23
CA ILE G 263 7.07 30.20 3.33
C ILE G 263 6.69 30.64 4.73
N ASP G 264 6.31 29.69 5.59
CA ASP G 264 5.90 30.05 6.94
C ASP G 264 7.08 30.39 7.84
N LYS G 265 8.29 30.04 7.43
CA LYS G 265 9.47 30.33 8.25
C LYS G 265 9.99 31.76 8.05
N ILE G 266 9.49 32.48 7.04
CA ILE G 266 9.84 33.88 6.87
C ILE G 266 8.83 34.82 7.52
N CYS G 267 7.83 34.29 8.20
CA CYS G 267 6.85 35.12 8.90
C CYS G 267 7.45 35.69 10.20
N LYS G 268 6.84 36.77 10.66
CA LYS G 268 7.26 37.41 11.90
C LYS G 268 6.94 36.51 13.11
N SER G 273 12.69 40.71 16.84
CA SER G 273 12.77 41.93 16.05
C SER G 273 13.94 41.90 15.09
N GLY G 274 15.06 41.32 15.54
CA GLY G 274 16.26 41.23 14.73
C GLY G 274 16.10 40.35 13.51
N PRO G 275 15.75 39.07 13.70
CA PRO G 275 15.49 38.20 12.55
C PRO G 275 14.22 38.55 11.78
N ASP G 276 13.24 39.21 12.42
CA ASP G 276 11.98 39.50 11.75
C ASP G 276 12.14 40.54 10.65
N VAL G 277 13.13 41.44 10.77
CA VAL G 277 13.40 42.39 9.69
C VAL G 277 13.93 41.66 8.46
N SER G 278 14.80 40.67 8.67
CA SER G 278 15.32 39.88 7.56
C SER G 278 14.30 38.87 7.05
N ARG G 279 13.45 38.34 7.92
CA ARG G 279 12.41 37.42 7.49
C ARG G 279 11.38 38.13 6.61
N GLU G 280 10.82 39.24 7.10
CA GLU G 280 9.88 40.00 6.29
C GLU G 280 10.55 40.63 5.07
N GLY G 281 11.86 40.87 5.13
CA GLY G 281 12.57 41.36 3.96
C GLY G 281 12.48 40.41 2.78
N VAL G 282 12.35 39.12 3.05
CA VAL G 282 12.14 38.15 1.97
C VAL G 282 10.78 38.37 1.32
N GLN G 283 9.75 38.59 2.13
CA GLN G 283 8.42 38.81 1.58
C GLN G 283 8.36 40.09 0.77
N ARG G 284 9.04 41.14 1.24
CA ARG G 284 9.08 42.39 0.50
C ARG G 284 9.79 42.20 -0.85
N ASP G 285 10.80 41.35 -0.87
CA ASP G 285 11.50 41.06 -2.13
C ASP G 285 10.73 40.08 -3.00
N LEU G 286 9.98 39.16 -2.39
CA LEU G 286 9.12 38.26 -3.14
C LEU G 286 7.83 38.93 -3.62
N LEU G 287 7.53 40.12 -3.11
CA LEU G 287 6.29 40.80 -3.49
C LEU G 287 6.20 41.14 -4.98
N PRO G 288 7.20 41.79 -5.60
CA PRO G 288 7.06 42.14 -7.02
C PRO G 288 6.89 40.95 -7.95
N LEU G 289 7.23 39.74 -7.50
CA LEU G 289 7.01 38.57 -8.36
C LEU G 289 5.54 38.22 -8.45
N VAL G 290 4.84 38.21 -7.32
CA VAL G 290 3.44 37.81 -7.30
C VAL G 290 2.54 38.92 -7.84
N GLU G 291 2.82 40.17 -7.46
CA GLU G 291 2.10 41.32 -8.01
C GLU G 291 2.40 41.54 -9.47
N GLY G 292 3.47 40.95 -9.99
CA GLY G 292 3.91 41.11 -11.36
C GLY G 292 4.96 42.19 -11.50
N CYS G 293 5.91 41.96 -12.40
CA CYS G 293 7.04 42.87 -12.61
C CYS G 293 7.80 42.38 -13.83
N THR G 294 8.89 43.08 -14.14
CA THR G 294 9.76 42.74 -15.25
C THR G 294 11.09 42.27 -14.69
N VAL G 295 11.44 41.02 -14.98
CA VAL G 295 12.70 40.42 -14.53
C VAL G 295 13.54 40.13 -15.76
N SER G 296 14.80 40.55 -15.72
CA SER G 296 15.72 40.37 -16.85
C SER G 296 16.39 39.02 -16.76
N THR G 297 16.46 38.33 -17.90
CA THR G 297 17.17 37.07 -18.02
C THR G 297 18.07 37.11 -19.25
N LYS G 298 19.02 36.18 -19.31
CA LYS G 298 19.94 36.13 -20.45
C LYS G 298 19.22 35.75 -21.74
N HIS G 299 18.05 35.13 -21.65
CA HIS G 299 17.29 34.76 -22.83
C HIS G 299 16.37 35.88 -23.34
N GLY G 300 16.16 36.91 -22.54
CA GLY G 300 15.31 38.01 -22.95
C GLY G 300 14.68 38.67 -21.74
N MSE G 301 13.59 39.38 -22.00
CA MSE G 301 12.86 40.07 -20.95
C MSE G 301 11.58 39.30 -20.62
O MSE G 301 10.78 39.02 -21.51
CB MSE G 301 12.51 41.49 -21.40
CG MSE G 301 12.49 42.52 -20.30
SE MSE G 301 14.26 42.91 -19.56
CE MSE G 301 15.18 43.38 -21.22
N VAL G 302 11.39 38.96 -19.35
CA VAL G 302 10.29 38.13 -18.89
C VAL G 302 9.42 38.93 -17.93
N LYS G 303 8.11 38.80 -18.07
CA LYS G 303 7.15 39.45 -17.20
C LYS G 303 6.46 38.40 -16.33
N THR G 304 6.43 38.63 -15.02
CA THR G 304 5.94 37.65 -14.06
C THR G 304 4.44 37.79 -13.78
N ASP G 305 3.74 38.66 -14.51
CA ASP G 305 2.34 38.92 -14.22
C ASP G 305 1.50 37.65 -14.22
N HIS G 306 1.62 36.85 -15.29
CA HIS G 306 0.77 35.68 -15.46
C HIS G 306 1.38 34.39 -14.92
N ILE G 307 2.53 34.46 -14.27
CA ILE G 307 3.14 33.26 -13.70
C ILE G 307 2.37 32.83 -12.47
N LEU G 308 2.11 31.52 -12.37
CA LEU G 308 1.41 30.95 -11.22
C LEU G 308 2.39 30.67 -10.10
N PHE G 309 2.02 31.07 -8.89
CA PHE G 309 2.83 30.84 -7.70
C PHE G 309 2.08 29.93 -6.73
N ILE G 310 2.81 29.02 -6.10
CA ILE G 310 2.26 28.10 -5.10
C ILE G 310 3.20 28.09 -3.91
N ALA G 311 2.68 28.48 -2.75
CA ALA G 311 3.44 28.49 -1.51
C ALA G 311 2.92 27.42 -0.56
N SER G 312 3.81 26.92 0.30
CA SER G 312 3.46 25.86 1.23
C SER G 312 4.18 26.11 2.55
N GLY G 313 3.60 25.56 3.61
CA GLY G 313 4.20 25.68 4.93
C GLY G 313 3.43 24.86 5.95
N ALA G 314 4.11 24.56 7.05
CA ALA G 314 3.46 23.82 8.13
C ALA G 314 2.58 24.73 8.96
N PHE G 315 3.01 25.97 9.17
CA PHE G 315 2.26 26.97 9.93
C PHE G 315 1.90 26.49 11.34
N GLN G 316 2.78 25.69 11.94
CA GLN G 316 2.61 25.37 13.36
C GLN G 316 3.11 26.51 14.25
N ILE G 317 4.21 27.16 13.84
CA ILE G 317 4.73 28.27 14.63
C ILE G 317 3.93 29.54 14.37
N ALA G 318 3.68 29.85 13.10
CA ALA G 318 2.98 31.06 12.71
C ALA G 318 1.70 30.71 11.96
N LYS G 319 0.96 31.73 11.57
CA LYS G 319 -0.28 31.61 10.83
C LYS G 319 -0.17 32.42 9.54
N PRO G 320 -0.98 32.11 8.53
CA PRO G 320 -0.96 32.93 7.31
C PRO G 320 -1.28 34.38 7.55
N SER G 321 -2.02 34.70 8.60
CA SER G 321 -2.28 36.10 8.94
C SER G 321 -1.01 36.84 9.34
N ASP G 322 0.05 36.13 9.72
CA ASP G 322 1.31 36.76 10.06
C ASP G 322 2.09 37.23 8.85
N LEU G 323 1.69 36.82 7.64
CA LEU G 323 2.29 37.34 6.43
C LEU G 323 1.97 38.82 6.28
N ILE G 324 2.77 39.50 5.46
CA ILE G 324 2.52 40.91 5.18
C ILE G 324 1.18 41.02 4.45
N PRO G 325 0.41 42.10 4.67
CA PRO G 325 -0.90 42.20 4.01
C PRO G 325 -0.82 42.19 2.50
N GLU G 326 0.26 42.70 1.92
CA GLU G 326 0.38 42.69 0.47
C GLU G 326 0.47 41.28 -0.08
N LEU G 327 1.09 40.37 0.67
CA LEU G 327 1.21 38.99 0.19
C LEU G 327 -0.07 38.19 0.40
N GLN G 328 -0.83 38.50 1.45
CA GLN G 328 -2.09 37.80 1.68
C GLN G 328 -3.06 38.00 0.53
N GLY G 329 -3.15 39.23 0.01
CA GLY G 329 -4.05 39.51 -1.09
C GLY G 329 -3.64 38.84 -2.39
N ARG G 330 -2.37 38.46 -2.52
CA ARG G 330 -1.90 37.77 -3.71
C ARG G 330 -1.92 36.26 -3.60
N LEU G 331 -2.39 35.73 -2.47
CA LEU G 331 -2.56 34.28 -2.28
C LEU G 331 -4.03 34.01 -1.95
N PRO G 332 -4.93 34.19 -2.94
CA PRO G 332 -6.35 34.07 -2.63
C PRO G 332 -6.81 32.67 -2.28
N ILE G 333 -6.25 31.65 -2.92
CA ILE G 333 -6.67 30.27 -2.69
C ILE G 333 -5.93 29.71 -1.49
N ARG G 334 -6.67 29.17 -0.53
CA ARG G 334 -6.10 28.56 0.65
C ARG G 334 -6.64 27.15 0.80
N VAL G 335 -5.75 26.21 1.10
CA VAL G 335 -6.12 24.81 1.28
C VAL G 335 -5.29 24.20 2.40
N GLU G 336 -5.96 23.45 3.27
CA GLU G 336 -5.31 22.72 4.35
C GLU G 336 -5.17 21.27 3.94
N LEU G 337 -3.95 20.73 4.07
CA LEU G 337 -3.65 19.36 3.72
C LEU G 337 -3.54 18.53 4.98
N GLN G 338 -4.32 17.44 5.05
CA GLN G 338 -4.38 16.59 6.22
C GLN G 338 -3.14 15.70 6.31
N ALA G 339 -2.81 15.30 7.54
CA ALA G 339 -1.66 14.44 7.76
C ALA G 339 -1.96 13.03 7.28
N LEU G 340 -0.95 12.38 6.71
CA LEU G 340 -1.11 11.03 6.18
C LEU G 340 -1.27 10.04 7.33
N THR G 341 -1.99 8.95 7.05
CA THR G 341 -2.28 7.91 8.02
C THR G 341 -1.60 6.60 7.61
N THR G 342 -1.82 5.56 8.41
CA THR G 342 -1.28 4.24 8.09
C THR G 342 -1.94 3.67 6.84
N SER G 343 -3.24 3.93 6.67
CA SER G 343 -3.94 3.47 5.48
C SER G 343 -3.40 4.17 4.23
N ASP G 344 -2.96 5.41 4.37
CA ASP G 344 -2.38 6.11 3.22
C ASP G 344 -0.98 5.60 2.90
N PHE G 345 -0.20 5.23 3.92
CA PHE G 345 1.13 4.69 3.67
C PHE G 345 1.06 3.40 2.85
N GLU G 346 0.05 2.58 3.10
CA GLU G 346 -0.11 1.35 2.33
C GLU G 346 -0.46 1.64 0.88
N ARG G 347 -1.16 2.74 0.62
CA ARG G 347 -1.53 3.08 -0.76
C ARG G 347 -0.36 3.68 -1.52
N ILE G 348 0.51 4.41 -0.83
CA ILE G 348 1.66 5.04 -1.49
C ILE G 348 2.64 3.98 -1.98
N LEU G 349 2.77 2.87 -1.25
CA LEU G 349 3.74 1.84 -1.62
C LEU G 349 3.38 1.17 -2.95
N THR G 350 2.10 1.14 -3.31
CA THR G 350 1.65 0.39 -4.47
C THR G 350 0.98 1.26 -5.52
N GLU G 351 -0.14 1.90 -5.18
CA GLU G 351 -1.00 2.58 -6.16
C GLU G 351 -0.28 3.55 -7.11
N PRO G 352 0.55 4.49 -6.64
CA PRO G 352 1.11 5.47 -7.56
C PRO G 352 1.95 4.83 -8.66
N ASN G 353 1.88 5.42 -9.85
CA ASN G 353 2.71 4.98 -10.95
C ASN G 353 4.18 5.16 -10.60
N ALA G 354 4.98 4.12 -10.85
CA ALA G 354 6.39 4.09 -10.45
C ALA G 354 6.55 4.34 -8.96
N SER G 355 5.79 3.58 -8.16
CA SER G 355 5.91 3.64 -6.71
C SER G 355 7.19 2.96 -6.26
N ILE G 356 7.61 3.28 -5.03
CA ILE G 356 8.90 2.81 -4.53
C ILE G 356 8.99 1.29 -4.53
N THR G 357 7.89 0.59 -4.27
CA THR G 357 7.91 -0.87 -4.33
C THR G 357 7.94 -1.37 -5.77
N VAL G 358 7.32 -0.65 -6.70
CA VAL G 358 7.39 -1.04 -8.10
C VAL G 358 8.78 -0.77 -8.67
N GLN G 359 9.38 0.35 -8.30
CA GLN G 359 10.74 0.65 -8.74
C GLN G 359 11.73 -0.35 -8.15
N TYR G 360 11.56 -0.69 -6.87
CA TYR G 360 12.51 -1.59 -6.23
C TYR G 360 12.42 -2.99 -6.82
N LYS G 361 11.22 -3.43 -7.21
CA LYS G 361 11.10 -4.73 -7.87
C LYS G 361 11.73 -4.70 -9.25
N ALA G 362 11.61 -3.56 -9.95
CA ALA G 362 12.21 -3.42 -11.28
C ALA G 362 13.72 -3.33 -11.23
N LEU G 363 14.27 -2.72 -10.16
CA LEU G 363 15.72 -2.67 -10.01
C LEU G 363 16.29 -4.07 -9.75
N MSE G 364 15.59 -4.88 -8.98
CA MSE G 364 16.05 -6.24 -8.71
C MSE G 364 15.88 -7.12 -9.94
O MSE G 364 16.60 -8.10 -10.11
CB MSE G 364 15.28 -6.85 -7.52
CG MSE G 364 15.42 -6.06 -6.22
SE MSE G 364 17.26 -5.87 -5.58
CE MSE G 364 17.64 -4.10 -6.30
N ALA G 365 14.92 -6.75 -10.80
CA ALA G 365 14.70 -7.50 -12.03
C ALA G 365 15.91 -7.43 -12.95
N THR G 366 16.69 -6.36 -12.85
CA THR G 366 17.93 -6.27 -13.63
C THR G 366 18.91 -7.38 -13.26
N GLU G 367 18.99 -7.70 -11.97
CA GLU G 367 19.84 -8.79 -11.51
C GLU G 367 19.24 -10.17 -11.75
N GLY G 368 17.95 -10.23 -12.10
CA GLY G 368 17.29 -11.51 -12.32
C GLY G 368 16.54 -12.05 -11.12
N VAL G 369 16.23 -11.20 -10.14
CA VAL G 369 15.52 -11.61 -8.94
C VAL G 369 14.10 -11.08 -9.00
N ASN G 370 13.14 -11.92 -8.61
CA ASN G 370 11.73 -11.56 -8.61
C ASN G 370 11.29 -11.31 -7.16
N ILE G 371 10.96 -10.06 -6.85
CA ILE G 371 10.53 -9.66 -5.52
C ILE G 371 9.01 -9.60 -5.49
N GLU G 372 8.42 -10.12 -4.42
CA GLU G 372 6.96 -10.14 -4.26
C GLU G 372 6.62 -9.62 -2.88
N PHE G 373 5.74 -8.62 -2.83
CA PHE G 373 5.33 -7.99 -1.58
C PHE G 373 3.90 -8.44 -1.26
N THR G 374 3.75 -9.17 -0.16
CA THR G 374 2.43 -9.59 0.29
C THR G 374 1.67 -8.40 0.89
N ASP G 375 0.34 -8.57 0.96
CA ASP G 375 -0.50 -7.53 1.54
C ASP G 375 -0.19 -7.32 3.02
N SER G 376 0.12 -8.39 3.74
CA SER G 376 0.47 -8.24 5.15
C SER G 376 1.87 -7.67 5.32
N GLY G 377 2.77 -7.93 4.37
CA GLY G 377 4.09 -7.32 4.42
C GLY G 377 4.04 -5.84 4.13
N ILE G 378 3.26 -5.44 3.13
CA ILE G 378 3.08 -4.01 2.83
C ILE G 378 2.48 -3.30 4.03
N LYS G 379 1.55 -3.96 4.73
CA LYS G 379 0.94 -3.34 5.91
C LYS G 379 1.96 -3.14 7.02
N ARG G 380 2.82 -4.13 7.25
CA ARG G 380 3.81 -4.01 8.32
C ARG G 380 4.96 -3.07 7.92
N ILE G 381 5.20 -2.88 6.62
CA ILE G 381 6.12 -1.84 6.20
C ILE G 381 5.57 -0.46 6.54
N ALA G 382 4.27 -0.26 6.29
CA ALA G 382 3.65 1.02 6.64
C ALA G 382 3.62 1.25 8.14
N GLU G 383 3.29 0.21 8.91
CA GLU G 383 3.27 0.35 10.36
C GLU G 383 4.65 0.60 10.93
N ALA G 384 5.69 0.04 10.29
CA ALA G 384 7.05 0.30 10.74
C ALA G 384 7.44 1.75 10.52
N ALA G 385 7.11 2.31 9.36
CA ALA G 385 7.40 3.72 9.12
C ALA G 385 6.54 4.63 9.98
N TRP G 386 5.33 4.17 10.32
CA TRP G 386 4.47 4.97 11.20
C TRP G 386 5.01 5.01 12.61
N GLN G 387 5.55 3.89 13.09
CA GLN G 387 6.06 3.84 14.46
C GLN G 387 7.29 4.72 14.66
N VAL G 388 8.14 4.82 13.63
CA VAL G 388 9.35 5.63 13.76
C VAL G 388 9.00 7.11 13.76
N ASN G 389 8.06 7.53 12.91
CA ASN G 389 7.62 8.92 12.91
C ASN G 389 6.98 9.30 14.24
N GLU G 390 6.34 8.34 14.90
CA GLU G 390 5.70 8.62 16.18
C GLU G 390 6.71 8.57 17.32
N SER G 391 7.69 7.68 17.25
CA SER G 391 8.62 7.51 18.36
C SER G 391 9.63 8.66 18.44
N THR G 392 10.01 9.24 17.31
CA THR G 392 11.04 10.29 17.30
C THR G 392 10.54 11.55 16.63
N GLU G 393 10.82 11.70 15.33
CA GLU G 393 10.44 12.88 14.57
C GLU G 393 9.60 12.46 13.36
N ASN G 394 8.57 13.25 13.07
CA ASN G 394 7.67 12.98 11.95
C ASN G 394 8.24 13.63 10.70
N ILE G 395 8.74 12.81 9.78
CA ILE G 395 9.22 13.30 8.49
C ILE G 395 8.22 13.04 7.36
N GLY G 396 7.02 12.58 7.69
CA GLY G 396 6.01 12.34 6.67
C GLY G 396 6.26 11.05 5.91
N ALA G 397 5.81 11.03 4.66
CA ALA G 397 5.95 9.85 3.81
C ALA G 397 7.39 9.57 3.41
N ARG G 398 8.32 10.50 3.68
CA ARG G 398 9.73 10.24 3.41
C ARG G 398 10.28 9.08 4.22
N ARG G 399 9.64 8.74 5.34
CA ARG G 399 10.09 7.61 6.14
C ARG G 399 9.95 6.29 5.40
N LEU G 400 9.00 6.20 4.45
CA LEU G 400 8.83 4.98 3.68
C LEU G 400 10.06 4.68 2.83
N HIS G 401 10.74 5.72 2.33
CA HIS G 401 11.93 5.50 1.53
C HIS G 401 13.10 5.01 2.38
N THR G 402 13.22 5.52 3.62
CA THR G 402 14.33 5.13 4.48
C THR G 402 14.12 3.73 5.04
N VAL G 403 12.86 3.36 5.33
CA VAL G 403 12.59 2.03 5.89
C VAL G 403 12.74 0.95 4.82
N LEU G 404 12.31 1.24 3.59
CA LEU G 404 12.46 0.26 2.52
C LEU G 404 13.92 -0.04 2.23
N GLU G 405 14.77 1.00 2.21
CA GLU G 405 16.18 0.79 1.93
C GLU G 405 16.86 -0.06 3.00
N ARG G 406 16.46 0.14 4.27
CA ARG G 406 17.01 -0.68 5.35
C ARG G 406 16.50 -2.11 5.30
N LEU G 407 15.24 -2.30 4.87
CA LEU G 407 14.68 -3.64 4.79
C LEU G 407 15.31 -4.39 3.63
N MSE G 408 15.49 -3.71 2.50
CA MSE G 408 15.94 -4.35 1.27
C MSE G 408 17.47 -4.41 1.08
O MSE G 408 17.95 -4.96 0.08
CB MSE G 408 15.26 -3.67 0.08
CG MSE G 408 13.76 -3.88 0.00
SE MSE G 408 13.23 -5.66 -0.59
CE MSE G 408 12.71 -6.43 1.13
N GLU G 409 18.20 -3.83 2.01
CA GLU G 409 19.65 -3.73 1.85
C GLU G 409 20.39 -5.05 1.70
N GLU G 410 19.91 -6.10 2.37
CA GLU G 410 20.51 -7.41 2.20
C GLU G 410 20.18 -8.01 0.83
N ILE G 411 18.95 -7.78 0.35
CA ILE G 411 18.56 -8.31 -0.95
C ILE G 411 19.26 -7.56 -2.07
N SER G 412 19.44 -6.25 -1.92
CA SER G 412 20.10 -5.47 -2.95
C SER G 412 21.57 -5.85 -3.10
N TYR G 413 22.22 -6.25 -2.00
CA TYR G 413 23.62 -6.65 -2.08
C TYR G 413 23.77 -8.05 -2.67
N ASP G 414 22.88 -8.98 -2.30
CA ASP G 414 22.94 -10.35 -2.76
C ASP G 414 22.16 -10.58 -4.05
N ALA G 415 21.63 -9.52 -4.67
CA ALA G 415 20.80 -9.69 -5.86
C ALA G 415 21.57 -10.33 -7.00
N SER G 416 22.90 -10.18 -7.03
CA SER G 416 23.69 -10.80 -8.08
C SER G 416 23.71 -12.32 -7.92
N ASP G 417 23.82 -12.81 -6.68
CA ASP G 417 23.86 -14.24 -6.43
C ASP G 417 22.47 -14.87 -6.38
N LEU G 418 21.43 -14.06 -6.22
CA LEU G 418 20.06 -14.55 -6.18
C LEU G 418 19.40 -14.60 -7.56
N SER G 419 20.16 -14.35 -8.62
CA SER G 419 19.63 -14.31 -9.97
C SER G 419 18.87 -15.60 -10.29
N GLY G 420 17.68 -15.44 -10.86
CA GLY G 420 16.84 -16.56 -11.23
C GLY G 420 15.97 -17.10 -10.11
N GLN G 421 15.87 -16.41 -8.99
CA GLN G 421 15.10 -16.86 -7.84
C GLN G 421 13.95 -15.90 -7.58
N ASN G 422 12.89 -16.41 -6.94
CA ASN G 422 11.72 -15.62 -6.58
C ASN G 422 11.75 -15.42 -5.07
N ILE G 423 11.95 -14.18 -4.64
CA ILE G 423 11.97 -13.82 -3.23
C ILE G 423 10.61 -13.22 -2.87
N THR G 424 9.96 -13.78 -1.87
CA THR G 424 8.65 -13.32 -1.41
C THR G 424 8.84 -12.59 -0.09
N ILE G 425 8.43 -11.33 -0.03
CA ILE G 425 8.53 -10.52 1.17
C ILE G 425 7.20 -10.62 1.90
N ASP G 426 7.21 -11.30 3.04
CA ASP G 426 6.01 -11.51 3.85
C ASP G 426 6.08 -10.65 5.11
N ALA G 427 5.05 -10.81 5.96
CA ALA G 427 5.02 -10.08 7.22
C ALA G 427 6.14 -10.51 8.16
N ASP G 428 6.54 -11.78 8.10
CA ASP G 428 7.61 -12.26 8.97
C ASP G 428 8.95 -11.68 8.56
N TYR G 429 9.23 -11.64 7.26
CA TYR G 429 10.48 -11.04 6.78
C TYR G 429 10.57 -9.57 7.15
N VAL G 430 9.44 -8.88 7.16
CA VAL G 430 9.43 -7.47 7.56
C VAL G 430 9.73 -7.35 9.04
N SER G 431 9.06 -8.15 9.87
CA SER G 431 9.26 -8.08 11.32
C SER G 431 10.64 -8.57 11.73
N LYS G 432 11.35 -9.30 10.87
CA LYS G 432 12.66 -9.84 11.23
C LYS G 432 13.75 -8.77 11.13
N HIS G 433 13.73 -7.96 10.08
CA HIS G 433 14.76 -6.96 9.84
C HIS G 433 14.41 -5.59 10.44
N LEU G 434 13.20 -5.43 10.98
CA LEU G 434 12.70 -4.11 11.38
C LEU G 434 12.37 -4.04 12.86
N ASP G 435 11.45 -4.87 13.36
CA ASP G 435 10.96 -4.75 14.74
C ASP G 435 12.09 -4.69 15.75
N ALA G 436 13.24 -5.29 15.45
CA ALA G 436 14.39 -5.19 16.35
C ALA G 436 14.94 -3.76 16.37
N LEU G 437 14.98 -3.11 15.21
CA LEU G 437 15.50 -1.75 15.14
C LEU G 437 14.47 -0.73 15.61
N VAL G 438 13.20 -0.91 15.24
CA VAL G 438 12.17 0.07 15.56
C VAL G 438 11.91 0.13 17.06
N ALA G 439 12.04 -1.00 17.76
CA ALA G 439 11.83 -1.02 19.21
C ALA G 439 12.83 -0.13 19.93
N ASP G 440 14.06 -0.02 19.40
CA ASP G 440 15.08 0.82 20.00
C ASP G 440 15.00 2.20 19.36
N GLU G 441 14.61 3.21 20.14
CA GLU G 441 14.45 4.54 19.60
C GLU G 441 15.78 5.25 19.38
N ASP G 442 16.79 4.96 20.22
CA ASP G 442 18.09 5.59 20.05
C ASP G 442 18.73 5.20 18.73
N LEU G 443 18.59 3.93 18.33
CA LEU G 443 19.10 3.49 17.05
C LEU G 443 18.18 3.89 15.90
N SER G 444 16.89 4.14 16.17
CA SER G 444 15.96 4.50 15.12
C SER G 444 16.30 5.85 14.51
N ARG G 445 16.96 6.73 15.26
CA ARG G 445 17.30 8.04 14.73
C ARG G 445 18.51 7.97 13.80
N PHE G 446 19.47 7.11 14.11
CA PHE G 446 20.65 6.98 13.25
C PHE G 446 20.36 6.14 12.02
N ILE G 447 19.72 4.98 12.21
CA ILE G 447 19.54 4.04 11.10
C ILE G 447 18.37 4.45 10.21
N LEU G 448 17.29 4.93 10.80
CA LEU G 448 16.09 5.27 10.02
C LEU G 448 15.85 6.77 9.96
N HIS H 5 29.20 2.57 -20.22
CA HIS H 5 30.28 3.30 -19.57
C HIS H 5 30.32 3.00 -18.07
N HIS H 6 29.15 2.73 -17.50
CA HIS H 6 29.07 2.41 -16.09
C HIS H 6 29.69 1.04 -15.82
N SER H 7 30.33 0.90 -14.67
CA SER H 7 31.02 -0.34 -14.32
C SER H 7 30.01 -1.46 -14.06
N GLU H 8 30.33 -2.66 -14.53
CA GLU H 8 29.44 -3.81 -14.41
C GLU H 8 29.74 -4.67 -13.18
N MSE H 9 30.67 -4.25 -12.33
CA MSE H 9 31.06 -5.05 -11.18
C MSE H 9 29.92 -5.24 -10.18
O MSE H 9 29.22 -4.29 -9.83
CB MSE H 9 32.26 -4.42 -10.47
CG MSE H 9 33.45 -4.19 -11.38
SE MSE H 9 34.87 -3.22 -10.46
CE MSE H 9 36.16 -3.19 -11.92
N THR H 10 29.73 -6.49 -9.73
CA THR H 10 28.70 -6.79 -8.75
C THR H 10 29.07 -6.16 -7.40
N PRO H 11 28.11 -6.06 -6.48
CA PRO H 11 28.43 -5.51 -5.15
C PRO H 11 29.52 -6.25 -4.42
N ARG H 12 29.66 -7.56 -4.66
CA ARG H 12 30.71 -8.31 -3.97
C ARG H 12 32.08 -8.05 -4.60
N GLU H 13 32.12 -7.77 -5.90
CA GLU H 13 33.38 -7.43 -6.56
C GLU H 13 33.90 -6.06 -6.14
N ILE H 14 33.00 -5.17 -5.70
CA ILE H 14 33.42 -3.85 -5.24
C ILE H 14 33.97 -3.92 -3.81
N VAL H 15 33.31 -4.70 -2.94
CA VAL H 15 33.79 -4.84 -1.57
C VAL H 15 35.13 -5.57 -1.54
N SER H 16 35.28 -6.61 -2.37
CA SER H 16 36.55 -7.32 -2.42
C SER H 16 37.68 -6.43 -2.90
N GLU H 17 37.39 -5.48 -3.79
CA GLU H 17 38.41 -4.53 -4.23
C GLU H 17 38.71 -3.50 -3.16
N LEU H 18 37.70 -3.11 -2.37
CA LEU H 18 37.92 -2.16 -1.29
C LEU H 18 38.77 -2.78 -0.18
N ASP H 19 38.67 -4.10 0.01
CA ASP H 19 39.46 -4.76 1.04
C ASP H 19 40.96 -4.68 0.78
N LYS H 20 41.36 -4.44 -0.48
CA LYS H 20 42.77 -4.27 -0.81
C LYS H 20 43.36 -3.01 -0.19
N HIS H 21 42.53 -2.01 0.12
CA HIS H 21 42.99 -0.76 0.70
C HIS H 21 42.43 -0.54 2.10
N ILE H 22 41.12 -0.59 2.28
CA ILE H 22 40.51 -0.38 3.60
C ILE H 22 40.49 -1.68 4.36
N ILE H 23 40.75 -1.62 5.66
CA ILE H 23 40.71 -2.77 6.55
C ILE H 23 39.44 -2.70 7.36
N GLY H 24 38.66 -3.79 7.36
CA GLY H 24 37.44 -3.81 8.12
C GLY H 24 36.37 -2.89 7.53
N GLN H 25 35.49 -2.40 8.40
CA GLN H 25 34.40 -1.52 8.00
C GLN H 25 33.56 -2.14 6.89
N ASP H 26 33.21 -3.41 7.08
CA ASP H 26 32.49 -4.15 6.04
C ASP H 26 31.10 -3.58 5.80
N ASN H 27 30.47 -3.02 6.84
CA ASN H 27 29.13 -2.45 6.67
C ASN H 27 29.14 -1.29 5.69
N ALA H 28 30.13 -0.40 5.80
CA ALA H 28 30.20 0.75 4.90
C ALA H 28 30.59 0.32 3.48
N LYS H 29 31.36 -0.76 3.35
CA LYS H 29 31.73 -1.22 2.02
C LYS H 29 30.53 -1.75 1.26
N ARG H 30 29.62 -2.44 1.95
CA ARG H 30 28.43 -2.96 1.28
C ARG H 30 27.48 -1.83 0.91
N SER H 31 27.52 -0.71 1.64
CA SER H 31 26.63 0.40 1.31
C SER H 31 27.08 1.12 0.05
N VAL H 32 28.40 1.33 -0.10
CA VAL H 32 28.91 2.01 -1.29
C VAL H 32 28.86 1.10 -2.51
N ALA H 33 28.92 -0.22 -2.29
CA ALA H 33 28.78 -1.14 -3.41
C ALA H 33 27.36 -1.12 -3.96
N ILE H 34 26.36 -1.13 -3.09
CA ILE H 34 24.98 -1.01 -3.52
C ILE H 34 24.77 0.28 -4.30
N ALA H 35 25.40 1.36 -3.85
CA ALA H 35 25.29 2.65 -4.54
C ALA H 35 25.87 2.56 -5.94
N LEU H 36 27.07 1.98 -6.07
CA LEU H 36 27.70 1.87 -7.38
C LEU H 36 27.04 0.80 -8.24
N ARG H 37 26.45 -0.22 -7.62
CA ARG H 37 25.76 -1.25 -8.40
C ARG H 37 24.48 -0.71 -9.03
N ASN H 38 23.78 0.19 -8.31
CA ASN H 38 22.59 0.81 -8.88
C ASN H 38 22.91 1.66 -10.11
N ARG H 39 24.15 2.14 -10.23
CA ARG H 39 24.54 2.90 -11.42
C ARG H 39 24.40 2.04 -12.68
N TRP H 40 24.71 0.75 -12.58
CA TRP H 40 24.52 -0.15 -13.71
C TRP H 40 23.05 -0.56 -13.86
N ARG H 41 22.36 -0.78 -12.73
CA ARG H 41 20.98 -1.23 -12.79
C ARG H 41 20.08 -0.20 -13.45
N ARG H 42 20.35 1.08 -13.21
CA ARG H 42 19.51 2.13 -13.81
C ARG H 42 19.69 2.22 -15.31
N MSE H 43 20.88 1.90 -15.82
CA MSE H 43 21.14 1.98 -17.25
C MSE H 43 20.48 0.84 -18.02
O MSE H 43 20.40 0.89 -19.25
CB MSE H 43 22.65 1.99 -17.52
CG MSE H 43 23.29 3.36 -17.28
SE MSE H 43 22.49 4.73 -18.42
CE MSE H 43 22.94 3.97 -20.16
N GLN H 44 20.01 -0.18 -17.30
CA GLN H 44 19.37 -1.32 -17.91
C GLN H 44 17.86 -1.22 -17.96
N LEU H 45 17.28 -0.11 -17.49
CA LEU H 45 15.84 0.06 -17.46
C LEU H 45 15.38 0.79 -18.72
N ASN H 46 14.07 1.00 -18.82
CA ASN H 46 13.50 1.72 -19.95
C ASN H 46 13.70 3.23 -19.77
N GLU H 47 13.18 4.00 -20.72
CA GLU H 47 13.39 5.44 -20.68
C GLU H 47 12.60 6.12 -19.57
N GLU H 48 11.44 5.56 -19.21
CA GLU H 48 10.63 6.18 -18.16
C GLU H 48 11.24 5.96 -16.79
N LEU H 49 11.79 4.78 -16.54
CA LEU H 49 12.33 4.46 -15.22
C LEU H 49 13.72 5.02 -14.98
N ARG H 50 14.40 5.52 -16.01
CA ARG H 50 15.72 6.10 -15.79
C ARG H 50 15.64 7.45 -15.10
N HIS H 51 14.61 8.24 -15.40
CA HIS H 51 14.42 9.52 -14.74
C HIS H 51 13.81 9.38 -13.36
N GLU H 52 12.93 8.38 -13.17
CA GLU H 52 12.29 8.19 -11.87
C GLU H 52 13.30 7.71 -10.84
N VAL H 53 14.23 6.84 -11.23
CA VAL H 53 15.20 6.27 -10.31
C VAL H 53 16.28 7.31 -10.02
N THR H 54 16.48 7.59 -8.74
CA THR H 54 17.51 8.50 -8.27
C THR H 54 18.55 7.75 -7.47
N PRO H 55 19.79 8.21 -7.44
CA PRO H 55 20.81 7.55 -6.63
C PRO H 55 20.43 7.55 -5.15
N LYS H 56 20.75 6.46 -4.46
CA LYS H 56 20.46 6.31 -3.05
C LYS H 56 21.67 6.81 -2.28
N ASN H 57 21.52 7.96 -1.62
CA ASN H 57 22.66 8.59 -0.95
C ASN H 57 22.97 7.89 0.37
N ILE H 58 24.21 8.06 0.82
CA ILE H 58 24.74 7.34 1.97
C ILE H 58 25.13 8.33 3.05
N LEU H 59 24.82 8.00 4.30
CA LEU H 59 25.21 8.79 5.46
C LEU H 59 26.07 7.91 6.37
N MSE H 60 27.34 8.26 6.51
CA MSE H 60 28.27 7.51 7.34
C MSE H 60 28.39 8.13 8.72
O MSE H 60 28.46 9.35 8.86
CB MSE H 60 29.65 7.44 6.69
CG MSE H 60 29.67 6.74 5.34
SE MSE H 60 31.50 6.63 4.70
CE MSE H 60 31.16 5.77 2.98
N ILE H 61 28.42 7.28 9.74
CA ILE H 61 28.50 7.71 11.13
C ILE H 61 29.66 6.97 11.80
N GLY H 62 30.57 7.73 12.38
CA GLY H 62 31.69 7.14 13.09
C GLY H 62 32.74 8.17 13.48
N PRO H 63 33.63 7.80 14.40
CA PRO H 63 34.67 8.72 14.85
C PRO H 63 35.69 8.99 13.77
N THR H 64 36.48 10.04 13.98
CA THR H 64 37.46 10.44 12.98
C THR H 64 38.56 9.39 12.82
N GLY H 65 39.08 9.29 11.61
CA GLY H 65 40.20 8.39 11.33
C GLY H 65 39.84 6.94 11.20
N VAL H 66 38.57 6.60 10.94
CA VAL H 66 38.17 5.22 10.74
C VAL H 66 38.10 4.83 9.28
N GLY H 67 38.43 5.72 8.36
CA GLY H 67 38.42 5.41 6.95
C GLY H 67 37.20 5.84 6.18
N LYS H 68 36.40 6.77 6.70
CA LYS H 68 35.20 7.21 6.00
C LYS H 68 35.52 7.81 4.64
N THR H 69 36.50 8.71 4.60
CA THR H 69 36.88 9.31 3.32
C THR H 69 37.57 8.30 2.42
N GLU H 70 38.38 7.41 2.99
CA GLU H 70 39.10 6.42 2.19
C GLU H 70 38.14 5.49 1.45
N ILE H 71 37.01 5.15 2.09
CA ILE H 71 36.03 4.31 1.43
C ILE H 71 35.41 5.03 0.23
N ALA H 72 35.26 6.36 0.32
CA ALA H 72 34.70 7.14 -0.77
C ALA H 72 35.71 7.35 -1.90
N ARG H 73 36.97 7.62 -1.55
CA ARG H 73 37.99 7.81 -2.57
C ARG H 73 38.24 6.52 -3.35
N ARG H 74 38.41 5.40 -2.63
CA ARG H 74 38.66 4.12 -3.30
C ARG H 74 37.46 3.69 -4.14
N LEU H 75 36.25 4.11 -3.76
CA LEU H 75 35.08 3.82 -4.57
C LEU H 75 35.09 4.63 -5.86
N ALA H 76 35.40 5.93 -5.76
CA ALA H 76 35.44 6.76 -6.95
C ALA H 76 36.56 6.32 -7.89
N LYS H 77 37.73 6.00 -7.34
CA LYS H 77 38.84 5.54 -8.16
C LYS H 77 38.51 4.22 -8.84
N LEU H 78 37.78 3.35 -8.15
CA LEU H 78 37.40 2.07 -8.73
C LEU H 78 36.40 2.25 -9.88
N ALA H 79 35.52 3.24 -9.76
CA ALA H 79 34.53 3.53 -10.79
C ALA H 79 35.02 4.54 -11.82
N ASN H 80 36.26 5.00 -11.71
CA ASN H 80 36.79 6.05 -12.57
C ASN H 80 35.84 7.25 -12.62
N ALA H 81 35.49 7.74 -11.44
CA ALA H 81 34.48 8.76 -11.28
C ALA H 81 35.07 10.00 -10.61
N PRO H 82 34.61 11.19 -10.99
CA PRO H 82 35.08 12.41 -10.33
C PRO H 82 34.63 12.44 -8.88
N PHE H 83 35.48 12.99 -8.03
CA PHE H 83 35.25 12.97 -6.58
C PHE H 83 35.76 14.27 -5.98
N ILE H 84 35.02 14.78 -5.00
CA ILE H 84 35.40 15.99 -4.29
C ILE H 84 34.88 15.92 -2.86
N LYS H 85 35.67 16.41 -1.93
CA LYS H 85 35.31 16.48 -0.52
C LYS H 85 35.22 17.94 -0.11
N VAL H 86 34.09 18.32 0.49
CA VAL H 86 33.85 19.68 0.95
C VAL H 86 33.38 19.64 2.39
N GLU H 87 33.81 20.61 3.18
CA GLU H 87 33.42 20.71 4.57
C GLU H 87 32.11 21.50 4.67
N ALA H 88 31.16 20.95 5.43
CA ALA H 88 29.86 21.60 5.54
C ALA H 88 29.96 22.95 6.24
N THR H 89 30.92 23.11 7.15
CA THR H 89 31.10 24.37 7.84
C THR H 89 31.64 25.48 6.96
N LYS H 90 32.07 25.16 5.73
CA LYS H 90 32.56 26.20 4.83
C LYS H 90 31.46 27.19 4.45
N PHE H 91 30.22 26.71 4.38
CA PHE H 91 29.08 27.55 3.99
C PHE H 91 28.39 28.21 5.18
N THR H 92 28.76 27.84 6.40
CA THR H 92 28.15 28.48 7.57
C THR H 92 28.54 29.95 7.66
N GLU H 93 29.81 30.27 7.36
CA GLU H 93 30.25 31.65 7.42
C GLU H 93 29.55 32.51 6.37
N VAL H 94 29.36 31.99 5.16
CA VAL H 94 28.69 32.72 4.11
C VAL H 94 29.64 33.55 3.26
N LYS H 99 31.08 31.56 1.06
CA LYS H 99 31.13 30.89 -0.24
C LYS H 99 29.79 30.25 -0.58
N GLU H 100 29.43 30.29 -1.85
CA GLU H 100 28.17 29.71 -2.29
C GLU H 100 28.25 28.18 -2.25
N VAL H 101 27.08 27.55 -2.14
CA VAL H 101 27.02 26.10 -2.13
C VAL H 101 27.15 25.53 -3.54
N ASP H 102 26.81 26.30 -4.57
CA ASP H 102 26.99 25.85 -5.94
C ASP H 102 28.45 25.57 -6.27
N SER H 103 29.39 26.08 -5.47
CA SER H 103 30.80 25.84 -5.73
C SER H 103 31.18 24.36 -5.58
N ILE H 104 30.33 23.56 -4.93
CA ILE H 104 30.58 22.12 -4.88
C ILE H 104 30.52 21.53 -6.28
N ILE H 105 29.52 21.93 -7.07
CA ILE H 105 29.40 21.42 -8.43
C ILE H 105 30.42 22.08 -9.36
N ARG H 106 30.78 23.33 -9.08
CA ARG H 106 31.82 23.99 -9.88
C ARG H 106 33.16 23.29 -9.71
N ASP H 107 33.59 23.08 -8.47
CA ASP H 107 34.88 22.44 -8.23
C ASP H 107 34.88 20.97 -8.62
N LEU H 108 33.71 20.32 -8.64
CA LEU H 108 33.67 18.93 -9.07
C LEU H 108 33.90 18.82 -10.57
N THR H 109 33.31 19.72 -11.36
CA THR H 109 33.53 19.70 -12.79
C THR H 109 34.96 20.08 -13.14
N ASP H 110 35.54 21.02 -12.37
CA ASP H 110 36.95 21.37 -12.57
C ASP H 110 37.84 20.15 -12.41
N ALA H 111 37.58 19.32 -11.40
CA ALA H 111 38.37 18.11 -11.22
C ALA H 111 38.08 17.08 -12.30
N ALA H 112 36.88 17.10 -12.87
CA ALA H 112 36.55 16.16 -13.94
C ALA H 112 37.15 16.56 -15.28
N VAL H 113 37.35 17.86 -15.51
CA VAL H 113 37.99 18.29 -16.75
C VAL H 113 39.43 17.79 -16.81
N LYS H 114 40.16 17.94 -15.70
CA LYS H 114 41.54 17.48 -15.66
C LYS H 114 41.62 15.96 -15.71
N MSE H 115 40.68 15.29 -15.04
CA MSE H 115 40.67 13.83 -15.00
C MSE H 115 40.55 13.23 -16.39
O MSE H 115 41.30 12.33 -16.75
CB MSE H 115 39.51 13.36 -14.12
CG MSE H 115 39.52 11.87 -13.80
SE MSE H 115 37.87 11.30 -12.95
CE MSE H 115 36.70 11.33 -14.51
N VAL H 116 39.61 13.75 -17.18
CA VAL H 116 39.44 13.26 -18.55
C VAL H 116 40.50 13.81 -19.50
N ARG H 117 41.10 14.95 -19.18
CA ARG H 117 42.14 15.51 -20.05
C ARG H 117 43.41 14.67 -19.97
N VAL H 118 43.86 14.35 -18.75
CA VAL H 118 45.05 13.52 -18.59
C VAL H 118 44.85 12.15 -19.20
N GLN H 119 43.65 11.57 -19.00
CA GLN H 119 43.35 10.27 -19.60
C GLN H 119 43.23 10.38 -21.11
N ALA H 120 42.87 11.56 -21.64
CA ALA H 120 42.79 11.71 -23.09
C ALA H 120 44.17 11.83 -23.71
N ILE H 121 45.16 12.35 -22.97
CA ILE H 121 46.51 12.46 -23.51
C ILE H 121 47.16 11.09 -23.61
N GLU H 122 46.87 10.19 -22.66
CA GLU H 122 47.48 8.87 -22.66
C GLU H 122 47.11 8.10 -23.92
N LYS H 123 45.87 8.24 -24.40
CA LYS H 123 45.48 7.59 -25.64
C LYS H 123 46.18 8.20 -26.85
N ASN H 124 46.48 9.49 -26.79
CA ASN H 124 47.09 10.18 -27.94
C ASN H 124 48.61 10.01 -28.00
N ARG H 125 49.26 9.65 -26.89
CA ARG H 125 50.73 9.64 -26.88
C ARG H 125 51.29 8.62 -27.88
N TYR H 126 50.74 7.41 -27.89
CA TYR H 126 51.23 6.40 -28.83
C TYR H 126 50.84 6.75 -30.26
N ARG H 127 49.68 7.37 -30.46
CA ARG H 127 49.22 7.69 -31.81
C ARG H 127 49.92 8.93 -32.36
N ALA H 128 50.22 9.91 -31.49
CA ALA H 128 50.94 11.08 -31.96
C ALA H 128 52.38 10.75 -32.34
N GLU H 129 53.05 9.92 -31.53
CA GLU H 129 54.40 9.51 -31.87
C GLU H 129 54.44 8.71 -33.17
N GLU H 130 53.43 7.85 -33.39
CA GLU H 130 53.38 7.06 -34.61
C GLU H 130 53.22 7.96 -35.83
N LEU H 131 52.29 8.93 -35.77
CA LEU H 131 52.06 9.82 -36.90
C LEU H 131 53.16 10.86 -37.06
N ALA H 132 53.90 11.16 -35.99
CA ALA H 132 55.01 12.11 -36.11
C ALA H 132 56.16 11.50 -36.88
N GLU H 133 56.61 10.31 -36.47
CA GLU H 133 57.67 9.62 -37.20
C GLU H 133 57.21 9.17 -38.57
N GLU H 134 55.91 8.97 -38.76
CA GLU H 134 55.39 8.58 -40.07
C GLU H 134 55.61 9.67 -41.11
N ARG H 135 55.53 10.93 -40.71
CA ARG H 135 55.73 12.02 -41.65
C ARG H 135 57.20 12.23 -41.97
N ILE H 136 58.10 11.87 -41.06
CA ILE H 136 59.52 11.96 -41.33
C ILE H 136 59.93 10.93 -42.39
N LEU H 137 59.33 9.75 -42.34
CA LEU H 137 59.63 8.71 -43.32
C LEU H 137 59.25 9.13 -44.74
N ASP H 138 58.24 9.99 -44.87
CA ASP H 138 57.86 10.47 -46.19
C ASP H 138 58.90 11.43 -46.77
N VAL H 139 59.75 12.02 -45.94
CA VAL H 139 60.87 12.82 -46.43
C VAL H 139 62.02 11.92 -46.85
N LEU H 140 62.30 10.88 -46.05
CA LEU H 140 63.43 10.00 -46.35
C LEU H 140 63.15 9.14 -47.58
N ILE H 141 62.01 8.43 -47.58
CA ILE H 141 61.64 7.57 -48.69
C ILE H 141 60.31 8.01 -49.28
N PRO H 142 60.29 9.03 -50.13
CA PRO H 142 59.04 9.45 -50.77
C PRO H 142 58.51 8.36 -51.68
N PRO H 143 57.25 7.97 -51.53
CA PRO H 143 56.63 7.05 -52.48
C PRO H 143 56.19 7.79 -53.74
N ALA H 144 56.02 7.03 -54.82
CA ALA H 144 55.49 7.56 -56.06
C ALA H 144 53.98 7.39 -56.08
N LYS H 145 53.28 8.44 -56.54
CA LYS H 145 51.82 8.41 -56.57
C LYS H 145 51.33 7.32 -57.52
N ASN H 146 50.16 6.78 -57.19
CA ASN H 146 49.60 5.69 -57.99
C ASN H 146 49.02 6.20 -59.31
N ASN H 147 48.34 7.34 -59.28
CA ASN H 147 47.74 7.90 -60.49
C ASN H 147 48.69 8.85 -61.19
N PRO H 157 54.52 -0.95 -46.54
CA PRO H 157 55.75 -0.24 -46.16
C PRO H 157 56.98 -0.73 -46.92
N SER H 158 56.89 -1.95 -47.47
CA SER H 158 57.97 -2.55 -48.27
C SER H 158 59.22 -2.69 -47.40
N ALA H 159 60.40 -2.30 -47.89
CA ALA H 159 61.66 -2.58 -47.23
C ALA H 159 62.31 -1.34 -46.62
N ALA H 160 62.66 -0.36 -47.45
CA ALA H 160 63.40 0.81 -46.98
C ALA H 160 62.61 1.57 -45.92
N ARG H 161 61.30 1.71 -46.10
CA ARG H 161 60.49 2.38 -45.07
C ARG H 161 60.59 1.65 -43.74
N GLN H 162 60.49 0.32 -43.75
CA GLN H 162 60.70 -0.45 -42.53
C GLN H 162 62.14 -0.39 -42.06
N ALA H 163 63.09 -0.10 -42.95
CA ALA H 163 64.48 0.01 -42.55
C ALA H 163 64.71 1.29 -41.76
N PHE H 164 64.27 2.43 -42.29
CA PHE H 164 64.44 3.70 -41.59
C PHE H 164 63.62 3.75 -40.30
N ARG H 165 62.46 3.10 -40.28
CA ARG H 165 61.63 3.09 -39.08
C ARG H 165 62.35 2.43 -37.91
N LYS H 166 63.03 1.31 -38.17
CA LYS H 166 63.77 0.64 -37.11
C LYS H 166 65.05 1.40 -36.75
N LYS H 167 65.61 2.14 -37.71
CA LYS H 167 66.79 2.95 -37.44
C LYS H 167 66.45 4.29 -36.81
N LEU H 168 65.19 4.73 -36.90
CA LEU H 168 64.81 6.00 -36.31
C LEU H 168 64.53 5.87 -34.81
N ARG H 169 63.84 4.80 -34.41
CA ARG H 169 63.56 4.59 -32.99
C ARG H 169 64.83 4.19 -32.24
N GLU H 170 65.56 3.19 -32.77
CA GLU H 170 66.73 2.67 -32.08
C GLU H 170 67.97 3.53 -32.30
N GLY H 171 68.06 4.21 -33.44
CA GLY H 171 69.26 4.94 -33.79
C GLY H 171 69.25 6.39 -33.37
N GLN H 172 70.46 6.94 -33.20
CA GLN H 172 70.67 8.33 -32.88
C GLN H 172 70.85 9.20 -34.12
N LEU H 173 70.45 8.72 -35.29
CA LEU H 173 70.60 9.43 -36.55
C LEU H 173 69.84 10.76 -36.60
N ASP H 174 69.09 11.11 -35.56
CA ASP H 174 68.27 12.32 -35.57
C ASP H 174 69.09 13.60 -35.72
N ASP H 175 70.41 13.54 -35.55
CA ASP H 175 71.23 14.74 -35.70
C ASP H 175 71.41 15.16 -37.15
N LYS H 176 71.05 14.31 -38.11
CA LYS H 176 71.15 14.67 -39.51
C LYS H 176 70.16 15.77 -39.87
N GLU H 177 70.56 16.65 -40.78
CA GLU H 177 69.72 17.76 -41.20
C GLU H 177 68.70 17.29 -42.22
N ILE H 178 67.42 17.48 -41.94
CA ILE H 178 66.33 17.03 -42.79
C ILE H 178 65.33 18.15 -42.98
N GLU H 179 64.88 18.34 -44.21
CA GLU H 179 63.89 19.34 -44.57
C GLU H 179 62.45 18.86 -44.49
N ILE H 180 61.67 19.44 -43.57
CA ILE H 180 60.28 19.03 -43.33
C ILE H 180 59.36 20.25 -43.38
N ASP H 181 58.17 20.05 -43.93
CA ASP H 181 57.15 21.09 -43.96
C ASP H 181 56.44 21.15 -42.61
N LEU H 182 56.28 22.37 -42.08
CA LEU H 182 55.61 22.59 -40.81
C LEU H 182 54.79 23.88 -40.89
N ALA H 183 53.78 23.96 -40.02
CA ALA H 183 52.89 25.11 -40.00
C ALA H 183 53.58 26.30 -39.32
N ALA H 184 53.15 27.50 -39.71
CA ALA H 184 53.68 28.73 -39.14
C ALA H 184 52.61 29.80 -39.01
N LYS H 215 48.08 26.87 -42.88
CA LYS H 215 49.08 26.61 -43.92
C LYS H 215 50.38 26.12 -43.31
N GLN H 216 51.19 25.42 -44.10
CA GLN H 216 52.47 24.90 -43.67
C GLN H 216 53.58 25.44 -44.59
N LYS H 217 54.72 25.75 -43.99
CA LYS H 217 55.87 26.30 -44.70
C LYS H 217 57.07 25.36 -44.57
N ALA H 218 57.82 25.20 -45.66
CA ALA H 218 58.96 24.30 -45.68
C ALA H 218 60.18 24.98 -45.05
N ARG H 219 60.80 24.29 -44.10
CA ARG H 219 61.98 24.82 -43.44
C ARG H 219 62.88 23.67 -43.02
N LYS H 220 64.19 23.92 -43.05
CA LYS H 220 65.18 22.92 -42.67
C LYS H 220 65.28 22.83 -41.16
N LEU H 221 65.52 21.62 -40.66
CA LEU H 221 65.59 21.37 -39.23
C LEU H 221 66.47 20.16 -38.98
N LYS H 222 66.55 19.78 -37.71
CA LYS H 222 67.22 18.56 -37.28
C LYS H 222 66.17 17.60 -36.73
N ILE H 223 66.29 16.32 -37.08
CA ILE H 223 65.30 15.33 -36.69
C ILE H 223 65.13 15.27 -35.17
N LYS H 224 66.20 15.56 -34.43
CA LYS H 224 66.08 15.64 -32.97
C LYS H 224 65.11 16.74 -32.56
N ASP H 225 65.27 17.93 -33.14
CA ASP H 225 64.35 19.03 -32.88
C ASP H 225 63.12 19.02 -33.78
N ALA H 226 63.15 18.27 -34.88
CA ALA H 226 61.97 18.17 -35.73
C ALA H 226 60.95 17.17 -35.18
N MSE H 227 61.43 16.09 -34.53
CA MSE H 227 60.50 15.13 -33.96
C MSE H 227 59.64 15.70 -32.86
O MSE H 227 58.44 15.46 -32.81
CB MSE H 227 61.29 13.92 -33.43
CG MSE H 227 60.44 12.82 -32.86
SE MSE H 227 59.84 11.83 -34.43
CE MSE H 227 61.52 10.94 -34.93
N LYS H 228 60.25 16.50 -31.96
CA LYS H 228 59.48 17.14 -30.90
C LYS H 228 58.53 18.19 -31.44
N LEU H 229 58.89 18.84 -32.56
CA LEU H 229 58.00 19.82 -33.17
C LEU H 229 56.88 19.17 -33.96
N LEU H 230 57.07 17.93 -34.42
CA LEU H 230 56.00 17.18 -35.07
C LEU H 230 55.02 16.59 -34.07
N ILE H 231 55.50 16.18 -32.89
CA ILE H 231 54.61 15.64 -31.88
C ILE H 231 53.60 16.69 -31.42
N GLU H 232 54.03 17.94 -31.31
CA GLU H 232 53.13 19.00 -30.89
C GLU H 232 52.01 19.20 -31.90
N GLU H 233 52.35 19.20 -33.20
CA GLU H 233 51.34 19.43 -34.22
C GLU H 233 50.36 18.26 -34.31
N GLU H 234 50.86 17.03 -34.16
CA GLU H 234 49.97 15.87 -34.25
C GLU H 234 49.11 15.72 -33.01
N ALA H 235 49.68 15.96 -31.82
CA ALA H 235 48.91 15.83 -30.59
C ALA H 235 47.79 16.87 -30.52
N ALA H 236 48.04 18.08 -31.05
CA ALA H 236 46.99 19.10 -31.05
C ALA H 236 45.81 18.71 -31.91
N LYS H 237 46.04 17.90 -32.96
CA LYS H 237 44.94 17.44 -33.80
C LYS H 237 44.17 16.29 -33.19
N LEU H 238 44.79 15.53 -32.27
CA LEU H 238 44.09 14.39 -31.69
C LEU H 238 43.13 14.82 -30.57
N VAL H 239 43.50 15.83 -29.79
CA VAL H 239 42.70 16.24 -28.64
C VAL H 239 41.56 17.15 -29.10
N ASN H 240 40.35 16.84 -28.65
CA ASN H 240 39.16 17.60 -29.01
C ASN H 240 38.68 18.39 -27.80
N PRO H 241 38.53 19.72 -27.90
CA PRO H 241 38.06 20.48 -26.74
C PRO H 241 36.64 20.11 -26.31
N GLU H 242 35.72 19.89 -27.27
CA GLU H 242 34.35 19.56 -26.91
C GLU H 242 34.27 18.21 -26.19
N GLU H 243 34.80 17.15 -26.82
CA GLU H 243 34.76 15.84 -26.20
C GLU H 243 35.46 15.83 -24.84
N LEU H 244 36.59 16.53 -24.74
CA LEU H 244 37.27 16.65 -23.46
C LEU H 244 36.40 17.39 -22.45
N LYS H 245 35.67 18.41 -22.90
CA LYS H 245 34.79 19.14 -22.01
C LYS H 245 33.48 18.39 -21.76
N GLN H 246 32.92 17.78 -22.81
CA GLN H 246 31.61 17.14 -22.67
C GLN H 246 31.68 15.88 -21.84
N ASP H 247 32.72 15.05 -22.04
CA ASP H 247 32.85 13.83 -21.26
C ASP H 247 33.03 14.13 -19.77
N ALA H 248 33.64 15.26 -19.44
CA ALA H 248 33.72 15.67 -18.04
C ALA H 248 32.34 15.94 -17.47
N ILE H 249 31.43 16.49 -18.28
CA ILE H 249 30.07 16.72 -17.81
C ILE H 249 29.36 15.40 -17.57
N ASP H 250 29.42 14.49 -18.54
CA ASP H 250 28.80 13.17 -18.36
C ASP H 250 29.40 12.44 -17.17
N ALA H 251 30.71 12.56 -16.98
CA ALA H 251 31.35 11.96 -15.81
C ALA H 251 30.83 12.56 -14.52
N VAL H 252 30.52 13.87 -14.52
CA VAL H 252 29.92 14.50 -13.35
C VAL H 252 28.45 14.14 -13.24
N GLU H 253 27.72 14.21 -14.35
CA GLU H 253 26.28 13.95 -14.31
C GLU H 253 26.00 12.49 -13.99
N GLN H 254 26.53 11.57 -14.79
CA GLN H 254 26.26 10.15 -14.57
C GLN H 254 27.05 9.59 -13.40
N HIS H 255 28.37 9.76 -13.43
CA HIS H 255 29.27 9.09 -12.49
C HIS H 255 29.75 9.96 -11.33
N GLY H 256 29.36 11.23 -11.28
CA GLY H 256 29.92 12.12 -10.29
C GLY H 256 29.60 11.65 -8.87
N ILE H 257 30.57 11.84 -7.97
CA ILE H 257 30.44 11.46 -6.57
C ILE H 257 30.92 12.62 -5.71
N VAL H 258 30.12 12.99 -4.71
CA VAL H 258 30.42 14.11 -3.82
C VAL H 258 30.44 13.61 -2.39
N PHE H 259 31.41 14.12 -1.62
CA PHE H 259 31.57 13.76 -0.21
C PHE H 259 31.43 15.01 0.63
N ILE H 260 30.47 15.00 1.55
CA ILE H 260 30.24 16.12 2.47
C ILE H 260 30.75 15.69 3.84
N ASP H 261 31.86 16.28 4.27
CA ASP H 261 32.46 15.97 5.56
C ASP H 261 31.83 16.80 6.67
N GLU H 262 31.77 16.20 7.86
CA GLU H 262 31.26 16.83 9.09
C GLU H 262 29.92 17.53 8.88
N ILE H 263 28.99 16.83 8.23
CA ILE H 263 27.63 17.34 8.04
C ILE H 263 26.85 17.41 9.35
N ASP H 264 27.35 16.76 10.40
CA ASP H 264 26.69 16.78 11.69
C ASP H 264 26.87 18.10 12.45
N LYS H 265 27.75 18.97 11.98
CA LYS H 265 27.95 20.27 12.59
C LYS H 265 26.95 21.33 12.15
N ILE H 266 26.18 21.06 11.08
CA ILE H 266 25.15 22.01 10.64
C ILE H 266 23.78 21.69 11.22
N CYS H 267 23.70 20.69 12.10
CA CYS H 267 22.46 20.36 12.76
C CYS H 267 22.13 21.39 13.83
N LYS H 268 20.84 21.46 14.16
CA LYS H 268 20.35 22.39 15.17
C LYS H 268 20.95 22.08 16.53
N SER H 273 19.86 29.08 19.16
CA SER H 273 18.91 29.61 18.19
C SER H 273 19.62 30.48 17.16
N GLY H 274 20.64 31.21 17.59
CA GLY H 274 21.38 32.08 16.73
C GLY H 274 22.13 31.36 15.62
N PRO H 275 23.01 30.42 15.99
CA PRO H 275 23.68 29.62 14.94
C PRO H 275 22.75 28.66 14.22
N ASP H 276 21.64 28.25 14.86
CA ASP H 276 20.77 27.24 14.26
C ASP H 276 20.17 27.72 12.95
N VAL H 277 19.77 29.00 12.88
CA VAL H 277 19.22 29.54 11.64
C VAL H 277 20.25 29.50 10.52
N SER H 278 21.51 29.81 10.84
CA SER H 278 22.57 29.70 9.85
C SER H 278 22.99 28.25 9.62
N ARG H 279 22.85 27.41 10.65
CA ARG H 279 23.18 25.99 10.50
C ARG H 279 22.20 25.29 9.58
N GLU H 280 20.89 25.40 9.87
CA GLU H 280 19.90 24.80 9.00
C GLU H 280 19.90 25.47 7.62
N GLY H 281 20.31 26.73 7.55
CA GLY H 281 20.38 27.40 6.27
C GLY H 281 21.32 26.72 5.29
N VAL H 282 22.39 26.11 5.80
CA VAL H 282 23.28 25.35 4.94
C VAL H 282 22.57 24.11 4.40
N GLN H 283 21.76 23.45 5.23
CA GLN H 283 20.99 22.31 4.77
C GLN H 283 19.98 22.72 3.70
N ARG H 284 19.35 23.89 3.88
CA ARG H 284 18.42 24.39 2.88
C ARG H 284 19.12 24.67 1.56
N ASP H 285 20.33 25.25 1.61
CA ASP H 285 21.08 25.49 0.38
C ASP H 285 21.58 24.18 -0.23
N LEU H 286 21.90 23.19 0.61
CA LEU H 286 22.29 21.87 0.11
C LEU H 286 21.11 21.07 -0.41
N LEU H 287 19.87 21.53 -0.18
CA LEU H 287 18.71 20.76 -0.57
C LEU H 287 18.55 20.62 -2.08
N PRO H 288 18.66 21.68 -2.89
CA PRO H 288 18.54 21.50 -4.35
C PRO H 288 19.61 20.61 -4.94
N LEU H 289 20.77 20.47 -4.30
CA LEU H 289 21.81 19.59 -4.82
C LEU H 289 21.38 18.13 -4.77
N VAL H 290 20.82 17.70 -3.65
CA VAL H 290 20.41 16.30 -3.52
C VAL H 290 19.09 16.02 -4.22
N GLU H 291 18.19 17.00 -4.27
CA GLU H 291 16.95 16.84 -5.03
C GLU H 291 17.15 16.98 -6.53
N GLY H 292 18.33 17.40 -6.96
CA GLY H 292 18.62 17.63 -8.36
C GLY H 292 18.37 19.06 -8.75
N CYS H 293 19.21 19.60 -9.64
CA CYS H 293 19.14 21.00 -10.05
C CYS H 293 20.10 21.18 -11.22
N THR H 294 20.24 22.42 -11.68
CA THR H 294 21.15 22.79 -12.76
C THR H 294 22.06 23.89 -12.24
N VAL H 295 23.35 23.59 -12.13
CA VAL H 295 24.36 24.55 -11.65
C VAL H 295 25.23 24.95 -12.83
N SER H 296 25.30 26.25 -13.07
CA SER H 296 26.07 26.77 -14.19
C SER H 296 27.56 26.84 -13.83
N THR H 297 28.39 26.41 -14.77
CA THR H 297 29.85 26.50 -14.63
C THR H 297 30.42 27.04 -15.92
N LYS H 298 31.69 27.45 -15.86
CA LYS H 298 32.36 27.97 -17.04
C LYS H 298 32.54 26.92 -18.12
N HIS H 299 32.45 25.63 -17.77
CA HIS H 299 32.60 24.56 -18.75
C HIS H 299 31.29 24.18 -19.43
N GLY H 300 30.16 24.60 -18.90
CA GLY H 300 28.89 24.27 -19.50
C GLY H 300 27.80 24.20 -18.45
N MSE H 301 26.76 23.43 -18.79
CA MSE H 301 25.63 23.22 -17.90
C MSE H 301 25.68 21.81 -17.31
O MSE H 301 25.77 20.83 -18.03
CB MSE H 301 24.32 23.42 -18.69
CG MSE H 301 23.20 24.06 -17.90
SE MSE H 301 23.63 25.85 -17.24
CE MSE H 301 23.93 26.76 -18.93
N VAL H 302 25.60 21.73 -15.98
CA VAL H 302 25.76 20.47 -15.25
C VAL H 302 24.47 20.18 -14.49
N LYS H 303 23.99 18.95 -14.59
CA LYS H 303 22.78 18.51 -13.92
C LYS H 303 23.16 17.53 -12.81
N THR H 304 22.71 17.82 -11.59
CA THR H 304 23.11 17.09 -10.40
C THR H 304 22.17 15.95 -10.03
N ASP H 305 21.18 15.65 -10.89
CA ASP H 305 20.18 14.66 -10.53
C ASP H 305 20.79 13.29 -10.22
N HIS H 306 21.73 12.85 -11.05
CA HIS H 306 22.29 11.51 -10.92
C HIS H 306 23.57 11.45 -10.09
N ILE H 307 24.02 12.58 -9.53
CA ILE H 307 25.23 12.59 -8.72
C ILE H 307 24.99 11.85 -7.41
N LEU H 308 25.95 11.02 -7.02
CA LEU H 308 25.90 10.33 -5.74
C LEU H 308 26.50 11.22 -4.66
N PHE H 309 25.79 11.32 -3.53
CA PHE H 309 26.22 12.13 -2.40
C PHE H 309 26.45 11.23 -1.19
N ILE H 310 27.57 11.45 -0.51
CA ILE H 310 27.92 10.71 0.70
C ILE H 310 28.28 11.73 1.77
N ALA H 311 27.52 11.73 2.87
CA ALA H 311 27.74 12.64 3.97
C ALA H 311 28.26 11.85 5.18
N SER H 312 29.16 12.46 5.94
CA SER H 312 29.76 11.80 7.09
C SER H 312 29.82 12.76 8.26
N GLY H 313 29.92 12.18 9.46
CA GLY H 313 30.00 12.98 10.66
C GLY H 313 30.04 12.08 11.87
N ALA H 314 30.51 12.66 12.98
CA ALA H 314 30.63 11.90 14.21
C ALA H 314 29.27 11.66 14.86
N PHE H 315 28.38 12.67 14.80
CA PHE H 315 27.05 12.59 15.40
C PHE H 315 27.10 12.31 16.90
N GLN H 316 28.15 12.78 17.57
CA GLN H 316 28.17 12.72 19.03
C GLN H 316 27.37 13.86 19.65
N ILE H 317 27.49 15.07 19.08
CA ILE H 317 26.74 16.21 19.60
C ILE H 317 25.26 16.09 19.23
N ALA H 318 24.97 15.86 17.95
CA ALA H 318 23.61 15.77 17.45
C ALA H 318 23.37 14.37 16.88
N LYS H 319 22.16 14.16 16.37
CA LYS H 319 21.74 12.90 15.79
C LYS H 319 21.19 13.15 14.39
N PRO H 320 21.17 12.14 13.53
CA PRO H 320 20.63 12.33 12.18
C PRO H 320 19.18 12.78 12.15
N SER H 321 18.42 12.58 13.23
CA SER H 321 17.05 13.07 13.27
C SER H 321 16.97 14.59 13.35
N ASP H 322 18.05 15.26 13.73
CA ASP H 322 18.07 16.72 13.83
C ASP H 322 18.23 17.41 12.49
N LEU H 323 18.52 16.67 11.43
CA LEU H 323 18.54 17.24 10.09
C LEU H 323 17.12 17.61 9.66
N ILE H 324 17.03 18.51 8.69
CA ILE H 324 15.73 18.92 8.15
C ILE H 324 15.05 17.70 7.53
N PRO H 325 13.72 17.60 7.57
CA PRO H 325 13.07 16.38 7.08
C PRO H 325 13.33 16.09 5.61
N GLU H 326 13.43 17.13 4.77
CA GLU H 326 13.69 16.90 3.35
C GLU H 326 15.07 16.29 3.12
N LEU H 327 16.01 16.52 4.04
CA LEU H 327 17.35 15.97 3.88
C LEU H 327 17.41 14.50 4.29
N GLN H 328 16.74 14.13 5.38
CA GLN H 328 16.73 12.74 5.81
C GLN H 328 16.13 11.83 4.75
N GLY H 329 15.16 12.34 3.98
CA GLY H 329 14.59 11.56 2.90
C GLY H 329 15.50 11.40 1.71
N ARG H 330 16.49 12.28 1.57
CA ARG H 330 17.45 12.20 0.48
C ARG H 330 18.72 11.45 0.86
N LEU H 331 18.80 10.91 2.08
CA LEU H 331 19.90 10.07 2.53
C LEU H 331 19.34 8.73 3.00
N PRO H 332 18.82 7.92 2.08
CA PRO H 332 18.16 6.67 2.50
C PRO H 332 19.11 5.64 3.08
N ILE H 333 20.32 5.52 2.53
CA ILE H 333 21.28 4.53 3.01
C ILE H 333 22.01 5.08 4.22
N ARG H 334 21.93 4.36 5.34
CA ARG H 334 22.59 4.75 6.57
C ARG H 334 23.51 3.61 7.00
N VAL H 335 24.71 3.96 7.48
CA VAL H 335 25.68 2.97 7.91
C VAL H 335 26.53 3.57 9.03
N GLU H 336 26.88 2.74 10.01
CA GLU H 336 27.73 3.12 11.11
C GLU H 336 29.07 2.42 10.97
N LEU H 337 30.15 3.16 11.23
CA LEU H 337 31.50 2.63 11.13
C LEU H 337 32.09 2.42 12.53
N GLN H 338 32.67 1.25 12.75
CA GLN H 338 33.24 0.92 14.05
C GLN H 338 34.59 1.58 14.23
N ALA H 339 34.96 1.81 15.49
CA ALA H 339 36.26 2.39 15.81
C ALA H 339 37.35 1.34 15.72
N LEU H 340 38.55 1.79 15.38
CA LEU H 340 39.69 0.89 15.22
C LEU H 340 40.32 0.57 16.57
N THR H 341 40.86 -0.64 16.67
CA THR H 341 41.51 -1.14 17.87
C THR H 341 43.00 -1.34 17.63
N THR H 342 43.69 -1.85 18.66
CA THR H 342 45.11 -2.16 18.52
C THR H 342 45.34 -3.23 17.49
N SER H 343 44.42 -4.19 17.37
CA SER H 343 44.57 -5.26 16.39
C SER H 343 44.35 -4.75 14.96
N ASP H 344 43.48 -3.76 14.80
CA ASP H 344 43.27 -3.19 13.47
C ASP H 344 44.47 -2.36 13.01
N PHE H 345 45.13 -1.67 13.95
CA PHE H 345 46.33 -0.91 13.59
C PHE H 345 47.42 -1.81 13.04
N GLU H 346 47.64 -2.97 13.69
CA GLU H 346 48.59 -3.94 13.17
C GLU H 346 48.21 -4.40 11.76
N ARG H 347 46.92 -4.39 11.44
CA ARG H 347 46.49 -4.80 10.10
C ARG H 347 46.74 -3.70 9.07
N ILE H 348 46.44 -2.45 9.42
CA ILE H 348 46.59 -1.34 8.47
C ILE H 348 48.05 -1.13 8.11
N LEU H 349 48.97 -1.46 9.02
CA LEU H 349 50.40 -1.28 8.75
C LEU H 349 50.92 -2.26 7.70
N THR H 350 50.22 -3.38 7.49
CA THR H 350 50.73 -4.41 6.60
C THR H 350 49.72 -4.78 5.51
N GLU H 351 48.56 -5.30 5.90
CA GLU H 351 47.59 -5.88 4.97
C GLU H 351 47.28 -5.03 3.74
N PRO H 352 46.98 -3.73 3.84
CA PRO H 352 46.56 -2.99 2.64
C PRO H 352 47.66 -2.93 1.60
N ASN H 353 47.25 -2.97 0.34
CA ASN H 353 48.19 -2.81 -0.76
C ASN H 353 48.82 -1.42 -0.70
N ALA H 354 50.15 -1.38 -0.78
CA ALA H 354 50.90 -0.13 -0.69
C ALA H 354 50.68 0.58 0.64
N SER H 355 50.70 -0.19 1.72
CA SER H 355 50.59 0.38 3.06
C SER H 355 51.84 1.18 3.39
N ILE H 356 51.71 2.04 4.41
CA ILE H 356 52.80 2.94 4.76
C ILE H 356 54.11 2.20 5.03
N THR H 357 54.02 0.98 5.57
CA THR H 357 55.24 0.20 5.80
C THR H 357 55.79 -0.37 4.50
N VAL H 358 54.91 -0.81 3.61
CA VAL H 358 55.34 -1.30 2.30
C VAL H 358 55.91 -0.15 1.47
N GLN H 359 55.25 1.01 1.51
CA GLN H 359 55.78 2.19 0.84
C GLN H 359 57.15 2.56 1.40
N TYR H 360 57.32 2.48 2.71
CA TYR H 360 58.61 2.83 3.32
C TYR H 360 59.68 1.81 2.98
N LYS H 361 59.31 0.53 2.87
CA LYS H 361 60.28 -0.48 2.47
C LYS H 361 60.79 -0.23 1.07
N ALA H 362 59.91 0.24 0.18
CA ALA H 362 60.31 0.55 -1.19
C ALA H 362 61.04 1.88 -1.30
N LEU H 363 60.83 2.80 -0.36
CA LEU H 363 61.53 4.08 -0.41
C LEU H 363 62.99 3.94 -0.01
N MSE H 364 63.29 3.07 0.95
CA MSE H 364 64.66 2.84 1.37
C MSE H 364 65.36 1.95 0.37
O MSE H 364 66.59 1.95 0.27
CB MSE H 364 64.70 2.20 2.77
CG MSE H 364 63.95 2.97 3.84
SE MSE H 364 64.58 4.79 4.09
CE MSE H 364 63.15 5.73 3.16
N ALA H 365 64.56 1.17 -0.37
CA ALA H 365 65.13 0.27 -1.37
C ALA H 365 65.83 1.03 -2.48
N THR H 366 65.40 2.26 -2.77
CA THR H 366 66.07 3.06 -3.79
C THR H 366 67.49 3.42 -3.35
N GLU H 367 67.69 3.66 -2.05
CA GLU H 367 69.02 3.90 -1.51
C GLU H 367 69.83 2.62 -1.36
N GLY H 368 69.23 1.46 -1.60
CA GLY H 368 69.93 0.20 -1.49
C GLY H 368 69.87 -0.45 -0.13
N VAL H 369 68.90 -0.09 0.71
CA VAL H 369 68.76 -0.63 2.05
C VAL H 369 67.50 -1.49 2.09
N ASN H 370 67.64 -2.69 2.62
CA ASN H 370 66.53 -3.62 2.77
C ASN H 370 65.98 -3.47 4.18
N ILE H 371 64.76 -2.97 4.29
CA ILE H 371 64.08 -2.79 5.57
C ILE H 371 63.14 -3.96 5.79
N GLU H 372 63.06 -4.43 7.03
CA GLU H 372 62.17 -5.52 7.39
C GLU H 372 61.51 -5.19 8.72
N PHE H 373 60.21 -5.45 8.82
CA PHE H 373 59.44 -5.19 10.04
C PHE H 373 59.01 -6.51 10.63
N THR H 374 59.51 -6.82 11.82
CA THR H 374 59.13 -8.04 12.51
C THR H 374 57.71 -7.93 13.04
N ASP H 375 57.10 -9.09 13.29
CA ASP H 375 55.75 -9.11 13.83
C ASP H 375 55.68 -8.45 15.20
N SER H 376 56.71 -8.66 16.03
CA SER H 376 56.73 -8.01 17.34
C SER H 376 56.96 -6.52 17.24
N GLY H 377 57.71 -6.07 16.23
CA GLY H 377 57.89 -4.64 16.03
C GLY H 377 56.61 -3.95 15.58
N ILE H 378 55.86 -4.60 14.68
CA ILE H 378 54.60 -4.05 14.24
C ILE H 378 53.60 -3.99 15.39
N LYS H 379 53.64 -4.97 16.29
CA LYS H 379 52.73 -4.96 17.44
C LYS H 379 53.01 -3.78 18.36
N ARG H 380 54.29 -3.40 18.52
CA ARG H 380 54.61 -2.28 19.39
C ARG H 380 54.36 -0.93 18.73
N ILE H 381 54.46 -0.85 17.40
CA ILE H 381 54.09 0.38 16.70
C ILE H 381 52.60 0.66 16.89
N ALA H 382 51.77 -0.38 16.80
CA ALA H 382 50.35 -0.21 17.06
C ALA H 382 50.08 0.14 18.51
N GLU H 383 50.87 -0.41 19.43
CA GLU H 383 50.71 -0.06 20.84
C GLU H 383 51.23 1.34 21.14
N ALA H 384 52.14 1.87 20.33
CA ALA H 384 52.64 3.22 20.53
C ALA H 384 51.63 4.25 20.08
N ALA H 385 51.08 4.09 18.87
CA ALA H 385 50.10 5.05 18.37
C ALA H 385 48.81 4.97 19.17
N TRP H 386 48.46 3.79 19.68
CA TRP H 386 47.27 3.66 20.52
C TRP H 386 47.43 4.42 21.82
N GLN H 387 48.64 4.40 22.40
CA GLN H 387 48.87 5.08 23.67
C GLN H 387 48.80 6.60 23.52
N VAL H 388 49.31 7.12 22.39
CA VAL H 388 49.26 8.56 22.17
C VAL H 388 47.83 9.04 22.00
N ASN H 389 47.03 8.29 21.23
CA ASN H 389 45.61 8.62 21.10
C ASN H 389 44.89 8.55 22.44
N GLU H 390 45.34 7.65 23.32
CA GLU H 390 44.72 7.53 24.63
C GLU H 390 45.25 8.57 25.61
N SER H 391 46.55 8.87 25.55
CA SER H 391 47.14 9.79 26.52
C SER H 391 46.78 11.24 26.23
N THR H 392 46.59 11.59 24.96
CA THR H 392 46.32 12.98 24.60
C THR H 392 45.01 13.11 23.83
N GLU H 393 45.09 13.13 22.50
CA GLU H 393 43.93 13.26 21.64
C GLU H 393 43.85 12.07 20.69
N ASN H 394 42.64 11.55 20.52
CA ASN H 394 42.41 10.41 19.62
C ASN H 394 42.14 10.96 18.23
N ILE H 395 43.13 10.86 17.34
CA ILE H 395 42.98 11.27 15.96
C ILE H 395 42.72 10.09 15.03
N GLY H 396 42.58 8.89 15.56
CA GLY H 396 42.32 7.72 14.73
C GLY H 396 43.60 7.10 14.20
N ALA H 397 43.47 6.43 13.05
CA ALA H 397 44.62 5.82 12.39
C ALA H 397 45.62 6.83 11.86
N ARG H 398 45.27 8.12 11.80
CA ARG H 398 46.21 9.14 11.37
C ARG H 398 47.42 9.24 12.29
N ARG H 399 47.30 8.80 13.54
CA ARG H 399 48.44 8.81 14.45
C ARG H 399 49.54 7.86 13.97
N LEU H 400 49.17 6.83 13.20
CA LEU H 400 50.18 5.90 12.69
C LEU H 400 51.19 6.60 11.78
N HIS H 401 50.75 7.64 11.06
CA HIS H 401 51.67 8.33 10.15
C HIS H 401 52.72 9.12 10.92
N THR H 402 52.29 9.92 11.91
CA THR H 402 53.25 10.72 12.66
C THR H 402 54.19 9.86 13.48
N VAL H 403 53.69 8.74 14.02
CA VAL H 403 54.53 7.84 14.80
C VAL H 403 55.56 7.16 13.91
N LEU H 404 55.16 6.78 12.69
CA LEU H 404 56.07 6.07 11.80
C LEU H 404 57.23 6.96 11.37
N GLU H 405 56.96 8.22 11.03
CA GLU H 405 58.03 9.10 10.56
C GLU H 405 58.99 9.46 11.69
N ARG H 406 58.50 9.57 12.93
CA ARG H 406 59.40 9.84 14.05
C ARG H 406 60.27 8.64 14.36
N LEU H 407 59.73 7.43 14.25
CA LEU H 407 60.52 6.24 14.49
C LEU H 407 61.56 6.03 13.39
N MSE H 408 61.20 6.32 12.16
CA MSE H 408 62.06 6.06 11.01
C MSE H 408 62.93 7.27 10.62
O MSE H 408 63.63 7.22 9.61
CB MSE H 408 61.21 5.63 9.81
CG MSE H 408 60.38 4.38 10.03
SE MSE H 408 61.34 2.70 9.74
CE MSE H 408 62.00 2.40 11.54
N GLU H 409 62.86 8.33 11.42
CA GLU H 409 63.54 9.58 11.04
C GLU H 409 65.05 9.39 10.94
N GLU H 410 65.64 8.57 11.82
CA GLU H 410 67.08 8.39 11.81
C GLU H 410 67.54 7.48 10.68
N ILE H 411 66.73 6.48 10.32
CA ILE H 411 67.10 5.60 9.22
C ILE H 411 66.94 6.32 7.88
N SER H 412 65.95 7.20 7.77
CA SER H 412 65.71 7.87 6.49
C SER H 412 66.85 8.82 6.13
N TYR H 413 67.48 9.44 7.13
CA TYR H 413 68.57 10.37 6.86
C TYR H 413 69.84 9.64 6.47
N ASP H 414 70.11 8.49 7.11
CA ASP H 414 71.31 7.73 6.88
C ASP H 414 71.16 6.69 5.78
N ALA H 415 70.01 6.66 5.09
CA ALA H 415 69.77 5.64 4.07
C ALA H 415 70.79 5.71 2.94
N SER H 416 71.32 6.91 2.67
CA SER H 416 72.30 7.05 1.59
C SER H 416 73.60 6.32 1.93
N ASP H 417 74.01 6.36 3.19
CA ASP H 417 75.23 5.71 3.64
C ASP H 417 75.03 4.27 4.09
N LEU H 418 73.79 3.81 4.19
CA LEU H 418 73.49 2.46 4.63
C LEU H 418 73.39 1.46 3.49
N SER H 419 73.67 1.87 2.25
CA SER H 419 73.50 1.01 1.10
C SER H 419 74.26 -0.30 1.28
N GLY H 420 73.59 -1.40 0.95
CA GLY H 420 74.15 -2.72 1.08
C GLY H 420 73.95 -3.39 2.42
N GLN H 421 73.15 -2.80 3.31
CA GLN H 421 72.91 -3.35 4.63
C GLN H 421 71.44 -3.73 4.77
N ASN H 422 71.18 -4.68 5.67
CA ASN H 422 69.83 -5.15 5.96
C ASN H 422 69.47 -4.73 7.38
N ILE H 423 68.54 -3.79 7.50
CA ILE H 423 68.13 -3.24 8.79
C ILE H 423 66.83 -3.93 9.20
N THR H 424 66.85 -4.59 10.35
CA THR H 424 65.68 -5.28 10.88
C THR H 424 65.09 -4.43 12.01
N ILE H 425 63.80 -4.15 11.91
CA ILE H 425 63.08 -3.37 12.92
C ILE H 425 62.31 -4.37 13.80
N ASP H 426 62.75 -4.52 15.04
CA ASP H 426 62.14 -5.43 16.00
C ASP H 426 61.36 -4.63 17.05
N ALA H 427 60.75 -5.37 17.98
CA ALA H 427 60.02 -4.73 19.08
C ALA H 427 60.94 -3.91 19.97
N ASP H 428 62.23 -4.27 20.01
CA ASP H 428 63.17 -3.54 20.84
C ASP H 428 63.62 -2.24 20.19
N TYR H 429 63.68 -2.19 18.86
CA TYR H 429 64.04 -0.95 18.18
C TYR H 429 62.89 0.06 18.24
N VAL H 430 61.64 -0.42 18.33
CA VAL H 430 60.51 0.47 18.45
C VAL H 430 60.56 1.22 19.78
N SER H 431 60.65 0.48 20.89
CA SER H 431 60.63 1.10 22.22
C SER H 431 61.82 2.03 22.47
N LYS H 432 62.84 1.99 21.62
CA LYS H 432 64.02 2.83 21.84
C LYS H 432 63.77 4.27 21.39
N HIS H 433 63.12 4.46 20.25
CA HIS H 433 62.87 5.78 19.69
C HIS H 433 61.49 6.34 20.03
N LEU H 434 60.68 5.59 20.77
CA LEU H 434 59.28 5.97 20.99
C LEU H 434 58.95 6.13 22.48
N ASP H 435 59.10 5.08 23.28
CA ASP H 435 58.65 5.10 24.67
C ASP H 435 59.16 6.32 25.44
N ALA H 436 60.31 6.87 25.04
CA ALA H 436 60.78 8.11 25.65
C ALA H 436 59.83 9.27 25.34
N LEU H 437 59.35 9.34 24.10
CA LEU H 437 58.44 10.43 23.72
C LEU H 437 57.03 10.16 24.19
N VAL H 438 56.54 8.93 24.02
CA VAL H 438 55.15 8.62 24.31
C VAL H 438 54.84 8.80 25.80
N ALA H 439 55.81 8.54 26.67
CA ALA H 439 55.57 8.67 28.11
C ALA H 439 55.28 10.11 28.50
N ASP H 440 55.87 11.08 27.79
CA ASP H 440 55.65 12.49 28.08
C ASP H 440 54.52 12.99 27.18
N GLU H 441 53.38 13.33 27.79
CA GLU H 441 52.22 13.76 27.02
C GLU H 441 52.35 15.19 26.53
N ASP H 442 53.09 16.04 27.26
CA ASP H 442 53.32 17.41 26.80
C ASP H 442 54.12 17.41 25.50
N LEU H 443 55.13 16.55 25.41
CA LEU H 443 55.89 16.40 24.18
C LEU H 443 55.16 15.57 23.13
N SER H 444 54.21 14.73 23.56
CA SER H 444 53.45 13.91 22.62
C SER H 444 52.56 14.76 21.72
N ARG H 445 52.13 15.93 22.20
CA ARG H 445 51.26 16.78 21.40
C ARG H 445 52.03 17.50 20.29
N PHE H 446 53.20 18.02 20.61
CA PHE H 446 54.00 18.72 19.59
C PHE H 446 54.61 17.73 18.60
N ILE H 447 55.32 16.71 19.11
CA ILE H 447 56.13 15.85 18.25
C ILE H 447 55.29 14.77 17.57
N LEU H 448 54.31 14.21 18.28
CA LEU H 448 53.49 13.15 17.70
C LEU H 448 52.08 13.64 17.38
N HIS I 5 65.54 19.21 -13.65
CA HIS I 5 64.52 18.22 -13.33
C HIS I 5 64.41 18.06 -11.81
N HIS I 6 64.61 16.84 -11.32
CA HIS I 6 64.59 16.55 -9.89
C HIS I 6 66.03 16.26 -9.46
N SER I 7 66.55 17.11 -8.57
CA SER I 7 67.95 16.99 -8.16
C SER I 7 68.18 15.69 -7.40
N GLU I 8 69.31 15.05 -7.67
CA GLU I 8 69.64 13.75 -7.10
C GLU I 8 70.45 13.84 -5.82
N MSE I 9 70.67 15.04 -5.29
CA MSE I 9 71.50 15.22 -4.10
C MSE I 9 71.04 14.40 -2.91
O MSE I 9 69.84 14.18 -2.71
CB MSE I 9 71.56 16.70 -3.71
CG MSE I 9 72.55 17.54 -4.49
SE MSE I 9 72.41 19.43 -4.03
CE MSE I 9 70.60 19.75 -4.67
N THR I 10 72.00 13.94 -2.10
CA THR I 10 71.71 13.17 -0.90
C THR I 10 71.32 14.11 0.23
N PRO I 11 70.68 13.59 1.28
CA PRO I 11 70.35 14.46 2.42
C PRO I 11 71.55 15.19 3.01
N ARG I 12 72.73 14.56 3.02
CA ARG I 12 73.91 15.22 3.55
C ARG I 12 74.40 16.34 2.63
N GLU I 13 74.25 16.16 1.31
CA GLU I 13 74.64 17.22 0.38
C GLU I 13 73.67 18.39 0.44
N ILE I 14 72.40 18.12 0.75
CA ILE I 14 71.45 19.21 0.90
C ILE I 14 71.77 20.05 2.13
N VAL I 15 71.93 19.39 3.28
CA VAL I 15 72.23 20.12 4.52
C VAL I 15 73.54 20.88 4.40
N SER I 16 74.55 20.27 3.76
CA SER I 16 75.82 20.94 3.58
C SER I 16 75.70 22.18 2.70
N GLU I 17 74.79 22.15 1.72
CA GLU I 17 74.54 23.32 0.88
C GLU I 17 73.73 24.38 1.62
N LEU I 18 72.80 23.96 2.48
CA LEU I 18 72.02 24.92 3.24
C LEU I 18 72.87 25.66 4.27
N ASP I 19 73.95 25.03 4.75
CA ASP I 19 74.83 25.70 5.70
C ASP I 19 75.53 26.91 5.09
N LYS I 20 75.61 26.99 3.77
CA LYS I 20 76.16 28.17 3.12
C LYS I 20 75.28 29.40 3.31
N HIS I 21 74.02 29.22 3.66
CA HIS I 21 73.11 30.33 3.88
C HIS I 21 72.60 30.40 5.33
N ILE I 22 71.96 29.34 5.81
CA ILE I 22 71.41 29.31 7.16
C ILE I 22 72.48 28.84 8.13
N ILE I 23 72.49 29.43 9.32
CA ILE I 23 73.44 29.09 10.38
C ILE I 23 72.69 28.30 11.45
N GLY I 24 73.24 27.15 11.84
CA GLY I 24 72.64 26.36 12.88
C GLY I 24 71.32 25.71 12.46
N GLN I 25 70.53 25.37 13.47
CA GLN I 25 69.23 24.71 13.27
C GLN I 25 69.38 23.42 12.45
N ASP I 26 70.30 22.57 12.90
CA ASP I 26 70.61 21.35 12.15
C ASP I 26 69.42 20.41 12.08
N ASN I 27 68.61 20.34 13.13
CA ASN I 27 67.48 19.43 13.15
C ASN I 27 66.43 19.80 12.09
N ALA I 28 66.30 21.09 11.78
CA ALA I 28 65.35 21.51 10.75
C ALA I 28 65.88 21.22 9.35
N LYS I 29 67.18 21.44 9.12
CA LYS I 29 67.75 21.16 7.82
C LYS I 29 67.62 19.68 7.47
N ARG I 30 67.79 18.79 8.45
CA ARG I 30 67.63 17.37 8.19
C ARG I 30 66.19 17.02 7.82
N SER I 31 65.23 17.78 8.34
CA SER I 31 63.83 17.51 8.02
C SER I 31 63.53 17.86 6.57
N VAL I 32 64.00 19.03 6.11
CA VAL I 32 63.76 19.43 4.72
C VAL I 32 64.60 18.62 3.76
N ALA I 33 65.75 18.11 4.21
CA ALA I 33 66.57 17.28 3.33
C ALA I 33 65.89 15.95 3.05
N ILE I 34 65.25 15.36 4.05
CA ILE I 34 64.53 14.10 3.85
C ILE I 34 63.38 14.29 2.89
N ALA I 35 62.66 15.42 3.01
CA ALA I 35 61.49 15.64 2.16
C ALA I 35 61.88 15.87 0.71
N LEU I 36 63.01 16.54 0.47
CA LEU I 36 63.48 16.73 -0.90
C LEU I 36 64.10 15.45 -1.46
N ARG I 37 64.71 14.64 -0.60
CA ARG I 37 65.30 13.38 -1.06
C ARG I 37 64.22 12.39 -1.47
N ASN I 38 63.08 12.40 -0.78
CA ASN I 38 61.97 11.54 -1.14
C ASN I 38 61.38 11.89 -2.50
N ARG I 39 61.59 13.12 -2.98
CA ARG I 39 61.17 13.48 -4.32
C ARG I 39 61.89 12.63 -5.36
N TRP I 40 63.20 12.42 -5.17
CA TRP I 40 63.96 11.56 -6.08
C TRP I 40 63.69 10.08 -5.82
N ARG I 41 63.46 9.71 -4.56
CA ARG I 41 63.20 8.30 -4.23
C ARG I 41 61.91 7.81 -4.87
N ARG I 42 60.87 8.65 -4.90
CA ARG I 42 59.60 8.23 -5.48
C ARG I 42 59.72 8.01 -6.99
N MSE I 43 60.64 8.74 -7.64
CA MSE I 43 60.81 8.64 -9.08
C MSE I 43 61.30 7.27 -9.53
O MSE I 43 61.03 6.83 -10.65
CB MSE I 43 61.78 9.72 -9.57
CG MSE I 43 61.08 10.98 -10.06
SE MSE I 43 59.88 10.60 -11.56
CE MSE I 43 61.20 10.03 -12.87
N GLN I 44 62.04 6.59 -8.66
CA GLN I 44 62.61 5.29 -8.98
C GLN I 44 61.65 4.14 -8.70
N LEU I 45 60.42 4.43 -8.27
CA LEU I 45 59.47 3.39 -7.94
C LEU I 45 58.62 3.03 -9.16
N ASN I 46 57.73 2.05 -8.99
CA ASN I 46 56.86 1.62 -10.07
C ASN I 46 55.65 2.54 -10.18
N GLU I 47 54.77 2.25 -11.14
CA GLU I 47 53.66 3.16 -11.43
C GLU I 47 52.64 3.18 -10.29
N GLU I 48 52.43 2.04 -9.63
CA GLU I 48 51.43 2.00 -8.56
C GLU I 48 51.89 2.76 -7.32
N LEU I 49 53.17 2.64 -6.97
CA LEU I 49 53.68 3.28 -5.76
C LEU I 49 53.87 4.78 -5.91
N ARG I 50 53.96 5.30 -7.13
CA ARG I 50 54.17 6.73 -7.32
C ARG I 50 52.98 7.54 -6.84
N HIS I 51 51.76 7.09 -7.16
CA HIS I 51 50.56 7.81 -6.76
C HIS I 51 50.27 7.62 -5.28
N GLU I 52 50.45 6.39 -4.77
CA GLU I 52 50.12 6.11 -3.38
C GLU I 52 51.03 6.86 -2.42
N VAL I 53 52.27 7.13 -2.83
CA VAL I 53 53.21 7.86 -1.99
C VAL I 53 52.96 9.35 -2.15
N THR I 54 52.71 10.04 -1.04
CA THR I 54 52.47 11.46 -1.00
C THR I 54 53.61 12.15 -0.24
N PRO I 55 53.91 13.41 -0.56
CA PRO I 55 55.01 14.10 0.12
C PRO I 55 54.77 14.17 1.63
N LYS I 56 55.87 14.20 2.37
CA LYS I 56 55.82 14.31 3.82
C LYS I 56 55.91 15.79 4.16
N ASN I 57 54.82 16.37 4.62
CA ASN I 57 54.79 17.79 4.93
C ASN I 57 55.41 18.06 6.29
N ILE I 58 55.97 19.25 6.43
CA ILE I 58 56.80 19.60 7.58
C ILE I 58 56.13 20.71 8.37
N LEU I 59 56.10 20.54 9.69
CA LEU I 59 55.60 21.55 10.63
C LEU I 59 56.77 22.01 11.49
N MSE I 60 57.14 23.27 11.34
CA MSE I 60 58.25 23.83 12.11
C MSE I 60 57.75 24.55 13.38
O MSE I 60 56.78 25.29 13.33
CB MSE I 60 59.08 24.79 11.26
CG MSE I 60 59.72 24.14 10.04
SE MSE I 60 60.96 25.31 9.09
CE MSE I 60 61.50 24.11 7.65
N ILE I 61 58.43 24.31 14.49
CA ILE I 61 58.08 24.89 15.78
C ILE I 61 59.29 25.66 16.30
N GLY I 62 59.09 26.91 16.68
CA GLY I 62 60.15 27.71 17.25
C GLY I 62 59.83 29.19 17.27
N PRO I 63 60.63 29.96 18.01
CA PRO I 63 60.39 31.40 18.08
C PRO I 63 60.69 32.08 16.75
N THR I 64 60.23 33.32 16.65
CA THR I 64 60.38 34.06 15.39
C THR I 64 61.84 34.42 15.16
N GLY I 65 62.18 34.59 13.88
CA GLY I 65 63.49 35.06 13.49
C GLY I 65 64.62 34.06 13.63
N VAL I 66 64.31 32.77 13.73
CA VAL I 66 65.35 31.75 13.87
C VAL I 66 65.75 31.13 12.54
N GLY I 67 65.17 31.57 11.44
CA GLY I 67 65.52 31.07 10.12
C GLY I 67 64.58 30.06 9.51
N LYS I 68 63.36 29.90 10.05
CA LYS I 68 62.41 28.94 9.50
C LYS I 68 62.11 29.23 8.02
N THR I 69 61.91 30.51 7.69
CA THR I 69 61.56 30.86 6.31
C THR I 69 62.78 30.75 5.40
N GLU I 70 63.96 31.15 5.88
CA GLU I 70 65.16 31.09 5.06
C GLU I 70 65.49 29.65 4.66
N ILE I 71 65.18 28.68 5.53
CA ILE I 71 65.38 27.29 5.17
C ILE I 71 64.49 26.89 4.00
N ALA I 72 63.25 27.39 4.00
CA ALA I 72 62.33 27.08 2.92
C ALA I 72 62.71 27.81 1.63
N ARG I 73 63.14 29.07 1.73
CA ARG I 73 63.55 29.82 0.55
C ARG I 73 64.75 29.16 -0.12
N ARG I 74 65.80 28.90 0.66
CA ARG I 74 67.02 28.32 0.09
C ARG I 74 66.80 26.90 -0.39
N LEU I 75 65.83 26.19 0.19
CA LEU I 75 65.56 24.82 -0.25
C LEU I 75 64.99 24.81 -1.66
N ALA I 76 63.98 25.64 -1.93
CA ALA I 76 63.39 25.69 -3.25
C ALA I 76 64.38 26.25 -4.28
N LYS I 77 65.13 27.28 -3.89
CA LYS I 77 66.16 27.81 -4.78
C LYS I 77 67.23 26.77 -5.08
N LEU I 78 67.50 25.88 -4.11
CA LEU I 78 68.47 24.82 -4.33
C LEU I 78 67.91 23.76 -5.27
N ALA I 79 66.63 23.46 -5.17
CA ALA I 79 66.00 22.45 -6.00
C ALA I 79 65.42 23.01 -7.29
N ASN I 80 65.59 24.31 -7.55
CA ASN I 80 65.01 24.97 -8.72
C ASN I 80 63.52 24.68 -8.82
N ALA I 81 62.81 24.95 -7.73
CA ALA I 81 61.40 24.65 -7.59
C ALA I 81 60.59 25.93 -7.39
N PRO I 82 59.36 25.97 -7.87
CA PRO I 82 58.50 27.12 -7.59
C PRO I 82 58.22 27.22 -6.09
N PHE I 83 58.26 28.46 -5.60
CA PHE I 83 58.14 28.71 -4.17
C PHE I 83 57.23 29.91 -3.94
N ILE I 84 56.44 29.85 -2.88
CA ILE I 84 55.57 30.95 -2.50
C ILE I 84 55.40 30.92 -0.99
N LYS I 85 55.37 32.09 -0.37
CA LYS I 85 55.17 32.23 1.07
C LYS I 85 53.85 32.95 1.32
N VAL I 86 53.01 32.35 2.16
CA VAL I 86 51.70 32.91 2.50
C VAL I 86 51.52 32.90 4.01
N GLU I 87 50.84 33.91 4.52
CA GLU I 87 50.51 33.97 5.94
C GLU I 87 49.17 33.30 6.16
N ALA I 88 49.08 32.50 7.22
CA ALA I 88 47.84 31.77 7.50
C ALA I 88 46.70 32.71 7.88
N THR I 89 47.02 33.87 8.46
CA THR I 89 45.97 34.80 8.87
C THR I 89 45.40 35.61 7.72
N LYS I 90 45.98 35.51 6.52
CA LYS I 90 45.50 36.30 5.39
C LYS I 90 44.08 35.90 4.99
N PHE I 91 43.71 34.64 5.21
CA PHE I 91 42.41 34.14 4.82
C PHE I 91 41.36 34.26 5.94
N THR I 92 41.73 34.86 7.07
CA THR I 92 40.77 35.02 8.17
C THR I 92 39.61 35.90 7.75
N GLU I 93 39.88 36.96 6.99
CA GLU I 93 38.80 37.83 6.51
C GLU I 93 37.87 37.08 5.57
N VAL I 94 38.42 36.25 4.67
CA VAL I 94 37.70 35.37 3.75
C VAL I 94 36.71 36.15 2.89
N GLY I 95 36.97 37.45 2.70
CA GLY I 95 36.14 38.28 1.86
C GLY I 95 36.75 38.46 0.47
N TYR I 96 35.91 38.92 -0.45
CA TYR I 96 36.33 39.13 -1.84
C TYR I 96 35.25 39.88 -2.60
N LYS I 99 39.69 36.49 0.72
CA LYS I 99 40.37 35.90 -0.42
C LYS I 99 40.32 34.38 -0.34
N GLU I 100 40.05 33.74 -1.47
CA GLU I 100 39.95 32.28 -1.50
C GLU I 100 41.32 31.67 -1.24
N VAL I 101 41.32 30.53 -0.54
CA VAL I 101 42.57 29.83 -0.23
C VAL I 101 43.23 29.28 -1.49
N ASP I 102 42.44 29.05 -2.55
CA ASP I 102 42.98 28.57 -3.82
C ASP I 102 44.02 29.52 -4.41
N SER I 103 44.10 30.77 -3.91
CA SER I 103 45.02 31.75 -4.48
C SER I 103 46.48 31.37 -4.27
N ILE I 104 46.76 30.47 -3.32
CA ILE I 104 48.15 30.06 -3.08
C ILE I 104 48.72 29.35 -4.29
N ILE I 105 47.94 28.45 -4.90
CA ILE I 105 48.39 27.74 -6.09
C ILE I 105 48.40 28.67 -7.29
N ARG I 106 47.50 29.66 -7.31
CA ARG I 106 47.42 30.57 -8.45
C ARG I 106 48.70 31.39 -8.60
N ASP I 107 49.13 32.04 -7.52
CA ASP I 107 50.39 32.78 -7.56
C ASP I 107 51.59 31.85 -7.66
N LEU I 108 51.45 30.60 -7.25
CA LEU I 108 52.54 29.63 -7.41
C LEU I 108 52.74 29.27 -8.86
N THR I 109 51.64 29.12 -9.61
CA THR I 109 51.75 28.83 -11.04
C THR I 109 52.36 29.99 -11.80
N ASP I 110 51.97 31.22 -11.47
CA ASP I 110 52.55 32.39 -12.12
C ASP I 110 54.05 32.46 -11.88
N ALA I 111 54.50 32.08 -10.69
CA ALA I 111 55.94 32.03 -10.43
C ALA I 111 56.63 30.95 -11.23
N ALA I 112 55.92 29.86 -11.54
CA ALA I 112 56.49 28.80 -12.36
C ALA I 112 56.48 29.16 -13.84
N VAL I 113 55.49 29.93 -14.29
CA VAL I 113 55.45 30.34 -15.68
C VAL I 113 56.63 31.25 -16.01
N LYS I 114 56.89 32.24 -15.13
CA LYS I 114 58.04 33.12 -15.33
C LYS I 114 59.35 32.35 -15.22
N MSE I 115 59.36 31.28 -14.42
CA MSE I 115 60.57 30.50 -14.22
C MSE I 115 60.92 29.68 -15.47
O MSE I 115 62.07 29.64 -15.89
CB MSE I 115 60.40 29.57 -13.02
CG MSE I 115 61.65 28.84 -12.60
SE MSE I 115 61.31 27.64 -11.10
CE MSE I 115 60.21 26.32 -12.03
N VAL I 116 59.92 29.04 -16.06
CA VAL I 116 60.14 28.26 -17.27
C VAL I 116 60.18 29.14 -18.52
N ARG I 117 59.69 30.39 -18.43
CA ARG I 117 59.73 31.28 -19.58
C ARG I 117 61.15 31.75 -19.86
N VAL I 118 61.88 32.17 -18.81
CA VAL I 118 63.27 32.57 -18.98
C VAL I 118 64.11 31.39 -19.45
N GLN I 119 63.76 30.17 -19.05
CA GLN I 119 64.46 29.00 -19.56
C GLN I 119 64.16 28.77 -21.03
N ALA I 120 62.96 29.17 -21.49
CA ALA I 120 62.64 29.09 -22.90
C ALA I 120 63.21 30.24 -23.72
N ILE I 121 63.56 31.35 -23.08
CA ILE I 121 64.13 32.48 -23.82
C ILE I 121 65.59 32.19 -24.19
N GLU I 122 66.33 31.54 -23.29
CA GLU I 122 67.73 31.23 -23.58
C GLU I 122 67.86 30.28 -24.77
N LYS I 123 66.94 29.33 -24.90
CA LYS I 123 67.01 28.38 -26.01
C LYS I 123 66.56 29.04 -27.32
N ASN I 124 65.65 30.00 -27.25
CA ASN I 124 65.14 30.70 -28.41
C ASN I 124 66.00 31.88 -28.83
N ARG I 125 67.08 32.18 -28.11
CA ARG I 125 67.88 33.35 -28.42
C ARG I 125 68.61 33.18 -29.76
N TYR I 126 69.23 32.02 -29.98
CA TYR I 126 69.97 31.81 -31.22
C TYR I 126 69.05 31.69 -32.42
N ARG I 127 67.84 31.15 -32.24
CA ARG I 127 66.90 31.03 -33.35
C ARG I 127 66.21 32.36 -33.65
N ALA I 128 65.92 33.16 -32.61
CA ALA I 128 65.30 34.46 -32.84
C ALA I 128 66.29 35.45 -33.45
N GLU I 129 67.53 35.47 -32.95
CA GLU I 129 68.54 36.36 -33.51
C GLU I 129 68.84 36.02 -34.97
N GLU I 130 68.74 34.75 -35.34
CA GLU I 130 68.90 34.37 -36.74
C GLU I 130 67.75 34.89 -37.59
N LEU I 131 66.51 34.79 -37.08
CA LEU I 131 65.35 35.28 -37.82
C LEU I 131 65.18 36.79 -37.71
N ALA I 132 65.73 37.41 -36.67
CA ALA I 132 65.64 38.87 -36.55
C ALA I 132 66.52 39.56 -37.58
N GLU I 133 67.78 39.14 -37.67
CA GLU I 133 68.67 39.68 -38.70
C GLU I 133 68.29 39.20 -40.10
N GLU I 134 67.49 38.13 -40.19
CA GLU I 134 67.03 37.67 -41.49
C GLU I 134 66.05 38.66 -42.11
N ARG I 135 65.16 39.22 -41.29
CA ARG I 135 64.22 40.23 -41.76
C ARG I 135 64.89 41.57 -42.04
N ILE I 136 66.01 41.85 -41.37
CA ILE I 136 66.77 43.07 -41.66
C ILE I 136 67.40 43.00 -43.05
N LEU I 137 67.90 41.82 -43.43
CA LEU I 137 68.49 41.64 -44.75
C LEU I 137 67.49 41.81 -45.88
N ASP I 138 66.20 41.65 -45.61
CA ASP I 138 65.20 41.88 -46.65
C ASP I 138 65.01 43.37 -46.95
N VAL I 139 65.30 44.24 -45.99
CA VAL I 139 65.19 45.68 -46.23
C VAL I 139 66.42 46.19 -46.96
N LEU I 140 67.61 45.71 -46.58
CA LEU I 140 68.84 46.12 -47.26
C LEU I 140 68.87 45.63 -48.71
N ILE I 141 68.73 44.33 -48.92
CA ILE I 141 68.70 43.78 -50.27
C ILE I 141 67.33 43.14 -50.52
N PRO I 142 66.48 43.76 -51.34
CA PRO I 142 65.18 43.16 -51.65
C PRO I 142 65.37 41.91 -52.48
N PRO I 143 64.71 40.80 -52.10
CA PRO I 143 64.80 39.55 -52.85
C PRO I 143 63.84 39.52 -54.03
N GLU I 156 71.68 30.19 -52.87
CA GLU I 156 70.50 31.06 -52.81
C GLU I 156 70.79 32.47 -52.22
N PRO I 157 71.50 32.55 -51.09
CA PRO I 157 71.87 33.88 -50.58
C PRO I 157 72.75 34.68 -51.54
N SER I 158 73.47 34.01 -52.43
CA SER I 158 74.31 34.65 -53.46
C SER I 158 75.38 35.50 -52.77
N ALA I 159 75.56 36.77 -53.14
CA ALA I 159 76.65 37.60 -52.62
C ALA I 159 76.17 38.67 -51.66
N ALA I 160 75.32 39.59 -52.12
CA ALA I 160 74.94 40.74 -51.30
C ALA I 160 74.32 40.34 -49.97
N ARG I 161 73.54 39.26 -49.95
CA ARG I 161 72.93 38.82 -48.70
C ARG I 161 73.98 38.29 -47.73
N GLN I 162 74.96 37.55 -48.24
CA GLN I 162 76.04 37.05 -47.38
C GLN I 162 77.02 38.16 -47.00
N ALA I 163 77.09 39.23 -47.80
CA ALA I 163 77.98 40.34 -47.46
C ALA I 163 77.40 41.19 -46.34
N PHE I 164 76.11 41.54 -46.43
CA PHE I 164 75.47 42.31 -45.36
C PHE I 164 75.29 41.49 -44.09
N ARG I 165 75.27 40.16 -44.20
CA ARG I 165 75.17 39.34 -43.00
C ARG I 165 76.47 39.37 -42.19
N LYS I 166 77.62 39.32 -42.88
CA LYS I 166 78.90 39.37 -42.19
C LYS I 166 79.24 40.78 -41.71
N LYS I 167 78.72 41.81 -42.39
CA LYS I 167 78.95 43.18 -41.96
C LYS I 167 78.07 43.58 -40.77
N LEU I 168 76.93 42.91 -40.59
CA LEU I 168 76.04 43.24 -39.48
C LEU I 168 76.52 42.61 -38.18
N ARG I 169 77.04 41.39 -38.24
CA ARG I 169 77.52 40.71 -37.04
C ARG I 169 78.89 41.24 -36.60
N GLU I 170 79.81 41.41 -37.54
CA GLU I 170 81.16 41.84 -37.20
C GLU I 170 81.26 43.36 -37.03
N GLY I 171 80.50 44.13 -37.80
CA GLY I 171 80.63 45.57 -37.83
C GLY I 171 79.64 46.28 -36.92
N GLN I 172 79.94 47.56 -36.67
CA GLN I 172 79.09 48.46 -35.93
C GLN I 172 78.15 49.26 -36.83
N LEU I 173 77.87 48.76 -38.03
CA LEU I 173 77.05 49.46 -39.03
C LEU I 173 75.62 49.69 -38.59
N ASP I 174 75.21 49.22 -37.40
CA ASP I 174 73.83 49.34 -36.95
C ASP I 174 73.38 50.78 -36.76
N ASP I 175 74.30 51.74 -36.71
CA ASP I 175 73.92 53.14 -36.52
C ASP I 175 73.23 53.74 -37.73
N LYS I 176 73.18 53.05 -38.86
CA LYS I 176 72.52 53.56 -40.04
C LYS I 176 71.00 53.48 -39.88
N GLU I 177 70.31 54.48 -40.42
CA GLU I 177 68.86 54.55 -40.34
C GLU I 177 68.25 53.58 -41.35
N ILE I 178 67.43 52.65 -40.85
CA ILE I 178 66.75 51.66 -41.68
C ILE I 178 65.29 51.62 -41.26
N GLU I 179 64.39 51.59 -42.25
CA GLU I 179 62.95 51.58 -42.02
C GLU I 179 62.46 50.14 -42.13
N ILE I 180 61.94 49.61 -41.01
CA ILE I 180 61.43 48.25 -40.93
C ILE I 180 60.01 48.29 -40.40
N ASP I 181 59.18 47.33 -40.81
CA ASP I 181 57.80 47.25 -40.38
C ASP I 181 57.71 46.48 -39.07
N LEU I 182 56.96 47.02 -38.11
CA LEU I 182 56.80 46.40 -36.81
C LEU I 182 55.35 46.52 -36.35
N ALA I 183 54.96 45.62 -35.45
CA ALA I 183 53.57 45.51 -35.04
C ALA I 183 53.21 46.51 -33.95
N ALA I 184 51.97 46.98 -34.00
CA ALA I 184 51.41 47.86 -32.98
C ALA I 184 49.89 47.73 -33.03
N ALA I 185 49.24 48.16 -31.94
CA ALA I 185 47.79 48.04 -31.93
C ALA I 185 47.14 49.40 -31.69
N PRO I 186 46.05 49.69 -32.41
CA PRO I 186 45.39 51.00 -32.24
C PRO I 186 44.58 51.14 -30.97
N MSE I 187 44.22 50.03 -30.32
CA MSE I 187 43.19 50.01 -29.28
C MSE I 187 43.33 51.07 -28.18
O MSE I 187 42.57 52.04 -28.17
CB MSE I 187 43.07 48.60 -28.67
CG MSE I 187 42.70 47.52 -29.68
SE MSE I 187 41.01 47.89 -30.60
CE MSE I 187 40.94 46.36 -31.79
N VAL I 189 42.44 51.14 -25.06
CA VAL I 189 41.17 51.34 -24.38
C VAL I 189 41.29 50.91 -22.93
N GLU I 190 40.58 51.63 -22.06
CA GLU I 190 40.58 51.36 -20.62
C GLU I 190 39.16 50.99 -20.19
N ILE I 191 39.08 50.09 -19.21
CA ILE I 191 37.82 49.59 -18.69
C ILE I 191 37.79 49.84 -17.18
N MSE I 192 36.69 50.42 -16.70
CA MSE I 192 36.49 50.60 -15.27
C MSE I 192 35.96 49.33 -14.65
O MSE I 192 35.01 48.73 -15.17
CB MSE I 192 35.51 51.76 -15.02
CG MSE I 192 36.03 53.12 -15.43
SE MSE I 192 37.67 53.64 -14.52
CE MSE I 192 38.97 53.12 -15.88
N ALA I 193 36.55 48.90 -13.54
CA ALA I 193 36.15 47.66 -12.90
C ALA I 193 36.32 47.79 -11.40
N PRO I 194 35.49 47.10 -10.62
CA PRO I 194 35.71 47.05 -9.17
C PRO I 194 36.99 46.30 -8.84
N PRO I 195 37.51 46.44 -7.61
CA PRO I 195 38.80 45.80 -7.29
C PRO I 195 38.86 44.31 -7.53
N GLY I 196 37.73 43.61 -7.55
CA GLY I 196 37.75 42.18 -7.80
C GLY I 196 37.96 41.80 -9.25
N MSE I 197 37.65 42.70 -10.18
CA MSE I 197 37.77 42.41 -11.60
C MSE I 197 39.09 42.88 -12.18
O MSE I 197 39.30 42.83 -13.40
CB MSE I 197 36.61 43.08 -12.36
CG MSE I 197 35.23 42.86 -11.75
SE MSE I 197 34.76 40.98 -11.48
CE MSE I 197 34.32 41.06 -9.58
N GLU I 198 39.99 43.37 -11.31
CA GLU I 198 41.26 43.91 -11.78
C GLU I 198 42.05 42.89 -12.60
N GLU I 199 41.96 41.61 -12.25
CA GLU I 199 42.67 40.59 -13.02
C GLU I 199 41.93 40.24 -14.31
N MSE I 200 40.61 40.30 -14.30
CA MSE I 200 39.81 39.95 -15.47
C MSE I 200 39.95 40.95 -16.60
O MSE I 200 40.15 40.56 -17.76
CB MSE I 200 38.33 39.83 -15.08
CG MSE I 200 37.40 39.67 -16.27
SE MSE I 200 35.55 39.33 -15.73
CE MSE I 200 35.15 41.08 -14.98
N THR I 201 39.86 42.24 -16.28
CA THR I 201 39.94 43.27 -17.30
C THR I 201 41.29 43.26 -18.01
N SER I 202 42.35 42.84 -17.33
CA SER I 202 43.64 42.71 -17.98
C SER I 202 43.62 41.62 -19.06
N GLN I 203 42.80 40.59 -18.86
CA GLN I 203 42.68 39.54 -19.87
C GLN I 203 41.81 39.99 -21.05
N LEU I 204 40.74 40.74 -20.77
CA LEU I 204 39.87 41.22 -21.84
C LEU I 204 40.60 42.20 -22.74
N GLN I 205 41.44 43.06 -22.15
CA GLN I 205 42.20 44.02 -22.95
C GLN I 205 43.16 43.32 -23.90
N SER I 206 43.77 42.23 -23.46
CA SER I 206 44.68 41.49 -24.32
C SER I 206 43.96 40.80 -25.48
N MSE I 207 42.66 40.53 -25.33
CA MSE I 207 41.89 39.85 -26.36
C MSE I 207 41.48 40.77 -27.51
O MSE I 207 41.34 40.33 -28.64
CB MSE I 207 40.67 39.16 -25.75
CG MSE I 207 41.00 37.80 -25.15
SE MSE I 207 39.49 36.94 -24.27
CE MSE I 207 39.80 37.58 -22.46
N PHE I 208 41.28 42.06 -27.20
CA PHE I 208 40.99 43.02 -28.25
C PHE I 208 42.24 43.40 -29.03
N GLN I 209 43.42 43.37 -28.39
CA GLN I 209 44.66 43.62 -29.10
C GLN I 209 44.99 42.50 -30.07
N ASN I 210 44.62 41.26 -29.72
CA ASN I 210 44.85 40.12 -30.61
C ASN I 210 43.82 40.05 -31.72
N LEU I 211 42.59 40.51 -31.46
CA LEU I 211 41.53 40.46 -32.46
C LEU I 211 41.61 41.59 -33.47
N GLY I 212 42.29 42.70 -33.14
CA GLY I 212 42.26 43.86 -34.02
C GLY I 212 42.76 43.56 -35.42
N GLY I 213 43.93 42.96 -35.51
CA GLY I 213 44.46 42.60 -36.82
C GLY I 213 45.84 42.00 -36.66
N GLN I 214 46.24 41.28 -37.71
CA GLN I 214 47.56 40.68 -37.79
C GLN I 214 48.31 41.37 -38.92
N LYS I 215 49.30 42.18 -38.57
CA LYS I 215 50.07 42.99 -39.51
C LYS I 215 51.12 43.76 -38.73
N GLN I 216 51.99 44.46 -39.46
CA GLN I 216 53.04 45.27 -38.87
C GLN I 216 53.06 46.62 -39.56
N LYS I 217 53.15 47.69 -38.76
CA LYS I 217 53.16 49.04 -39.29
C LYS I 217 54.59 49.49 -39.58
N ALA I 218 54.77 50.15 -40.72
CA ALA I 218 56.09 50.61 -41.16
C ALA I 218 56.49 51.85 -40.38
N ARG I 219 57.71 51.84 -39.85
CA ARG I 219 58.25 52.98 -39.13
C ARG I 219 59.77 52.98 -39.26
N LYS I 220 60.35 54.18 -39.27
CA LYS I 220 61.79 54.32 -39.39
C LYS I 220 62.45 54.14 -38.04
N LEU I 221 63.56 53.41 -38.02
CA LEU I 221 64.28 53.09 -36.78
C LEU I 221 65.78 53.05 -37.07
N LYS I 222 66.53 52.61 -36.07
CA LYS I 222 67.96 52.35 -36.20
C LYS I 222 68.20 50.86 -35.99
N ILE I 223 69.14 50.30 -36.73
CA ILE I 223 69.41 48.86 -36.65
C ILE I 223 69.80 48.46 -35.24
N LYS I 224 70.43 49.37 -34.48
CA LYS I 224 70.79 49.06 -33.10
C LYS I 224 69.55 48.84 -32.25
N ASP I 225 68.56 49.74 -32.36
CA ASP I 225 67.32 49.61 -31.61
C ASP I 225 66.28 48.74 -32.31
N ALA I 226 66.43 48.50 -33.62
CA ALA I 226 65.49 47.63 -34.32
C ALA I 226 65.82 46.15 -34.11
N MSE I 227 67.12 45.83 -33.93
CA MSE I 227 67.48 44.44 -33.68
C MSE I 227 66.93 43.88 -32.37
O MSE I 227 66.36 42.77 -32.37
CB MSE I 227 69.01 44.31 -33.68
CG MSE I 227 69.57 43.00 -33.25
SE MSE I 227 69.28 41.76 -34.73
CE MSE I 227 70.58 42.44 -36.04
N LYS I 228 67.01 44.67 -31.30
CA LYS I 228 66.47 44.22 -30.02
C LYS I 228 64.94 44.16 -30.05
N LEU I 229 64.29 45.03 -30.81
CA LEU I 229 62.85 44.98 -30.94
C LEU I 229 62.39 43.86 -31.88
N LEU I 230 63.26 43.43 -32.80
CA LEU I 230 62.94 42.28 -33.65
C LEU I 230 63.14 40.96 -32.93
N ILE I 231 64.06 40.92 -31.96
CA ILE I 231 64.27 39.71 -31.17
C ILE I 231 63.04 39.40 -30.31
N GLU I 232 62.45 40.44 -29.71
CA GLU I 232 61.29 40.24 -28.85
C GLU I 232 60.10 39.70 -29.64
N GLU I 233 59.89 40.19 -30.86
CA GLU I 233 58.76 39.73 -31.66
C GLU I 233 58.96 38.30 -32.15
N GLU I 234 60.19 37.96 -32.55
CA GLU I 234 60.45 36.60 -33.03
C GLU I 234 60.44 35.60 -31.88
N ALA I 235 60.95 36.00 -30.71
CA ALA I 235 61.01 35.08 -29.58
C ALA I 235 59.61 34.64 -29.13
N ALA I 236 58.61 35.50 -29.29
CA ALA I 236 57.25 35.12 -28.94
C ALA I 236 56.70 34.09 -29.92
N LYS I 237 57.05 34.21 -31.20
CA LYS I 237 56.56 33.26 -32.19
C LYS I 237 57.24 31.91 -32.07
N LEU I 238 58.52 31.89 -31.67
CA LEU I 238 59.25 30.63 -31.60
C LEU I 238 58.70 29.72 -30.52
N VAL I 239 58.43 30.26 -29.34
CA VAL I 239 57.90 29.47 -28.23
C VAL I 239 56.40 29.32 -28.40
N ASN I 240 55.90 28.10 -28.24
CA ASN I 240 54.48 27.85 -28.35
C ASN I 240 53.80 28.18 -27.03
N PRO I 241 52.77 29.04 -27.03
CA PRO I 241 52.08 29.35 -25.77
C PRO I 241 51.45 28.13 -25.11
N GLU I 242 51.14 27.08 -25.87
CA GLU I 242 50.61 25.87 -25.26
C GLU I 242 51.70 25.02 -24.60
N GLU I 243 52.91 25.02 -25.18
CA GLU I 243 53.99 24.24 -24.59
C GLU I 243 54.57 24.92 -23.36
N LEU I 244 54.77 26.24 -23.43
CA LEU I 244 55.30 26.96 -22.27
C LEU I 244 54.31 26.97 -21.11
N LYS I 245 53.03 27.15 -21.42
CA LYS I 245 52.03 27.21 -20.36
C LYS I 245 51.86 25.86 -19.68
N GLN I 246 51.90 24.78 -20.45
CA GLN I 246 51.67 23.45 -19.89
C GLN I 246 52.89 22.92 -19.15
N ASP I 247 54.09 23.36 -19.54
CA ASP I 247 55.30 22.91 -18.84
C ASP I 247 55.37 23.46 -17.42
N ALA I 248 54.86 24.68 -17.20
CA ALA I 248 54.85 25.24 -15.86
C ALA I 248 53.91 24.45 -14.95
N ILE I 249 52.84 23.87 -15.50
CA ILE I 249 51.95 23.04 -14.70
C ILE I 249 52.70 21.83 -14.17
N ASP I 250 53.55 21.22 -15.01
CA ASP I 250 54.34 20.08 -14.57
C ASP I 250 55.33 20.45 -13.48
N ALA I 251 55.79 21.70 -13.49
CA ALA I 251 56.74 22.15 -12.46
C ALA I 251 56.04 22.35 -11.12
N VAL I 252 54.77 22.75 -11.13
CA VAL I 252 54.07 22.97 -9.87
C VAL I 252 53.63 21.66 -9.23
N GLU I 253 53.11 20.73 -10.04
CA GLU I 253 52.58 19.49 -9.48
C GLU I 253 53.69 18.66 -8.84
N GLN I 254 54.77 18.40 -9.58
CA GLN I 254 55.85 17.56 -9.08
C GLN I 254 56.77 18.30 -8.11
N HIS I 255 57.25 19.48 -8.50
CA HIS I 255 58.29 20.18 -7.76
C HIS I 255 57.76 21.27 -6.82
N GLY I 256 56.45 21.46 -6.74
CA GLY I 256 55.92 22.62 -6.03
C GLY I 256 56.17 22.56 -4.53
N ILE I 257 56.58 23.70 -3.96
CA ILE I 257 56.85 23.83 -2.53
C ILE I 257 56.14 25.08 -2.02
N VAL I 258 55.30 24.92 -1.00
CA VAL I 258 54.50 26.01 -0.44
C VAL I 258 54.80 26.13 1.05
N PHE I 259 55.04 27.36 1.49
CA PHE I 259 55.35 27.65 2.89
C PHE I 259 54.21 28.46 3.48
N ILE I 260 53.61 27.95 4.55
CA ILE I 260 52.50 28.61 5.24
C ILE I 260 53.03 29.12 6.58
N ASP I 261 53.18 30.43 6.70
CA ASP I 261 53.71 31.04 7.91
C ASP I 261 52.62 31.18 8.96
N GLU I 262 53.05 31.23 10.23
CA GLU I 262 52.21 31.50 11.40
C GLU I 262 50.91 30.68 11.40
N ILE I 263 51.05 29.38 11.10
CA ILE I 263 49.88 28.51 11.11
C ILE I 263 49.36 28.28 12.52
N ASP I 264 50.14 28.63 13.54
CA ASP I 264 49.69 28.47 14.92
C ASP I 264 48.59 29.46 15.30
N LYS I 265 48.46 30.55 14.55
CA LYS I 265 47.47 31.57 14.87
C LYS I 265 46.07 31.23 14.37
N ILE I 266 45.93 30.21 13.52
CA ILE I 266 44.60 29.77 13.09
C ILE I 266 44.07 28.61 13.93
N CYS I 267 44.80 28.21 14.97
CA CYS I 267 44.33 27.17 15.87
C CYS I 267 43.29 27.73 16.84
N LYS I 268 42.46 26.82 17.37
CA LYS I 268 41.41 27.20 18.31
C LYS I 268 42.00 27.72 19.63
N SER I 273 35.44 30.99 21.27
CA SER I 273 34.41 30.31 20.51
C SER I 273 34.05 31.09 19.24
N GLY I 274 33.90 32.41 19.38
CA GLY I 274 33.59 33.26 18.26
C GLY I 274 34.66 33.28 17.18
N PRO I 275 35.89 33.63 17.55
CA PRO I 275 36.99 33.56 16.58
C PRO I 275 37.37 32.13 16.20
N ASP I 276 37.13 31.15 17.08
CA ASP I 276 37.53 29.78 16.79
C ASP I 276 36.81 29.20 15.58
N VAL I 277 35.57 29.64 15.33
CA VAL I 277 34.83 29.16 14.17
C VAL I 277 35.45 29.70 12.88
N SER I 278 35.88 30.97 12.90
CA SER I 278 36.53 31.58 11.73
C SER I 278 37.99 31.16 11.59
N ARG I 279 38.68 30.89 12.71
CA ARG I 279 40.05 30.42 12.65
C ARG I 279 40.11 28.99 12.10
N GLU I 280 39.35 28.07 12.72
CA GLU I 280 39.32 26.70 12.23
C GLU I 280 38.71 26.60 10.84
N GLY I 281 37.89 27.58 10.43
CA GLY I 281 37.38 27.59 9.08
C GLY I 281 38.46 27.76 8.04
N VAL I 282 39.60 28.35 8.42
CA VAL I 282 40.73 28.45 7.50
C VAL I 282 41.39 27.10 7.30
N GLN I 283 41.50 26.31 8.38
CA GLN I 283 42.07 24.97 8.27
C GLN I 283 41.20 24.07 7.39
N ARG I 284 39.88 24.19 7.51
CA ARG I 284 38.98 23.42 6.67
C ARG I 284 39.11 23.82 5.20
N ASP I 285 39.39 25.09 4.92
CA ASP I 285 39.63 25.52 3.56
C ASP I 285 41.04 25.20 3.08
N LEU I 286 42.01 25.16 4.00
CA LEU I 286 43.34 24.69 3.64
C LEU I 286 43.40 23.18 3.48
N LEU I 287 42.43 22.46 4.07
CA LEU I 287 42.47 21.00 4.05
C LEU I 287 42.48 20.40 2.65
N PRO I 288 41.65 20.82 1.70
CA PRO I 288 41.71 20.22 0.36
C PRO I 288 43.03 20.46 -0.37
N LEU I 289 43.82 21.45 0.05
CA LEU I 289 45.11 21.66 -0.58
C LEU I 289 46.12 20.59 -0.17
N VAL I 290 46.22 20.31 1.13
CA VAL I 290 47.18 19.34 1.61
C VAL I 290 46.73 17.92 1.30
N GLU I 291 45.43 17.63 1.44
CA GLU I 291 44.92 16.33 1.03
C GLU I 291 44.96 16.13 -0.47
N GLY I 292 45.17 17.20 -1.23
CA GLY I 292 45.22 17.16 -2.68
C GLY I 292 43.87 17.45 -3.29
N CYS I 293 43.87 18.15 -4.41
CA CYS I 293 42.65 18.59 -5.08
C CYS I 293 43.05 19.16 -6.43
N THR I 294 42.06 19.66 -7.16
CA THR I 294 42.27 20.30 -8.44
C THR I 294 41.94 21.78 -8.31
N VAL I 295 42.89 22.63 -8.66
CA VAL I 295 42.73 24.07 -8.56
C VAL I 295 42.84 24.67 -9.96
N SER I 296 41.91 25.54 -10.31
CA SER I 296 41.88 26.18 -11.61
C SER I 296 42.73 27.45 -11.60
N THR I 297 43.62 27.57 -12.58
CA THR I 297 44.44 28.77 -12.75
C THR I 297 44.28 29.26 -14.18
N LYS I 298 44.70 30.50 -14.42
CA LYS I 298 44.61 31.06 -15.77
C LYS I 298 45.50 30.32 -16.76
N HIS I 299 46.55 29.67 -16.28
CA HIS I 299 47.43 28.90 -17.15
C HIS I 299 46.96 27.48 -17.39
N GLY I 300 46.01 26.99 -16.60
CA GLY I 300 45.48 25.65 -16.82
C GLY I 300 45.10 25.02 -15.50
N MSE I 301 44.91 23.70 -15.55
CA MSE I 301 44.49 22.93 -14.39
C MSE I 301 45.70 22.40 -13.63
O MSE I 301 46.61 21.81 -14.23
CB MSE I 301 43.59 21.77 -14.84
CG MSE I 301 42.37 21.55 -13.97
SE MSE I 301 41.01 22.95 -14.10
CE MSE I 301 40.70 22.89 -16.04
N VAL I 302 45.72 22.60 -12.31
CA VAL I 302 46.83 22.19 -11.46
C VAL I 302 46.29 21.29 -10.35
N LYS I 303 46.99 20.19 -10.09
CA LYS I 303 46.63 19.24 -9.03
C LYS I 303 47.63 19.37 -7.90
N THR I 304 47.12 19.49 -6.67
CA THR I 304 47.94 19.80 -5.50
C THR I 304 48.38 18.57 -4.73
N ASP I 305 48.09 17.36 -5.23
CA ASP I 305 48.38 16.15 -4.48
C ASP I 305 49.83 16.06 -4.07
N HIS I 306 50.75 16.25 -5.03
CA HIS I 306 52.17 16.03 -4.81
C HIS I 306 52.94 17.28 -4.42
N ILE I 307 52.27 18.42 -4.24
CA ILE I 307 52.96 19.63 -3.79
C ILE I 307 53.38 19.47 -2.34
N LEU I 308 54.59 19.93 -2.02
CA LEU I 308 55.13 19.85 -0.67
C LEU I 308 54.75 21.10 0.11
N PHE I 309 54.26 20.91 1.33
CA PHE I 309 53.84 22.00 2.20
C PHE I 309 54.73 22.05 3.43
N ILE I 310 55.08 23.26 3.84
CA ILE I 310 55.89 23.50 5.03
C ILE I 310 55.19 24.57 5.86
N ALA I 311 54.82 24.23 7.10
CA ALA I 311 54.16 25.15 8.01
C ALA I 311 55.10 25.47 9.18
N SER I 312 54.94 26.67 9.74
CA SER I 312 55.76 27.12 10.85
C SER I 312 54.91 27.91 11.82
N GLY I 313 55.31 27.91 13.09
CA GLY I 313 54.62 28.70 14.09
C GLY I 313 55.36 28.65 15.41
N ALA I 314 55.11 29.67 16.23
CA ALA I 314 55.75 29.71 17.55
C ALA I 314 55.11 28.72 18.50
N PHE I 315 53.79 28.53 18.39
CA PHE I 315 53.04 27.60 19.24
C PHE I 315 53.19 27.90 20.73
N GLN I 316 53.30 29.18 21.07
CA GLN I 316 53.27 29.59 22.47
C GLN I 316 51.85 29.65 22.99
N ILE I 317 50.93 30.17 22.19
CA ILE I 317 49.54 30.26 22.59
C ILE I 317 48.83 28.91 22.46
N ALA I 318 49.03 28.24 21.33
CA ALA I 318 48.39 26.96 21.04
C ALA I 318 49.45 25.88 20.83
N LYS I 319 49.00 24.67 20.55
CA LYS I 319 49.84 23.51 20.34
C LYS I 319 49.46 22.85 19.03
N PRO I 320 50.33 22.02 18.46
CA PRO I 320 49.97 21.30 17.23
C PRO I 320 48.81 20.34 17.43
N SER I 321 48.59 19.86 18.65
CA SER I 321 47.43 19.01 18.93
C SER I 321 46.12 19.76 18.81
N ASP I 322 46.15 21.10 18.88
CA ASP I 322 44.93 21.89 18.77
C ASP I 322 44.44 22.01 17.33
N LEU I 323 45.24 21.60 16.35
CA LEU I 323 44.80 21.59 14.97
C LEU I 323 43.71 20.54 14.77
N ILE I 324 42.94 20.71 13.70
CA ILE I 324 41.88 19.75 13.37
C ILE I 324 42.53 18.41 13.08
N PRO I 325 41.88 17.29 13.39
CA PRO I 325 42.54 15.98 13.24
C PRO I 325 42.95 15.67 11.81
N GLU I 326 42.23 16.16 10.81
CA GLU I 326 42.57 15.86 9.43
C GLU I 326 43.83 16.58 8.99
N LEU I 327 44.14 17.73 9.60
CA LEU I 327 45.35 18.46 9.25
C LEU I 327 46.59 17.88 9.92
N GLN I 328 46.45 17.34 11.14
CA GLN I 328 47.60 16.75 11.82
C GLN I 328 48.13 15.54 11.05
N GLY I 329 47.23 14.73 10.49
CA GLY I 329 47.64 13.59 9.70
C GLY I 329 48.37 13.95 8.42
N ARG I 330 48.18 15.18 7.93
CA ARG I 330 48.85 15.64 6.72
C ARG I 330 50.14 16.41 7.00
N LEU I 331 50.54 16.53 8.27
CA LEU I 331 51.81 17.15 8.66
C LEU I 331 52.59 16.16 9.52
N PRO I 332 53.09 15.08 8.91
CA PRO I 332 53.73 14.02 9.72
C PRO I 332 55.06 14.42 10.34
N ILE I 333 55.86 15.23 9.65
CA ILE I 333 57.19 15.58 10.11
C ILE I 333 57.10 16.77 11.06
N ARG I 334 57.68 16.63 12.26
CA ARG I 334 57.66 17.68 13.28
C ARG I 334 59.09 17.95 13.73
N VAL I 335 59.46 19.22 13.78
CA VAL I 335 60.80 19.63 14.20
C VAL I 335 60.71 20.92 15.01
N GLU I 336 61.40 20.96 16.14
CA GLU I 336 61.50 22.16 16.96
C GLU I 336 62.82 22.86 16.65
N LEU I 337 62.77 24.17 16.47
CA LEU I 337 63.95 24.98 16.19
C LEU I 337 64.34 25.76 17.45
N GLN I 338 65.61 25.71 17.80
CA GLN I 338 66.10 26.36 18.99
C GLN I 338 66.30 27.86 18.75
N ALA I 339 66.24 28.64 19.83
CA ALA I 339 66.42 30.08 19.72
C ALA I 339 67.89 30.41 19.50
N LEU I 340 68.14 31.45 18.71
CA LEU I 340 69.50 31.86 18.39
C LEU I 340 70.16 32.49 19.62
N THR I 341 71.47 32.38 19.68
CA THR I 341 72.27 32.92 20.78
C THR I 341 73.23 33.99 20.25
N THR I 342 74.04 34.54 21.16
CA THR I 342 75.00 35.56 20.78
C THR I 342 76.04 35.00 19.81
N SER I 343 76.49 33.76 20.03
CA SER I 343 77.46 33.16 19.14
C SER I 343 76.89 33.00 17.73
N ASP I 344 75.59 32.77 17.61
CA ASP I 344 74.98 32.63 16.29
C ASP I 344 74.93 33.98 15.57
N PHE I 345 74.69 35.07 16.31
CA PHE I 345 74.63 36.38 15.67
C PHE I 345 75.98 36.78 15.08
N GLU I 346 77.08 36.39 15.73
CA GLU I 346 78.40 36.65 15.17
C GLU I 346 78.58 35.94 13.84
N ARG I 347 78.03 34.74 13.70
CA ARG I 347 78.20 33.97 12.48
C ARG I 347 77.34 34.50 11.34
N ILE I 348 76.12 34.97 11.65
CA ILE I 348 75.22 35.46 10.61
C ILE I 348 75.77 36.70 9.94
N LEU I 349 76.56 37.50 10.67
CA LEU I 349 77.12 38.73 10.10
C LEU I 349 78.21 38.45 9.07
N THR I 350 78.82 37.26 9.11
CA THR I 350 79.97 36.97 8.24
C THR I 350 79.74 35.73 7.38
N GLU I 351 79.55 34.56 7.99
CA GLU I 351 79.55 33.28 7.26
C GLU I 351 78.60 33.22 6.06
N PRO I 352 77.31 33.55 6.17
CA PRO I 352 76.41 33.34 5.04
C PRO I 352 76.86 34.15 3.82
N ASN I 353 76.64 33.57 2.65
CA ASN I 353 76.96 34.27 1.40
C ASN I 353 76.05 35.46 1.25
N ALA I 354 76.62 36.60 0.85
CA ALA I 354 75.90 37.86 0.71
C ALA I 354 75.29 38.31 2.04
N SER I 355 76.05 38.16 3.12
CA SER I 355 75.61 38.59 4.44
C SER I 355 75.52 40.11 4.50
N ILE I 356 74.79 40.60 5.50
CA ILE I 356 74.50 42.03 5.60
C ILE I 356 75.77 42.85 5.72
N THR I 357 76.81 42.31 6.38
CA THR I 357 78.06 43.06 6.51
C THR I 357 78.84 43.07 5.19
N VAL I 358 78.76 41.99 4.42
CA VAL I 358 79.39 41.96 3.11
C VAL I 358 78.63 42.85 2.13
N GLN I 359 77.30 42.88 2.25
CA GLN I 359 76.51 43.76 1.39
C GLN I 359 76.80 45.23 1.68
N TYR I 360 76.93 45.58 2.96
CA TYR I 360 77.31 46.95 3.31
C TYR I 360 78.74 47.25 2.88
N LYS I 361 79.59 46.23 2.80
CA LYS I 361 80.95 46.44 2.31
C LYS I 361 80.96 46.81 0.83
N ALA I 362 80.11 46.16 0.03
CA ALA I 362 80.05 46.47 -1.39
C ALA I 362 79.26 47.74 -1.69
N LEU I 363 78.26 48.06 -0.87
CA LEU I 363 77.49 49.29 -1.10
C LEU I 363 78.36 50.53 -0.86
N MSE I 364 79.19 50.51 0.18
CA MSE I 364 80.09 51.62 0.44
C MSE I 364 81.24 51.61 -0.56
O MSE I 364 81.89 52.64 -0.79
CB MSE I 364 80.64 51.56 1.87
CG MSE I 364 79.58 51.66 2.95
SE MSE I 364 78.36 53.17 2.73
CE MSE I 364 76.79 52.20 2.07
N ALA I 365 81.50 50.45 -1.15
CA ALA I 365 82.50 50.37 -2.21
C ALA I 365 82.04 51.06 -3.48
N THR I 366 80.73 51.21 -3.68
CA THR I 366 80.23 51.93 -4.85
C THR I 366 80.66 53.40 -4.79
N GLU I 367 80.68 53.98 -3.60
CA GLU I 367 81.15 55.35 -3.42
C GLU I 367 82.67 55.45 -3.34
N GLY I 368 83.38 54.32 -3.32
CA GLY I 368 84.82 54.31 -3.20
C GLY I 368 85.36 54.17 -1.80
N VAL I 369 84.57 53.69 -0.84
CA VAL I 369 84.98 53.53 0.55
C VAL I 369 85.12 52.04 0.84
N ASN I 370 86.21 51.67 1.49
CA ASN I 370 86.48 50.29 1.88
C ASN I 370 86.18 50.13 3.36
N ILE I 371 85.21 49.27 3.68
CA ILE I 371 84.80 49.00 5.06
C ILE I 371 85.41 47.70 5.51
N GLU I 372 85.94 47.68 6.73
CA GLU I 372 86.52 46.47 7.32
C GLU I 372 86.01 46.31 8.74
N PHE I 373 85.47 45.14 9.04
CA PHE I 373 84.90 44.84 10.35
C PHE I 373 85.88 43.98 11.13
N THR I 374 86.29 44.46 12.29
CA THR I 374 87.16 43.70 13.18
C THR I 374 86.36 42.60 13.89
N ASP I 375 87.08 41.58 14.37
CA ASP I 375 86.44 40.50 15.10
C ASP I 375 85.83 40.99 16.40
N SER I 376 86.49 41.93 17.07
CA SER I 376 85.95 42.49 18.30
C SER I 376 84.76 43.40 18.03
N GLY I 377 84.76 44.08 16.88
CA GLY I 377 83.62 44.92 16.53
C GLY I 377 82.39 44.09 16.15
N ILE I 378 82.61 42.98 15.45
CA ILE I 378 81.51 42.08 15.13
C ILE I 378 80.94 41.44 16.39
N LYS I 379 81.82 41.15 17.36
CA LYS I 379 81.36 40.51 18.58
C LYS I 379 80.48 41.44 19.42
N ARG I 380 80.83 42.73 19.47
CA ARG I 380 80.02 43.67 20.24
C ARG I 380 78.70 44.00 19.53
N ILE I 381 78.67 43.91 18.20
CA ILE I 381 77.42 44.07 17.47
C ILE I 381 76.44 42.98 17.84
N ALA I 382 76.91 41.73 17.88
CA ALA I 382 76.06 40.61 18.26
C ALA I 382 75.57 40.76 19.70
N GLU I 383 76.44 41.20 20.61
CA GLU I 383 76.02 41.42 21.99
C GLU I 383 75.05 42.59 22.10
N ALA I 384 75.16 43.57 21.19
CA ALA I 384 74.21 44.69 21.21
C ALA I 384 72.84 44.24 20.71
N ALA I 385 72.80 43.41 19.67
CA ALA I 385 71.52 42.90 19.18
C ALA I 385 70.86 41.97 20.18
N TRP I 386 71.65 41.20 20.92
CA TRP I 386 71.08 40.34 21.96
C TRP I 386 70.54 41.17 23.11
N GLN I 387 71.24 42.24 23.49
CA GLN I 387 70.81 43.05 24.62
C GLN I 387 69.48 43.72 24.35
N VAL I 388 69.27 44.18 23.11
CA VAL I 388 67.98 44.79 22.75
C VAL I 388 66.87 43.75 22.76
N ASN I 389 67.14 42.56 22.22
CA ASN I 389 66.15 41.48 22.29
C ASN I 389 65.88 41.07 23.73
N GLU I 390 66.86 41.22 24.61
CA GLU I 390 66.67 40.86 26.01
C GLU I 390 66.02 41.98 26.80
N SER I 391 66.38 43.23 26.51
CA SER I 391 65.85 44.36 27.28
C SER I 391 64.39 44.63 26.96
N THR I 392 63.95 44.37 25.73
CA THR I 392 62.58 44.68 25.32
C THR I 392 61.87 43.46 24.74
N GLU I 393 61.88 43.34 23.42
CA GLU I 393 61.22 42.24 22.72
C GLU I 393 62.22 41.53 21.83
N ASN I 394 62.13 40.20 21.80
CA ASN I 394 63.02 39.37 21.00
C ASN I 394 62.40 39.20 19.62
N ILE I 395 63.01 39.83 18.60
CA ILE I 395 62.57 39.69 17.22
C ILE I 395 63.47 38.76 16.42
N GLY I 396 64.42 38.09 17.07
CA GLY I 396 65.29 37.15 16.38
C GLY I 396 66.46 37.83 15.71
N ALA I 397 66.98 37.17 14.67
CA ALA I 397 68.12 37.70 13.93
C ALA I 397 67.80 38.96 13.15
N ARG I 398 66.52 39.35 13.07
CA ARG I 398 66.16 40.61 12.42
C ARG I 398 66.72 41.81 13.15
N ARG I 399 67.07 41.66 14.43
CA ARG I 399 67.64 42.79 15.18
C ARG I 399 68.98 43.23 14.60
N LEU I 400 69.69 42.32 13.94
CA LEU I 400 70.99 42.67 13.35
C LEU I 400 70.84 43.74 12.26
N HIS I 401 69.67 43.80 11.62
CA HIS I 401 69.48 44.78 10.55
C HIS I 401 69.36 46.20 11.12
N THR I 402 68.59 46.36 12.20
CA THR I 402 68.42 47.69 12.79
C THR I 402 69.68 48.13 13.51
N VAL I 403 70.35 47.22 14.20
CA VAL I 403 71.56 47.58 14.93
C VAL I 403 72.67 48.00 13.97
N LEU I 404 72.82 47.29 12.86
CA LEU I 404 73.83 47.67 11.87
C LEU I 404 73.50 49.01 11.23
N GLU I 405 72.24 49.22 10.85
CA GLU I 405 71.88 50.45 10.14
C GLU I 405 72.06 51.67 11.03
N ARG I 406 71.75 51.54 12.32
CA ARG I 406 71.97 52.64 13.26
C ARG I 406 73.45 52.93 13.43
N LEU I 407 74.28 51.88 13.43
CA LEU I 407 75.73 52.07 13.52
C LEU I 407 76.28 52.68 12.24
N MSE I 408 75.73 52.30 11.08
CA MSE I 408 76.28 52.70 9.80
C MSE I 408 75.64 53.95 9.21
O MSE I 408 76.02 54.38 8.11
CB MSE I 408 76.15 51.55 8.79
CG MSE I 408 76.92 50.29 9.15
SE MSE I 408 78.85 50.43 8.90
CE MSE I 408 79.37 51.05 10.67
N GLU I 409 74.69 54.55 9.92
CA GLU I 409 73.93 55.66 9.34
C GLU I 409 74.80 56.89 9.14
N GLU I 410 75.78 57.12 10.02
CA GLU I 410 76.67 58.27 9.84
C GLU I 410 77.64 58.05 8.69
N ILE I 411 78.10 56.81 8.52
CA ILE I 411 79.04 56.52 7.43
C ILE I 411 78.33 56.53 6.08
N SER I 412 77.09 56.04 6.04
CA SER I 412 76.37 55.97 4.77
C SER I 412 76.07 57.36 4.21
N TYR I 413 75.92 58.35 5.09
CA TYR I 413 75.65 59.71 4.61
C TYR I 413 76.92 60.39 4.09
N ASP I 414 78.06 60.13 4.73
CA ASP I 414 79.33 60.73 4.34
C ASP I 414 80.10 59.88 3.34
N ALA I 415 79.53 58.77 2.87
CA ALA I 415 80.27 57.87 1.98
C ALA I 415 80.70 58.55 0.70
N SER I 416 80.01 59.61 0.28
CA SER I 416 80.38 60.30 -0.94
C SER I 416 81.65 61.12 -0.76
N ASP I 417 81.79 61.78 0.39
CA ASP I 417 82.98 62.57 0.68
C ASP I 417 84.14 61.74 1.23
N LEU I 418 83.88 60.51 1.64
CA LEU I 418 84.92 59.63 2.17
C LEU I 418 85.57 58.77 1.09
N SER I 419 85.24 59.01 -0.18
CA SER I 419 85.81 58.24 -1.28
C SER I 419 87.33 58.28 -1.24
N GLY I 420 87.94 57.10 -1.40
CA GLY I 420 89.38 56.98 -1.34
C GLY I 420 89.95 56.75 0.04
N GLN I 421 89.11 56.54 1.05
CA GLN I 421 89.55 56.34 2.42
C GLN I 421 89.17 54.94 2.89
N ASN I 422 89.91 54.44 3.86
CA ASN I 422 89.69 53.13 4.45
C ASN I 422 89.21 53.33 5.88
N ILE I 423 87.95 52.99 6.13
CA ILE I 423 87.34 53.12 7.45
C ILE I 423 87.34 51.75 8.12
N THR I 424 87.87 51.68 9.34
CA THR I 424 87.95 50.44 10.09
C THR I 424 86.95 50.51 11.24
N ILE I 425 86.06 49.51 11.31
CA ILE I 425 85.07 49.42 12.37
C ILE I 425 85.65 48.50 13.44
N ASP I 426 86.02 49.09 14.58
CA ASP I 426 86.60 48.35 15.70
C ASP I 426 85.58 48.21 16.82
N ALA I 427 86.01 47.60 17.93
CA ALA I 427 85.17 47.49 19.10
C ALA I 427 84.87 48.84 19.73
N ASP I 428 85.72 49.84 19.52
CA ASP I 428 85.47 51.16 20.07
C ASP I 428 84.44 51.92 19.25
N TYR I 429 84.46 51.76 17.93
CA TYR I 429 83.47 52.43 17.09
C TYR I 429 82.08 51.84 17.29
N VAL I 430 81.99 50.56 17.64
CA VAL I 430 80.69 49.94 17.90
C VAL I 430 80.08 50.51 19.18
N SER I 431 80.88 50.61 20.25
CA SER I 431 80.37 51.09 21.53
C SER I 431 80.06 52.58 21.51
N LYS I 432 80.55 53.33 20.52
CA LYS I 432 80.31 54.77 20.48
C LYS I 432 78.90 55.08 19.99
N HIS I 433 78.46 54.44 18.91
CA HIS I 433 77.18 54.73 18.29
C HIS I 433 76.06 53.82 18.79
N LEU I 434 76.37 52.86 19.66
CA LEU I 434 75.38 51.86 20.08
C LEU I 434 75.16 51.87 21.59
N ASP I 435 76.21 51.60 22.39
CA ASP I 435 76.05 51.44 23.83
C ASP I 435 75.29 52.59 24.47
N ALA I 436 75.42 53.80 23.91
CA ALA I 436 74.63 54.92 24.42
C ALA I 436 73.14 54.70 24.18
N LEU I 437 72.79 54.19 22.99
CA LEU I 437 71.38 53.96 22.67
C LEU I 437 70.85 52.66 23.30
N VAL I 438 71.69 51.63 23.35
CA VAL I 438 71.24 50.34 23.87
C VAL I 438 70.99 50.41 25.37
N ALA I 439 71.73 51.27 26.08
CA ALA I 439 71.57 51.39 27.53
C ALA I 439 70.19 51.90 27.90
N ASP I 440 69.57 52.72 27.05
CA ASP I 440 68.25 53.28 27.30
C ASP I 440 67.21 52.39 26.63
N GLU I 441 66.35 51.76 27.44
CA GLU I 441 65.38 50.83 26.89
C GLU I 441 64.18 51.53 26.26
N ASP I 442 63.80 52.70 26.78
CA ASP I 442 62.68 53.44 26.20
C ASP I 442 62.98 53.87 24.78
N LEU I 443 64.19 54.35 24.52
CA LEU I 443 64.58 54.74 23.17
C LEU I 443 64.91 53.54 22.29
N SER I 444 65.29 52.41 22.89
CA SER I 444 65.64 51.23 22.11
C SER I 444 64.46 50.68 21.33
N ARG I 445 63.25 50.91 21.82
CA ARG I 445 62.07 50.42 21.11
C ARG I 445 61.81 51.22 19.83
N PHE I 446 61.99 52.53 19.89
CA PHE I 446 61.74 53.37 18.72
C PHE I 446 62.89 53.30 17.72
N ILE I 447 64.12 53.44 18.20
CA ILE I 447 65.27 53.58 17.31
C ILE I 447 65.76 52.21 16.81
N LEU I 448 65.77 51.21 17.68
CA LEU I 448 66.28 49.90 17.30
C LEU I 448 65.18 48.85 17.17
N HIS J 5 68.71 57.58 -17.40
CA HIS J 5 68.27 56.44 -16.60
C HIS J 5 67.78 56.91 -15.22
N HIS J 6 68.52 56.54 -14.18
CA HIS J 6 68.23 56.98 -12.82
C HIS J 6 69.34 57.93 -12.38
N SER J 7 68.95 59.11 -11.90
CA SER J 7 69.93 60.14 -11.56
C SER J 7 70.74 59.73 -10.34
N GLU J 8 72.05 60.01 -10.38
CA GLU J 8 72.94 59.74 -9.27
C GLU J 8 73.21 61.04 -8.52
N MSE J 9 72.77 61.10 -7.27
CA MSE J 9 73.03 62.26 -6.43
C MSE J 9 73.49 61.83 -5.04
O MSE J 9 72.90 60.92 -4.45
CB MSE J 9 71.79 63.15 -6.33
CG MSE J 9 71.47 63.91 -7.60
SE MSE J 9 70.16 65.34 -7.31
CE MSE J 9 70.03 65.98 -9.15
N THR J 10 74.53 62.47 -4.53
CA THR J 10 75.07 62.13 -3.23
C THR J 10 74.06 62.48 -2.14
N PRO J 11 74.16 61.83 -0.97
CA PRO J 11 73.22 62.15 0.12
C PRO J 11 73.22 63.61 0.52
N ARG J 12 74.35 64.30 0.40
CA ARG J 12 74.38 65.73 0.72
C ARG J 12 73.67 66.54 -0.35
N GLU J 13 73.75 66.12 -1.63
CA GLU J 13 73.02 66.82 -2.68
C GLU J 13 71.52 66.65 -2.54
N ILE J 14 71.08 65.52 -1.98
CA ILE J 14 69.66 65.31 -1.76
C ILE J 14 69.16 66.20 -0.63
N VAL J 15 69.90 66.24 0.48
CA VAL J 15 69.50 67.06 1.62
C VAL J 15 69.55 68.53 1.27
N SER J 16 70.55 68.94 0.49
CA SER J 16 70.67 70.35 0.10
C SER J 16 69.48 70.80 -0.74
N GLU J 17 68.95 69.91 -1.57
CA GLU J 17 67.77 70.24 -2.36
C GLU J 17 66.50 70.19 -1.51
N LEU J 18 66.44 69.31 -0.51
CA LEU J 18 65.29 69.27 0.39
C LEU J 18 65.23 70.51 1.27
N ASP J 19 66.37 71.12 1.58
CA ASP J 19 66.38 72.35 2.35
C ASP J 19 65.69 73.49 1.63
N LYS J 20 65.57 73.41 0.31
CA LYS J 20 64.88 74.44 -0.45
C LYS J 20 63.37 74.40 -0.23
N HIS J 21 62.85 73.32 0.34
CA HIS J 21 61.42 73.21 0.61
C HIS J 21 61.14 72.96 2.09
N ILE J 22 61.70 71.91 2.67
CA ILE J 22 61.47 71.61 4.09
C ILE J 22 62.46 72.41 4.93
N ILE J 23 61.99 72.89 6.08
CA ILE J 23 62.82 73.66 7.01
C ILE J 23 63.11 72.77 8.21
N GLY J 24 64.39 72.60 8.52
CA GLY J 24 64.77 71.78 9.65
C GLY J 24 64.54 70.30 9.39
N GLN J 25 64.39 69.56 10.49
CA GLN J 25 64.21 68.11 10.44
C GLN J 25 65.35 67.43 9.70
N ASP J 26 66.58 67.86 10.02
CA ASP J 26 67.74 67.35 9.30
C ASP J 26 67.95 65.86 9.50
N ASN J 27 67.50 65.32 10.64
CA ASN J 27 67.63 63.89 10.88
C ASN J 27 66.81 63.07 9.89
N ALA J 28 65.65 63.59 9.46
CA ALA J 28 64.84 62.87 8.49
C ALA J 28 65.38 63.01 7.07
N LYS J 29 65.97 64.16 6.75
CA LYS J 29 66.55 64.34 5.43
C LYS J 29 67.73 63.40 5.22
N ARG J 30 68.54 63.18 6.26
CA ARG J 30 69.67 62.27 6.14
C ARG J 30 69.21 60.82 6.01
N SER J 31 68.06 60.47 6.59
CA SER J 31 67.55 59.11 6.44
C SER J 31 67.04 58.86 5.03
N VAL J 32 66.29 59.81 4.47
CA VAL J 32 65.76 59.63 3.12
C VAL J 32 66.87 59.71 2.08
N ALA J 33 67.94 60.47 2.37
CA ALA J 33 69.05 60.55 1.44
C ALA J 33 69.78 59.22 1.32
N ILE J 34 69.89 58.49 2.43
CA ILE J 34 70.51 57.17 2.39
C ILE J 34 69.71 56.22 1.53
N ALA J 35 68.38 56.26 1.64
CA ALA J 35 67.54 55.33 0.89
C ALA J 35 67.60 55.60 -0.60
N LEU J 36 67.55 56.87 -1.01
CA LEU J 36 67.58 57.18 -2.43
C LEU J 36 68.95 56.93 -3.03
N ARG J 37 70.02 57.17 -2.26
CA ARG J 37 71.36 56.89 -2.77
C ARG J 37 71.58 55.38 -2.96
N ASN J 38 70.94 54.56 -2.13
CA ASN J 38 71.04 53.11 -2.30
C ASN J 38 70.39 52.63 -3.60
N ARG J 39 69.49 53.44 -4.19
CA ARG J 39 68.92 53.07 -5.48
C ARG J 39 69.99 53.02 -6.56
N TRP J 40 70.89 53.99 -6.57
CA TRP J 40 71.98 54.01 -7.54
C TRP J 40 73.10 53.05 -7.17
N ARG J 41 73.33 52.84 -5.87
CA ARG J 41 74.40 51.93 -5.45
C ARG J 41 74.09 50.50 -5.86
N ARG J 42 72.82 50.10 -5.81
CA ARG J 42 72.44 48.74 -6.19
C ARG J 42 72.56 48.51 -7.69
N MSE J 43 72.48 49.55 -8.50
CA MSE J 43 72.59 49.42 -9.95
C MSE J 43 74.03 49.14 -10.38
O MSE J 43 74.27 48.70 -11.50
CB MSE J 43 72.06 50.66 -10.65
CG MSE J 43 70.55 50.78 -10.67
SE MSE J 43 69.69 49.33 -11.66
CE MSE J 43 70.59 49.57 -13.37
N GLN J 44 74.97 49.41 -9.48
CA GLN J 44 76.39 49.24 -9.76
C GLN J 44 76.95 47.89 -9.30
N LEU J 45 76.12 47.04 -8.69
CA LEU J 45 76.57 45.75 -8.20
C LEU J 45 76.45 44.68 -9.29
N ASN J 46 76.83 43.45 -8.94
CA ASN J 46 76.72 42.34 -9.88
C ASN J 46 75.30 41.78 -9.88
N GLU J 47 75.11 40.71 -10.64
CA GLU J 47 73.76 40.13 -10.78
C GLU J 47 73.31 39.43 -9.50
N GLU J 48 74.23 38.84 -8.76
CA GLU J 48 73.85 38.10 -7.56
C GLU J 48 73.45 39.04 -6.42
N LEU J 49 74.15 40.17 -6.29
CA LEU J 49 73.91 41.08 -5.17
C LEU J 49 72.68 41.97 -5.37
N ARG J 50 72.21 42.12 -6.61
CA ARG J 50 71.06 43.00 -6.85
C ARG J 50 69.78 42.45 -6.23
N HIS J 51 69.57 41.12 -6.33
CA HIS J 51 68.39 40.52 -5.75
C HIS J 51 68.53 40.30 -4.25
N GLU J 52 69.74 40.05 -3.77
CA GLU J 52 69.95 39.88 -2.33
C GLU J 52 69.76 41.21 -1.60
N VAL J 53 70.18 42.31 -2.20
CA VAL J 53 70.06 43.63 -1.59
C VAL J 53 68.64 44.15 -1.82
N THR J 54 67.96 44.52 -0.74
CA THR J 54 66.62 45.04 -0.77
C THR J 54 66.62 46.49 -0.30
N PRO J 55 65.66 47.29 -0.75
CA PRO J 55 65.61 48.70 -0.30
C PRO J 55 65.47 48.78 1.22
N LYS J 56 66.02 49.85 1.78
CA LYS J 56 65.95 50.10 3.21
C LYS J 56 64.75 51.00 3.48
N ASN J 57 63.73 50.44 4.11
CA ASN J 57 62.52 51.19 4.39
C ASN J 57 62.71 52.07 5.62
N ILE J 58 61.91 53.14 5.69
CA ILE J 58 62.05 54.17 6.71
C ILE J 58 60.78 54.18 7.55
N LEU J 59 60.95 54.25 8.88
CA LEU J 59 59.85 54.43 9.82
C LEU J 59 60.07 55.78 10.50
N MSE J 60 59.17 56.71 10.22
CA MSE J 60 59.26 58.06 10.80
C MSE J 60 58.42 58.18 12.06
O MSE J 60 57.32 57.64 12.13
CB MSE J 60 58.84 59.11 9.77
CG MSE J 60 59.74 59.20 8.56
SE MSE J 60 59.20 60.65 7.39
CE MSE J 60 60.57 60.45 6.02
N ILE J 61 58.94 58.92 13.03
CA ILE J 61 58.28 59.10 14.32
C ILE J 61 58.23 60.59 14.62
N GLY J 62 57.05 61.08 14.98
CA GLY J 62 56.90 62.46 15.37
C GLY J 62 55.46 62.92 15.37
N PRO J 63 55.22 64.08 15.98
CA PRO J 63 53.86 64.62 16.02
C PRO J 63 53.39 65.05 14.63
N THR J 64 52.08 65.25 14.52
CA THR J 64 51.49 65.58 13.24
C THR J 64 51.84 67.00 12.81
N GLY J 65 52.02 67.19 11.51
CA GLY J 65 52.29 68.51 10.96
C GLY J 65 53.72 68.98 11.05
N VAL J 66 54.67 68.06 11.24
CA VAL J 66 56.08 68.42 11.33
C VAL J 66 56.83 68.26 10.01
N GLY J 67 56.17 67.80 8.96
CA GLY J 67 56.78 67.66 7.65
C GLY J 67 57.16 66.26 7.23
N LYS J 68 56.66 65.22 7.91
CA LYS J 68 56.98 63.86 7.51
C LYS J 68 56.54 63.57 6.07
N THR J 69 55.37 64.06 5.69
CA THR J 69 54.85 63.77 4.35
C THR J 69 55.52 64.62 3.29
N GLU J 70 55.80 65.89 3.60
CA GLU J 70 56.45 66.75 2.62
C GLU J 70 57.85 66.26 2.28
N ILE J 71 58.55 65.70 3.27
CA ILE J 71 59.87 65.13 3.01
C ILE J 71 59.76 63.98 2.01
N ALA J 72 58.71 63.16 2.16
CA ALA J 72 58.51 62.05 1.22
C ALA J 72 58.07 62.53 -0.15
N ARG J 73 57.17 63.52 -0.19
CA ARG J 73 56.68 64.01 -1.48
C ARG J 73 57.80 64.69 -2.27
N ARG J 74 58.60 65.52 -1.62
CA ARG J 74 59.69 66.20 -2.33
C ARG J 74 60.79 65.22 -2.71
N LEU J 75 60.94 64.12 -1.98
CA LEU J 75 61.95 63.13 -2.34
C LEU J 75 61.59 62.43 -3.64
N ALA J 76 60.33 61.98 -3.76
CA ALA J 76 59.91 61.32 -4.99
C ALA J 76 59.87 62.29 -6.16
N LYS J 77 59.44 63.54 -5.90
CA LYS J 77 59.44 64.54 -6.96
C LYS J 77 60.86 64.87 -7.43
N LEU J 78 61.83 64.81 -6.52
CA LEU J 78 63.23 65.03 -6.91
C LEU J 78 63.75 63.89 -7.77
N ALA J 79 63.34 62.66 -7.45
CA ALA J 79 63.78 61.48 -8.20
C ALA J 79 62.85 61.11 -9.35
N ASN J 80 61.80 61.90 -9.58
CA ASN J 80 60.83 61.61 -10.64
C ASN J 80 60.26 60.20 -10.50
N ALA J 81 59.74 59.91 -9.31
CA ALA J 81 59.29 58.58 -8.96
C ALA J 81 57.80 58.59 -8.64
N PRO J 82 57.09 57.50 -8.94
CA PRO J 82 55.67 57.42 -8.56
C PRO J 82 55.52 57.41 -7.05
N PHE J 83 54.51 58.13 -6.57
CA PHE J 83 54.30 58.28 -5.14
C PHE J 83 52.82 58.10 -4.81
N ILE J 84 52.56 57.49 -3.66
CA ILE J 84 51.20 57.29 -3.19
C ILE J 84 51.19 57.33 -1.67
N LYS J 85 50.15 57.91 -1.09
CA LYS J 85 49.97 57.97 0.34
C LYS J 85 48.65 57.28 0.70
N VAL J 86 48.73 56.29 1.58
CA VAL J 86 47.55 55.55 2.02
C VAL J 86 47.52 55.54 3.55
N GLU J 87 46.31 55.59 4.09
CA GLU J 87 46.11 55.55 5.53
C GLU J 87 46.06 54.10 5.99
N ALA J 88 46.84 53.78 7.02
CA ALA J 88 46.89 52.41 7.49
C ALA J 88 45.55 51.94 8.03
N THR J 89 44.75 52.86 8.59
CA THR J 89 43.47 52.49 9.17
C THR J 89 42.40 52.21 8.12
N LYS J 90 42.67 52.47 6.84
CA LYS J 90 41.69 52.19 5.80
C LYS J 90 41.40 50.70 5.69
N PHE J 91 42.36 49.85 6.07
CA PHE J 91 42.21 48.41 5.99
C PHE J 91 41.70 47.79 7.29
N THR J 92 41.41 48.61 8.31
CA THR J 92 40.88 48.08 9.55
C THR J 92 39.53 47.41 9.33
N GLU J 93 38.74 47.91 8.39
CA GLU J 93 37.43 47.33 8.11
C GLU J 93 37.59 45.96 7.46
N VAL J 94 36.74 45.02 7.88
CA VAL J 94 36.79 43.67 7.35
C VAL J 94 35.85 43.42 6.20
N LYS J 99 38.31 47.03 2.07
CA LYS J 99 39.21 47.20 0.93
C LYS J 99 40.42 46.28 1.05
N GLU J 100 40.84 45.74 -0.08
CA GLU J 100 42.00 44.85 -0.12
C GLU J 100 43.28 45.68 -0.06
N VAL J 101 44.30 45.11 0.60
CA VAL J 101 45.57 45.79 0.77
C VAL J 101 46.33 45.92 -0.55
N ASP J 102 46.05 45.05 -1.52
CA ASP J 102 46.71 45.14 -2.81
C ASP J 102 46.38 46.42 -3.56
N SER J 103 45.33 47.15 -3.14
CA SER J 103 44.96 48.39 -3.79
C SER J 103 46.03 49.47 -3.68
N ILE J 104 46.96 49.33 -2.74
CA ILE J 104 48.06 50.29 -2.64
C ILE J 104 48.90 50.26 -3.91
N ILE J 105 49.19 49.07 -4.42
CA ILE J 105 49.96 48.96 -5.65
C ILE J 105 49.11 49.31 -6.87
N ARG J 106 47.80 49.05 -6.80
CA ARG J 106 46.91 49.36 -7.92
C ARG J 106 46.85 50.86 -8.16
N ASP J 107 46.54 51.63 -7.12
CA ASP J 107 46.49 53.09 -7.26
C ASP J 107 47.87 53.69 -7.51
N LEU J 108 48.94 52.99 -7.12
CA LEU J 108 50.28 53.46 -7.45
C LEU J 108 50.55 53.29 -8.95
N THR J 109 50.06 52.21 -9.54
CA THR J 109 50.21 52.01 -10.98
C THR J 109 49.38 53.01 -11.77
N ASP J 110 48.13 53.24 -11.34
CA ASP J 110 47.27 54.20 -12.03
C ASP J 110 47.88 55.60 -12.00
N ALA J 111 48.44 56.01 -10.87
CA ALA J 111 49.10 57.31 -10.79
C ALA J 111 50.34 57.35 -11.67
N ALA J 112 51.02 56.21 -11.85
CA ALA J 112 52.20 56.18 -12.69
C ALA J 112 51.87 56.14 -14.19
N VAL J 113 50.68 55.64 -14.54
CA VAL J 113 50.27 55.63 -15.95
C VAL J 113 50.05 57.05 -16.45
N LYS J 114 49.34 57.87 -15.67
CA LYS J 114 49.15 59.26 -16.05
C LYS J 114 50.46 60.03 -16.02
N MSE J 115 51.33 59.71 -15.06
CA MSE J 115 52.61 60.40 -14.93
C MSE J 115 53.46 60.22 -16.18
O MSE J 115 53.96 61.20 -16.75
CB MSE J 115 53.36 59.90 -13.70
CG MSE J 115 54.61 60.70 -13.36
SE MSE J 115 55.69 59.89 -11.95
CE MSE J 115 56.18 58.23 -12.86
N VAL J 116 53.61 58.97 -16.61
CA VAL J 116 54.39 58.70 -17.82
C VAL J 116 53.64 59.12 -19.08
N ARG J 117 52.32 59.25 -19.01
CA ARG J 117 51.55 59.70 -20.17
C ARG J 117 51.70 61.20 -20.39
N VAL J 118 51.57 61.98 -19.32
CA VAL J 118 51.70 63.43 -19.45
C VAL J 118 53.14 63.82 -19.78
N GLN J 119 54.11 63.09 -19.23
CA GLN J 119 55.51 63.38 -19.54
C GLN J 119 55.85 62.96 -20.96
N ALA J 120 55.16 61.97 -21.51
CA ALA J 120 55.40 61.55 -22.88
C ALA J 120 54.74 62.46 -23.90
N ILE J 121 53.63 63.11 -23.53
CA ILE J 121 52.97 64.03 -24.45
C ILE J 121 53.86 65.25 -24.72
N GLU J 122 54.59 65.69 -23.69
CA GLU J 122 55.50 66.84 -23.87
C GLU J 122 56.65 66.48 -24.80
N LYS J 123 57.17 65.26 -24.70
CA LYS J 123 58.29 64.85 -25.55
C LYS J 123 57.89 64.83 -27.02
N ASN J 124 56.64 64.47 -27.32
CA ASN J 124 56.16 64.44 -28.69
C ASN J 124 55.91 65.83 -29.27
N ARG J 125 55.68 66.83 -28.42
CA ARG J 125 55.44 68.18 -28.92
C ARG J 125 56.73 68.85 -29.38
N TYR J 126 57.85 68.54 -28.73
CA TYR J 126 59.14 69.11 -29.09
C TYR J 126 59.54 68.70 -30.50
N LYS J 228 54.43 71.57 -38.80
CA LYS J 228 54.05 71.26 -37.43
C LYS J 228 52.90 70.27 -37.38
N LEU J 229 52.07 70.28 -38.43
CA LEU J 229 50.98 69.32 -38.53
C LEU J 229 51.51 67.93 -38.88
N LEU J 230 52.61 67.86 -39.64
CA LEU J 230 53.18 66.56 -39.98
C LEU J 230 53.96 65.96 -38.82
N ILE J 231 54.49 66.80 -37.92
CA ILE J 231 55.19 66.28 -36.74
C ILE J 231 54.19 65.69 -35.74
N GLU J 232 53.01 66.29 -35.63
CA GLU J 232 51.99 65.78 -34.73
C GLU J 232 51.32 64.52 -35.28
N GLU J 233 51.22 64.39 -36.60
CA GLU J 233 50.68 63.15 -37.18
C GLU J 233 51.65 61.99 -36.99
N GLU J 234 52.96 62.28 -36.97
CA GLU J 234 53.95 61.27 -36.61
C GLU J 234 54.01 61.01 -35.12
N ALA J 235 53.53 61.96 -34.29
CA ALA J 235 53.52 61.73 -32.85
C ALA J 235 52.40 60.78 -32.45
N ALA J 236 51.23 60.93 -33.07
CA ALA J 236 50.10 60.04 -32.78
C ALA J 236 50.31 58.64 -33.36
N LYS J 237 51.24 58.48 -34.29
CA LYS J 237 51.51 57.19 -34.92
C LYS J 237 52.70 56.49 -34.26
N LEU J 238 53.89 57.09 -34.31
CA LEU J 238 55.09 56.45 -33.79
C LEU J 238 54.96 56.11 -32.30
N VAL J 239 54.17 56.88 -31.54
CA VAL J 239 53.99 56.61 -30.13
C VAL J 239 52.92 55.54 -29.95
N ASN J 240 53.27 54.48 -29.20
CA ASN J 240 52.35 53.37 -28.95
C ASN J 240 51.68 53.53 -27.59
N PRO J 241 50.35 53.40 -27.52
CA PRO J 241 49.69 53.51 -26.20
C PRO J 241 50.07 52.42 -25.23
N GLU J 242 50.41 51.22 -25.72
CA GLU J 242 50.83 50.15 -24.83
C GLU J 242 52.27 50.32 -24.37
N GLU J 243 53.12 50.95 -25.19
CA GLU J 243 54.50 51.18 -24.78
C GLU J 243 54.57 52.13 -23.58
N LEU J 244 53.65 53.10 -23.51
CA LEU J 244 53.57 53.96 -22.34
C LEU J 244 53.16 53.17 -21.10
N LYS J 245 52.28 52.18 -21.29
CA LYS J 245 51.89 51.32 -20.17
C LYS J 245 53.07 50.49 -19.68
N GLN J 246 53.92 50.04 -20.60
CA GLN J 246 55.09 49.26 -20.21
C GLN J 246 56.13 50.12 -19.50
N ASP J 247 56.26 51.40 -19.89
CA ASP J 247 57.20 52.29 -19.22
C ASP J 247 56.75 52.63 -17.81
N ALA J 248 55.43 52.63 -17.56
CA ALA J 248 54.93 52.91 -16.22
C ALA J 248 55.25 51.78 -15.25
N ILE J 249 55.17 50.53 -15.74
CA ILE J 249 55.45 49.38 -14.89
C ILE J 249 56.92 49.36 -14.47
N ASP J 250 57.82 49.78 -15.37
CA ASP J 250 59.22 49.87 -15.02
C ASP J 250 59.47 50.97 -14.00
N ALA J 251 58.62 52.01 -13.98
CA ALA J 251 58.77 53.09 -13.02
C ALA J 251 58.25 52.69 -11.64
N VAL J 252 57.25 51.82 -11.58
CA VAL J 252 56.69 51.40 -10.29
C VAL J 252 57.62 50.43 -9.57
N GLU J 253 58.21 49.48 -10.31
CA GLU J 253 59.03 48.46 -9.67
C GLU J 253 60.37 49.04 -9.21
N GLN J 254 61.07 49.73 -10.11
CA GLN J 254 62.39 50.25 -9.76
C GLN J 254 62.31 51.49 -8.89
N HIS J 255 61.54 52.49 -9.32
CA HIS J 255 61.51 53.79 -8.66
C HIS J 255 60.33 54.00 -7.71
N GLY J 256 59.48 53.00 -7.53
CA GLY J 256 58.24 53.23 -6.78
C GLY J 256 58.52 53.62 -5.33
N ILE J 257 57.71 54.55 -4.84
CA ILE J 257 57.79 55.03 -3.46
C ILE J 257 56.39 55.05 -2.87
N VAL J 258 56.21 54.39 -1.73
CA VAL J 258 54.92 54.29 -1.05
C VAL J 258 55.06 54.84 0.35
N PHE J 259 54.07 55.64 0.77
CA PHE J 259 54.04 56.25 2.08
C PHE J 259 52.81 55.75 2.82
N ILE J 260 53.00 55.16 3.99
CA ILE J 260 51.92 54.64 4.81
C ILE J 260 51.82 55.53 6.05
N ASP J 261 50.77 56.34 6.11
CA ASP J 261 50.55 57.25 7.23
C ASP J 261 49.91 56.52 8.41
N GLU J 262 50.13 57.07 9.61
CA GLU J 262 49.53 56.61 10.85
C GLU J 262 49.60 55.09 11.03
N ILE J 263 50.80 54.55 10.82
CA ILE J 263 51.00 53.11 10.95
C ILE J 263 50.96 52.66 12.40
N ASP J 264 51.12 53.59 13.35
CA ASP J 264 51.06 53.23 14.77
C ASP J 264 49.64 52.91 15.23
N LYS J 265 48.62 53.29 14.46
CA LYS J 265 47.24 53.04 14.86
C LYS J 265 46.79 51.62 14.61
N ILE J 266 47.56 50.82 13.84
CA ILE J 266 47.25 49.41 13.66
C ILE J 266 47.97 48.51 14.63
N CYS J 267 48.71 49.08 15.59
CA CYS J 267 49.38 48.27 16.59
C CYS J 267 48.37 47.74 17.61
N LYS J 268 48.78 46.69 18.30
CA LYS J 268 47.95 46.08 19.33
C LYS J 268 47.74 47.02 20.52
N SER J 273 41.80 43.29 22.97
CA SER J 273 42.15 42.05 22.28
C SER J 273 41.30 41.87 21.03
N GLY J 274 40.07 42.37 21.07
CA GLY J 274 39.15 42.26 19.96
C GLY J 274 39.61 43.00 18.72
N PRO J 275 39.81 44.32 18.84
CA PRO J 275 40.38 45.08 17.70
C PRO J 275 41.83 44.76 17.40
N ASP J 276 42.59 44.28 18.39
CA ASP J 276 44.00 44.00 18.17
C ASP J 276 44.22 42.85 17.18
N VAL J 277 43.29 41.90 17.13
CA VAL J 277 43.37 40.85 16.10
C VAL J 277 43.07 41.45 14.73
N SER J 278 42.15 42.42 14.66
CA SER J 278 41.87 43.11 13.41
C SER J 278 42.92 44.16 13.08
N ARG J 279 43.54 44.76 14.09
CA ARG J 279 44.59 45.74 13.83
C ARG J 279 45.87 45.07 13.37
N GLU J 280 46.33 44.03 14.09
CA GLU J 280 47.53 43.33 13.68
C GLU J 280 47.34 42.55 12.39
N GLY J 281 46.10 42.17 12.07
CA GLY J 281 45.84 41.52 10.79
C GLY J 281 46.16 42.41 9.61
N VAL J 282 46.10 43.73 9.81
CA VAL J 282 46.53 44.65 8.76
C VAL J 282 48.02 44.53 8.52
N GLN J 283 48.81 44.39 9.60
CA GLN J 283 50.24 44.19 9.46
C GLN J 283 50.53 42.90 8.70
N ARG J 284 49.86 41.81 9.08
CA ARG J 284 50.09 40.53 8.41
C ARG J 284 49.74 40.61 6.93
N ASP J 285 48.70 41.36 6.58
CA ASP J 285 48.34 41.53 5.18
C ASP J 285 49.30 42.47 4.46
N LEU J 286 49.84 43.45 5.17
CA LEU J 286 50.86 44.33 4.61
C LEU J 286 52.23 43.66 4.52
N LEU J 287 52.42 42.53 5.18
CA LEU J 287 53.73 41.88 5.21
C LEU J 287 54.23 41.46 3.83
N PRO J 288 53.44 40.79 2.98
CA PRO J 288 53.95 40.42 1.65
C PRO J 288 54.33 41.61 0.78
N LEU J 289 53.84 42.81 1.08
CA LEU J 289 54.23 43.96 0.28
C LEU J 289 55.67 44.38 0.56
N VAL J 290 56.07 44.39 1.83
CA VAL J 290 57.45 44.77 2.16
C VAL J 290 58.42 43.63 1.88
N GLU J 291 58.04 42.40 2.23
CA GLU J 291 58.86 41.24 1.89
C GLU J 291 58.93 41.00 0.38
N GLY J 292 58.08 41.65 -0.39
CA GLY J 292 58.03 41.47 -1.83
C GLY J 292 56.99 40.45 -2.23
N CYS J 293 56.35 40.68 -3.37
CA CYS J 293 55.30 39.80 -3.89
C CYS J 293 54.97 40.27 -5.30
N THR J 294 53.99 39.60 -5.91
CA THR J 294 53.53 39.95 -7.25
C THR J 294 52.05 40.30 -7.17
N VAL J 295 51.73 41.55 -7.51
CA VAL J 295 50.36 42.06 -7.47
C VAL J 295 49.88 42.28 -8.90
N SER J 296 48.71 41.74 -9.22
CA SER J 296 48.14 41.86 -10.55
C SER J 296 47.32 43.15 -10.66
N THR J 297 47.58 43.92 -11.72
CA THR J 297 46.85 45.14 -12.02
C THR J 297 46.37 45.09 -13.46
N LYS J 298 45.40 45.96 -13.78
CA LYS J 298 44.87 46.00 -15.13
C LYS J 298 45.93 46.43 -16.15
N HIS J 299 46.98 47.11 -15.71
CA HIS J 299 48.06 47.54 -16.60
C HIS J 299 49.14 46.49 -16.79
N GLY J 300 49.16 45.46 -15.97
CA GLY J 300 50.13 44.39 -16.14
C GLY J 300 50.51 43.81 -14.79
N MSE J 301 51.61 43.06 -14.80
CA MSE J 301 52.11 42.42 -13.60
C MSE J 301 53.14 43.33 -12.91
O MSE J 301 54.07 43.80 -13.56
CB MSE J 301 52.75 41.08 -13.96
CG MSE J 301 52.59 39.98 -12.91
SE MSE J 301 50.82 39.15 -12.90
CE MSE J 301 50.84 38.38 -14.70
N VAL J 302 52.97 43.57 -11.62
CA VAL J 302 53.82 44.48 -10.87
C VAL J 302 54.50 43.72 -9.74
N LYS J 303 55.79 43.98 -9.55
CA LYS J 303 56.58 43.36 -8.50
C LYS J 303 57.01 44.42 -7.49
N THR J 304 56.77 44.15 -6.21
CA THR J 304 56.99 45.11 -5.13
C THR J 304 58.36 44.96 -4.46
N ASP J 305 59.23 44.08 -4.97
CA ASP J 305 60.49 43.81 -4.30
C ASP J 305 61.32 45.07 -4.12
N HIS J 306 61.49 45.85 -5.17
CA HIS J 306 62.36 47.02 -5.14
C HIS J 306 61.64 48.32 -4.81
N ILE J 307 60.35 48.26 -4.48
CA ILE J 307 59.62 49.47 -4.11
C ILE J 307 60.09 49.95 -2.74
N LEU J 308 60.30 51.26 -2.62
CA LEU J 308 60.67 51.87 -1.35
C LEU J 308 59.42 52.20 -0.55
N PHE J 309 59.44 51.86 0.73
CA PHE J 309 58.33 52.13 1.64
C PHE J 309 58.78 53.05 2.77
N ILE J 310 57.93 54.02 3.10
CA ILE J 310 58.19 54.96 4.18
C ILE J 310 56.96 54.99 5.07
N ALA J 311 57.13 54.64 6.34
CA ALA J 311 56.04 54.62 7.30
C ALA J 311 56.22 55.75 8.31
N SER J 312 55.11 56.23 8.85
CA SER J 312 55.13 57.32 9.81
C SER J 312 54.08 57.07 10.88
N GLY J 313 54.29 57.70 12.03
CA GLY J 313 53.33 57.61 13.11
C GLY J 313 53.77 58.47 14.27
N ALA J 314 52.79 58.80 15.13
CA ALA J 314 53.09 59.55 16.34
C ALA J 314 53.69 58.66 17.41
N PHE J 315 53.21 57.41 17.51
CA PHE J 315 53.73 56.42 18.45
C PHE J 315 53.65 56.90 19.90
N GLN J 316 52.66 57.73 20.21
CA GLN J 316 52.41 58.07 21.61
C GLN J 316 51.58 56.99 22.30
N ILE J 317 50.59 56.44 21.61
CA ILE J 317 49.76 55.39 22.21
C ILE J 317 50.53 54.09 22.29
N ALA J 318 51.11 53.66 21.18
CA ALA J 318 51.90 52.44 21.09
C ALA J 318 53.34 52.78 20.73
N LYS J 319 54.16 51.76 20.59
CA LYS J 319 55.57 51.90 20.29
C LYS J 319 55.92 50.96 19.15
N PRO J 320 57.00 51.26 18.41
CA PRO J 320 57.39 50.37 17.31
C PRO J 320 57.64 48.93 17.75
N SER J 321 57.99 48.72 19.01
CA SER J 321 58.14 47.36 19.53
C SER J 321 56.82 46.61 19.57
N ASP J 322 55.70 47.33 19.56
CA ASP J 322 54.39 46.69 19.54
C ASP J 322 54.01 46.14 18.17
N LEU J 323 54.77 46.49 17.13
CA LEU J 323 54.57 45.89 15.82
C LEU J 323 54.95 44.42 15.85
N ILE J 324 54.43 43.67 14.87
CA ILE J 324 54.77 42.27 14.73
C ILE J 324 56.27 42.16 14.44
N PRO J 325 56.95 41.09 14.87
CA PRO J 325 58.40 41.02 14.67
C PRO J 325 58.81 41.02 13.21
N GLU J 326 58.04 40.39 12.32
CA GLU J 326 58.41 40.35 10.91
C GLU J 326 58.47 41.75 10.30
N LEU J 327 57.65 42.68 10.79
CA LEU J 327 57.61 44.01 10.21
C LEU J 327 58.75 44.90 10.70
N GLN J 328 59.25 44.68 11.93
CA GLN J 328 60.35 45.49 12.43
C GLN J 328 61.60 45.31 11.59
N GLY J 329 61.88 44.08 11.16
CA GLY J 329 63.07 43.81 10.36
C GLY J 329 62.99 44.35 8.95
N ARG J 330 61.79 44.67 8.48
CA ARG J 330 61.62 45.29 7.16
C ARG J 330 61.68 46.81 7.20
N LEU J 331 61.82 47.41 8.38
CA LEU J 331 61.92 48.85 8.55
C LEU J 331 63.25 49.17 9.24
N PRO J 332 64.37 49.01 8.53
CA PRO J 332 65.67 49.16 9.19
C PRO J 332 65.99 50.59 9.60
N ILE J 333 65.59 51.57 8.80
CA ILE J 333 65.91 52.97 9.08
C ILE J 333 64.81 53.57 9.95
N ARG J 334 65.20 54.11 11.09
CA ARG J 334 64.29 54.77 12.02
C ARG J 334 64.77 56.18 12.25
N VAL J 335 63.84 57.13 12.22
CA VAL J 335 64.15 58.53 12.44
C VAL J 335 63.01 59.19 13.20
N GLU J 336 63.36 60.05 14.16
CA GLU J 336 62.39 60.86 14.88
C GLU J 336 62.49 62.30 14.40
N LEU J 337 61.33 62.92 14.20
CA LEU J 337 61.25 64.30 13.74
C LEU J 337 60.88 65.21 14.91
N GLN J 338 61.65 66.27 15.09
CA GLN J 338 61.40 67.20 16.18
C GLN J 338 60.12 67.99 15.93
N ALA J 339 59.51 68.44 17.02
CA ALA J 339 58.33 69.29 16.92
C ALA J 339 58.74 70.70 16.53
N LEU J 340 57.96 71.31 15.64
CA LEU J 340 58.28 72.65 15.17
C LEU J 340 58.04 73.69 16.27
N THR J 341 58.83 74.75 16.24
CA THR J 341 58.77 75.83 17.22
C THR J 341 58.33 77.13 16.56
N THR J 342 58.27 78.19 17.36
CA THR J 342 57.92 79.51 16.84
C THR J 342 58.97 80.00 15.86
N SER J 343 60.26 79.77 16.17
CA SER J 343 61.33 80.18 15.27
C SER J 343 61.27 79.41 13.96
N ASP J 344 60.77 78.17 13.98
CA ASP J 344 60.63 77.41 12.74
C ASP J 344 59.46 77.91 11.91
N PHE J 345 58.38 78.36 12.57
CA PHE J 345 57.23 78.87 11.83
C PHE J 345 57.58 80.11 11.01
N GLU J 346 58.42 80.98 11.56
CA GLU J 346 58.89 82.15 10.81
C GLU J 346 59.65 81.73 9.56
N ARG J 347 60.46 80.66 9.67
CA ARG J 347 61.26 80.22 8.54
C ARG J 347 60.42 79.56 7.46
N ILE J 348 59.30 78.93 7.85
CA ILE J 348 58.43 78.29 6.88
C ILE J 348 57.72 79.33 6.02
N LEU J 349 57.44 80.51 6.58
CA LEU J 349 56.70 81.52 5.83
C LEU J 349 57.53 82.15 4.73
N THR J 350 58.87 82.13 4.86
CA THR J 350 59.74 82.86 3.95
C THR J 350 60.73 81.96 3.22
N GLU J 351 61.63 81.29 3.95
CA GLU J 351 62.73 80.56 3.35
C GLU J 351 62.36 79.62 2.20
N PRO J 352 61.40 78.71 2.33
CA PRO J 352 61.18 77.72 1.26
C PRO J 352 60.80 78.38 -0.06
N ASN J 353 61.24 77.77 -1.15
CA ASN J 353 60.89 78.24 -2.48
C ASN J 353 59.40 78.06 -2.70
N ALA J 354 58.75 79.10 -3.23
CA ALA J 354 57.29 79.11 -3.41
C ALA J 354 56.56 78.88 -2.09
N SER J 355 57.01 79.58 -1.04
CA SER J 355 56.38 79.49 0.26
C SER J 355 55.00 80.14 0.24
N ILE J 356 54.19 79.78 1.24
CA ILE J 356 52.78 80.22 1.28
C ILE J 356 52.67 81.74 1.22
N THR J 357 53.67 82.46 1.73
CA THR J 357 53.64 83.92 1.64
C THR J 357 54.04 84.41 0.25
N VAL J 358 55.00 83.73 -0.38
CA VAL J 358 55.39 84.09 -1.73
C VAL J 358 54.26 83.81 -2.71
N GLN J 359 53.54 82.70 -2.51
CA GLN J 359 52.37 82.41 -3.33
C GLN J 359 51.33 83.50 -3.20
N TYR J 360 51.08 83.96 -1.97
CA TYR J 360 50.07 85.00 -1.78
C TYR J 360 50.58 86.36 -2.23
N LYS J 361 51.91 86.56 -2.25
CA LYS J 361 52.46 87.78 -2.81
C LYS J 361 52.29 87.83 -4.32
N ALA J 362 52.42 86.68 -4.99
CA ALA J 362 52.26 86.63 -6.43
C ALA J 362 50.80 86.64 -6.86
N LEU J 363 49.92 86.02 -6.07
CA LEU J 363 48.50 86.00 -6.42
C LEU J 363 47.92 87.41 -6.38
N MSE J 364 48.34 88.23 -5.43
CA MSE J 364 47.88 89.61 -5.35
C MSE J 364 48.50 90.45 -6.47
O MSE J 364 47.87 91.38 -6.98
CB MSE J 364 48.22 90.23 -3.98
CG MSE J 364 47.64 89.48 -2.78
SE MSE J 364 45.72 89.12 -2.90
CE MSE J 364 45.79 87.26 -3.42
N ALA J 365 49.73 90.09 -6.85
CA ALA J 365 50.40 90.74 -7.96
C ALA J 365 49.65 90.55 -9.26
N THR J 366 48.85 89.49 -9.37
CA THR J 366 48.03 89.30 -10.56
C THR J 366 47.00 90.41 -10.69
N GLU J 367 46.43 90.85 -9.58
CA GLU J 367 45.47 91.94 -9.57
C GLU J 367 46.13 93.31 -9.71
N GLY J 368 47.45 93.38 -9.60
CA GLY J 368 48.15 94.65 -9.65
C GLY J 368 48.51 95.24 -8.31
N VAL J 369 48.40 94.47 -7.23
CA VAL J 369 48.68 94.95 -5.88
C VAL J 369 50.00 94.36 -5.42
N ASN J 370 50.85 95.20 -4.82
CA ASN J 370 52.14 94.78 -4.31
C ASN J 370 52.03 94.60 -2.80
N ILE J 371 52.17 93.36 -2.35
CA ILE J 371 52.08 93.02 -0.93
C ILE J 371 53.48 92.79 -0.39
N GLU J 372 53.75 93.31 0.80
CA GLU J 372 55.05 93.19 1.45
C GLU J 372 54.85 92.80 2.90
N PHE J 373 55.57 91.78 3.34
CA PHE J 373 55.47 91.26 4.70
C PHE J 373 56.67 91.74 5.51
N THR J 374 56.40 92.49 6.58
CA THR J 374 57.46 92.96 7.45
C THR J 374 57.95 91.85 8.37
N ASP J 375 59.17 92.03 8.89
CA ASP J 375 59.73 91.05 9.82
C ASP J 375 58.92 90.99 11.11
N SER J 376 58.40 92.14 11.56
CA SER J 376 57.57 92.15 12.77
C SER J 376 56.23 91.46 12.53
N GLY J 377 55.69 91.55 11.32
CA GLY J 377 54.45 90.86 11.02
C GLY J 377 54.63 89.36 10.91
N ILE J 378 55.71 88.93 10.25
CA ILE J 378 55.99 87.50 10.13
C ILE J 378 56.18 86.85 11.50
N LYS J 379 56.73 87.60 12.45
CA LYS J 379 56.91 87.06 13.80
C LYS J 379 55.58 86.88 14.51
N ARG J 380 54.69 87.87 14.40
CA ARG J 380 53.39 87.78 15.07
C ARG J 380 52.41 86.86 14.36
N ILE J 381 52.57 86.65 13.05
CA ILE J 381 51.79 85.63 12.37
C ILE J 381 52.12 84.25 12.92
N ALA J 382 53.40 83.96 13.10
CA ALA J 382 53.81 82.69 13.67
C ALA J 382 53.34 82.56 15.12
N GLU J 383 53.44 83.64 15.89
CA GLU J 383 52.97 83.60 17.28
C GLU J 383 51.47 83.39 17.36
N ALA J 384 50.72 83.90 16.38
CA ALA J 384 49.28 83.65 16.33
C ALA J 384 48.98 82.18 16.10
N ALA J 385 49.68 81.56 15.14
CA ALA J 385 49.44 80.15 14.87
C ALA J 385 49.90 79.28 16.05
N TRP J 386 51.01 79.66 16.69
CA TRP J 386 51.47 78.93 17.87
C TRP J 386 50.48 79.04 19.02
N GLN J 387 49.78 80.17 19.12
CA GLN J 387 48.84 80.34 20.22
C GLN J 387 47.59 79.49 20.03
N VAL J 388 47.15 79.32 18.78
CA VAL J 388 45.95 78.53 18.52
C VAL J 388 46.21 77.05 18.78
N ASN J 389 47.39 76.56 18.39
CA ASN J 389 47.74 75.16 18.65
C ASN J 389 47.85 74.88 20.14
N GLU J 390 48.28 75.87 20.92
CA GLU J 390 48.39 75.70 22.36
C GLU J 390 47.04 75.84 23.05
N SER J 391 46.15 76.67 22.51
CA SER J 391 44.88 76.95 23.19
C SER J 391 43.83 75.87 22.93
N THR J 392 43.80 75.31 21.72
CA THR J 392 42.80 74.31 21.38
C THR J 392 43.42 72.98 20.99
N GLU J 393 43.67 72.80 19.69
CA GLU J 393 44.28 71.58 19.17
C GLU J 393 45.51 71.93 18.35
N ASN J 394 46.55 71.12 18.48
CA ASN J 394 47.80 71.33 17.75
C ASN J 394 47.75 70.56 16.44
N ILE J 395 47.58 71.27 15.34
CA ILE J 395 47.58 70.67 14.00
C ILE J 395 48.92 70.85 13.29
N GLY J 396 49.95 71.29 14.00
CA GLY J 396 51.25 71.46 13.39
C GLY J 396 51.33 72.73 12.54
N ALA J 397 52.20 72.68 11.53
CA ALA J 397 52.38 73.81 10.62
C ALA J 397 51.16 74.07 9.75
N ARG J 398 50.19 73.15 9.71
CA ARG J 398 48.97 73.38 8.94
C ARG J 398 48.18 74.59 9.46
N ARG J 399 48.42 74.99 10.71
CA ARG J 399 47.72 76.16 11.25
C ARG J 399 48.09 77.43 10.50
N LEU J 400 49.27 77.46 9.87
CA LEU J 400 49.67 78.63 9.10
C LEU J 400 48.75 78.87 7.92
N HIS J 401 48.20 77.81 7.34
CA HIS J 401 47.32 77.95 6.18
C HIS J 401 46.02 78.66 6.57
N THR J 402 45.38 78.20 7.65
CA THR J 402 44.12 78.81 8.06
C THR J 402 44.33 80.21 8.61
N VAL J 403 45.47 80.47 9.27
CA VAL J 403 45.70 81.79 9.85
C VAL J 403 46.01 82.81 8.77
N LEU J 404 46.77 82.42 7.74
CA LEU J 404 47.08 83.34 6.65
C LEU J 404 45.82 83.75 5.91
N GLU J 405 44.94 82.78 5.61
CA GLU J 405 43.76 83.08 4.82
C GLU J 405 42.79 84.00 5.57
N ARG J 406 42.67 83.80 6.89
CA ARG J 406 41.81 84.68 7.67
C ARG J 406 42.38 86.09 7.75
N LEU J 407 43.70 86.23 7.74
CA LEU J 407 44.31 87.56 7.76
C LEU J 407 44.13 88.25 6.41
N MSE J 408 44.27 87.50 5.33
CA MSE J 408 44.31 88.08 3.99
C MSE J 408 42.94 88.10 3.30
O MSE J 408 42.84 88.52 2.15
CB MSE J 408 45.28 87.29 3.11
CG MSE J 408 46.67 87.19 3.69
SE MSE J 408 47.76 88.75 3.29
CE MSE J 408 47.29 89.88 4.79
N GLU J 409 41.90 87.65 4.01
CA GLU J 409 40.59 87.53 3.37
C GLU J 409 40.05 88.89 2.92
N GLU J 410 40.36 89.96 3.67
CA GLU J 410 39.88 91.28 3.26
C GLU J 410 40.65 91.81 2.06
N ILE J 411 41.96 91.53 1.99
CA ILE J 411 42.76 92.01 0.87
C ILE J 411 42.49 91.17 -0.38
N SER J 412 42.27 89.87 -0.22
CA SER J 412 42.01 89.02 -1.36
C SER J 412 40.69 89.38 -2.05
N TYR J 413 39.70 89.86 -1.29
CA TYR J 413 38.44 90.26 -1.88
C TYR J 413 38.51 91.63 -2.51
N ASP J 414 39.26 92.55 -1.90
CA ASP J 414 39.38 93.92 -2.38
C ASP J 414 40.55 94.11 -3.34
N ALA J 415 41.25 93.02 -3.69
CA ALA J 415 42.44 93.14 -4.53
C ALA J 415 42.13 93.75 -5.89
N SER J 416 40.89 93.62 -6.35
CA SER J 416 40.53 94.18 -7.65
C SER J 416 40.50 95.70 -7.60
N ASP J 417 39.98 96.26 -6.51
CA ASP J 417 39.89 97.71 -6.33
C ASP J 417 41.16 98.34 -5.78
N LEU J 418 42.07 97.54 -5.23
CA LEU J 418 43.33 98.03 -4.69
C LEU J 418 44.45 98.05 -5.72
N SER J 419 44.14 97.74 -6.98
CA SER J 419 45.16 97.68 -8.02
C SER J 419 45.93 99.00 -8.10
N GLY J 420 47.25 98.89 -8.20
CA GLY J 420 48.11 100.06 -8.27
C GLY J 420 48.58 100.60 -6.93
N GLN J 421 48.27 99.91 -5.83
CA GLN J 421 48.63 100.35 -4.49
C GLN J 421 49.62 99.39 -3.86
N ASN J 422 50.41 99.91 -2.91
CA ASN J 422 51.37 99.12 -2.16
C ASN J 422 50.83 98.95 -0.75
N ILE J 423 50.42 97.72 -0.41
CA ILE J 423 49.88 97.39 0.89
C ILE J 423 50.97 96.68 1.69
N THR J 424 51.29 97.21 2.87
CA THR J 424 52.34 96.66 3.71
C THR J 424 51.69 95.98 4.92
N ILE J 425 52.02 94.70 5.11
CA ILE J 425 51.47 93.93 6.23
C ILE J 425 52.46 94.01 7.38
N ASP J 426 52.09 94.74 8.43
CA ASP J 426 52.91 94.92 9.62
C ASP J 426 52.33 94.13 10.78
N ALA J 427 52.97 94.26 11.94
CA ALA J 427 52.49 93.58 13.14
C ALA J 427 51.18 94.18 13.64
N ASP J 428 50.93 95.47 13.36
CA ASP J 428 49.67 96.08 13.77
C ASP J 428 48.51 95.57 12.93
N TYR J 429 48.71 95.42 11.62
CA TYR J 429 47.67 94.87 10.76
C TYR J 429 47.38 93.42 11.11
N VAL J 430 48.38 92.68 11.57
CA VAL J 430 48.15 91.30 12.01
C VAL J 430 47.33 91.29 13.29
N SER J 431 47.71 92.13 14.26
CA SER J 431 47.01 92.15 15.55
C SER J 431 45.58 92.65 15.43
N LYS J 432 45.25 93.37 14.34
CA LYS J 432 43.89 93.88 14.17
C LYS J 432 42.93 92.79 13.72
N HIS J 433 43.35 91.94 12.79
CA HIS J 433 42.48 90.91 12.23
C HIS J 433 42.58 89.59 12.97
N LEU J 434 43.46 89.48 13.96
CA LEU J 434 43.76 88.21 14.62
C LEU J 434 43.49 88.26 16.12
N ASP J 435 44.14 89.16 16.86
CA ASP J 435 44.07 89.16 18.32
C ASP J 435 42.64 89.10 18.84
N ALA J 436 41.68 89.65 18.09
CA ALA J 436 40.28 89.51 18.47
C ALA J 436 39.83 88.06 18.38
N LEU J 437 40.16 87.39 17.28
CA LEU J 437 39.71 86.01 17.07
C LEU J 437 40.56 85.01 17.85
N VAL J 438 41.87 85.23 17.90
CA VAL J 438 42.75 84.26 18.58
C VAL J 438 42.49 84.26 20.08
N ALA J 439 42.05 85.39 20.65
CA ALA J 439 41.77 85.43 22.08
C ALA J 439 40.57 84.56 22.44
N ASP J 440 39.59 84.44 21.54
CA ASP J 440 38.38 83.66 21.81
C ASP J 440 38.61 82.25 21.29
N GLU J 441 38.67 81.28 22.21
CA GLU J 441 38.96 79.91 21.84
C GLU J 441 37.76 79.20 21.24
N ASP J 442 36.54 79.57 21.66
CA ASP J 442 35.34 78.96 21.10
C ASP J 442 35.23 79.28 19.61
N LEU J 443 35.57 80.51 19.21
CA LEU J 443 35.57 80.89 17.82
C LEU J 443 36.79 80.36 17.07
N SER J 444 37.89 80.08 17.79
CA SER J 444 39.10 79.63 17.13
C SER J 444 38.93 78.25 16.51
N ARG J 445 38.04 77.42 17.07
CA ARG J 445 37.86 76.08 16.55
C ARG J 445 37.11 76.09 15.23
N PHE J 446 36.10 76.96 15.09
CA PHE J 446 35.34 77.03 13.85
C PHE J 446 36.10 77.82 12.79
N ILE J 447 36.62 78.99 13.13
CA ILE J 447 37.20 79.88 12.14
C ILE J 447 38.62 79.46 11.78
N LEU J 448 39.42 79.06 12.78
CA LEU J 448 40.82 78.70 12.54
C LEU J 448 41.05 77.20 12.63
N HIS K 5 40.33 78.88 -20.21
CA HIS K 5 38.88 79.00 -20.16
C HIS K 5 38.41 79.45 -18.78
N HIS K 6 39.27 80.21 -18.09
CA HIS K 6 38.96 80.70 -16.75
C HIS K 6 38.33 82.08 -16.85
N SER K 7 37.17 82.24 -16.23
CA SER K 7 36.46 83.52 -16.28
C SER K 7 37.21 84.57 -15.47
N GLU K 8 37.22 85.79 -16.00
CA GLU K 8 37.99 86.89 -15.42
C GLU K 8 37.19 87.75 -14.45
N MSE K 9 35.96 87.36 -14.12
CA MSE K 9 35.11 88.13 -13.21
C MSE K 9 35.78 88.38 -11.86
O MSE K 9 36.38 87.49 -11.28
CB MSE K 9 33.76 87.44 -13.02
CG MSE K 9 32.91 87.36 -14.28
SE MSE K 9 31.10 86.71 -13.94
CE MSE K 9 30.44 86.74 -15.77
N THR K 10 35.65 89.62 -11.37
CA THR K 10 36.24 90.01 -10.10
C THR K 10 35.41 89.49 -8.94
N PRO K 11 35.98 89.44 -7.73
CA PRO K 11 35.18 88.98 -6.57
C PRO K 11 33.91 89.76 -6.34
N ARG K 12 33.91 91.07 -6.62
CA ARG K 12 32.70 91.86 -6.43
C ARG K 12 31.65 91.56 -7.50
N GLU K 13 32.10 91.25 -8.73
CA GLU K 13 31.16 90.89 -9.78
C GLU K 13 30.56 89.51 -9.57
N ILE K 14 31.30 88.62 -8.89
CA ILE K 14 30.77 87.30 -8.60
C ILE K 14 29.70 87.37 -7.51
N VAL K 15 29.97 88.10 -6.44
CA VAL K 15 29.00 88.26 -5.37
C VAL K 15 27.74 88.95 -5.90
N SER K 16 27.91 89.95 -6.77
CA SER K 16 26.76 90.61 -7.37
C SER K 16 25.95 89.66 -8.23
N GLU K 17 26.60 88.70 -8.89
CA GLU K 17 25.88 87.72 -9.68
C GLU K 17 25.19 86.69 -8.78
N LEU K 18 25.82 86.34 -7.65
CA LEU K 18 25.20 85.41 -6.73
C LEU K 18 23.98 86.01 -6.05
N ASP K 19 23.96 87.34 -5.89
CA ASP K 19 22.79 88.00 -5.30
C ASP K 19 21.56 87.87 -6.18
N LYS K 20 21.72 87.57 -7.47
CA LYS K 20 20.58 87.34 -8.33
C LYS K 20 19.84 86.05 -7.99
N HIS K 21 20.50 85.12 -7.31
CA HIS K 21 19.88 83.85 -6.93
C HIS K 21 19.75 83.70 -5.42
N ILE K 22 20.85 83.80 -4.68
CA ILE K 22 20.82 83.62 -3.23
C ILE K 22 20.56 84.96 -2.57
N ILE K 23 19.74 84.95 -1.52
CA ILE K 23 19.41 86.14 -0.75
C ILE K 23 20.25 86.15 0.52
N GLY K 24 20.95 87.26 0.77
CA GLY K 24 21.77 87.35 1.96
C GLY K 24 22.97 86.43 1.90
N GLN K 25 23.41 85.98 3.08
CA GLN K 25 24.56 85.09 3.21
C GLN K 25 25.79 85.68 2.52
N ASP K 26 26.05 86.96 2.80
CA ASP K 26 27.10 87.68 2.10
C ASP K 26 28.48 87.10 2.39
N ASN K 27 28.69 86.60 3.61
CA ASN K 27 30.00 86.06 3.95
C ASN K 27 30.34 84.84 3.12
N ALA K 28 29.36 83.97 2.86
CA ALA K 28 29.61 82.79 2.04
C ALA K 28 29.84 83.13 0.59
N LYS K 29 29.19 84.20 0.09
CA LYS K 29 29.40 84.60 -1.29
C LYS K 29 30.81 85.16 -1.48
N ARG K 30 31.34 85.87 -0.49
CA ARG K 30 32.70 86.39 -0.58
C ARG K 30 33.72 85.27 -0.47
N SER K 31 33.36 84.15 0.18
CA SER K 31 34.29 83.04 0.29
C SER K 31 34.45 82.33 -1.06
N VAL K 32 33.33 82.04 -1.73
CA VAL K 32 33.39 81.33 -3.00
C VAL K 32 33.96 82.21 -4.10
N ALA K 33 33.82 83.54 -3.98
CA ALA K 33 34.42 84.43 -4.97
C ALA K 33 35.93 84.38 -4.90
N ILE K 34 36.50 84.35 -3.69
CA ILE K 34 37.95 84.27 -3.54
C ILE K 34 38.49 82.99 -4.16
N ALA K 35 37.83 81.87 -3.91
CA ALA K 35 38.28 80.60 -4.49
C ALA K 35 38.20 80.63 -6.01
N LEU K 36 37.10 81.15 -6.56
CA LEU K 36 36.98 81.23 -8.02
C LEU K 36 37.94 82.26 -8.60
N ARG K 37 38.16 83.37 -7.92
CA ARG K 37 39.08 84.37 -8.42
C ARG K 37 40.51 83.85 -8.46
N ASN K 38 40.90 83.01 -7.50
CA ASN K 38 42.25 82.45 -7.50
C ASN K 38 42.49 81.53 -8.68
N ARG K 39 41.42 81.00 -9.30
CA ARG K 39 41.59 80.20 -10.50
C ARG K 39 42.17 81.03 -11.63
N TRP K 40 41.70 82.27 -11.79
CA TRP K 40 42.25 83.17 -12.79
C TRP K 40 43.60 83.74 -12.35
N ARG K 41 43.78 83.97 -11.05
CA ARG K 41 45.07 84.46 -10.56
C ARG K 41 46.16 83.42 -10.75
N ARG K 42 45.81 82.13 -10.62
CA ARG K 42 46.82 81.09 -10.77
C ARG K 42 47.28 80.93 -12.21
N MSE K 43 46.38 81.14 -13.17
CA MSE K 43 46.72 80.97 -14.58
C MSE K 43 47.66 82.05 -15.11
O MSE K 43 48.27 81.89 -16.16
CB MSE K 43 45.46 80.91 -15.44
CG MSE K 43 44.74 79.58 -15.41
SE MSE K 43 45.84 78.10 -16.04
CE MSE K 43 46.29 78.77 -17.82
N GLN K 44 47.78 83.14 -14.37
CA GLN K 44 48.65 84.25 -14.76
C GLN K 44 50.05 84.14 -14.15
N LEU K 45 50.29 83.15 -13.30
CA LEU K 45 51.59 82.98 -12.66
C LEU K 45 52.54 82.22 -13.58
N ASN K 46 53.77 82.02 -13.11
CA ASN K 46 54.75 81.26 -13.86
C ASN K 46 54.53 79.75 -13.66
N GLU K 47 55.41 78.95 -14.25
CA GLU K 47 55.21 77.51 -14.25
C GLU K 47 55.42 76.91 -12.86
N GLU K 48 56.36 77.46 -12.09
CA GLU K 48 56.64 76.90 -10.76
C GLU K 48 55.48 77.16 -9.80
N LEU K 49 54.87 78.35 -9.88
CA LEU K 49 53.82 78.71 -8.93
C LEU K 49 52.49 78.05 -9.22
N ARG K 50 52.23 77.69 -10.48
CA ARG K 50 50.94 77.09 -10.83
C ARG K 50 50.73 75.75 -10.13
N HIS K 51 51.78 74.94 -10.03
CA HIS K 51 51.68 73.66 -9.36
C HIS K 51 51.72 73.79 -7.84
N GLU K 52 52.50 74.75 -7.33
CA GLU K 52 52.59 74.93 -5.88
C GLU K 52 51.32 75.55 -5.31
N VAL K 53 50.64 76.39 -6.08
CA VAL K 53 49.39 77.00 -5.62
C VAL K 53 48.26 76.00 -5.83
N THR K 54 47.56 75.69 -4.76
CA THR K 54 46.42 74.79 -4.78
C THR K 54 45.16 75.55 -4.41
N PRO K 55 44.00 75.11 -4.89
CA PRO K 55 42.76 75.81 -4.56
C PRO K 55 42.50 75.81 -3.06
N LYS K 56 41.90 76.90 -2.59
CA LYS K 56 41.57 77.05 -1.17
C LYS K 56 40.16 76.52 -0.98
N ASN K 57 40.04 75.38 -0.31
CA ASN K 57 38.75 74.73 -0.13
C ASN K 57 37.98 75.41 1.00
N ILE K 58 36.66 75.29 0.94
CA ILE K 58 35.76 76.04 1.81
C ILE K 58 34.99 75.05 2.68
N LEU K 59 34.90 75.35 3.98
CA LEU K 59 34.07 74.59 4.92
C LEU K 59 32.95 75.50 5.39
N MSE K 60 31.73 75.20 4.98
CA MSE K 60 30.58 76.02 5.35
C MSE K 60 29.89 75.49 6.60
O MSE K 60 29.70 74.29 6.76
CB MSE K 60 29.59 76.10 4.18
CG MSE K 60 30.14 76.79 2.95
SE MSE K 60 28.76 77.10 1.60
CE MSE K 60 29.88 77.88 0.21
N ILE K 61 29.51 76.41 7.48
CA ILE K 61 28.88 76.08 8.75
C ILE K 61 27.58 76.85 8.86
N GLY K 62 26.49 76.13 9.15
CA GLY K 62 25.20 76.75 9.35
C GLY K 62 24.07 75.75 9.38
N PRO K 63 22.90 76.20 9.86
CA PRO K 63 21.74 75.29 9.93
C PRO K 63 21.22 74.95 8.54
N THR K 64 20.40 73.90 8.50
CA THR K 64 19.92 73.40 7.23
C THR K 64 19.00 74.40 6.55
N GLY K 65 18.98 74.36 5.21
CA GLY K 65 18.07 75.18 4.43
C GLY K 65 18.43 76.64 4.35
N VAL K 66 19.68 77.02 4.61
CA VAL K 66 20.11 78.41 4.53
C VAL K 66 20.77 78.75 3.20
N GLY K 67 20.86 77.80 2.27
CA GLY K 67 21.45 78.07 0.97
C GLY K 67 22.89 77.62 0.77
N LYS K 68 23.41 76.73 1.62
CA LYS K 68 24.79 76.28 1.46
C LYS K 68 24.99 75.60 0.11
N THR K 69 24.07 74.72 -0.30
CA THR K 69 24.26 73.99 -1.54
C THR K 69 24.03 74.89 -2.75
N GLU K 70 23.02 75.77 -2.70
CA GLU K 70 22.71 76.62 -3.84
C GLU K 70 23.86 77.57 -4.18
N ILE K 71 24.59 78.03 -3.16
CA ILE K 71 25.76 78.87 -3.43
C ILE K 71 26.79 78.11 -4.24
N ALA K 72 27.00 76.84 -3.91
CA ALA K 72 27.94 76.02 -4.67
C ALA K 72 27.40 75.70 -6.06
N ARG K 73 26.09 75.49 -6.18
CA ARG K 73 25.51 75.20 -7.48
C ARG K 73 25.63 76.40 -8.42
N ARG K 74 25.26 77.59 -7.93
CA ARG K 74 25.35 78.78 -8.76
C ARG K 74 26.79 79.18 -9.02
N LEU K 75 27.71 78.82 -8.12
CA LEU K 75 29.12 79.13 -8.35
C LEU K 75 29.67 78.36 -9.54
N ALA K 76 29.42 77.06 -9.60
CA ALA K 76 29.90 76.26 -10.72
C ALA K 76 29.16 76.61 -12.01
N LYS K 77 27.86 76.90 -11.91
CA LYS K 77 27.10 77.30 -13.09
C LYS K 77 27.58 78.66 -13.60
N LEU K 78 28.04 79.53 -12.71
CA LEU K 78 28.55 80.83 -13.13
C LEU K 78 29.89 80.70 -13.84
N ALA K 79 30.74 79.79 -13.36
CA ALA K 79 32.07 79.59 -13.93
C ALA K 79 32.09 78.56 -15.05
N ASN K 80 30.93 78.04 -15.44
CA ASN K 80 30.83 76.98 -16.46
C ASN K 80 31.70 75.79 -16.08
N ALA K 81 31.50 75.32 -14.85
CA ALA K 81 32.34 74.30 -14.25
C ALA K 81 31.52 73.06 -13.92
N PRO K 82 32.11 71.87 -14.04
CA PRO K 82 31.40 70.66 -13.62
C PRO K 82 31.20 70.66 -12.12
N PHE K 83 30.06 70.15 -11.69
CA PHE K 83 29.67 70.20 -10.29
C PHE K 83 29.00 68.90 -9.90
N ILE K 84 29.20 68.49 -8.65
CA ILE K 84 28.56 67.31 -8.10
C ILE K 84 28.37 67.51 -6.61
N LYS K 85 27.23 67.04 -6.09
CA LYS K 85 26.94 67.07 -4.66
C LYS K 85 26.85 65.65 -4.16
N VAL K 86 27.60 65.35 -3.10
CA VAL K 86 27.64 64.02 -2.51
C VAL K 86 27.40 64.13 -1.01
N GLU K 87 26.69 63.16 -0.46
CA GLU K 87 26.45 63.08 0.97
C GLU K 87 27.63 62.35 1.61
N ALA K 88 28.19 62.95 2.67
CA ALA K 88 29.33 62.34 3.33
C ALA K 88 28.97 61.00 3.96
N THR K 89 27.74 60.84 4.41
CA THR K 89 27.33 59.58 5.03
C THR K 89 27.14 58.45 4.02
N LYS K 90 27.21 58.76 2.72
CA LYS K 90 27.07 57.70 1.72
C LYS K 90 28.22 56.70 1.78
N PHE K 91 29.39 57.15 2.23
CA PHE K 91 30.57 56.29 2.31
C PHE K 91 30.77 55.67 3.67
N THR K 92 29.88 55.94 4.64
CA THR K 92 30.02 55.36 5.97
C THR K 92 29.94 53.85 5.92
N GLU K 93 29.07 53.31 5.06
CA GLU K 93 28.96 51.86 4.92
C GLU K 93 30.25 51.26 4.40
N VAL K 94 30.77 51.79 3.29
CA VAL K 94 32.07 51.40 2.77
C VAL K 94 32.08 50.14 1.93
N GLY K 95 31.05 49.30 2.04
CA GLY K 95 30.99 48.05 1.29
C GLY K 95 30.16 48.26 0.02
N TYR K 96 30.70 47.82 -1.10
CA TYR K 96 30.02 47.96 -2.39
C TYR K 96 29.98 46.63 -3.15
N LYS K 99 29.65 52.03 -1.72
CA LYS K 99 30.14 52.80 -2.87
C LYS K 99 31.54 53.33 -2.59
N GLU K 100 32.39 53.32 -3.61
CA GLU K 100 33.76 53.79 -3.44
C GLU K 100 33.78 55.32 -3.31
N VAL K 101 34.80 55.81 -2.60
CA VAL K 101 34.99 57.25 -2.48
C VAL K 101 35.52 57.84 -3.78
N ASP K 102 36.18 57.04 -4.60
CA ASP K 102 36.63 57.51 -5.91
C ASP K 102 35.46 57.88 -6.81
N SER K 103 34.25 57.42 -6.50
CA SER K 103 33.10 57.68 -7.36
C SER K 103 32.76 59.17 -7.46
N ILE K 104 33.23 59.98 -6.51
CA ILE K 104 32.98 61.42 -6.58
C ILE K 104 33.62 62.02 -7.83
N ILE K 105 34.85 61.62 -8.11
CA ILE K 105 35.51 62.12 -9.32
C ILE K 105 34.95 61.42 -10.56
N ARG K 106 34.50 60.17 -10.42
CA ARG K 106 33.92 59.47 -11.56
C ARG K 106 32.67 60.18 -12.06
N ASP K 107 31.70 60.41 -11.16
CA ASP K 107 30.48 61.11 -11.55
C ASP K 107 30.73 62.57 -11.91
N LEU K 108 31.81 63.15 -11.39
CA LEU K 108 32.18 64.50 -11.80
C LEU K 108 32.72 64.51 -13.22
N THR K 109 33.45 63.45 -13.61
CA THR K 109 33.96 63.35 -14.97
C THR K 109 32.81 63.18 -15.97
N ASP K 110 31.88 62.28 -15.67
CA ASP K 110 30.74 62.07 -16.56
C ASP K 110 29.86 63.31 -16.67
N ALA K 111 29.75 64.08 -15.60
CA ALA K 111 29.00 65.33 -15.65
C ALA K 111 29.67 66.35 -16.57
N ALA K 112 31.00 66.31 -16.67
CA ALA K 112 31.71 67.22 -17.55
C ALA K 112 31.61 66.80 -19.01
N VAL K 113 31.55 65.51 -19.28
CA VAL K 113 31.41 65.04 -20.66
C VAL K 113 30.09 65.50 -21.25
N LYS K 114 29.00 65.37 -20.48
CA LYS K 114 27.71 65.88 -20.94
C LYS K 114 27.73 67.40 -21.08
N MSE K 115 28.52 68.07 -20.26
CA MSE K 115 28.59 69.53 -20.31
C MSE K 115 29.24 70.01 -21.61
O MSE K 115 28.71 70.90 -22.28
CB MSE K 115 29.34 70.08 -19.10
CG MSE K 115 29.11 71.56 -18.86
SE MSE K 115 30.06 72.21 -17.29
CE MSE K 115 31.89 71.97 -17.93
N VAL K 116 30.38 69.43 -21.96
CA VAL K 116 31.06 69.81 -23.20
C VAL K 116 30.37 69.22 -24.42
N ARG K 117 29.53 68.19 -24.24
CA ARG K 117 28.79 67.64 -25.37
C ARG K 117 27.66 68.57 -25.79
N VAL K 118 26.85 69.03 -24.83
CA VAL K 118 25.75 69.94 -25.15
C VAL K 118 26.28 71.23 -25.76
N GLN K 119 27.44 71.69 -25.29
CA GLN K 119 28.06 72.86 -25.91
C GLN K 119 28.52 72.56 -27.34
N ALA K 120 28.88 71.32 -27.63
CA ALA K 120 29.23 70.93 -28.98
C ALA K 120 27.98 70.71 -29.84
N ILE K 121 26.87 70.30 -29.23
CA ILE K 121 25.64 70.11 -29.99
C ILE K 121 25.07 71.45 -30.45
N GLU K 122 25.15 72.47 -29.60
CA GLU K 122 24.61 73.78 -29.98
C GLU K 122 25.37 74.39 -31.15
N LYS K 123 26.68 74.18 -31.21
CA LYS K 123 27.46 74.64 -32.35
C LYS K 123 27.12 73.86 -33.61
N ASN K 124 26.80 72.58 -33.46
CA ASN K 124 26.50 71.72 -34.60
C ASN K 124 25.00 71.63 -34.90
N ARG K 125 24.14 72.22 -34.07
CA ARG K 125 22.69 72.09 -34.19
C ARG K 125 22.13 72.53 -35.53
N TYR K 126 22.24 73.82 -35.84
CA TYR K 126 21.67 74.35 -37.06
C TYR K 126 22.28 73.71 -38.31
N ARG K 127 23.54 73.26 -38.22
CA ARG K 127 24.15 72.56 -39.34
C ARG K 127 23.64 71.13 -39.46
N ALA K 128 23.47 70.44 -38.34
CA ALA K 128 22.96 69.07 -38.39
C ALA K 128 21.50 69.05 -38.79
N GLU K 129 20.71 70.00 -38.30
CA GLU K 129 19.32 70.09 -38.73
C GLU K 129 19.20 70.45 -40.20
N GLU K 130 20.15 71.25 -40.73
CA GLU K 130 20.14 71.58 -42.15
C GLU K 130 20.41 70.35 -43.01
N LEU K 131 21.39 69.54 -42.61
CA LEU K 131 21.69 68.32 -43.37
C LEU K 131 20.69 67.21 -43.12
N ALA K 132 20.04 67.20 -41.94
CA ALA K 132 19.05 66.18 -41.66
C ALA K 132 17.83 66.32 -42.57
N GLU K 133 17.24 67.53 -42.61
CA GLU K 133 16.15 67.78 -43.54
C GLU K 133 16.61 67.73 -45.00
N GLU K 134 17.89 67.95 -45.26
CA GLU K 134 18.41 67.83 -46.62
C GLU K 134 18.27 66.40 -47.14
N ARG K 135 18.51 65.41 -46.26
CA ARG K 135 18.38 64.02 -46.65
C ARG K 135 16.91 63.59 -46.76
N ILE K 136 16.01 64.27 -46.07
CA ILE K 136 14.59 63.98 -46.23
C ILE K 136 14.11 64.41 -47.62
N LEU K 137 14.58 65.56 -48.09
CA LEU K 137 14.20 66.05 -49.41
C LEU K 137 14.67 65.14 -50.53
N ASP K 138 15.70 64.32 -50.30
CA ASP K 138 16.14 63.38 -51.32
C ASP K 138 15.18 62.22 -51.48
N VAL K 139 14.43 61.89 -50.43
CA VAL K 139 13.41 60.84 -50.55
C VAL K 139 12.15 61.38 -51.20
N LEU K 140 11.76 62.61 -50.87
CA LEU K 140 10.57 63.20 -51.48
C LEU K 140 10.79 63.44 -52.96
N ILE K 141 11.83 64.18 -53.32
CA ILE K 141 12.18 64.40 -54.72
C ILE K 141 13.53 63.78 -55.01
N PRO K 142 13.58 62.64 -55.71
CA PRO K 142 14.87 62.05 -56.08
C PRO K 142 15.58 62.91 -57.11
N PRO K 143 16.89 63.17 -56.92
CA PRO K 143 17.67 63.94 -57.89
C PRO K 143 18.24 63.06 -59.00
N GLU K 156 19.89 75.86 -58.67
CA GLU K 156 20.08 74.41 -58.54
C GLU K 156 18.97 73.68 -57.76
N PRO K 157 18.53 74.23 -56.61
CA PRO K 157 17.40 73.60 -55.90
C PRO K 157 16.11 73.58 -56.71
N SER K 158 16.00 74.39 -57.75
CA SER K 158 14.85 74.39 -58.67
C SER K 158 13.58 74.74 -57.88
N ALA K 159 12.49 74.00 -58.04
CA ALA K 159 11.20 74.38 -57.47
C ALA K 159 10.72 73.41 -56.39
N ALA K 160 10.50 72.14 -56.76
CA ALA K 160 9.90 71.19 -55.82
C ALA K 160 10.74 71.05 -54.54
N ARG K 161 12.06 71.07 -54.68
CA ARG K 161 12.91 70.97 -53.50
C ARG K 161 12.70 72.15 -52.56
N GLN K 162 12.62 73.36 -53.10
CA GLN K 162 12.31 74.53 -52.29
C GLN K 162 10.86 74.54 -51.83
N ALA K 163 9.97 73.82 -52.53
CA ALA K 163 8.58 73.73 -52.10
C ALA K 163 8.45 72.81 -50.88
N PHE K 164 9.03 71.61 -50.96
CA PHE K 164 8.98 70.69 -49.83
C PHE K 164 9.78 71.21 -48.64
N ARG K 165 10.85 71.98 -48.89
CA ARG K 165 11.63 72.53 -47.80
C ARG K 165 10.81 73.49 -46.96
N LYS K 166 10.03 74.37 -47.61
CA LYS K 166 9.20 75.31 -46.87
C LYS K 166 8.00 74.63 -46.23
N LYS K 167 7.48 73.57 -46.85
CA LYS K 167 6.36 72.85 -46.26
C LYS K 167 6.79 71.96 -45.09
N LEU K 168 8.09 71.62 -45.01
CA LEU K 168 8.55 70.75 -43.94
C LEU K 168 8.80 71.54 -42.66
N ARG K 169 9.31 72.76 -42.76
CA ARG K 169 9.54 73.58 -41.58
C ARG K 169 8.23 74.15 -41.03
N GLU K 170 7.39 74.69 -41.91
CA GLU K 170 6.17 75.36 -41.48
C GLU K 170 5.03 74.39 -41.25
N GLY K 171 4.98 73.29 -42.02
CA GLY K 171 3.83 72.41 -41.98
C GLY K 171 3.93 71.30 -40.94
N GLN K 172 2.76 70.79 -40.57
CA GLN K 172 2.63 69.64 -39.67
C GLN K 172 2.61 68.31 -40.42
N LEU K 173 3.06 68.30 -41.67
CA LEU K 173 3.03 67.12 -42.53
C LEU K 173 3.94 65.99 -42.05
N ASP K 174 4.66 66.17 -40.93
CA ASP K 174 5.60 65.16 -40.47
C ASP K 174 4.93 63.84 -40.08
N ASP K 175 3.60 63.81 -39.97
CA ASP K 175 2.90 62.59 -39.64
C ASP K 175 2.79 61.62 -40.81
N LYS K 176 3.19 62.03 -42.02
CA LYS K 176 3.16 61.14 -43.16
C LYS K 176 4.23 60.07 -43.05
N GLU K 177 4.03 58.97 -43.77
CA GLU K 177 4.96 57.84 -43.75
C GLU K 177 5.97 57.97 -44.88
N ILE K 178 7.25 57.94 -44.52
CA ILE K 178 8.35 58.06 -45.47
C ILE K 178 9.40 57.02 -45.14
N GLU K 179 9.97 56.41 -46.18
CA GLU K 179 10.97 55.35 -46.02
C GLU K 179 12.36 55.94 -46.29
N ILE K 180 13.19 55.97 -45.25
CA ILE K 180 14.53 56.54 -45.32
C ILE K 180 15.54 55.51 -44.82
N ASP K 181 16.72 55.50 -45.43
CA ASP K 181 17.78 54.58 -45.02
C ASP K 181 18.52 55.15 -43.81
N LEU K 182 18.72 54.31 -42.79
CA LEU K 182 19.36 54.74 -41.55
C LEU K 182 20.25 53.62 -41.02
N ALA K 183 21.24 54.02 -40.22
CA ALA K 183 22.18 53.08 -39.64
C ALA K 183 21.57 52.38 -38.43
N ALA K 184 22.01 51.14 -38.20
CA ALA K 184 21.55 50.34 -37.08
C ALA K 184 22.64 49.37 -36.67
N ALA K 185 22.63 49.01 -35.38
CA ALA K 185 23.60 48.05 -34.85
C ALA K 185 22.98 46.67 -34.89
N PRO K 186 23.44 45.76 -35.75
CA PRO K 186 22.79 44.44 -35.85
C PRO K 186 23.03 43.54 -34.65
N MSE K 187 24.00 43.86 -33.77
CA MSE K 187 24.37 42.98 -32.67
C MSE K 187 23.20 42.63 -31.76
O MSE K 187 22.85 41.45 -31.63
CB MSE K 187 25.48 43.64 -31.83
CG MSE K 187 26.82 43.82 -32.55
SE MSE K 187 28.00 42.25 -32.49
CE MSE K 187 29.37 42.84 -33.75
N GLY K 188 22.57 43.64 -31.17
CA GLY K 188 21.41 43.43 -30.33
C GLY K 188 21.58 42.38 -29.25
N VAL K 189 22.71 42.39 -28.55
CA VAL K 189 23.04 41.38 -27.56
C VAL K 189 22.92 41.98 -26.16
N GLU K 190 22.38 41.21 -25.23
CA GLU K 190 22.21 41.63 -23.85
C GLU K 190 23.05 40.74 -22.94
N ILE K 191 23.70 41.36 -21.95
CA ILE K 191 24.59 40.67 -21.02
C ILE K 191 23.99 40.75 -19.63
N MSE K 192 23.95 39.61 -18.95
CA MSE K 192 23.53 39.58 -17.55
C MSE K 192 24.71 39.96 -16.66
O MSE K 192 25.82 39.49 -16.86
CB MSE K 192 23.02 38.19 -17.16
CG MSE K 192 21.68 37.81 -17.78
SE MSE K 192 20.22 39.00 -17.28
CE MSE K 192 20.21 40.18 -18.83
N ALA K 193 24.45 40.82 -15.68
CA ALA K 193 25.50 41.27 -14.78
C ALA K 193 24.96 41.45 -13.38
N PRO K 194 25.76 41.13 -12.36
CA PRO K 194 25.40 41.48 -10.99
C PRO K 194 25.47 42.99 -10.81
N PRO K 195 24.90 43.53 -9.72
CA PRO K 195 24.78 44.99 -9.60
C PRO K 195 26.10 45.74 -9.69
N GLY K 196 27.23 45.09 -9.38
CA GLY K 196 28.51 45.78 -9.47
C GLY K 196 29.01 45.95 -10.90
N MSE K 197 28.62 45.04 -11.80
CA MSE K 197 29.11 45.07 -13.17
C MSE K 197 28.22 45.88 -14.10
O MSE K 197 28.45 45.91 -15.31
CB MSE K 197 29.25 43.64 -13.70
CG MSE K 197 29.86 42.67 -12.71
SE MSE K 197 31.57 43.27 -12.02
CE MSE K 197 31.24 43.02 -10.12
N GLU K 198 27.20 46.53 -13.52
CA GLU K 198 26.24 47.28 -14.33
C GLU K 198 26.91 48.36 -15.16
N GLU K 199 27.97 48.97 -14.64
CA GLU K 199 28.69 49.99 -15.42
C GLU K 199 29.65 49.37 -16.42
N MSE K 200 30.23 48.22 -16.09
CA MSE K 200 31.25 47.61 -16.94
C MSE K 200 30.68 46.96 -18.19
O MSE K 200 31.23 47.13 -19.28
CB MSE K 200 32.03 46.56 -16.14
CG MSE K 200 33.10 45.85 -16.94
SE MSE K 200 33.85 44.32 -15.99
CE MSE K 200 32.23 43.24 -15.88
N THR K 201 29.59 46.20 -18.04
CA THR K 201 29.01 45.50 -19.18
C THR K 201 28.49 46.48 -20.23
N SER K 202 28.05 47.66 -19.81
CA SER K 202 27.64 48.68 -20.78
C SER K 202 28.82 49.15 -21.61
N GLN K 203 30.02 49.18 -21.03
CA GLN K 203 31.22 49.54 -21.78
C GLN K 203 31.59 48.45 -22.78
N LEU K 204 31.29 47.19 -22.46
CA LEU K 204 31.56 46.11 -23.40
C LEU K 204 30.60 46.14 -24.58
N GLN K 205 29.34 46.53 -24.33
CA GLN K 205 28.37 46.59 -25.41
C GLN K 205 28.73 47.65 -26.45
N SER K 206 29.37 48.73 -26.02
CA SER K 206 29.78 49.77 -26.97
C SER K 206 30.96 49.35 -27.83
N MSE K 207 31.72 48.33 -27.40
CA MSE K 207 32.89 47.88 -28.15
C MSE K 207 32.49 47.01 -29.35
O MSE K 207 33.04 47.14 -30.43
CB MSE K 207 33.86 47.12 -27.25
CG MSE K 207 34.38 47.94 -26.08
SE MSE K 207 35.77 47.04 -25.05
CE MSE K 207 35.94 48.34 -23.61
N PHE K 208 31.52 46.12 -29.13
CA PHE K 208 31.08 45.24 -30.21
C PHE K 208 30.33 46.00 -31.30
N GLN K 209 29.58 47.05 -30.93
CA GLN K 209 28.91 47.86 -31.93
C GLN K 209 29.90 48.73 -32.70
N ASN K 210 31.03 49.09 -32.08
CA ASN K 210 32.03 49.92 -32.74
C ASN K 210 32.89 49.12 -33.72
N LEU K 211 33.03 47.81 -33.51
CA LEU K 211 33.93 47.02 -34.34
C LEU K 211 33.29 46.62 -35.66
N GLY K 212 32.36 45.67 -35.61
CA GLY K 212 31.83 45.07 -36.83
C GLY K 212 30.97 45.98 -37.70
N GLY K 213 29.88 46.50 -37.14
CA GLY K 213 28.88 47.17 -37.96
C GLY K 213 29.36 48.50 -38.52
N GLN K 214 29.39 48.61 -39.85
CA GLN K 214 29.36 49.90 -40.54
C GLN K 214 28.42 49.73 -41.72
N LYS K 215 27.28 50.41 -41.70
CA LYS K 215 26.27 50.27 -42.75
C LYS K 215 25.06 51.12 -42.37
N GLN K 216 24.09 51.17 -43.31
CA GLN K 216 22.80 51.79 -43.08
C GLN K 216 21.74 50.93 -43.73
N LYS K 217 20.65 50.68 -43.02
CA LYS K 217 19.56 49.83 -43.49
C LYS K 217 18.31 50.65 -43.74
N ALA K 218 17.62 50.35 -44.83
CA ALA K 218 16.41 51.07 -45.19
C ALA K 218 15.25 50.60 -44.31
N ARG K 219 14.65 51.53 -43.58
CA ARG K 219 13.49 51.25 -42.74
C ARG K 219 12.42 52.30 -43.00
N LYS K 220 11.20 51.97 -42.60
CA LYS K 220 10.06 52.87 -42.78
C LYS K 220 9.74 53.55 -41.45
N LEU K 221 9.58 54.87 -41.49
CA LEU K 221 9.38 55.66 -40.29
C LEU K 221 8.38 56.77 -40.59
N LYS K 222 8.20 57.66 -39.61
CA LYS K 222 7.40 58.86 -39.76
C LYS K 222 8.32 60.07 -39.67
N ILE K 223 8.04 61.09 -40.48
CA ILE K 223 8.93 62.25 -40.55
C ILE K 223 9.11 62.90 -39.19
N LYS K 224 8.08 62.87 -38.33
CA LYS K 224 8.23 63.41 -36.99
C LYS K 224 9.29 62.64 -36.20
N ASP K 225 9.22 61.31 -36.24
CA ASP K 225 10.25 60.49 -35.60
C ASP K 225 11.50 60.33 -36.45
N ALA K 226 11.40 60.52 -37.77
CA ALA K 226 12.58 60.39 -38.63
C ALA K 226 13.45 61.63 -38.59
N MSE K 227 12.86 62.81 -38.36
CA MSE K 227 13.66 64.02 -38.23
C MSE K 227 14.56 64.06 -37.01
O MSE K 227 15.72 64.41 -37.07
CB MSE K 227 12.78 65.25 -38.31
CG MSE K 227 13.47 66.56 -38.16
SE MSE K 227 14.40 66.92 -39.85
CE MSE K 227 12.94 67.70 -40.90
N LYS K 228 14.00 63.65 -35.84
CA LYS K 228 14.80 63.62 -34.62
C LYS K 228 15.89 62.55 -34.71
N LEU K 229 15.64 61.47 -35.45
CA LEU K 229 16.64 60.43 -35.61
C LEU K 229 17.72 60.81 -36.62
N LEU K 230 17.42 61.70 -37.54
CA LEU K 230 18.43 62.19 -38.49
C LEU K 230 19.34 63.24 -37.87
N ILE K 231 18.82 64.05 -36.95
CA ILE K 231 19.65 65.07 -36.30
C ILE K 231 20.75 64.41 -35.48
N GLU K 232 20.42 63.30 -34.81
CA GLU K 232 21.42 62.61 -34.00
C GLU K 232 22.56 62.07 -34.86
N GLU K 233 22.24 61.57 -36.06
CA GLU K 233 23.27 61.00 -36.91
C GLU K 233 24.18 62.07 -37.52
N GLU K 234 23.60 63.20 -37.92
CA GLU K 234 24.40 64.26 -38.54
C GLU K 234 25.21 65.03 -37.50
N ALA K 235 24.68 65.20 -36.29
CA ALA K 235 25.43 65.92 -35.27
C ALA K 235 26.62 65.11 -34.76
N ALA K 236 26.53 63.77 -34.84
CA ALA K 236 27.64 62.94 -34.39
C ALA K 236 28.86 63.09 -35.30
N LYS K 237 28.62 63.24 -36.61
CA LYS K 237 29.72 63.37 -37.55
C LYS K 237 30.44 64.70 -37.41
N LEU K 238 29.74 65.75 -36.97
CA LEU K 238 30.34 67.07 -36.96
C LEU K 238 31.35 67.23 -35.83
N VAL K 239 31.10 66.61 -34.68
CA VAL K 239 31.99 66.70 -33.53
C VAL K 239 32.86 65.45 -33.46
N ASN K 240 34.17 65.65 -33.20
CA ASN K 240 35.12 64.55 -33.07
C ASN K 240 35.14 64.04 -31.64
N PRO K 241 35.00 62.73 -31.43
CA PRO K 241 34.99 62.22 -30.05
C PRO K 241 36.35 62.33 -29.35
N GLU K 242 37.45 62.28 -30.11
CA GLU K 242 38.77 62.36 -29.50
C GLU K 242 39.04 63.76 -28.95
N GLU K 243 38.62 64.79 -29.68
CA GLU K 243 38.85 66.16 -29.21
C GLU K 243 37.90 66.53 -28.08
N LEU K 244 36.70 65.95 -28.06
CA LEU K 244 35.72 66.28 -27.03
C LEU K 244 36.03 65.56 -25.72
N LYS K 245 36.47 64.31 -25.78
CA LYS K 245 36.68 63.54 -24.56
C LYS K 245 37.90 64.05 -23.79
N GLN K 246 38.98 64.40 -24.49
CA GLN K 246 40.15 64.95 -23.83
C GLN K 246 39.91 66.38 -23.33
N ASP K 247 39.02 67.13 -23.99
CA ASP K 247 38.71 68.49 -23.54
C ASP K 247 37.91 68.49 -22.25
N ALA K 248 37.07 67.47 -22.05
CA ALA K 248 36.32 67.36 -20.80
C ALA K 248 37.25 67.09 -19.62
N ILE K 249 38.32 66.31 -19.84
CA ILE K 249 39.28 66.08 -18.77
C ILE K 249 39.96 67.38 -18.37
N ASP K 250 40.26 68.24 -19.35
CA ASP K 250 40.83 69.55 -19.04
C ASP K 250 39.84 70.43 -18.29
N ALA K 251 38.55 70.15 -18.36
CA ALA K 251 37.57 70.90 -17.59
C ALA K 251 37.49 70.44 -16.15
N VAL K 252 37.72 69.15 -15.89
CA VAL K 252 37.65 68.64 -14.52
C VAL K 252 38.89 69.02 -13.73
N GLU K 253 40.06 69.00 -14.37
CA GLU K 253 41.30 69.27 -13.65
C GLU K 253 41.38 70.75 -13.27
N GLN K 254 41.20 71.65 -14.23
CA GLN K 254 41.29 73.08 -13.94
C GLN K 254 40.04 73.59 -13.22
N HIS K 255 38.86 73.35 -13.79
CA HIS K 255 37.63 73.99 -13.34
C HIS K 255 36.77 73.15 -12.40
N GLY K 256 37.19 71.93 -12.07
CA GLY K 256 36.31 71.04 -11.33
C GLY K 256 35.92 71.59 -9.97
N ILE K 257 34.67 71.35 -9.58
CA ILE K 257 34.13 71.80 -8.29
C ILE K 257 33.35 70.65 -7.67
N VAL K 258 33.63 70.34 -6.41
CA VAL K 258 33.00 69.24 -5.69
C VAL K 258 32.42 69.78 -4.40
N PHE K 259 31.19 69.36 -4.08
CA PHE K 259 30.51 69.78 -2.86
C PHE K 259 30.21 68.54 -2.02
N ILE K 260 30.73 68.52 -0.80
CA ILE K 260 30.54 67.41 0.13
C ILE K 260 29.56 67.90 1.20
N ASP K 261 28.34 67.39 1.16
CA ASP K 261 27.32 67.78 2.12
C ASP K 261 27.47 66.99 3.42
N GLU K 262 26.98 67.60 4.51
CA GLU K 262 26.91 66.98 5.84
C GLU K 262 28.23 66.32 6.26
N ILE K 263 29.33 67.06 6.11
CA ILE K 263 30.63 66.54 6.52
C ILE K 263 30.75 66.48 8.03
N ASP K 264 29.87 67.17 8.76
CA ASP K 264 29.92 67.14 10.22
C ASP K 264 29.45 65.80 10.79
N LYS K 265 28.72 65.00 10.01
CA LYS K 265 28.22 63.73 10.50
C LYS K 265 29.25 62.60 10.43
N ILE K 266 30.38 62.81 9.73
CA ILE K 266 31.45 61.83 9.71
C ILE K 266 32.52 62.11 10.76
N CYS K 267 32.33 63.13 11.59
CA CYS K 267 33.26 63.41 12.67
C CYS K 267 33.02 62.46 13.85
N LYS K 268 34.07 62.31 14.66
CA LYS K 268 34.00 61.46 15.85
C LYS K 268 32.94 61.94 16.82
N SER K 273 32.60 54.91 19.94
CA SER K 273 33.85 54.27 19.56
C SER K 273 33.66 53.39 18.32
N GLY K 274 32.56 52.64 18.29
CA GLY K 274 32.25 51.76 17.19
C GLY K 274 31.99 52.49 15.88
N PRO K 275 31.00 53.39 15.86
CA PRO K 275 30.75 54.15 14.63
C PRO K 275 31.84 55.17 14.31
N ASP K 276 32.55 55.68 15.32
CA ASP K 276 33.55 56.71 15.08
C ASP K 276 34.69 56.22 14.21
N VAL K 277 35.05 54.94 14.32
CA VAL K 277 36.08 54.37 13.45
C VAL K 277 35.61 54.33 12.01
N SER K 278 34.32 54.02 11.79
CA SER K 278 33.76 54.03 10.44
C SER K 278 33.48 55.45 9.98
N ARG K 279 33.14 56.35 10.89
CA ARG K 279 32.92 57.75 10.52
C ARG K 279 34.21 58.40 10.07
N GLU K 280 35.26 58.32 10.89
CA GLU K 280 36.54 58.92 10.52
C GLU K 280 37.17 58.22 9.32
N GLY K 281 36.81 56.96 9.06
CA GLY K 281 37.30 56.28 7.87
C GLY K 281 36.90 56.98 6.59
N VAL K 282 35.74 57.65 6.59
CA VAL K 282 35.34 58.41 5.42
C VAL K 282 36.26 59.62 5.22
N GLN K 283 36.68 60.26 6.32
CA GLN K 283 37.61 61.37 6.23
C GLN K 283 38.94 60.92 5.65
N ARG K 284 39.45 59.77 6.12
CA ARG K 284 40.70 59.24 5.59
C ARG K 284 40.57 58.93 4.10
N ASP K 285 39.43 58.39 3.68
CA ASP K 285 39.24 58.06 2.28
C ASP K 285 39.10 59.30 1.42
N LEU K 286 38.49 60.37 1.95
CA LEU K 286 38.40 61.62 1.21
C LEU K 286 39.72 62.38 1.19
N LEU K 287 40.68 61.99 2.02
CA LEU K 287 41.93 62.73 2.12
C LEU K 287 42.71 62.79 0.81
N PRO K 288 42.93 61.70 0.07
CA PRO K 288 43.66 61.81 -1.20
C PRO K 288 42.95 62.66 -2.25
N LEU K 289 41.65 62.89 -2.11
CA LEU K 289 40.96 63.76 -3.06
C LEU K 289 41.37 65.21 -2.88
N VAL K 290 41.30 65.71 -1.65
CA VAL K 290 41.61 67.11 -1.40
C VAL K 290 43.10 67.38 -1.51
N GLU K 291 43.94 66.50 -0.95
CA GLU K 291 45.38 66.63 -1.10
C GLU K 291 45.87 66.40 -2.52
N GLY K 292 45.00 65.87 -3.38
CA GLY K 292 45.34 65.57 -4.76
C GLY K 292 45.80 64.16 -4.94
N CYS K 293 45.43 63.55 -6.06
CA CYS K 293 45.79 62.18 -6.41
C CYS K 293 45.35 61.94 -7.85
N THR K 294 45.55 60.71 -8.32
CA THR K 294 45.19 60.31 -9.66
C THR K 294 44.06 59.29 -9.57
N VAL K 295 42.90 59.63 -10.15
CA VAL K 295 41.72 58.78 -10.12
C VAL K 295 41.42 58.33 -11.55
N SER K 296 41.21 57.03 -11.72
CA SER K 296 40.95 56.48 -13.04
C SER K 296 39.45 56.57 -13.35
N THR K 297 39.13 57.07 -14.54
CA THR K 297 37.76 57.15 -15.02
C THR K 297 37.68 56.53 -16.41
N LYS K 298 36.46 56.18 -16.81
CA LYS K 298 36.25 55.61 -18.14
C LYS K 298 36.55 56.59 -19.25
N HIS K 299 36.48 57.89 -18.98
CA HIS K 299 36.79 58.91 -19.97
C HIS K 299 38.28 59.25 -20.04
N GLY K 300 39.05 58.80 -19.07
CA GLY K 300 40.48 59.06 -19.05
C GLY K 300 40.98 59.12 -17.62
N MSE K 301 42.22 59.58 -17.49
CA MSE K 301 42.85 59.73 -16.18
C MSE K 301 42.64 61.15 -15.68
O MSE K 301 42.97 62.12 -16.38
CB MSE K 301 44.33 59.39 -16.27
CG MSE K 301 44.87 58.62 -15.08
SE MSE K 301 44.37 56.74 -15.03
CE MSE K 301 45.10 56.18 -16.75
N VAL K 302 42.11 61.30 -14.48
CA VAL K 302 41.73 62.59 -13.92
C VAL K 302 42.57 62.87 -12.68
N LYS K 303 43.08 64.09 -12.58
CA LYS K 303 43.92 64.53 -11.47
C LYS K 303 43.12 65.51 -10.62
N THR K 304 43.02 65.23 -9.33
CA THR K 304 42.17 65.98 -8.42
C THR K 304 42.90 67.12 -7.72
N ASP K 305 44.16 67.38 -8.07
CA ASP K 305 44.96 68.37 -7.34
C ASP K 305 44.31 69.74 -7.37
N HIS K 306 43.87 70.19 -8.54
CA HIS K 306 43.32 71.52 -8.72
C HIS K 306 41.81 71.58 -8.59
N ILE K 307 41.16 70.47 -8.26
CA ILE K 307 39.70 70.47 -8.08
C ILE K 307 39.35 71.19 -6.78
N LEU K 308 38.37 72.09 -6.85
CA LEU K 308 37.91 72.83 -5.69
C LEU K 308 36.87 72.01 -4.92
N PHE K 309 37.02 71.94 -3.60
CA PHE K 309 36.12 71.20 -2.74
C PHE K 309 35.43 72.16 -1.77
N ILE K 310 34.13 71.95 -1.56
CA ILE K 310 33.35 72.75 -0.63
C ILE K 310 32.59 71.80 0.27
N ALA K 311 32.80 71.93 1.58
CA ALA K 311 32.13 71.10 2.57
C ALA K 311 31.19 71.96 3.41
N SER K 312 30.12 71.34 3.87
CA SER K 312 29.10 72.03 4.65
C SER K 312 28.60 71.12 5.75
N GLY K 313 28.15 71.73 6.84
CA GLY K 313 27.62 70.96 7.95
C GLY K 313 27.02 71.87 9.00
N ALA K 314 26.12 71.29 9.78
CA ALA K 314 25.50 72.04 10.88
C ALA K 314 26.47 72.22 12.03
N PHE K 315 27.24 71.18 12.35
CA PHE K 315 28.22 71.22 13.43
C PHE K 315 27.59 71.50 14.79
N GLN K 316 26.38 70.99 15.01
CA GLN K 316 25.78 71.04 16.34
C GLN K 316 26.32 69.93 17.23
N ILE K 317 26.46 68.73 16.68
CA ILE K 317 26.98 67.61 17.47
C ILE K 317 28.50 67.70 17.59
N ALA K 318 29.19 67.97 16.49
CA ALA K 318 30.64 68.05 16.47
C ALA K 318 31.09 69.47 16.16
N LYS K 319 32.39 69.66 16.06
CA LYS K 319 33.01 70.94 15.74
C LYS K 319 34.04 70.73 14.67
N PRO K 320 34.43 71.79 13.94
CA PRO K 320 35.48 71.64 12.92
C PRO K 320 36.80 71.14 13.48
N SER K 321 37.06 71.38 14.77
CA SER K 321 38.25 70.82 15.40
C SER K 321 38.19 69.30 15.50
N ASP K 322 37.00 68.70 15.47
CA ASP K 322 36.87 67.26 15.54
C ASP K 322 37.22 66.57 14.23
N LEU K 323 37.43 67.31 13.15
CA LEU K 323 37.95 66.74 11.93
C LEU K 323 39.39 66.30 12.14
N ILE K 324 39.84 65.38 11.28
CA ILE K 324 41.23 64.93 11.33
C ILE K 324 42.13 66.11 10.97
N PRO K 325 43.34 66.20 11.54
CA PRO K 325 44.18 67.38 11.28
C PRO K 325 44.59 67.53 9.82
N GLU K 326 44.72 66.42 9.09
CA GLU K 326 45.09 66.52 7.67
C GLU K 326 43.97 67.16 6.84
N LEU K 327 42.72 66.99 7.26
CA LEU K 327 41.61 67.59 6.53
C LEU K 327 41.44 69.07 6.87
N GLN K 328 41.73 69.46 8.12
CA GLN K 328 41.60 70.86 8.51
C GLN K 328 42.52 71.75 7.67
N GLY K 329 43.74 71.29 7.41
CA GLY K 329 44.67 72.06 6.60
C GLY K 329 44.25 72.19 5.15
N ARG K 330 43.46 71.24 4.65
CA ARG K 330 42.97 71.28 3.28
C ARG K 330 41.67 72.04 3.13
N LEU K 331 41.14 72.63 4.22
CA LEU K 331 39.97 73.49 4.18
C LEU K 331 40.35 74.83 4.82
N PRO K 332 41.16 75.63 4.13
CA PRO K 332 41.64 76.88 4.77
C PRO K 332 40.56 77.92 4.97
N ILE K 333 39.62 78.04 4.04
CA ILE K 333 38.58 79.07 4.11
C ILE K 333 37.42 78.53 4.93
N ARG K 334 37.04 79.28 5.96
CA ARG K 334 35.91 78.93 6.81
C ARG K 334 34.92 80.07 6.82
N VAL K 335 33.64 79.74 6.72
CA VAL K 335 32.56 80.73 6.72
C VAL K 335 31.41 80.02 7.41
N GLU K 336 30.74 80.73 8.32
CA GLU K 336 29.48 80.27 8.89
C GLU K 336 28.37 81.08 8.26
N LEU K 337 27.25 80.44 7.93
CA LEU K 337 26.11 81.10 7.31
C LEU K 337 25.01 81.30 8.33
N GLN K 338 24.45 82.50 8.38
CA GLN K 338 23.44 82.83 9.36
C GLN K 338 22.09 82.23 8.99
N ALA K 339 21.28 81.96 10.01
CA ALA K 339 19.95 81.40 9.79
C ALA K 339 19.05 82.44 9.15
N LEU K 340 18.16 81.99 8.28
CA LEU K 340 17.25 82.89 7.59
C LEU K 340 16.16 83.37 8.53
N THR K 341 15.65 84.56 8.26
CA THR K 341 14.61 85.20 9.06
C THR K 341 13.35 85.39 8.21
N THR K 342 12.31 85.94 8.85
CA THR K 342 11.06 86.20 8.14
C THR K 342 11.28 87.23 7.03
N SER K 343 12.12 88.23 7.29
CA SER K 343 12.43 89.24 6.26
C SER K 343 13.13 88.60 5.07
N ASP K 344 13.89 87.53 5.29
CA ASP K 344 14.54 86.85 4.18
C ASP K 344 13.55 86.01 3.39
N PHE K 345 12.58 85.39 4.06
CA PHE K 345 11.60 84.57 3.36
C PHE K 345 10.76 85.40 2.39
N GLU K 346 10.38 86.61 2.80
CA GLU K 346 9.66 87.51 1.91
C GLU K 346 10.47 87.83 0.65
N ARG K 347 11.78 87.92 0.77
CA ARG K 347 12.62 88.22 -0.38
C ARG K 347 12.81 86.99 -1.27
N ILE K 348 12.90 85.81 -0.66
CA ILE K 348 13.11 84.58 -1.43
C ILE K 348 11.92 84.29 -2.34
N LEU K 349 10.71 84.63 -1.90
CA LEU K 349 9.52 84.33 -2.68
C LEU K 349 9.45 85.12 -3.97
N THR K 350 10.20 86.22 -4.10
CA THR K 350 10.10 87.08 -5.27
C THR K 350 11.45 87.36 -5.91
N GLU K 351 12.38 88.00 -5.19
CA GLU K 351 13.63 88.51 -5.77
C GLU K 351 14.42 87.50 -6.62
N PRO K 352 14.72 86.28 -6.16
CA PRO K 352 15.60 85.41 -6.94
C PRO K 352 15.00 85.07 -8.30
N ASN K 353 15.88 84.89 -9.28
CA ASN K 353 15.45 84.47 -10.60
C ASN K 353 14.83 83.09 -10.51
N ALA K 354 13.68 82.92 -11.16
CA ALA K 354 12.94 81.65 -11.17
C ALA K 354 12.58 81.19 -9.75
N SER K 355 12.14 82.14 -8.93
CA SER K 355 11.67 81.80 -7.59
C SER K 355 10.38 81.00 -7.68
N ILE K 356 10.05 80.34 -6.57
CA ILE K 356 8.91 79.41 -6.54
C ILE K 356 7.60 80.10 -6.91
N THR K 357 7.47 81.39 -6.60
CA THR K 357 6.29 82.10 -7.06
C THR K 357 6.35 82.43 -8.54
N VAL K 358 7.54 82.71 -9.07
CA VAL K 358 7.69 82.95 -10.50
C VAL K 358 7.38 81.68 -11.28
N GLN K 359 7.85 80.53 -10.80
CA GLN K 359 7.58 79.27 -11.46
C GLN K 359 6.08 78.96 -11.46
N TYR K 360 5.44 79.11 -10.30
CA TYR K 360 4.02 78.83 -10.22
C TYR K 360 3.19 79.84 -11.02
N LYS K 361 3.66 81.09 -11.09
CA LYS K 361 2.97 82.07 -11.92
C LYS K 361 3.02 81.66 -13.40
N ALA K 362 4.16 81.13 -13.85
CA ALA K 362 4.27 80.70 -15.23
C ALA K 362 3.59 79.36 -15.47
N LEU K 363 3.50 78.50 -14.46
CA LEU K 363 2.85 77.21 -14.65
C LEU K 363 1.35 77.37 -14.77
N MSE K 364 0.77 78.31 -14.03
CA MSE K 364 -0.66 78.56 -14.12
C MSE K 364 -0.99 79.31 -15.40
O MSE K 364 -2.08 79.17 -15.96
CB MSE K 364 -1.16 79.33 -12.90
CG MSE K 364 -1.02 78.58 -11.59
SE MSE K 364 -1.63 76.72 -11.69
CE MSE K 364 0.10 75.84 -11.74
N ALA K 365 -0.02 80.10 -15.89
CA ALA K 365 -0.20 80.77 -17.17
C ALA K 365 -0.36 79.79 -18.32
N THR K 366 0.16 78.57 -18.17
CA THR K 366 -0.04 77.56 -19.20
C THR K 366 -1.53 77.27 -19.40
N GLU K 367 -2.29 77.22 -18.31
CA GLU K 367 -3.74 77.03 -18.40
C GLU K 367 -4.47 78.31 -18.77
N GLY K 368 -3.79 79.46 -18.79
CA GLY K 368 -4.43 80.72 -19.09
C GLY K 368 -4.88 81.52 -17.90
N VAL K 369 -4.32 81.25 -16.72
CA VAL K 369 -4.69 81.95 -15.49
C VAL K 369 -3.56 82.89 -15.12
N ASN K 370 -3.92 84.09 -14.68
CA ASN K 370 -2.95 85.09 -14.24
C ASN K 370 -2.99 85.14 -12.72
N ILE K 371 -1.92 84.69 -12.08
CA ILE K 371 -1.78 84.72 -10.64
C ILE K 371 -1.04 85.97 -10.23
N GLU K 372 -1.52 86.64 -9.20
CA GLU K 372 -0.88 87.83 -8.65
C GLU K 372 -0.79 87.67 -7.14
N PHE K 373 0.39 87.96 -6.58
CA PHE K 373 0.64 87.88 -5.16
C PHE K 373 0.76 89.29 -4.60
N THR K 374 -0.14 89.66 -3.70
CA THR K 374 -0.07 90.98 -3.08
C THR K 374 1.08 91.04 -2.09
N ASP K 375 1.50 92.27 -1.79
CA ASP K 375 2.59 92.48 -0.84
C ASP K 375 2.25 91.90 0.53
N SER K 376 1.02 92.12 0.99
CA SER K 376 0.61 91.56 2.28
C SER K 376 0.41 90.05 2.22
N GLY K 377 0.06 89.52 1.04
CA GLY K 377 -0.06 88.08 0.90
C GLY K 377 1.27 87.36 0.99
N ILE K 378 2.28 87.88 0.29
CA ILE K 378 3.63 87.31 0.37
C ILE K 378 4.15 87.39 1.79
N LYS K 379 3.82 88.47 2.51
CA LYS K 379 4.27 88.62 3.88
C LYS K 379 3.66 87.56 4.79
N ARG K 380 2.38 87.25 4.61
CA ARG K 380 1.72 86.24 5.43
C ARG K 380 2.04 84.82 4.99
N ILE K 381 2.55 84.63 3.77
CA ILE K 381 3.08 83.32 3.40
C ILE K 381 4.37 83.03 4.15
N ALA K 382 5.24 84.03 4.27
CA ALA K 382 6.49 83.86 5.01
C ALA K 382 6.23 83.61 6.50
N GLU K 383 5.23 84.29 7.07
CA GLU K 383 4.90 84.07 8.47
C GLU K 383 4.42 82.65 8.70
N ALA K 384 3.75 82.04 7.72
CA ALA K 384 3.28 80.68 7.87
C ALA K 384 4.44 79.69 7.87
N ALA K 385 5.37 79.84 6.92
CA ALA K 385 6.51 78.94 6.87
C ALA K 385 7.39 79.10 8.10
N TRP K 386 7.52 80.34 8.60
CA TRP K 386 8.30 80.57 9.81
C TRP K 386 7.65 79.89 11.00
N GLN K 387 6.33 79.98 11.13
CA GLN K 387 5.65 79.41 12.28
C GLN K 387 5.71 77.89 12.27
N VAL K 388 5.66 77.26 11.09
CA VAL K 388 5.71 75.81 11.03
C VAL K 388 7.10 75.31 11.41
N ASN K 389 8.16 76.00 10.97
CA ASN K 389 9.50 75.60 11.34
C ASN K 389 9.73 75.71 12.85
N GLU K 390 9.04 76.64 13.51
CA GLU K 390 9.17 76.80 14.95
C GLU K 390 8.23 75.88 15.71
N SER K 391 7.02 75.66 15.20
CA SER K 391 6.05 74.83 15.91
C SER K 391 6.44 73.37 15.91
N THR K 392 7.09 72.90 14.84
CA THR K 392 7.44 71.49 14.72
C THR K 392 8.93 71.30 14.53
N GLU K 393 9.37 71.15 13.28
CA GLU K 393 10.76 70.95 12.94
C GLU K 393 11.21 72.02 11.97
N ASN K 394 12.41 72.56 12.20
CA ASN K 394 12.98 73.61 11.36
C ASN K 394 13.67 72.94 10.17
N ILE K 395 13.04 73.02 9.00
CA ILE K 395 13.62 72.47 7.77
C ILE K 395 14.21 73.56 6.88
N GLY K 396 14.32 74.79 7.37
CA GLY K 396 14.89 75.86 6.57
C GLY K 396 13.91 76.39 5.53
N ALA K 397 14.46 76.94 4.45
CA ALA K 397 13.65 77.53 3.39
C ALA K 397 12.87 76.49 2.60
N ARG K 398 13.12 75.20 2.81
CA ARG K 398 12.38 74.17 2.10
C ARG K 398 10.90 74.13 2.50
N ARG K 399 10.55 74.73 3.63
CA ARG K 399 9.15 74.81 4.04
C ARG K 399 8.32 75.66 3.08
N LEU K 400 8.96 76.57 2.34
CA LEU K 400 8.22 77.45 1.45
C LEU K 400 7.50 76.68 0.35
N HIS K 401 8.14 75.63 -0.19
CA HIS K 401 7.49 74.82 -1.21
C HIS K 401 6.24 74.11 -0.68
N THR K 402 6.37 73.44 0.47
CA THR K 402 5.26 72.66 1.00
C THR K 402 4.12 73.62 1.34
N VAL K 403 4.45 74.79 1.88
CA VAL K 403 3.41 75.75 2.22
C VAL K 403 2.75 76.30 0.97
N LEU K 404 3.55 76.65 -0.04
CA LEU K 404 2.99 77.19 -1.28
C LEU K 404 2.15 76.14 -2.00
N GLU K 405 2.65 74.92 -2.11
CA GLU K 405 1.89 73.87 -2.80
C GLU K 405 0.57 73.58 -2.11
N ARG K 406 0.57 73.57 -0.77
CA ARG K 406 -0.69 73.41 -0.04
C ARG K 406 -1.62 74.60 -0.28
N LEU K 407 -1.05 75.80 -0.40
CA LEU K 407 -1.87 76.98 -0.63
C LEU K 407 -2.51 76.99 -2.02
N MSE K 408 -1.75 76.60 -3.04
CA MSE K 408 -2.19 76.71 -4.42
C MSE K 408 -2.76 75.42 -5.00
O MSE K 408 -3.02 75.33 -6.21
CB MSE K 408 -1.04 77.17 -5.31
CG MSE K 408 -0.37 78.45 -4.83
SE MSE K 408 -1.57 79.98 -4.70
CE MSE K 408 -0.34 81.34 -4.08
N GLU K 409 -2.96 74.40 -4.17
CA GLU K 409 -3.40 73.11 -4.69
C GLU K 409 -4.82 73.22 -5.22
N GLU K 410 -5.65 74.10 -4.64
CA GLU K 410 -6.99 74.30 -5.17
C GLU K 410 -6.95 74.99 -6.53
N ILE K 411 -6.09 76.02 -6.65
CA ILE K 411 -5.98 76.75 -7.91
C ILE K 411 -5.38 75.87 -8.99
N SER K 412 -4.36 75.08 -8.63
CA SER K 412 -3.68 74.25 -9.63
C SER K 412 -4.60 73.19 -10.21
N TYR K 413 -5.58 72.74 -9.43
CA TYR K 413 -6.52 71.75 -9.95
C TYR K 413 -7.58 72.41 -10.84
N ASP K 414 -8.06 73.58 -10.45
CA ASP K 414 -9.10 74.29 -11.19
C ASP K 414 -8.55 75.23 -12.26
N ALA K 415 -7.23 75.23 -12.49
CA ALA K 415 -6.65 76.19 -13.42
C ALA K 415 -7.13 75.97 -14.85
N SER K 416 -7.55 74.75 -15.18
CA SER K 416 -8.09 74.50 -16.51
C SER K 416 -9.40 75.24 -16.72
N ASP K 417 -10.27 75.26 -15.71
CA ASP K 417 -11.54 75.95 -15.83
C ASP K 417 -11.43 77.44 -15.57
N LEU K 418 -10.34 77.90 -14.96
CA LEU K 418 -10.14 79.30 -14.64
C LEU K 418 -9.49 80.08 -15.77
N SER K 419 -9.28 79.44 -16.92
CA SER K 419 -8.61 80.07 -18.05
C SER K 419 -9.26 81.40 -18.39
N GLY K 420 -8.43 82.42 -18.58
CA GLY K 420 -8.92 83.74 -18.91
C GLY K 420 -9.22 84.63 -17.74
N GLN K 421 -8.96 84.18 -16.51
CA GLN K 421 -9.30 84.93 -15.32
C GLN K 421 -8.02 85.35 -14.59
N ASN K 422 -8.14 86.42 -13.80
CA ASN K 422 -7.04 86.93 -13.01
C ASN K 422 -7.30 86.60 -11.54
N ILE K 423 -6.50 85.69 -10.99
CA ILE K 423 -6.61 85.30 -9.59
C ILE K 423 -5.59 86.09 -8.79
N THR K 424 -6.05 86.79 -7.77
CA THR K 424 -5.19 87.59 -6.90
C THR K 424 -5.07 86.90 -5.55
N ILE K 425 -3.84 86.63 -5.13
CA ILE K 425 -3.57 86.02 -3.83
C ILE K 425 -3.27 87.15 -2.86
N ASP K 426 -4.18 87.41 -1.94
CA ASP K 426 -4.03 88.46 -0.94
C ASP K 426 -3.77 87.84 0.44
N ALA K 427 -3.62 88.72 1.43
CA ALA K 427 -3.39 88.25 2.80
C ALA K 427 -4.60 87.49 3.33
N ASP K 428 -5.80 87.83 2.86
CA ASP K 428 -6.99 87.09 3.28
C ASP K 428 -6.99 85.68 2.72
N TYR K 429 -6.61 85.52 1.45
CA TYR K 429 -6.56 84.19 0.85
C TYR K 429 -5.52 83.31 1.52
N VAL K 430 -4.40 83.89 1.95
CA VAL K 430 -3.37 83.12 2.62
C VAL K 430 -3.88 82.60 3.96
N SER K 431 -4.43 83.49 4.79
CA SER K 431 -4.89 83.09 6.12
C SER K 431 -6.07 82.13 6.07
N LYS K 432 -6.76 82.03 4.94
CA LYS K 432 -7.91 81.14 4.86
C LYS K 432 -7.48 79.68 4.67
N HIS K 433 -6.49 79.43 3.82
CA HIS K 433 -6.07 78.07 3.49
C HIS K 433 -4.91 77.58 4.33
N LEU K 434 -4.36 78.41 5.23
CA LEU K 434 -3.16 78.07 5.97
C LEU K 434 -3.37 78.14 7.48
N ASP K 435 -3.75 79.30 8.03
CA ASP K 435 -3.82 79.50 9.48
C ASP K 435 -4.58 78.39 10.18
N ALA K 436 -5.58 77.81 9.52
CA ALA K 436 -6.28 76.66 10.08
C ALA K 436 -5.34 75.48 10.28
N LEU K 437 -4.45 75.24 9.30
CA LEU K 437 -3.54 74.11 9.38
C LEU K 437 -2.37 74.40 10.32
N VAL K 438 -1.80 75.60 10.24
CA VAL K 438 -0.65 75.92 11.07
C VAL K 438 -1.02 75.98 12.55
N ALA K 439 -2.26 76.34 12.86
CA ALA K 439 -2.68 76.42 14.26
C ALA K 439 -2.69 75.06 14.93
N ASP K 440 -2.98 73.99 14.18
CA ASP K 440 -2.95 72.64 14.71
C ASP K 440 -1.58 72.04 14.41
N GLU K 441 -0.77 71.85 15.46
CA GLU K 441 0.58 71.32 15.26
C GLU K 441 0.56 69.85 14.88
N ASP K 442 -0.40 69.08 15.39
CA ASP K 442 -0.46 67.66 15.09
C ASP K 442 -0.67 67.42 13.60
N LEU K 443 -1.52 68.24 12.98
CA LEU K 443 -1.74 68.12 11.53
C LEU K 443 -0.64 68.79 10.72
N SER K 444 0.11 69.72 11.32
CA SER K 444 1.13 70.43 10.56
C SER K 444 2.26 69.50 10.12
N ARG K 445 2.55 68.48 10.91
CA ARG K 445 3.66 67.59 10.59
C ARG K 445 3.35 66.71 9.38
N PHE K 446 2.09 66.26 9.26
CA PHE K 446 1.71 65.40 8.14
C PHE K 446 1.57 66.20 6.85
N ILE K 447 0.80 67.29 6.89
CA ILE K 447 0.44 68.00 5.67
C ILE K 447 1.55 68.93 5.19
N LEU K 448 2.24 69.58 6.12
CA LEU K 448 3.29 70.51 5.75
C LEU K 448 4.68 69.97 6.09
N HIS L 5 3.38 61.99 -27.19
CA HIS L 5 4.19 62.61 -26.16
C HIS L 5 3.45 62.58 -24.82
N HIS L 6 3.44 63.71 -24.11
CA HIS L 6 2.72 63.82 -22.86
C HIS L 6 1.24 64.09 -23.13
N SER L 7 0.38 63.44 -22.37
CA SER L 7 -1.06 63.56 -22.59
C SER L 7 -1.56 64.95 -22.22
N GLU L 8 -2.54 65.44 -22.98
CA GLU L 8 -3.09 66.77 -22.82
C GLU L 8 -4.31 66.81 -21.91
N MSE L 9 -4.65 65.69 -21.27
CA MSE L 9 -5.82 65.64 -20.38
C MSE L 9 -5.73 66.65 -19.24
O MSE L 9 -4.66 66.90 -18.69
CB MSE L 9 -5.98 64.25 -19.78
CG MSE L 9 -6.26 63.17 -20.80
SE MSE L 9 -6.67 61.48 -19.92
CE MSE L 9 -6.82 60.36 -21.51
N THR L 10 -6.88 67.23 -18.90
CA THR L 10 -6.98 68.14 -17.78
C THR L 10 -7.07 67.36 -16.48
N PRO L 11 -6.79 67.99 -15.33
CA PRO L 11 -6.91 67.28 -14.06
C PRO L 11 -8.28 66.69 -13.81
N ARG L 12 -9.35 67.35 -14.26
CA ARG L 12 -10.69 66.80 -14.08
C ARG L 12 -10.93 65.61 -14.99
N GLU L 13 -10.33 65.58 -16.17
CA GLU L 13 -10.48 64.41 -17.03
C GLU L 13 -9.64 63.25 -16.54
N ILE L 14 -8.53 63.53 -15.85
CA ILE L 14 -7.70 62.47 -15.28
C ILE L 14 -8.39 61.82 -14.09
N VAL L 15 -8.95 62.64 -13.19
CA VAL L 15 -9.67 62.09 -12.04
C VAL L 15 -10.92 61.34 -12.50
N SER L 16 -11.62 61.87 -13.51
CA SER L 16 -12.78 61.19 -14.04
C SER L 16 -12.42 59.84 -14.65
N GLU L 17 -11.21 59.73 -15.22
CA GLU L 17 -10.76 58.45 -15.76
C GLU L 17 -10.37 57.50 -14.63
N LEU L 18 -9.80 58.04 -13.55
CA LEU L 18 -9.39 57.18 -12.43
C LEU L 18 -10.58 56.65 -11.66
N ASP L 19 -11.72 57.36 -11.71
CA ASP L 19 -12.92 56.89 -11.03
C ASP L 19 -13.44 55.59 -11.62
N LYS L 20 -13.03 55.25 -12.85
CA LYS L 20 -13.42 53.98 -13.44
C LYS L 20 -12.78 52.79 -12.75
N HIS L 21 -11.66 53.01 -12.05
CA HIS L 21 -10.92 51.92 -11.40
C HIS L 21 -10.93 52.05 -9.88
N ILE L 22 -10.47 53.18 -9.33
CA ILE L 22 -10.39 53.38 -7.90
C ILE L 22 -11.72 53.94 -7.40
N ILE L 23 -12.16 53.45 -6.24
CA ILE L 23 -13.37 53.93 -5.59
C ILE L 23 -12.97 54.88 -4.47
N GLY L 24 -13.57 56.08 -4.46
CA GLY L 24 -13.24 57.04 -3.44
C GLY L 24 -11.81 57.55 -3.56
N GLN L 25 -11.29 58.04 -2.43
CA GLN L 25 -9.94 58.59 -2.36
C GLN L 25 -9.74 59.73 -3.37
N ASP L 26 -10.72 60.64 -3.40
CA ASP L 26 -10.70 61.71 -4.38
C ASP L 26 -9.51 62.64 -4.18
N ASN L 27 -9.16 62.91 -2.91
CA ASN L 27 -8.03 63.79 -2.64
C ASN L 27 -6.74 63.24 -3.20
N ALA L 28 -6.53 61.92 -3.08
CA ALA L 28 -5.33 61.32 -3.66
C ALA L 28 -5.36 61.39 -5.18
N LYS L 29 -6.55 61.24 -5.78
CA LYS L 29 -6.64 61.34 -7.23
C LYS L 29 -6.31 62.74 -7.71
N ARG L 30 -6.76 63.77 -6.99
CA ARG L 30 -6.47 65.14 -7.39
C ARG L 30 -4.98 65.45 -7.28
N SER L 31 -4.28 64.79 -6.37
CA SER L 31 -2.85 65.05 -6.21
C SER L 31 -2.05 64.47 -7.39
N VAL L 32 -2.37 63.25 -7.81
CA VAL L 32 -1.67 62.66 -8.94
C VAL L 32 -2.06 63.33 -10.25
N ALA L 33 -3.29 63.82 -10.33
CA ALA L 33 -3.72 64.50 -11.56
C ALA L 33 -2.98 65.81 -11.74
N ILE L 34 -2.80 66.58 -10.66
CA ILE L 34 -2.05 67.82 -10.74
C ILE L 34 -0.61 67.54 -11.14
N ALA L 35 -0.03 66.47 -10.61
CA ALA L 35 1.35 66.13 -10.96
C ALA L 35 1.48 65.70 -12.42
N LEU L 36 0.48 64.94 -12.91
CA LEU L 36 0.51 64.53 -14.30
C LEU L 36 0.23 65.70 -15.24
N ARG L 37 -0.59 66.66 -14.80
CA ARG L 37 -0.86 67.84 -15.61
C ARG L 37 0.37 68.73 -15.74
N ASN L 38 1.18 68.80 -14.67
CA ASN L 38 2.41 69.58 -14.73
C ASN L 38 3.40 69.02 -15.75
N ARG L 39 3.31 67.73 -16.06
CA ARG L 39 4.12 67.18 -17.14
C ARG L 39 3.81 67.87 -18.46
N TRP L 40 2.53 68.15 -18.71
CA TRP L 40 2.16 68.86 -19.92
C TRP L 40 2.42 70.37 -19.80
N ARG L 41 2.24 70.93 -18.61
CA ARG L 41 2.46 72.36 -18.42
C ARG L 41 3.92 72.74 -18.61
N ARG L 42 4.84 71.87 -18.17
CA ARG L 42 6.26 72.18 -18.33
C ARG L 42 6.68 72.15 -19.79
N MSE L 43 5.98 71.39 -20.63
CA MSE L 43 6.31 71.31 -22.05
C MSE L 43 5.96 72.59 -22.78
O MSE L 43 6.47 72.85 -23.88
CB MSE L 43 5.59 70.12 -22.70
CG MSE L 43 6.13 68.75 -22.29
SE MSE L 43 8.01 68.52 -22.77
CE MSE L 43 7.90 68.81 -24.69
N GLN L 44 5.10 73.40 -22.17
CA GLN L 44 4.62 74.64 -22.79
C GLN L 44 5.44 75.85 -22.37
N LEU L 45 6.49 75.67 -21.57
CA LEU L 45 7.30 76.79 -21.12
C LEU L 45 8.52 76.96 -22.05
N ASN L 46 9.35 77.95 -21.73
CA ASN L 46 10.56 78.19 -22.50
C ASN L 46 11.67 77.23 -22.04
N GLU L 47 12.84 77.35 -22.68
CA GLU L 47 13.94 76.43 -22.39
C GLU L 47 14.48 76.65 -20.98
N GLU L 48 14.50 77.89 -20.50
CA GLU L 48 15.04 78.17 -19.18
C GLU L 48 14.18 77.57 -18.07
N LEU L 49 12.86 77.71 -18.19
CA LEU L 49 11.96 77.24 -17.15
C LEU L 49 11.77 75.73 -17.14
N ARG L 50 12.12 75.05 -18.24
CA ARG L 50 11.96 73.59 -18.26
C ARG L 50 12.97 72.91 -17.35
N HIS L 51 14.19 73.46 -17.28
CA HIS L 51 15.21 72.90 -16.39
C HIS L 51 14.98 73.32 -14.95
N GLU L 52 14.52 74.56 -14.72
CA GLU L 52 14.32 75.04 -13.36
C GLU L 52 13.16 74.32 -12.68
N VAL L 53 12.15 73.89 -13.43
CA VAL L 53 10.99 73.21 -12.88
C VAL L 53 11.27 71.73 -12.76
N THR L 54 11.06 71.19 -11.57
CA THR L 54 11.18 69.78 -11.25
C THR L 54 9.80 69.23 -10.87
N PRO L 55 9.56 67.94 -11.09
CA PRO L 55 8.27 67.36 -10.71
C PRO L 55 8.00 67.51 -9.22
N LYS L 56 6.71 67.67 -8.89
CA LYS L 56 6.28 67.82 -7.50
C LYS L 56 5.93 66.42 -6.98
N ASN L 57 6.75 65.91 -6.08
CA ASN L 57 6.55 64.55 -5.60
C ASN L 57 5.41 64.50 -4.59
N ILE L 58 4.80 63.33 -4.50
CA ILE L 58 3.61 63.12 -3.69
C ILE L 58 3.96 62.13 -2.57
N LEU L 59 3.64 62.51 -1.34
CA LEU L 59 3.78 61.62 -0.20
C LEU L 59 2.38 61.27 0.28
N MSE L 60 1.97 60.02 0.05
CA MSE L 60 0.66 59.57 0.48
C MSE L 60 0.71 59.05 1.91
O MSE L 60 1.69 58.46 2.34
CB MSE L 60 0.12 58.49 -0.45
CG MSE L 60 -0.05 58.95 -1.88
SE MSE L 60 -0.96 57.62 -2.96
CE MSE L 60 -0.88 58.55 -4.68
N ILE L 61 -0.36 59.31 2.65
CA ILE L 61 -0.47 58.92 4.05
C ILE L 61 -1.81 58.20 4.23
N GLY L 62 -1.76 56.99 4.77
CA GLY L 62 -2.96 56.25 5.06
C GLY L 62 -2.69 54.80 5.37
N PRO L 63 -3.69 54.12 5.93
CA PRO L 63 -3.53 52.71 6.27
C PRO L 63 -3.43 51.85 5.02
N THR L 64 -2.99 50.61 5.22
CA THR L 64 -2.80 49.70 4.10
C THR L 64 -4.15 49.27 3.53
N GLY L 65 -4.16 49.03 2.21
CA GLY L 65 -5.33 48.51 1.54
C GLY L 65 -6.37 49.53 1.12
N VAL L 66 -6.03 50.82 1.12
CA VAL L 66 -6.99 51.86 0.75
C VAL L 66 -6.88 52.28 -0.71
N GLY L 67 -5.93 51.71 -1.46
CA GLY L 67 -5.76 52.05 -2.86
C GLY L 67 -4.59 52.96 -3.19
N LYS L 68 -3.65 53.17 -2.27
CA LYS L 68 -2.50 54.02 -2.55
C LYS L 68 -1.73 53.54 -3.78
N THR L 69 -1.59 52.23 -3.93
CA THR L 69 -0.80 51.69 -5.04
C THR L 69 -1.59 51.68 -6.35
N GLU L 70 -2.87 51.29 -6.29
CA GLU L 70 -3.68 51.22 -7.51
C GLU L 70 -3.82 52.58 -8.16
N ILE L 71 -3.88 53.65 -7.38
CA ILE L 71 -3.92 55.00 -7.95
C ILE L 71 -2.66 55.25 -8.77
N ALA L 72 -1.49 54.88 -8.24
CA ALA L 72 -0.25 55.09 -8.97
C ALA L 72 -0.17 54.20 -10.21
N ARG L 73 -0.55 52.92 -10.06
CA ARG L 73 -0.48 52.00 -11.19
C ARG L 73 -1.36 52.49 -12.33
N ARG L 74 -2.61 52.84 -12.04
CA ARG L 74 -3.50 53.31 -13.08
C ARG L 74 -3.02 54.63 -13.68
N LEU L 75 -2.38 55.48 -12.87
CA LEU L 75 -1.89 56.75 -13.41
C LEU L 75 -0.80 56.52 -14.45
N ALA L 76 0.20 55.70 -14.12
CA ALA L 76 1.23 55.36 -15.10
C ALA L 76 0.61 54.69 -16.32
N LYS L 77 -0.37 53.80 -16.11
CA LYS L 77 -1.07 53.18 -17.23
C LYS L 77 -1.87 54.21 -18.01
N LEU L 78 -2.38 55.25 -17.34
CA LEU L 78 -3.12 56.29 -18.04
C LEU L 78 -2.18 57.23 -18.79
N ALA L 79 -1.00 57.48 -18.26
CA ALA L 79 -0.01 58.34 -18.88
C ALA L 79 0.93 57.59 -19.82
N ASN L 80 0.72 56.28 -20.00
CA ASN L 80 1.60 55.44 -20.83
C ASN L 80 3.04 55.57 -20.34
N ALA L 81 3.24 55.37 -19.05
CA ALA L 81 4.49 55.67 -18.38
C ALA L 81 5.08 54.44 -17.72
N PRO L 82 6.40 54.31 -17.70
CA PRO L 82 7.03 53.18 -16.99
C PRO L 82 6.82 53.31 -15.49
N PHE L 83 6.58 52.17 -14.84
CA PHE L 83 6.23 52.16 -13.43
C PHE L 83 6.95 51.04 -12.70
N ILE L 84 7.36 51.32 -11.46
CA ILE L 84 8.02 50.34 -10.61
C ILE L 84 7.65 50.63 -9.16
N LYS L 85 7.47 49.56 -8.38
CA LYS L 85 7.15 49.67 -6.96
C LYS L 85 8.29 49.06 -6.17
N VAL L 86 8.88 49.84 -5.28
CA VAL L 86 10.02 49.42 -4.47
C VAL L 86 9.67 49.56 -3.00
N GLU L 87 10.05 48.55 -2.21
CA GLU L 87 9.85 48.59 -0.77
C GLU L 87 11.00 49.36 -0.12
N ALA L 88 10.65 50.30 0.76
CA ALA L 88 11.67 51.12 1.39
C ALA L 88 12.57 50.32 2.33
N THR L 89 12.07 49.21 2.86
CA THR L 89 12.86 48.39 3.77
C THR L 89 13.80 47.44 3.04
N LYS L 90 13.75 47.38 1.70
CA LYS L 90 14.67 46.51 0.97
C LYS L 90 16.10 46.95 1.15
N PHE L 91 16.33 48.25 1.20
CA PHE L 91 17.67 48.83 1.32
C PHE L 91 18.16 48.89 2.76
N THR L 92 17.30 48.56 3.73
CA THR L 92 17.71 48.58 5.13
C THR L 92 18.81 47.57 5.41
N GLU L 93 18.75 46.42 4.74
CA GLU L 93 19.75 45.37 4.97
C GLU L 93 21.12 45.78 4.45
N VAL L 94 21.18 46.60 3.40
CA VAL L 94 22.44 47.02 2.82
C VAL L 94 23.09 45.92 2.00
N GLY L 95 24.25 46.26 1.46
CA GLY L 95 25.01 45.32 0.64
C GLY L 95 25.51 44.14 1.46
N LYS L 99 21.43 45.95 -0.96
CA LYS L 99 21.24 46.37 -2.34
C LYS L 99 21.45 47.88 -2.49
N GLU L 100 22.02 48.28 -3.61
CA GLU L 100 22.23 49.70 -3.88
C GLU L 100 20.90 50.37 -4.19
N VAL L 101 20.82 51.66 -3.87
CA VAL L 101 19.58 52.39 -4.10
C VAL L 101 19.36 52.68 -5.57
N ASP L 102 20.45 52.77 -6.35
CA ASP L 102 20.34 52.99 -7.78
C ASP L 102 19.59 51.87 -8.49
N SER L 103 19.40 50.72 -7.85
CA SER L 103 18.68 49.61 -8.47
C SER L 103 17.25 49.98 -8.84
N ILE L 104 16.68 50.99 -8.18
CA ILE L 104 15.35 51.46 -8.55
C ILE L 104 15.33 51.91 -10.01
N ILE L 105 16.32 52.70 -10.41
CA ILE L 105 16.35 53.20 -11.77
C ILE L 105 16.73 52.09 -12.75
N ARG L 106 17.57 51.15 -12.32
CA ARG L 106 17.97 50.05 -13.20
C ARG L 106 16.79 49.15 -13.52
N ASP L 107 15.98 48.81 -12.51
CA ASP L 107 14.84 47.94 -12.75
C ASP L 107 13.70 48.68 -13.45
N LEU L 108 13.54 49.98 -13.17
CA LEU L 108 12.54 50.76 -13.88
C LEU L 108 12.85 50.83 -15.37
N THR L 109 14.12 51.05 -15.71
CA THR L 109 14.52 51.08 -17.11
C THR L 109 14.22 49.74 -17.79
N ASP L 110 14.51 48.64 -17.10
CA ASP L 110 14.22 47.33 -17.68
C ASP L 110 12.72 47.14 -17.93
N ALA L 111 11.88 47.71 -17.06
CA ALA L 111 10.45 47.67 -17.30
C ALA L 111 10.06 48.51 -18.51
N ALA L 112 10.79 49.60 -18.77
CA ALA L 112 10.50 50.45 -19.92
C ALA L 112 10.96 49.83 -21.22
N VAL L 113 12.04 49.05 -21.20
CA VAL L 113 12.51 48.41 -22.43
C VAL L 113 11.52 47.37 -22.92
N LYS L 114 10.96 46.57 -22.00
CA LYS L 114 9.94 45.61 -22.40
C LYS L 114 8.65 46.30 -22.80
N MSE L 115 8.35 47.45 -22.20
CA MSE L 115 7.13 48.19 -22.49
C MSE L 115 7.14 48.72 -23.91
O MSE L 115 6.15 48.58 -24.64
CB MSE L 115 6.97 49.34 -21.50
CG MSE L 115 5.61 50.00 -21.53
SE MSE L 115 5.55 51.56 -20.36
CE MSE L 115 3.60 51.84 -20.34
N VAL L 116 8.25 49.31 -24.33
CA VAL L 116 8.36 49.84 -25.67
C VAL L 116 8.42 48.74 -26.72
N ARG L 117 8.80 47.52 -26.32
CA ARG L 117 8.81 46.41 -27.26
C ARG L 117 7.40 45.90 -27.55
N VAL L 118 6.59 45.72 -26.50
CA VAL L 118 5.22 45.26 -26.70
C VAL L 118 4.40 46.30 -27.45
N GLN L 119 4.60 47.58 -27.14
CA GLN L 119 3.92 48.63 -27.89
C GLN L 119 4.39 48.69 -29.34
N ALA L 120 5.62 48.25 -29.61
CA ALA L 120 6.08 48.19 -31.00
C ALA L 120 5.45 47.03 -31.75
N ILE L 121 5.40 45.85 -31.11
CA ILE L 121 4.79 44.69 -31.75
C ILE L 121 3.32 44.95 -32.05
N GLU L 122 2.63 45.68 -31.17
CA GLU L 122 1.24 46.02 -31.41
C GLU L 122 1.08 46.91 -32.63
N LYS L 123 1.98 47.88 -32.80
CA LYS L 123 1.96 48.73 -33.98
C LYS L 123 2.58 48.06 -35.20
N ASN L 124 3.45 47.06 -35.00
CA ASN L 124 4.05 46.35 -36.13
C ASN L 124 3.14 45.28 -36.70
N ARG L 125 2.16 44.79 -35.94
CA ARG L 125 1.30 43.73 -36.43
C ARG L 125 0.33 44.24 -37.48
N TYR L 126 -0.34 45.37 -37.21
CA TYR L 126 -1.26 45.95 -38.17
C TYR L 126 -0.53 46.43 -39.43
N ARG L 127 0.75 46.79 -39.29
CA ARG L 127 1.53 47.21 -40.47
C ARG L 127 1.98 46.00 -41.28
N ALA L 128 2.35 44.90 -40.60
CA ALA L 128 2.78 43.70 -41.32
C ALA L 128 1.61 43.04 -42.03
N GLU L 129 0.43 43.02 -41.39
CA GLU L 129 -0.74 42.43 -42.03
C GLU L 129 -1.22 43.25 -43.22
N GLU L 130 -1.09 44.57 -43.17
CA GLU L 130 -1.46 45.40 -44.31
C GLU L 130 -0.57 45.13 -45.51
N LEU L 131 0.74 44.98 -45.27
CA LEU L 131 1.67 44.67 -46.35
C LEU L 131 1.65 43.20 -46.73
N ALA L 132 1.16 42.32 -45.86
CA ALA L 132 1.04 40.91 -46.21
C ALA L 132 -0.07 40.67 -47.21
N GLU L 133 -1.26 41.24 -46.95
CA GLU L 133 -2.35 41.14 -47.90
C GLU L 133 -2.14 42.04 -49.12
N GLU L 134 -1.30 43.08 -48.99
CA GLU L 134 -0.97 43.91 -50.14
C GLU L 134 -0.18 43.12 -51.18
N ARG L 135 0.73 42.26 -50.71
CA ARG L 135 1.49 41.42 -51.63
C ARG L 135 0.65 40.29 -52.20
N ILE L 136 -0.43 39.90 -51.51
CA ILE L 136 -1.36 38.91 -52.06
C ILE L 136 -2.18 39.51 -53.19
N LEU L 137 -2.55 40.79 -53.07
CA LEU L 137 -3.31 41.44 -54.13
C LEU L 137 -2.52 41.62 -55.42
N ASP L 138 -1.18 41.55 -55.35
CA ASP L 138 -0.39 41.64 -56.57
C ASP L 138 -0.44 40.35 -57.38
N VAL L 139 -0.67 39.21 -56.72
CA VAL L 139 -0.82 37.95 -57.44
C VAL L 139 -2.22 37.84 -58.04
N LEU L 140 -3.24 38.28 -57.30
CA LEU L 140 -4.60 38.24 -57.81
C LEU L 140 -4.77 39.17 -59.01
N ILE L 141 -4.47 40.45 -58.82
CA ILE L 141 -4.50 41.42 -59.93
C ILE L 141 -3.10 41.96 -60.16
N PRO L 142 -2.44 41.57 -61.25
CA PRO L 142 -1.11 42.13 -61.56
C PRO L 142 -1.22 43.59 -61.92
N PRO L 143 -0.38 44.46 -61.34
CA PRO L 143 -0.39 45.89 -61.64
C PRO L 143 0.41 46.23 -62.90
N PRO L 157 -5.74 52.08 -56.41
CA PRO L 157 -6.16 50.68 -56.33
C PRO L 157 -7.20 50.35 -57.39
N SER L 158 -7.93 51.37 -57.86
CA SER L 158 -8.97 51.22 -58.89
C SER L 158 -10.07 50.31 -58.35
N ALA L 159 -10.54 49.31 -59.10
CA ALA L 159 -11.68 48.49 -58.73
C ALA L 159 -11.28 47.09 -58.29
N ALA L 160 -10.67 46.31 -59.19
CA ALA L 160 -10.41 44.90 -58.90
C ALA L 160 -9.54 44.72 -57.66
N ARG L 161 -8.56 45.61 -57.45
CA ARG L 161 -7.73 45.53 -56.25
C ARG L 161 -8.56 45.79 -54.99
N GLN L 162 -9.47 46.76 -55.04
CA GLN L 162 -10.37 47.01 -53.91
C GLN L 162 -11.41 45.91 -53.77
N ALA L 163 -11.71 45.19 -54.86
CA ALA L 163 -12.64 44.08 -54.78
C ALA L 163 -12.03 42.88 -54.06
N PHE L 164 -10.81 42.50 -54.44
CA PHE L 164 -10.14 41.37 -53.80
C PHE L 164 -9.66 41.69 -52.39
N ARG L 165 -9.52 42.98 -52.05
CA ARG L 165 -9.15 43.35 -50.69
C ARG L 165 -10.32 43.14 -49.73
N LYS L 166 -11.51 43.60 -50.12
CA LYS L 166 -12.68 43.44 -49.25
C LYS L 166 -13.17 41.99 -49.21
N LYS L 167 -12.94 41.23 -50.28
CA LYS L 167 -13.30 39.82 -50.29
C LYS L 167 -12.32 38.94 -49.54
N LEU L 168 -11.09 39.41 -49.34
CA LEU L 168 -10.10 38.63 -48.62
C LEU L 168 -10.30 38.72 -47.11
N ARG L 169 -10.68 39.90 -46.61
CA ARG L 169 -10.89 40.07 -45.18
C ARG L 169 -12.22 39.49 -44.73
N GLU L 170 -13.30 39.77 -45.47
CA GLU L 170 -14.64 39.39 -45.03
C GLU L 170 -14.91 37.91 -45.29
N GLY L 171 -14.42 37.37 -46.41
CA GLY L 171 -14.80 36.05 -46.85
C GLY L 171 -13.78 34.98 -46.52
N GLN L 172 -14.20 33.73 -46.73
CA GLN L 172 -13.36 32.55 -46.61
C GLN L 172 -12.59 32.26 -47.88
N LEU L 173 -12.34 33.27 -48.71
CA LEU L 173 -11.64 33.10 -49.97
C LEU L 173 -10.24 32.52 -49.79
N ASP L 174 -9.72 32.54 -48.55
CA ASP L 174 -8.35 32.10 -48.30
C ASP L 174 -8.12 30.63 -48.63
N ASP L 175 -9.19 29.83 -48.77
CA ASP L 175 -9.03 28.42 -49.08
C ASP L 175 -8.56 28.15 -50.51
N LYS L 176 -8.61 29.16 -51.39
CA LYS L 176 -8.19 28.96 -52.77
C LYS L 176 -6.67 28.89 -52.86
N GLU L 177 -6.19 28.10 -53.82
CA GLU L 177 -4.77 27.93 -54.02
C GLU L 177 -4.20 29.12 -54.80
N ILE L 178 -3.16 29.73 -54.26
CA ILE L 178 -2.50 30.89 -54.88
C ILE L 178 -1.00 30.69 -54.77
N GLU L 179 -0.31 30.83 -55.90
CA GLU L 179 1.14 30.68 -55.95
C GLU L 179 1.78 32.03 -55.61
N ILE L 180 2.50 32.07 -54.49
CA ILE L 180 3.14 33.30 -54.05
C ILE L 180 4.65 33.19 -54.17
N LYS L 217 11.95 32.56 -53.28
CA LYS L 217 11.56 31.43 -54.12
C LYS L 217 10.05 31.32 -54.24
N ALA L 218 9.56 31.40 -55.47
CA ALA L 218 8.12 31.30 -55.71
C ALA L 218 7.64 29.88 -55.43
N ARG L 219 6.57 29.76 -54.64
CA ARG L 219 6.03 28.46 -54.29
C ARG L 219 4.51 28.58 -54.14
N LYS L 220 3.81 27.51 -54.53
CA LYS L 220 2.36 27.48 -54.41
C LYS L 220 1.97 27.22 -52.95
N LEU L 221 0.89 27.87 -52.53
CA LEU L 221 0.42 27.76 -51.15
C LEU L 221 -1.09 27.97 -51.13
N LYS L 222 -1.66 27.98 -49.93
CA LYS L 222 -3.04 28.36 -49.70
C LYS L 222 -3.04 29.70 -48.96
N ILE L 223 -3.95 30.60 -49.37
CA ILE L 223 -4.00 31.94 -48.78
C ILE L 223 -4.14 31.88 -47.27
N LYS L 224 -4.83 30.87 -46.75
CA LYS L 224 -4.93 30.71 -45.30
C LYS L 224 -3.55 30.47 -44.69
N ASP L 225 -2.79 29.54 -45.27
CA ASP L 225 -1.43 29.28 -44.78
C ASP L 225 -0.39 30.23 -45.38
N ALA L 226 -0.73 30.93 -46.47
CA ALA L 226 0.18 31.93 -47.02
C ALA L 226 0.09 33.25 -46.28
N MSE L 227 -1.10 33.57 -45.73
CA MSE L 227 -1.23 34.80 -44.96
C MSE L 227 -0.41 34.82 -43.69
O MSE L 227 0.25 35.82 -43.39
CB MSE L 227 -2.71 35.04 -44.64
CG MSE L 227 -3.02 36.20 -43.75
SE MSE L 227 -2.56 37.80 -44.77
CE MSE L 227 -4.03 37.82 -46.09
N LYS L 228 -0.40 33.71 -42.95
CA LYS L 228 0.38 33.65 -41.72
C LYS L 228 1.88 33.63 -42.00
N LEU L 229 2.29 33.12 -43.16
CA LEU L 229 3.71 33.09 -43.51
C LEU L 229 4.19 34.46 -44.00
N LEU L 230 3.33 35.22 -44.67
CA LEU L 230 3.70 36.57 -45.10
C LEU L 230 3.69 37.58 -43.96
N ILE L 231 2.96 37.30 -42.87
CA ILE L 231 3.01 38.17 -41.71
C ILE L 231 4.35 38.04 -40.99
N GLU L 232 4.89 36.83 -40.96
CA GLU L 232 6.20 36.61 -40.31
C GLU L 232 7.32 37.33 -41.03
N GLU L 233 7.24 37.42 -42.36
CA GLU L 233 8.33 38.03 -43.14
C GLU L 233 8.29 39.54 -43.08
N GLU L 234 7.10 40.13 -43.04
CA GLU L 234 6.99 41.59 -43.01
C GLU L 234 7.23 42.16 -41.62
N ALA L 235 6.85 41.43 -40.57
CA ALA L 235 7.02 41.92 -39.21
C ALA L 235 8.48 41.96 -38.78
N ALA L 236 9.36 41.20 -39.44
CA ALA L 236 10.77 41.20 -39.08
C ALA L 236 11.52 42.41 -39.60
N LYS L 237 10.96 43.12 -40.58
CA LYS L 237 11.61 44.28 -41.18
C LYS L 237 11.17 45.61 -40.56
N LEU L 238 10.22 45.59 -39.63
CA LEU L 238 9.63 46.81 -39.09
C LEU L 238 10.23 47.27 -37.77
N VAL L 239 11.23 46.57 -37.24
CA VAL L 239 11.77 46.85 -35.91
C VAL L 239 13.08 47.60 -36.04
N ASN L 240 13.22 48.68 -35.27
CA ASN L 240 14.46 49.44 -35.19
C ASN L 240 15.05 49.30 -33.79
N PRO L 241 16.17 48.59 -33.61
CA PRO L 241 16.72 48.43 -32.25
C PRO L 241 17.24 49.73 -31.65
N GLU L 242 17.78 50.64 -32.47
CA GLU L 242 18.33 51.88 -31.93
C GLU L 242 17.22 52.79 -31.40
N GLU L 243 16.22 53.08 -32.23
CA GLU L 243 15.14 53.96 -31.81
C GLU L 243 14.29 53.34 -30.70
N LEU L 244 14.30 52.01 -30.57
CA LEU L 244 13.56 51.37 -29.49
C LEU L 244 14.23 51.59 -28.15
N LYS L 245 15.56 51.48 -28.10
CA LYS L 245 16.27 51.67 -26.83
C LYS L 245 16.32 53.13 -26.44
N GLN L 246 16.40 54.04 -27.40
CA GLN L 246 16.43 55.46 -27.07
C GLN L 246 15.08 55.96 -26.55
N ASP L 247 13.98 55.44 -27.12
CA ASP L 247 12.66 55.82 -26.63
C ASP L 247 12.40 55.26 -25.24
N ALA L 248 13.01 54.13 -24.89
CA ALA L 248 12.89 53.61 -23.53
C ALA L 248 13.62 54.48 -22.53
N ILE L 249 14.70 55.14 -22.96
CA ILE L 249 15.38 56.10 -22.08
C ILE L 249 14.52 57.36 -21.93
N ASP L 250 13.97 57.86 -23.03
CA ASP L 250 13.09 59.02 -22.94
C ASP L 250 11.83 58.72 -22.13
N ALA L 251 11.39 57.45 -22.14
CA ALA L 251 10.23 57.08 -21.35
C ALA L 251 10.54 57.14 -19.85
N VAL L 252 11.76 56.76 -19.46
CA VAL L 252 12.12 56.81 -18.04
C VAL L 252 12.42 58.23 -17.59
N GLU L 253 13.14 58.99 -18.42
CA GLU L 253 13.51 60.36 -18.03
C GLU L 253 12.29 61.28 -18.01
N GLN L 254 11.57 61.35 -19.13
CA GLN L 254 10.45 62.27 -19.23
C GLN L 254 9.19 61.75 -18.51
N HIS L 255 8.80 60.52 -18.80
CA HIS L 255 7.54 59.96 -18.31
C HIS L 255 7.68 59.08 -17.08
N GLY L 256 8.89 58.89 -16.56
CA GLY L 256 9.09 57.90 -15.51
C GLY L 256 8.28 58.22 -14.26
N ILE L 257 7.80 57.17 -13.61
CA ILE L 257 7.06 57.25 -12.35
C ILE L 257 7.57 56.16 -11.42
N VAL L 258 7.95 56.55 -10.21
CA VAL L 258 8.51 55.64 -9.21
C VAL L 258 7.66 55.72 -7.95
N PHE L 259 7.25 54.56 -7.43
CA PHE L 259 6.42 54.49 -6.23
C PHE L 259 7.22 53.83 -5.12
N ILE L 260 7.48 54.57 -4.05
CA ILE L 260 8.24 54.07 -2.91
C ILE L 260 7.25 53.72 -1.80
N ASP L 261 7.04 52.43 -1.59
CA ASP L 261 6.09 51.97 -0.59
C ASP L 261 6.73 51.99 0.79
N GLU L 262 5.88 52.15 1.81
CA GLU L 262 6.26 52.06 3.23
C GLU L 262 7.53 52.86 3.54
N ILE L 263 7.59 54.09 3.04
CA ILE L 263 8.70 54.98 3.34
C ILE L 263 8.67 55.47 4.79
N ASP L 264 7.59 55.22 5.51
CA ASP L 264 7.55 55.60 6.92
C ASP L 264 8.44 54.70 7.78
N LYS L 265 8.68 53.46 7.37
CA LYS L 265 9.48 52.56 8.18
C LYS L 265 10.95 52.99 8.26
N ILE L 266 11.42 53.85 7.35
CA ILE L 266 12.82 54.25 7.38
C ILE L 266 13.02 55.55 8.15
N CYS L 267 11.97 56.08 8.76
CA CYS L 267 12.08 57.27 9.59
C CYS L 267 12.72 56.91 10.92
N LYS L 268 13.36 57.91 11.53
CA LYS L 268 14.06 57.72 12.79
C LYS L 268 13.10 57.36 13.93
N SER L 273 19.10 54.12 18.77
CA SER L 273 20.34 54.73 18.27
C SER L 273 20.98 53.86 17.20
N GLY L 274 20.96 52.55 17.42
CA GLY L 274 21.53 51.61 16.49
C GLY L 274 20.81 51.56 15.15
N PRO L 275 19.51 51.25 15.16
CA PRO L 275 18.78 51.18 13.88
C PRO L 275 18.59 52.54 13.23
N ASP L 276 18.53 53.62 14.00
CA ASP L 276 18.23 54.93 13.43
C ASP L 276 19.31 55.41 12.48
N VAL L 277 20.58 55.07 12.74
CA VAL L 277 21.64 55.42 11.80
C VAL L 277 21.47 54.65 10.49
N SER L 278 21.02 53.40 10.59
CA SER L 278 20.76 52.61 9.38
C SER L 278 19.51 53.10 8.64
N ARG L 279 18.51 53.57 9.38
CA ARG L 279 17.29 54.06 8.75
C ARG L 279 17.54 55.36 7.99
N GLU L 280 18.09 56.36 8.67
CA GLU L 280 18.35 57.66 8.05
C GLU L 280 19.43 57.58 6.98
N GLY L 281 20.18 56.48 6.89
CA GLY L 281 21.13 56.32 5.80
C GLY L 281 20.49 55.97 4.49
N VAL L 282 19.29 55.38 4.51
CA VAL L 282 18.58 55.08 3.27
C VAL L 282 18.07 56.36 2.63
N GLN L 283 17.58 57.30 3.44
CA GLN L 283 17.11 58.58 2.90
C GLN L 283 18.23 59.38 2.29
N ARG L 284 19.41 59.41 2.94
CA ARG L 284 20.55 60.09 2.37
C ARG L 284 20.97 59.49 1.04
N ASP L 285 20.80 58.17 0.89
CA ASP L 285 21.05 57.53 -0.41
C ASP L 285 19.87 57.70 -1.37
N LEU L 286 18.65 57.84 -0.85
CA LEU L 286 17.51 58.16 -1.69
C LEU L 286 17.50 59.63 -2.10
N LEU L 287 18.29 60.46 -1.41
CA LEU L 287 18.28 61.90 -1.68
C LEU L 287 18.72 62.27 -3.09
N PRO L 288 19.81 61.73 -3.64
CA PRO L 288 20.21 62.12 -5.01
C PRO L 288 19.23 61.69 -6.08
N LEU L 289 18.33 60.74 -5.79
CA LEU L 289 17.36 60.34 -6.80
C LEU L 289 16.29 61.41 -6.99
N VAL L 290 15.73 61.92 -5.88
CA VAL L 290 14.68 62.92 -5.98
C VAL L 290 15.25 64.27 -6.40
N GLU L 291 16.44 64.62 -5.89
CA GLU L 291 17.11 65.84 -6.33
C GLU L 291 17.62 65.75 -7.75
N GLY L 292 17.66 64.56 -8.32
CA GLY L 292 18.15 64.34 -9.67
C GLY L 292 19.62 63.96 -9.68
N CYS L 293 19.99 63.08 -10.60
CA CYS L 293 21.35 62.54 -10.67
C CYS L 293 21.45 61.73 -11.96
N THR L 294 22.62 61.13 -12.16
CA THR L 294 22.88 60.27 -13.32
C THR L 294 23.15 58.86 -12.82
N VAL L 295 22.42 57.89 -13.38
CA VAL L 295 22.55 56.49 -13.01
C VAL L 295 22.92 55.70 -14.26
N SER L 296 24.03 54.96 -14.19
CA SER L 296 24.45 54.13 -15.31
C SER L 296 23.69 52.82 -15.32
N THR L 297 23.24 52.41 -16.51
CA THR L 297 22.53 51.15 -16.70
C THR L 297 23.06 50.48 -17.96
N LYS L 298 22.67 49.22 -18.13
CA LYS L 298 23.09 48.48 -19.32
C LYS L 298 22.51 49.10 -20.59
N HIS L 299 21.32 49.68 -20.50
CA HIS L 299 20.64 50.23 -21.67
C HIS L 299 21.15 51.60 -22.07
N GLY L 300 21.85 52.29 -21.19
CA GLY L 300 22.38 53.60 -21.49
C GLY L 300 22.48 54.44 -20.23
N MSE L 301 22.54 55.75 -20.43
CA MSE L 301 22.61 56.69 -19.33
C MSE L 301 21.22 57.25 -19.03
O MSE L 301 20.57 57.81 -19.92
CB MSE L 301 23.58 57.82 -19.66
CG MSE L 301 24.40 58.32 -18.47
SE MSE L 301 25.69 57.01 -17.80
CE MSE L 301 26.69 56.68 -19.45
N VAL L 302 20.76 57.10 -17.79
CA VAL L 302 19.42 57.51 -17.39
C VAL L 302 19.54 58.63 -16.36
N LYS L 303 18.89 59.76 -16.63
CA LYS L 303 18.88 60.90 -15.73
C LYS L 303 17.54 60.95 -15.00
N THR L 304 17.60 61.09 -13.68
CA THR L 304 16.42 61.01 -12.83
C THR L 304 15.79 62.35 -12.53
N ASP L 305 16.28 63.43 -13.13
CA ASP L 305 15.78 64.77 -12.80
C ASP L 305 14.27 64.87 -12.99
N HIS L 306 13.76 64.37 -14.11
CA HIS L 306 12.35 64.55 -14.45
C HIS L 306 11.45 63.41 -14.01
N ILE L 307 11.99 62.41 -13.29
CA ILE L 307 11.17 61.31 -12.82
C ILE L 307 10.25 61.77 -11.70
N LEU L 308 9.02 61.28 -11.70
CA LEU L 308 8.06 61.54 -10.65
C LEU L 308 8.13 60.44 -9.60
N PHE L 309 8.18 60.83 -8.32
CA PHE L 309 8.26 59.90 -7.20
C PHE L 309 7.03 60.04 -6.32
N ILE L 310 6.44 58.91 -5.95
CA ILE L 310 5.25 58.85 -5.11
C ILE L 310 5.56 57.93 -3.94
N ALA L 311 5.60 58.50 -2.74
CA ALA L 311 5.90 57.74 -1.54
C ALA L 311 4.64 57.55 -0.72
N SER L 312 4.57 56.44 0.03
CA SER L 312 3.42 56.17 0.86
C SER L 312 3.86 55.46 2.14
N GLY L 313 2.96 55.44 3.12
CA GLY L 313 3.25 54.80 4.38
C GLY L 313 2.10 55.00 5.35
N ALA L 314 2.12 54.18 6.41
CA ALA L 314 1.08 54.26 7.42
C ALA L 314 1.25 55.49 8.30
N PHE L 315 2.48 55.75 8.75
CA PHE L 315 2.79 56.88 9.63
C PHE L 315 2.02 56.82 10.95
N GLN L 316 1.78 55.61 11.45
CA GLN L 316 1.27 55.46 12.81
C GLN L 316 2.39 55.58 13.83
N ILE L 317 3.54 54.96 13.54
CA ILE L 317 4.67 55.01 14.46
C ILE L 317 5.40 56.34 14.37
N ALA L 318 5.70 56.78 13.15
CA ALA L 318 6.41 58.03 12.90
C ALA L 318 5.50 59.00 12.17
N LYS L 319 6.04 60.18 11.88
CA LYS L 319 5.34 61.24 11.17
C LYS L 319 6.22 61.74 10.05
N PRO L 320 5.63 62.34 9.01
CA PRO L 320 6.45 62.86 7.90
C PRO L 320 7.47 63.90 8.32
N SER L 321 7.27 64.55 9.47
CA SER L 321 8.27 65.48 9.98
C SER L 321 9.54 64.77 10.43
N ASP L 322 9.49 63.46 10.63
CA ASP L 322 10.68 62.72 11.05
C ASP L 322 11.65 62.48 9.90
N LEU L 323 11.21 62.60 8.66
CA LEU L 323 12.10 62.47 7.52
C LEU L 323 13.11 63.62 7.52
N ILE L 324 14.24 63.39 6.85
CA ILE L 324 15.31 64.38 6.80
C ILE L 324 14.81 65.64 6.09
N PRO L 325 15.26 66.83 6.50
CA PRO L 325 14.72 68.06 5.88
C PRO L 325 14.97 68.16 4.39
N GLU L 326 16.03 67.53 3.88
CA GLU L 326 16.26 67.56 2.44
C GLU L 326 15.24 66.73 1.68
N LEU L 327 14.73 65.66 2.30
CA LEU L 327 13.73 64.83 1.63
C LEU L 327 12.34 65.45 1.69
N GLN L 328 12.02 66.13 2.80
CA GLN L 328 10.73 66.80 2.90
C GLN L 328 10.57 67.86 1.82
N GLY L 329 11.62 68.66 1.60
CA GLY L 329 11.58 69.66 0.54
C GLY L 329 11.45 69.07 -0.85
N ARG L 330 11.76 67.78 -1.01
CA ARG L 330 11.60 67.09 -2.28
C ARG L 330 10.29 66.32 -2.37
N LEU L 331 9.47 66.34 -1.32
CA LEU L 331 8.13 65.75 -1.33
C LEU L 331 7.12 66.83 -0.98
N PRO L 332 6.92 67.82 -1.86
CA PRO L 332 6.08 68.97 -1.48
C PRO L 332 4.60 68.65 -1.34
N ILE L 333 4.06 67.77 -2.17
CA ILE L 333 2.64 67.43 -2.15
C ILE L 333 2.42 66.28 -1.17
N ARG L 334 1.51 66.49 -0.21
CA ARG L 334 1.16 65.46 0.76
C ARG L 334 -0.36 65.26 0.72
N VAL L 335 -0.79 64.01 0.78
CA VAL L 335 -2.21 63.69 0.73
C VAL L 335 -2.53 62.56 1.69
N GLU L 336 -3.57 62.75 2.50
CA GLU L 336 -4.03 61.71 3.42
C GLU L 336 -5.18 60.95 2.78
N LEU L 337 -5.16 59.63 2.95
CA LEU L 337 -6.18 58.75 2.39
C LEU L 337 -7.04 58.19 3.51
N GLN L 338 -8.36 58.20 3.31
CA GLN L 338 -9.30 57.69 4.29
C GLN L 338 -9.44 56.18 4.15
N ALA L 339 -9.69 55.52 5.28
CA ALA L 339 -9.89 54.07 5.27
C ALA L 339 -11.24 53.73 4.65
N LEU L 340 -11.32 52.53 4.09
CA LEU L 340 -12.52 52.08 3.40
C LEU L 340 -13.57 51.60 4.40
N THR L 341 -14.84 51.72 4.01
CA THR L 341 -15.97 51.35 4.85
C THR L 341 -16.71 50.17 4.24
N THR L 342 -17.72 49.68 4.95
CA THR L 342 -18.56 48.61 4.41
C THR L 342 -19.34 49.08 3.20
N SER L 343 -19.75 50.35 3.18
CA SER L 343 -20.40 50.90 2.00
C SER L 343 -19.44 50.99 0.83
N ASP L 344 -18.14 51.15 1.12
CA ASP L 344 -17.15 51.19 0.05
C ASP L 344 -16.91 49.80 -0.54
N PHE L 345 -16.92 48.77 0.32
CA PHE L 345 -16.70 47.41 -0.17
C PHE L 345 -17.77 47.00 -1.17
N GLU L 346 -19.04 47.30 -0.86
CA GLU L 346 -20.11 47.02 -1.81
C GLU L 346 -19.86 47.69 -3.15
N ARG L 347 -19.23 48.87 -3.15
CA ARG L 347 -18.95 49.57 -4.39
C ARG L 347 -17.79 48.92 -5.15
N ILE L 348 -16.76 48.47 -4.42
CA ILE L 348 -15.58 47.90 -5.08
C ILE L 348 -15.91 46.58 -5.78
N LEU L 349 -16.89 45.84 -5.26
CA LEU L 349 -17.24 44.55 -5.86
C LEU L 349 -17.89 44.71 -7.22
N THR L 350 -18.57 45.84 -7.46
CA THR L 350 -19.32 46.03 -8.70
C THR L 350 -18.84 47.22 -9.51
N GLU L 351 -18.89 48.44 -8.96
CA GLU L 351 -18.62 49.67 -9.71
C GLU L 351 -17.37 49.64 -10.59
N PRO L 352 -16.18 49.31 -10.09
CA PRO L 352 -14.97 49.49 -10.92
C PRO L 352 -15.03 48.66 -12.20
N ASN L 353 -14.40 49.19 -13.25
CA ASN L 353 -14.35 48.50 -14.53
C ASN L 353 -13.61 47.19 -14.37
N ALA L 354 -14.24 46.11 -14.82
CA ALA L 354 -13.69 44.76 -14.67
C ALA L 354 -13.44 44.42 -13.21
N SER L 355 -14.45 44.65 -12.37
CA SER L 355 -14.37 44.32 -10.96
C SER L 355 -14.37 42.80 -10.77
N ILE L 356 -13.92 42.38 -9.59
CA ILE L 356 -13.72 40.94 -9.33
C ILE L 356 -15.01 40.16 -9.51
N THR L 357 -16.17 40.76 -9.21
CA THR L 357 -17.43 40.06 -9.42
C THR L 357 -17.80 40.02 -10.91
N VAL L 358 -17.53 41.11 -11.64
CA VAL L 358 -17.78 41.12 -13.07
C VAL L 358 -16.86 40.13 -13.78
N GLN L 359 -15.61 40.03 -13.32
CA GLN L 359 -14.70 39.04 -13.88
C GLN L 359 -15.23 37.63 -13.66
N TYR L 360 -15.70 37.35 -12.44
CA TYR L 360 -16.21 36.02 -12.14
C TYR L 360 -17.49 35.71 -12.91
N LYS L 361 -18.28 36.75 -13.21
CA LYS L 361 -19.44 36.55 -14.08
C LYS L 361 -18.99 36.13 -15.47
N ALA L 362 -17.90 36.71 -15.96
CA ALA L 362 -17.39 36.37 -17.29
C ALA L 362 -16.60 35.06 -17.28
N LEU L 363 -15.92 34.74 -16.17
CA LEU L 363 -15.14 33.51 -16.12
C LEU L 363 -16.03 32.28 -16.14
N MSE L 364 -17.12 32.30 -15.39
CA MSE L 364 -18.06 31.19 -15.38
C MSE L 364 -18.84 31.15 -16.70
O MSE L 364 -19.32 30.11 -17.12
CB MSE L 364 -19.03 31.28 -14.21
CG MSE L 364 -18.36 31.27 -12.84
SE MSE L 364 -17.17 29.76 -12.58
CE MSE L 364 -15.46 30.66 -12.89
N ALA L 365 -18.93 32.32 -17.35
CA ALA L 365 -19.58 32.39 -18.65
C ALA L 365 -18.80 31.61 -19.69
N THR L 366 -17.49 31.46 -19.51
CA THR L 366 -16.70 30.62 -20.40
C THR L 366 -17.19 29.17 -20.35
N GLU L 367 -17.58 28.70 -19.17
CA GLU L 367 -18.14 27.37 -19.02
C GLU L 367 -19.61 27.30 -19.38
N GLY L 368 -20.27 28.44 -19.56
CA GLY L 368 -21.69 28.46 -19.86
C GLY L 368 -22.60 28.69 -18.68
N VAL L 369 -22.09 29.18 -17.55
CA VAL L 369 -22.88 29.42 -16.35
C VAL L 369 -23.07 30.92 -16.19
N ASN L 370 -24.32 31.35 -16.04
CA ASN L 370 -24.64 32.76 -15.85
C ASN L 370 -24.71 33.03 -14.36
N ILE L 371 -23.77 33.84 -13.86
CA ILE L 371 -23.72 34.20 -12.44
C ILE L 371 -24.36 35.56 -12.27
N GLU L 372 -25.24 35.68 -11.27
CA GLU L 372 -25.90 36.93 -10.94
C GLU L 372 -25.74 37.21 -9.46
N PHE L 373 -25.26 38.41 -9.13
CA PHE L 373 -25.01 38.81 -7.76
C PHE L 373 -26.08 39.80 -7.33
N THR L 374 -26.95 39.37 -6.41
CA THR L 374 -27.97 40.24 -5.87
C THR L 374 -27.35 41.22 -4.87
N ASP L 375 -28.05 42.34 -4.66
CA ASP L 375 -27.56 43.34 -3.72
C ASP L 375 -27.44 42.76 -2.31
N SER L 376 -28.44 41.97 -1.89
CA SER L 376 -28.38 41.36 -0.58
C SER L 376 -27.24 40.36 -0.47
N GLY L 377 -26.86 39.76 -1.59
CA GLY L 377 -25.67 38.91 -1.59
C GLY L 377 -24.39 39.70 -1.57
N ILE L 378 -24.34 40.79 -2.37
CA ILE L 378 -23.17 41.66 -2.34
C ILE L 378 -23.02 42.34 -0.99
N LYS L 379 -24.12 42.59 -0.30
CA LYS L 379 -24.04 43.25 1.01
C LYS L 379 -23.41 42.32 2.04
N ARG L 380 -23.77 41.04 2.04
CA ARG L 380 -23.20 40.10 3.00
C ARG L 380 -21.77 39.70 2.63
N ILE L 381 -21.43 39.73 1.34
CA ILE L 381 -20.04 39.53 0.96
C ILE L 381 -19.17 40.64 1.52
N ALA L 382 -19.62 41.89 1.38
CA ALA L 382 -18.89 43.02 1.94
C ALA L 382 -18.89 42.98 3.46
N GLU L 383 -20.01 42.58 4.07
CA GLU L 383 -20.05 42.45 5.53
C GLU L 383 -19.15 41.32 6.01
N ALA L 384 -18.95 40.30 5.18
CA ALA L 384 -18.05 39.21 5.57
C ALA L 384 -16.61 39.69 5.63
N ALA L 385 -16.15 40.42 4.60
CA ALA L 385 -14.78 40.91 4.59
C ALA L 385 -14.52 41.90 5.71
N TRP L 386 -15.52 42.71 6.06
CA TRP L 386 -15.35 43.66 7.15
C TRP L 386 -15.22 42.94 8.49
N GLN L 387 -16.00 41.88 8.69
CA GLN L 387 -15.98 41.17 9.96
C GLN L 387 -14.64 40.47 10.18
N VAL L 388 -14.05 39.92 9.12
CA VAL L 388 -12.78 39.22 9.24
C VAL L 388 -11.66 40.20 9.57
N ASN L 389 -11.69 41.39 8.97
CA ASN L 389 -10.67 42.39 9.27
C ASN L 389 -10.77 42.89 10.71
N GLU L 390 -11.97 42.89 11.28
CA GLU L 390 -12.13 43.33 12.66
C GLU L 390 -11.84 42.22 13.65
N SER L 391 -12.22 40.97 13.32
CA SER L 391 -12.02 39.87 14.24
C SER L 391 -10.55 39.51 14.39
N THR L 392 -9.75 39.67 13.33
CA THR L 392 -8.35 39.27 13.36
C THR L 392 -7.43 40.44 13.00
N GLU L 393 -7.00 40.49 11.74
CA GLU L 393 -6.10 41.52 11.26
C GLU L 393 -6.75 42.27 10.10
N ASN L 394 -6.57 43.59 10.09
CA ASN L 394 -7.12 44.45 9.04
C ASN L 394 -6.13 44.48 7.88
N ILE L 395 -6.49 43.83 6.77
CA ILE L 395 -5.66 43.84 5.58
C ILE L 395 -6.19 44.76 4.50
N GLY L 396 -7.27 45.49 4.77
CA GLY L 396 -7.81 46.42 3.79
C GLY L 396 -8.69 45.72 2.78
N ALA L 397 -8.78 46.31 1.58
CA ALA L 397 -9.63 45.81 0.52
C ALA L 397 -9.15 44.46 -0.04
N ARG L 398 -7.94 44.02 0.31
CA ARG L 398 -7.46 42.74 -0.17
C ARG L 398 -8.26 41.58 0.39
N ARG L 399 -9.02 41.79 1.47
CA ARG L 399 -9.83 40.71 2.03
C ARG L 399 -10.94 40.28 1.07
N LEU L 400 -11.41 41.20 0.22
CA LEU L 400 -12.46 40.85 -0.73
C LEU L 400 -12.03 39.77 -1.71
N HIS L 401 -10.72 39.68 -1.97
CA HIS L 401 -10.23 38.68 -2.92
C HIS L 401 -10.30 37.28 -2.32
N THR L 402 -9.80 37.12 -1.09
CA THR L 402 -9.81 35.79 -0.48
C THR L 402 -11.21 35.35 -0.10
N VAL L 403 -12.08 36.30 0.25
CA VAL L 403 -13.44 35.94 0.63
C VAL L 403 -14.26 35.51 -0.60
N LEU L 404 -14.05 36.19 -1.74
CA LEU L 404 -14.80 35.84 -2.94
C LEU L 404 -14.40 34.47 -3.47
N GLU L 405 -13.11 34.13 -3.41
CA GLU L 405 -12.67 32.83 -3.90
C GLU L 405 -13.20 31.70 -3.02
N ARG L 406 -13.24 31.90 -1.71
CA ARG L 406 -13.71 30.85 -0.81
C ARG L 406 -15.19 30.57 -1.03
N LEU L 407 -15.99 31.60 -1.30
CA LEU L 407 -17.41 31.40 -1.60
C LEU L 407 -17.59 30.75 -2.97
N MSE L 408 -16.74 31.10 -3.94
CA MSE L 408 -16.94 30.69 -5.32
C MSE L 408 -16.18 29.43 -5.70
O MSE L 408 -16.22 29.00 -6.86
CB MSE L 408 -16.54 31.82 -6.26
CG MSE L 408 -17.39 33.09 -6.15
SE MSE L 408 -19.10 32.94 -7.06
CE MSE L 408 -20.18 32.22 -5.60
N GLU L 409 -15.48 28.83 -4.75
CA GLU L 409 -14.62 27.68 -5.07
C GLU L 409 -15.45 26.48 -5.50
N GLU L 410 -16.65 26.30 -4.95
CA GLU L 410 -17.49 25.17 -5.33
C GLU L 410 -18.06 25.36 -6.73
N ILE L 411 -18.47 26.58 -7.06
CA ILE L 411 -19.01 26.84 -8.40
C ILE L 411 -17.90 26.79 -9.44
N SER L 412 -16.72 27.29 -9.11
CA SER L 412 -15.62 27.30 -10.07
C SER L 412 -15.14 25.90 -10.41
N TYR L 413 -15.22 24.97 -9.46
CA TYR L 413 -14.79 23.60 -9.70
C TYR L 413 -15.83 22.82 -10.51
N ASP L 414 -17.10 22.98 -10.18
CA ASP L 414 -18.18 22.27 -10.85
C ASP L 414 -18.70 23.01 -12.07
N ALA L 415 -18.07 24.13 -12.44
CA ALA L 415 -18.56 24.95 -13.54
C ALA L 415 -18.66 24.16 -14.85
N SER L 416 -17.79 23.17 -15.03
CA SER L 416 -17.88 22.33 -16.22
C SER L 416 -19.16 21.51 -16.24
N ASP L 417 -19.70 21.15 -15.07
CA ASP L 417 -20.93 20.37 -15.02
C ASP L 417 -22.17 21.24 -14.93
N LEU L 418 -22.00 22.55 -14.69
CA LEU L 418 -23.12 23.47 -14.57
C LEU L 418 -23.44 24.19 -15.88
N SER L 419 -22.80 23.81 -16.97
CA SER L 419 -23.00 24.48 -18.26
C SER L 419 -24.48 24.54 -18.62
N GLY L 420 -24.95 25.75 -18.95
CA GLY L 420 -26.32 25.95 -19.34
C GLY L 420 -27.29 26.32 -18.23
N GLN L 421 -26.78 26.75 -17.08
CA GLN L 421 -27.63 27.08 -15.94
C GLN L 421 -27.36 28.51 -15.49
N ASN L 422 -28.35 29.07 -14.80
CA ASN L 422 -28.27 30.43 -14.25
C ASN L 422 -28.21 30.30 -12.73
N ILE L 423 -27.06 30.62 -12.16
CA ILE L 423 -26.84 30.49 -10.73
C ILE L 423 -26.95 31.87 -10.10
N THR L 424 -27.88 32.01 -9.14
CA THR L 424 -28.13 33.26 -8.46
C THR L 424 -27.48 33.21 -7.08
N ILE L 425 -26.57 34.15 -6.82
CA ILE L 425 -25.91 34.25 -5.52
C ILE L 425 -26.69 35.28 -4.71
N ASP L 426 -27.41 34.82 -3.71
CA ASP L 426 -28.19 35.68 -2.84
C ASP L 426 -27.54 35.78 -1.46
N ALA L 427 -28.22 36.50 -0.56
CA ALA L 427 -27.72 36.61 0.81
C ALA L 427 -27.69 35.28 1.53
N ASP L 428 -28.55 34.34 1.13
CA ASP L 428 -28.58 33.03 1.77
C ASP L 428 -27.43 32.14 1.28
N TYR L 429 -27.14 32.18 -0.02
CA TYR L 429 -26.01 31.40 -0.54
C TYR L 429 -24.69 31.90 0.01
N VAL L 430 -24.58 33.21 0.27
CA VAL L 430 -23.37 33.76 0.86
C VAL L 430 -23.22 33.30 2.30
N SER L 431 -24.31 33.35 3.07
CA SER L 431 -24.23 32.99 4.48
C SER L 431 -24.00 31.51 4.71
N LYS L 432 -24.23 30.67 3.70
CA LYS L 432 -24.03 29.23 3.86
C LYS L 432 -22.56 28.85 3.82
N HIS L 433 -21.80 29.44 2.90
CA HIS L 433 -20.39 29.10 2.71
C HIS L 433 -19.45 30.01 3.48
N LEU L 434 -19.97 31.01 4.21
CA LEU L 434 -19.13 32.00 4.88
C LEU L 434 -19.33 32.02 6.39
N ASP L 435 -20.56 32.29 6.86
CA ASP L 435 -20.82 32.45 8.28
C ASP L 435 -20.23 31.33 9.13
N ALA L 436 -20.20 30.10 8.62
CA ALA L 436 -19.55 29.01 9.34
C ALA L 436 -18.06 29.28 9.49
N LEU L 437 -17.44 29.84 8.46
CA LEU L 437 -16.00 30.12 8.50
C LEU L 437 -15.70 31.41 9.26
N VAL L 438 -16.52 32.44 9.06
CA VAL L 438 -16.28 33.71 9.75
C VAL L 438 -16.51 33.57 11.25
N ALA L 439 -17.32 32.59 11.67
CA ALA L 439 -17.57 32.40 13.09
C ALA L 439 -16.32 31.95 13.83
N ASP L 440 -15.49 31.14 13.19
CA ASP L 440 -14.25 30.65 13.79
C ASP L 440 -13.12 31.59 13.38
N GLU L 441 -12.59 32.35 14.35
CA GLU L 441 -11.50 33.26 14.04
C GLU L 441 -10.20 32.51 13.80
N ASP L 442 -10.00 31.38 14.48
CA ASP L 442 -8.82 30.56 14.24
C ASP L 442 -8.80 30.04 12.81
N LEU L 443 -9.95 29.63 12.31
CA LEU L 443 -10.08 29.22 10.91
C LEU L 443 -10.06 30.41 9.95
N SER L 444 -10.40 31.60 10.44
CA SER L 444 -10.43 32.78 9.58
C SER L 444 -9.04 33.28 9.20
N ARG L 445 -8.02 32.98 10.01
CA ARG L 445 -6.68 33.42 9.66
C ARG L 445 -6.04 32.53 8.61
N PHE L 446 -6.29 31.22 8.69
CA PHE L 446 -5.74 30.31 7.70
C PHE L 446 -6.52 30.35 6.39
N ILE L 447 -7.85 30.23 6.47
CA ILE L 447 -8.66 30.07 5.28
C ILE L 447 -8.94 31.41 4.61
N LEU L 448 -9.27 32.44 5.40
CA LEU L 448 -9.67 33.73 4.84
C LEU L 448 -8.55 34.77 4.94
N UNK M 1 60.35 99.23 -9.17
CA UNK M 1 61.67 98.61 -9.32
C UNK M 1 61.69 97.21 -8.70
N UNK M 2 61.04 97.07 -7.54
CA UNK M 2 60.93 95.77 -6.88
C UNK M 2 59.99 94.83 -7.62
N UNK M 3 58.92 95.35 -8.23
CA UNK M 3 58.01 94.48 -8.96
C UNK M 3 58.61 94.06 -10.30
N UNK M 4 59.41 94.93 -10.92
CA UNK M 4 60.08 94.58 -12.16
C UNK M 4 61.17 93.54 -11.95
N UNK M 5 61.83 93.58 -10.79
CA UNK M 5 62.82 92.56 -10.47
C UNK M 5 62.19 91.22 -10.11
N UNK M 6 60.95 91.24 -9.61
CA UNK M 6 60.26 89.99 -9.33
C UNK M 6 59.78 89.31 -10.60
N UNK M 7 59.31 90.09 -11.57
CA UNK M 7 58.92 89.52 -12.86
C UNK M 7 60.13 89.05 -13.66
N UNK M 8 61.31 89.59 -13.38
CA UNK M 8 62.52 89.11 -14.05
C UNK M 8 63.01 87.80 -13.44
N UNK M 9 62.85 87.64 -12.13
CA UNK M 9 63.22 86.37 -11.49
C UNK M 9 62.27 85.25 -11.87
N UNK M 10 60.98 85.58 -12.02
CA UNK M 10 60.01 84.58 -12.47
C UNK M 10 60.26 84.19 -13.91
N UNK M 11 60.59 85.16 -14.78
CA UNK M 11 60.95 84.84 -16.15
C UNK M 11 62.26 84.06 -16.21
N UNK M 12 63.20 84.38 -15.31
CA UNK M 12 64.41 83.58 -15.21
C UNK M 12 64.13 82.20 -14.63
N UNK M 13 63.09 82.08 -13.80
CA UNK M 13 62.69 80.78 -13.29
C UNK M 13 61.83 80.01 -14.29
N UNK M 14 61.05 80.71 -15.11
CA UNK M 14 60.25 80.04 -16.12
C UNK M 14 61.10 79.55 -17.29
N UNK M 15 62.23 80.20 -17.55
CA UNK M 15 63.14 79.77 -18.60
C UNK M 15 64.05 78.63 -18.18
N UNK M 16 64.14 78.35 -16.88
CA UNK M 16 64.99 77.27 -16.40
C UNK M 16 64.20 75.97 -16.29
PB ADP N . -7.26 -22.60 22.34
O1B ADP N . -6.40 -22.44 21.11
O2B ADP N . -8.73 -22.78 22.07
O3B ADP N . -6.93 -21.63 23.44
PA ADP N . -7.39 -24.60 24.31
O1A ADP N . -8.54 -25.51 24.00
O2A ADP N . -7.59 -23.47 25.30
O3A ADP N . -6.80 -24.03 22.93
O5' ADP N . -6.16 -25.49 24.85
C5' ADP N . -5.27 -24.91 25.79
C4' ADP N . -4.55 -25.96 26.60
O4' ADP N . -3.31 -25.38 26.99
C3' ADP N . -5.32 -26.27 27.87
O3' ADP N . -5.24 -27.66 28.18
C2' ADP N . -4.65 -25.46 28.95
O2' ADP N . -4.40 -26.28 30.09
C1' ADP N . -3.34 -24.96 28.35
N9 ADP N . -3.31 -23.48 28.37
C8 ADP N . -3.25 -22.68 27.30
N7 ADP N . -3.22 -21.37 27.65
C5 ADP N . -3.27 -21.32 29.00
C6 ADP N . -3.27 -20.25 30.03
N6 ADP N . -3.23 -18.95 29.67
N1 ADP N . -3.33 -20.63 31.32
C2 ADP N . -3.37 -21.93 31.68
N3 ADP N . -3.37 -22.95 30.80
C4 ADP N . -3.32 -22.70 29.47
S SO4 O . 19.88 -25.97 38.58
O1 SO4 O . 19.90 -27.41 38.86
O2 SO4 O . 21.00 -25.34 39.28
O3 SO4 O . 20.03 -25.73 37.15
O4 SO4 O . 18.63 -25.40 39.05
PB ADP P . 0.94 -53.38 11.74
O1B ADP P . 1.78 -53.24 12.98
O2B ADP P . -0.49 -52.92 11.89
O3B ADP P . 1.64 -52.91 10.48
PA ADP P . 0.00 -55.90 12.56
O1A ADP P . 0.43 -55.61 13.98
O2A ADP P . -1.45 -55.78 12.19
O3A ADP P . 0.85 -54.97 11.54
O5' ADP P . 0.50 -57.37 12.17
C5' ADP P . -0.37 -58.47 12.41
C4' ADP P . 0.35 -59.76 12.02
O4' ADP P . 1.74 -59.50 11.89
C3' ADP P . 0.16 -60.79 13.13
O3' ADP P . -0.50 -61.95 12.60
C2' ADP P . 1.56 -61.13 13.60
O2' ADP P . 1.76 -62.54 13.55
C1' ADP P . 2.52 -60.42 12.65
N9 ADP P . 3.57 -59.67 13.38
C8 ADP P . 3.99 -58.44 13.03
N7 ADP P . 4.97 -58.00 13.86
C5 ADP P . 5.19 -58.97 14.77
C6 ADP P . 6.08 -59.15 15.94
N6 ADP P . 6.96 -58.17 16.30
N1 ADP P . 6.00 -60.31 16.63
C2 ADP P . 5.13 -61.27 16.28
N3 ADP P . 4.29 -61.18 15.23
C4 ADP P . 4.27 -60.07 14.44
S SO4 Q . -14.45 -39.77 37.11
O1 SO4 Q . -14.38 -41.15 36.67
O2 SO4 Q . -13.13 -39.33 37.55
O3 SO4 Q . -14.91 -38.92 36.00
O4 SO4 Q . -15.40 -39.66 38.22
S SO4 R . 19.46 -79.28 7.06
O1 SO4 R . 19.98 -80.41 7.84
O2 SO4 R . 20.49 -78.24 6.94
O3 SO4 R . 19.10 -79.74 5.72
O4 SO4 R . 18.30 -78.72 7.72
PB ADP S . -17.68 -69.16 -10.74
O1B ADP S . -16.81 -70.37 -10.54
O2B ADP S . -18.14 -68.51 -9.45
O3B ADP S . -17.17 -68.18 -11.77
PA ADP S . -19.97 -70.73 -10.53
O1A ADP S . -19.13 -71.67 -9.70
O2A ADP S . -20.98 -69.85 -9.84
O3A ADP S . -19.01 -69.77 -11.39
O5' ADP S . -20.78 -71.62 -11.60
C5' ADP S . -21.91 -72.32 -11.11
C4' ADP S . -22.67 -72.97 -12.25
O4' ADP S . -21.72 -73.37 -13.24
C3' ADP S . -23.39 -74.20 -11.75
O3' ADP S . -24.75 -74.20 -12.21
C2' ADP S . -22.63 -75.38 -12.33
O2' ADP S . -23.54 -76.31 -12.90
C1' ADP S . -21.73 -74.79 -13.41
N9 ADP S . -20.32 -75.25 -13.25
C8 ADP S . -19.25 -74.44 -13.31
N7 ADP S . -18.09 -75.14 -13.15
C5 ADP S . -18.42 -76.42 -12.99
C6 ADP S . -17.68 -77.69 -12.77
N6 ADP S . -16.33 -77.70 -12.69
N1 ADP S . -18.41 -78.83 -12.65
C2 ADP S . -19.75 -78.82 -12.73
N3 ADP S . -20.49 -77.72 -12.93
C4 ADP S . -19.89 -76.50 -13.07
S SO4 T . -11.85 -67.61 21.35
O1 SO4 T . -10.96 -68.22 20.36
O2 SO4 T . -11.92 -68.48 22.53
O3 SO4 T . -13.18 -67.46 20.77
O4 SO4 T . -11.35 -66.30 21.74
S SO4 U . -25.34 -90.76 -32.30
O1 SO4 U . -24.22 -90.25 -33.07
O2 SO4 U . -24.84 -91.48 -31.13
O3 SO4 U . -26.19 -89.66 -31.87
O4 SO4 U . -26.12 -91.69 -33.13
PB ADP V . -43.75 -52.81 -24.53
O1B ADP V . -43.37 -52.92 -23.07
O2B ADP V . -42.85 -51.89 -25.32
O3B ADP V . -44.04 -54.13 -25.20
PA ADP V . -46.38 -52.61 -23.61
O1A ADP V . -46.45 -54.13 -23.68
O2A ADP V . -46.26 -51.95 -22.26
O3A ADP V . -45.18 -52.08 -24.54
O5' ADP V . -47.69 -52.02 -24.33
C5' ADP V . -48.90 -52.00 -23.58
C4' ADP V . -50.02 -51.47 -24.46
O4' ADP V . -49.76 -51.81 -25.82
C3' ADP V . -51.34 -52.11 -24.05
O3' ADP V . -52.27 -51.10 -23.68
C2' ADP V . -51.81 -52.87 -25.27
O2' ADP V . -53.17 -52.49 -25.56
C1' ADP V . -50.89 -52.45 -26.41
N9 ADP V . -50.38 -53.60 -27.19
C8 ADP V . -49.10 -53.73 -27.58
N7 ADP V . -48.91 -54.86 -28.29
C5 ADP V . -50.10 -55.48 -28.39
C6 ADP V . -50.60 -56.73 -29.00
N6 ADP V . -49.76 -57.54 -29.68
N1 ADP V . -51.92 -57.01 -28.88
C2 ADP V . -52.75 -56.20 -28.20
N3 ADP V . -52.36 -55.05 -27.61
C4 ADP V . -51.07 -54.64 -27.67
S SO4 W . -30.54 -73.26 -1.21
O1 SO4 W . -30.51 -74.51 -1.99
O2 SO4 W . -29.45 -73.26 -0.25
O3 SO4 W . -30.40 -72.12 -2.13
O4 SO4 W . -31.83 -73.16 -0.52
S SO4 X . -54.30 -56.95 -12.18
O1 SO4 X . -53.59 -58.14 -12.64
O2 SO4 X . -53.41 -56.14 -11.34
O3 SO4 X . -54.73 -56.16 -13.33
O4 SO4 X . -55.47 -57.34 -11.39
PB ADP Y . -52.02 -22.25 -14.25
O1B ADP Y . -51.69 -23.56 -13.57
O2B ADP Y . -50.86 -21.59 -14.96
O3B ADP Y . -53.30 -22.27 -15.04
PA ADP Y . -53.55 -21.42 -12.02
O1A ADP Y . -53.01 -22.03 -10.74
O2A ADP Y . -54.72 -22.08 -12.71
O3A ADP Y . -52.31 -21.23 -13.03
O5' ADP Y . -53.99 -19.91 -11.68
C5' ADP Y . -55.11 -19.78 -10.81
C4' ADP Y . -55.33 -18.36 -10.36
O4' ADP Y . -55.53 -17.53 -11.50
C3' ADP Y . -56.60 -18.36 -9.54
O3' ADP Y . -56.44 -17.55 -8.38
C2' ADP Y . -57.65 -17.79 -10.47
O2' ADP Y . -58.45 -16.84 -9.77
C1' ADP Y . -56.89 -17.12 -11.61
N9 ADP Y . -57.38 -17.57 -12.94
C8 ADP Y . -56.56 -17.89 -13.96
N7 ADP Y . -57.25 -18.26 -15.06
C5 ADP Y . -58.55 -18.17 -14.77
C6 ADP Y . -59.81 -18.41 -15.50
N6 ADP Y . -59.80 -18.83 -16.79
N1 ADP Y . -60.97 -18.19 -14.84
C2 ADP Y . -60.98 -17.78 -13.56
N3 ADP Y . -59.88 -17.53 -12.84
C4 ADP Y . -58.64 -17.70 -13.37
S SO4 Z . -64.74 -52.73 -9.55
O1 SO4 Z . -64.68 -53.84 -10.51
O2 SO4 Z . -63.98 -53.07 -8.35
O3 SO4 Z . -64.19 -51.53 -10.16
O4 SO4 Z . -66.14 -52.49 -9.19
S SO4 AA . -66.32 6.00 -15.06
O1 SO4 AA . -66.94 4.70 -14.88
O2 SO4 AA . -65.17 6.15 -14.17
O3 SO4 AA . -65.88 6.16 -16.44
O4 SO4 AA . -67.30 7.04 -14.75
PB ADP BA . -33.08 -6.67 8.64
O1B ADP BA . -33.61 -8.08 8.69
O2B ADP BA . -31.96 -6.46 7.65
O3B ADP BA . -34.15 -5.60 8.61
PA ADP BA . -33.21 -6.77 11.41
O1A ADP BA . -32.94 -8.21 11.76
O2A ADP BA . -34.63 -6.30 11.28
O3A ADP BA . -32.39 -6.44 10.08
O5' ADP BA . -32.48 -5.87 12.53
C5' ADP BA . -32.61 -6.25 13.89
C4' ADP BA . -31.84 -5.27 14.76
O4' ADP BA . -31.64 -4.03 14.07
C3' ADP BA . -32.64 -4.98 16.01
O3' ADP BA . -31.87 -5.35 17.17
C2' ADP BA . -32.90 -3.49 16.00
O2' ADP BA . -32.48 -2.91 17.24
C1' ADP BA . -32.08 -2.93 14.84
N9 ADP BA . -32.95 -2.09 13.99
C8 ADP BA . -33.02 -2.15 12.65
N7 ADP BA . -33.90 -1.26 12.15
C5 ADP BA . -34.43 -0.58 13.18
C6 ADP BA . -35.42 0.50 13.34
N6 ADP BA . -36.04 1.04 12.26
N1 ADP BA . -35.70 0.92 14.60
C2 ADP BA . -35.08 0.38 15.67
N3 ADP BA . -34.18 -0.61 15.60
C4 ADP BA . -33.80 -1.13 14.39
S SO4 CA . -52.61 8.99 6.12
O1 SO4 CA . -53.04 7.89 5.25
O2 SO4 CA . -51.16 9.00 6.21
O3 SO4 CA . -53.08 10.26 5.55
O4 SO4 CA . -53.19 8.81 7.45
PB ADP DA . 6.18 18.30 1.62
O1B ADP DA . 6.36 18.38 3.11
O2B ADP DA . 6.84 19.41 0.84
O3B ADP DA . 4.76 17.98 1.20
PA ADP DA . 7.05 16.45 -0.30
O1A ADP DA . 8.26 17.05 -0.97
O2A ADP DA . 5.70 16.62 -0.96
O3A ADP DA . 7.01 16.97 1.22
O5' ADP DA . 7.29 14.87 -0.13
C5' ADP DA . 7.12 14.08 -1.31
C4' ADP DA . 7.57 12.64 -1.11
O4' ADP DA . 6.67 11.97 -0.23
C3' ADP DA . 7.51 11.95 -2.46
O3' ADP DA . 8.69 11.17 -2.66
C2' ADP DA . 6.27 11.06 -2.39
O2' ADP DA . 6.59 9.76 -2.89
C1' ADP DA . 5.89 11.00 -0.92
N9 ADP DA . 4.45 11.35 -0.73
C8 ADP DA . 3.99 12.26 0.14
N7 ADP DA . 2.64 12.35 0.09
C5 ADP DA . 2.20 11.50 -0.84
C6 ADP DA . 0.89 11.10 -1.39
N6 ADP DA . -0.25 11.67 -0.95
N1 ADP DA . 0.87 10.16 -2.36
C2 ADP DA . 2.00 9.58 -2.81
N3 ADP DA . 3.23 9.89 -2.35
C4 ADP DA . 3.40 10.83 -1.38
S SO4 EA . 1.48 -12.67 4.25
O1 SO4 EA . 1.83 -13.87 3.49
O2 SO4 EA . 2.65 -11.82 4.42
O3 SO4 EA . 0.44 -11.93 3.52
O4 SO4 EA . 0.97 -13.04 5.57
PB ADP FA . 37.92 9.94 8.26
O1B ADP FA . 37.56 8.57 7.74
O2B ADP FA . 37.26 11.08 7.50
O3B ADP FA . 37.82 10.06 9.76
PA ADP FA . 40.29 9.50 6.67
O1A ADP FA . 39.80 8.11 6.36
O2A ADP FA . 40.35 10.50 5.55
O3A ADP FA . 39.50 10.12 7.94
O5' ADP FA . 41.79 9.32 7.25
C5' ADP FA . 42.14 8.08 7.85
C4' ADP FA . 43.57 7.72 7.52
O4' ADP FA . 43.87 6.50 8.22
C3' ADP FA . 43.72 7.46 6.04
O3' ADP FA . 44.87 8.13 5.54
C2' ADP FA . 43.87 5.95 5.90
O2' ADP FA . 45.06 5.65 5.15
C1' ADP FA . 44.00 5.40 7.31
N9 ADP FA . 42.90 4.45 7.57
C8 ADP FA . 41.83 4.67 8.36
N7 ADP FA . 41.00 3.61 8.40
C5 ADP FA . 41.53 2.66 7.61
C6 ADP FA . 41.16 1.28 7.20
N6 ADP FA . 40.03 0.71 7.67
N1 ADP FA . 41.99 0.63 6.37
C2 ADP FA . 43.13 1.20 5.91
N3 ADP FA . 43.52 2.44 6.23
C4 ADP FA . 42.78 3.21 7.06
S SO4 GA . 19.72 9.90 -18.22
O1 SO4 GA . 19.89 8.46 -18.04
O2 SO4 GA . 20.76 10.61 -17.47
O3 SO4 GA . 19.83 10.23 -19.64
O4 SO4 GA . 18.39 10.32 -17.74
PB ADP HA . 61.37 32.82 11.02
O1B ADP HA . 62.48 31.81 11.04
O2B ADP HA . 60.29 32.55 10.00
O3B ADP HA . 60.86 33.17 12.39
PA ADP HA . 62.80 34.24 9.07
O1A ADP HA . 63.41 32.91 8.74
O2A ADP HA . 61.81 34.84 8.09
O3A ADP HA . 62.08 34.16 10.52
O5' ADP HA . 64.00 35.28 9.28
C5' ADP HA . 64.92 35.40 8.20
C4' ADP HA . 65.84 36.60 8.37
O4' ADP HA . 66.64 36.43 9.55
C3' ADP HA . 66.78 36.66 7.18
O3' ADP HA . 66.91 38.02 6.76
C2' ADP HA . 68.11 36.16 7.70
O2' ADP HA . 69.17 37.00 7.25
C1' ADP HA . 68.01 36.18 9.22
N9 ADP HA . 68.33 34.86 9.80
C8 ADP HA . 67.56 34.22 10.70
N7 ADP HA . 68.11 33.03 11.06
C5 ADP HA . 69.25 32.89 10.35
C6 ADP HA . 70.31 31.86 10.26
N6 ADP HA . 70.23 30.72 11.00
N1 ADP HA . 71.33 32.10 9.42
C2 ADP HA . 71.41 33.23 8.69
N3 ADP HA . 70.49 34.20 8.73
C4 ADP HA . 69.40 34.10 9.54
PB ADP IA . 53.03 65.06 8.92
O1B ADP IA . 54.50 65.36 9.02
O2B ADP IA . 52.66 63.98 7.92
O3B ADP IA . 52.33 64.92 10.26
PA ADP IA . 52.66 66.80 6.78
O1A ADP IA . 54.10 66.53 6.44
O2A ADP IA . 51.57 66.17 5.95
O3A ADP IA . 52.40 66.41 8.31
O5' ADP IA . 52.44 68.40 6.72
C5' ADP IA . 52.38 69.01 5.43
C4' ADP IA . 52.23 70.51 5.58
O4' ADP IA . 52.98 70.97 6.71
C3' ADP IA . 52.77 71.19 4.34
O3' ADP IA . 51.75 72.00 3.75
C2' ADP IA . 53.92 72.04 4.81
O2' ADP IA . 53.81 73.38 4.30
C1' ADP IA . 53.85 72.04 6.34
N9 ADP IA . 55.18 71.78 6.96
C8 ADP IA . 55.37 70.96 8.01
N7 ADP IA . 56.68 70.92 8.36
C5 ADP IA . 57.36 71.73 7.52
C6 ADP IA . 58.76 72.13 7.35
N6 ADP IA . 59.74 71.65 8.16
N1 ADP IA . 59.06 73.00 6.36
C2 ADP IA . 58.10 73.50 5.56
N3 ADP IA . 56.79 73.18 5.66
C4 ADP IA . 56.36 72.30 6.61
S SO4 JA . 63.88 37.34 -6.20
O1 SO4 JA . 64.24 35.96 -5.85
O2 SO4 JA . 65.06 38.20 -6.09
O3 SO4 JA . 63.39 37.37 -7.58
O4 SO4 JA . 62.84 37.83 -5.31
S SO4 KA . 58.25 96.89 10.49
O1 SO4 KA . 58.76 96.90 9.13
O2 SO4 KA . 58.91 95.82 11.25
O3 SO4 KA . 56.81 96.65 10.47
O4 SO4 KA . 58.52 98.17 11.13
PB ADP LA . 21.43 73.55 2.89
O1B ADP LA . 22.32 72.52 2.22
O2B ADP LA . 20.97 73.17 4.28
O3B ADP LA . 21.92 74.97 2.78
PA ADP LA . 20.06 73.94 0.46
O1A ADP LA . 20.23 72.69 -0.36
O2A ADP LA . 21.00 75.10 0.23
O3A ADP LA . 20.07 73.53 2.02
O5' ADP LA . 18.58 74.51 0.22
C5' ADP LA . 18.37 75.12 -1.04
C4' ADP LA . 16.91 75.50 -1.24
O4' ADP LA . 16.53 76.49 -0.28
C3' ADP LA . 16.77 76.09 -2.63
O3' ADP LA . 15.64 75.50 -3.28
C2' ADP LA . 16.54 77.56 -2.40
O2' ADP LA . 15.42 77.98 -3.19
C1' ADP LA . 16.23 77.74 -0.92
N9 ADP LA . 17.13 78.74 -0.29
C8 ADP LA . 17.82 78.52 0.83
N7 ADP LA . 18.54 79.62 1.18
C5 ADP LA . 18.31 80.56 0.26
C6 ADP LA . 18.76 81.96 0.04
N6 ADP LA . 19.62 82.56 0.89
N1 ADP LA . 18.28 82.61 -1.05
C2 ADP LA . 17.43 82.02 -1.91
N3 ADP LA . 16.97 80.76 -1.76
C4 ADP LA . 17.37 79.99 -0.71
S SO4 MA . -4.61 92.57 1.10
O1 SO4 MA . -3.77 92.20 -0.03
O2 SO4 MA . -3.78 93.14 2.16
O3 SO4 MA . -5.31 91.40 1.61
O4 SO4 MA . -5.60 93.56 0.67
PB ADP NA . -2.27 50.24 -0.65
O1B ADP NA . -1.00 50.32 -1.46
O2B ADP NA . -2.08 49.93 0.80
O3B ADP NA . -3.24 51.37 -0.91
PA ADP NA . -3.08 48.67 -2.82
O1A ADP NA . -1.82 47.93 -3.19
O2A ADP NA . -3.42 49.96 -3.53
O3A ADP NA . -3.04 48.96 -1.24
O5' ADP NA . -4.31 47.67 -2.98
C5' ADP NA . -4.41 46.92 -4.18
C4' ADP NA . -5.69 46.09 -4.17
O4' ADP NA . -6.67 46.70 -3.31
C3' ADP NA . -6.28 46.04 -5.57
O3' ADP NA . -6.32 44.69 -6.04
C2' ADP NA . -7.67 46.61 -5.46
O2' ADP NA . -8.62 45.64 -5.93
C1' ADP NA . -7.91 46.88 -3.99
N9 ADP NA . -8.39 48.27 -3.77
C8 ADP NA . -7.93 49.08 -2.81
N7 ADP NA . -8.55 50.29 -2.84
C5 ADP NA . -9.44 50.25 -3.84
C6 ADP NA . -10.43 51.20 -4.40
N6 ADP NA . -10.56 52.44 -3.88
N1 ADP NA . -11.17 50.79 -5.46
C2 ADP NA . -11.04 49.56 -5.97
N3 ADP NA . -10.16 48.65 -5.51
C4 ADP NA . -9.35 48.92 -4.46
S SO4 OA . -31.95 38.79 -2.66
O1 SO4 OA . -31.46 37.76 -3.57
O2 SO4 OA . -31.66 38.39 -1.28
O3 SO4 OA . -33.38 38.95 -2.84
O4 SO4 OA . -31.28 40.06 -2.94
#